data_9J78
#
_entry.id   9J78
#
_cell.length_a   1.00
_cell.length_b   1.00
_cell.length_c   1.00
_cell.angle_alpha   90.00
_cell.angle_beta   90.00
_cell.angle_gamma   90.00
#
_symmetry.space_group_name_H-M   'P 1'
#
loop_
_entity.id
_entity.type
_entity.pdbx_description
1 polymer Elongin-B
2 polymer Cullin-2
3 polymer Elongin-C
4 polymer 'Protein fem-1 homolog B'
5 polymer 'E3 ubiquitin-protein ligase RBX1, N-terminally processed'
6 polymer Poly-UNK
7 polymer Poly-UNK
#
loop_
_entity_poly.entity_id
_entity_poly.type
_entity_poly.pdbx_seq_one_letter_code
_entity_poly.pdbx_strand_id
1 'polypeptide(L)'
;GGSMDVFLMIRRHKTTIFTDAKESSTVFELKRIVEGILKRPPDEQRLYKDDQLLDDGKTLGECGFTSQTARPQAPATVGL
AFRADDTFEALCIEPFSSPPELPDVMKPQDSGSSANEQAVQ
;
H,D
2 'polypeptide(L)'
;SASWSHPQFEKGGGSGGGSGTSLKPRVVDFDETWNKLLTTIKAVVMLEYVERATWNDRFSDIYALCVAYPEPLGERLYTE
TKIFLENHVRHLHKRVLESEEQVLVMYHRYWEEYSKGADYMDCLYRYLNTQFIKKNGGGPLMEIGELALDMWRKLMVEPL
QAILIRMLLREIKNDRGGEDPNQKVIHGVINSFVHVEQYKKKFPLKFYQEIFESPFLTETGEYYKQEASNLLQESNCSQY
MEKVLGRLKDEEIRCRKYLHPSSYTKVIHECQQRMVADHLQFLHAECHNIIRQEKKNDMANMYVLLRAVSTGLPHMIQEL
QNHIHDEGLRATSNLTQENMPTLFVESVLEVHGKFVQLINTVLNGDQHFMSALDKALTSVVNYREPKSVCKAPELLAKYC
DNLLKKSAKGMTENEVEDRLTSFITVFKYIDDKDVFQKFYARMLAKRLIHGLSMSMDSEEAMINKLKQACGYEFTSKLHR
MYTDMSVSADLNNKFNNFIKNQDTVIDLGISFQIYVLQAGAWPLTQAPSSTFAIPQELEKSVQMFELFYSQHFSGRKLTW
LHYLCTGEVKMNYLGKPYVAMVTTYQMAVLLAFNNSETVSYKELQDSTQMNEKELTKTIKSLLDVKMINHDSEKEDIDAE
SSFSLNMNFSSKRTKFKITTSMQKDTPQEMEQTRSAVDEDRKMYLQAAIVRIMKARKVLRHNALIQEVISQSRARFNPSI
SMIKKCIEVLIDKQYIERSQASADEYSYVA
;
B,A
3 'polypeptide(L)'
;MYVKLISSDGHEFIVKREHALTSGTIKAMLSGPGQFAENETNEVNFREIPSHVLSKVCMYFTYKVRYTNSSTEIPEFPIA
PEIALELLMAANFLDC
;
C,G
4 'polypeptide(L)'
;MEGLAGYVYKAASEGKVLTLAALLLNRSESDIRYLLGYVSQQGGQRSTPLIIAARNGHAKVVRLLLEHYRVQTQQTGTVR
FDGYVIDGATALWCAAGAGHFEVVKLLVSHGANVNHTTVTNSTPLRAACFDGRLDIVKYLVENNANISIANKYDNTCLMI
AAYKGHTDVVRYLLEQRADPNAKAHCGATALHFAAEAGHIDIVKELIKWRAAIVVNGHGMTPLKVAAESCKADVVELLLS
HADCDRRSRIEALELLGASFANDRENYDIIKTYHYLYLAMLERFQDGDNILEKEVLPPIHAYGNRTECRNPQELESIRQD
RDALHMEGLIVRERILGADNIDVSHPIIYRGAVYADNMEFEQCIKLWLHALHLRQKGNRNTHKDLLRFAQVFSQMIHLNE
TVKAPDIECVLRCSVLEIEQSMNRVKNISDADVHNAMDNYECNLYTFLYLVCISTKTQCSEEDQCKINKQIYNLIHLDPR
TREGFTLLHLAVNSNTPVDDFHTNDVCSFPNALVTKLLLDCGAEVNAVDNEGNSALHIIVQYNRPISDFLTLHSIIISLV
EAGAHTDMTNKQNKTPLDKSTTGVSEILLKTQMKMSLKCLAARAVRANDINYQDQIPRTLEEFVGFH
;
J,F
5 'polypeptide(L)'
;SHMGAGKKRFEVKKWNAVALWAWDIVVDNCAICRNHIMDLCIECQANQASATSEECTVAWGVCNHAFHFHCISRWLKTRQ
VCPLDNREWEFQKYGH
;
E,I
6 'polypeptide(L)' (UNK)(UNK)(UNK)(UNK)(UNK)(UNK)(UNK)(UNK)(UNK) K
7 'polypeptide(L)' (UNK)(UNK)(UNK)(UNK)(UNK)(UNK)(UNK)(UNK) L
#
# COMPACT_ATOMS: atom_id res chain seq x y z
N MET A 4 -24.71 -26.54 36.16
CA MET A 4 -24.07 -27.64 35.45
C MET A 4 -23.33 -28.58 36.42
N ASP A 5 -22.17 -29.12 36.05
CA ASP A 5 -21.68 -30.32 36.73
C ASP A 5 -21.25 -30.02 38.16
N VAL A 6 -21.07 -31.09 38.93
CA VAL A 6 -20.56 -31.01 40.30
C VAL A 6 -19.36 -31.92 40.42
N PHE A 7 -18.64 -31.76 41.52
CA PHE A 7 -17.68 -32.76 41.96
C PHE A 7 -18.28 -33.46 43.18
N LEU A 8 -17.75 -34.65 43.48
CA LEU A 8 -18.34 -35.42 44.57
C LEU A 8 -17.33 -36.43 45.10
N MET A 9 -17.62 -36.89 46.32
CA MET A 9 -16.76 -37.81 47.05
C MET A 9 -17.41 -39.19 47.07
N ILE A 10 -16.60 -40.22 46.85
CA ILE A 10 -17.02 -41.60 46.97
C ILE A 10 -16.24 -42.20 48.13
N ARG A 11 -16.96 -42.62 49.18
CA ARG A 11 -16.34 -43.07 50.42
C ARG A 11 -16.65 -44.53 50.65
N ARG A 12 -15.61 -45.33 50.84
CA ARG A 12 -15.74 -46.73 51.26
C ARG A 12 -14.67 -46.99 52.30
N HIS A 13 -15.09 -47.49 53.47
CA HIS A 13 -14.21 -47.73 54.61
C HIS A 13 -13.43 -46.47 54.96
N LYS A 14 -12.14 -46.45 54.63
CA LYS A 14 -11.31 -45.28 54.83
C LYS A 14 -11.03 -44.53 53.52
N THR A 15 -11.10 -45.21 52.39
CA THR A 15 -10.80 -44.58 51.11
C THR A 15 -11.88 -43.56 50.75
N THR A 16 -11.46 -42.44 50.18
CA THR A 16 -12.37 -41.37 49.78
C THR A 16 -11.82 -40.74 48.50
N ILE A 17 -12.43 -41.08 47.37
CA ILE A 17 -11.97 -40.62 46.06
C ILE A 17 -12.83 -39.46 45.59
N PHE A 18 -12.20 -38.46 44.99
CA PHE A 18 -12.90 -37.31 44.43
C PHE A 18 -13.10 -37.51 42.93
N THR A 19 -14.20 -36.97 42.41
CA THR A 19 -14.43 -37.08 40.97
C THR A 19 -15.35 -35.96 40.50
N ASP A 20 -15.40 -35.81 39.18
CA ASP A 20 -16.29 -34.87 38.50
C ASP A 20 -17.42 -35.65 37.85
N ALA A 21 -18.63 -35.07 37.86
CA ALA A 21 -19.76 -35.70 37.22
C ALA A 21 -20.81 -34.66 36.86
N LYS A 22 -21.48 -34.88 35.73
CA LYS A 22 -22.56 -34.04 35.27
C LYS A 22 -23.83 -34.28 36.08
N GLU A 23 -24.72 -33.30 36.07
CA GLU A 23 -26.06 -33.55 36.60
C GLU A 23 -26.80 -34.59 35.78
N SER A 24 -26.70 -34.49 34.45
CA SER A 24 -27.32 -35.45 33.55
C SER A 24 -26.58 -36.78 33.53
N SER A 25 -25.36 -36.83 34.09
CA SER A 25 -24.64 -38.09 34.18
C SER A 25 -25.36 -39.04 35.13
N THR A 26 -25.45 -40.30 34.74
CA THR A 26 -26.16 -41.27 35.54
C THR A 26 -25.25 -41.85 36.63
N VAL A 27 -25.89 -42.58 37.55
CA VAL A 27 -25.13 -43.33 38.56
C VAL A 27 -24.28 -44.40 37.89
N PHE A 28 -24.78 -44.97 36.80
CA PHE A 28 -24.00 -45.97 36.06
C PHE A 28 -22.74 -45.36 35.48
N GLU A 29 -22.80 -44.10 35.03
CA GLU A 29 -21.59 -43.44 34.54
C GLU A 29 -20.59 -43.20 35.66
N LEU A 30 -21.08 -42.89 36.86
CA LEU A 30 -20.20 -42.78 38.01
C LEU A 30 -19.56 -44.11 38.34
N LYS A 31 -20.32 -45.21 38.20
CA LYS A 31 -19.74 -46.54 38.34
C LYS A 31 -18.67 -46.79 37.29
N ARG A 32 -18.91 -46.31 36.06
CA ARG A 32 -17.93 -46.46 34.99
C ARG A 32 -16.63 -45.75 35.34
N ILE A 33 -16.72 -44.52 35.86
CA ILE A 33 -15.48 -43.80 36.18
C ILE A 33 -14.80 -44.40 37.42
N VAL A 34 -15.58 -44.92 38.37
CA VAL A 34 -14.99 -45.60 39.53
C VAL A 34 -14.24 -46.85 39.08
N GLU A 35 -14.83 -47.60 38.14
CA GLU A 35 -14.13 -48.72 37.54
C GLU A 35 -12.89 -48.26 36.79
N GLY A 36 -12.97 -47.09 36.15
CA GLY A 36 -11.83 -46.55 35.43
C GLY A 36 -10.68 -46.09 36.32
N ILE A 37 -10.95 -45.82 37.59
CA ILE A 37 -9.91 -45.45 38.55
C ILE A 37 -9.64 -46.57 39.53
N LEU A 38 -10.67 -47.03 40.26
CA LEU A 38 -10.46 -48.03 41.30
C LEU A 38 -10.19 -49.42 40.75
N LYS A 39 -10.37 -49.64 39.44
CA LYS A 39 -10.05 -50.90 38.77
C LYS A 39 -10.85 -52.07 39.36
N ARG A 40 -12.16 -51.88 39.48
CA ARG A 40 -13.06 -52.92 39.93
C ARG A 40 -14.35 -52.84 39.13
N PRO A 41 -14.91 -53.97 38.70
CA PRO A 41 -16.09 -53.94 37.82
C PRO A 41 -17.29 -53.34 38.52
N PRO A 42 -18.08 -52.53 37.80
CA PRO A 42 -19.19 -51.81 38.44
C PRO A 42 -20.31 -52.69 38.95
N ASP A 43 -20.47 -53.91 38.42
CA ASP A 43 -21.52 -54.80 38.92
C ASP A 43 -21.26 -55.21 40.36
N GLU A 44 -20.00 -55.19 40.80
CA GLU A 44 -19.66 -55.44 42.19
C GLU A 44 -19.87 -54.22 43.07
N GLN A 45 -20.16 -53.06 42.49
CA GLN A 45 -20.18 -51.80 43.21
C GLN A 45 -21.60 -51.25 43.28
N ARG A 46 -21.98 -50.77 44.46
CA ARG A 46 -23.23 -50.05 44.65
C ARG A 46 -22.92 -48.67 45.21
N LEU A 47 -23.50 -47.64 44.60
CA LEU A 47 -23.30 -46.26 44.99
C LEU A 47 -24.50 -45.78 45.81
N TYR A 48 -24.22 -45.29 47.02
CA TYR A 48 -25.26 -44.97 47.99
C TYR A 48 -25.26 -43.48 48.28
N LYS A 49 -26.38 -42.82 48.04
CA LYS A 49 -26.60 -41.47 48.54
C LYS A 49 -27.06 -41.60 49.99
N ASP A 50 -26.23 -41.14 50.92
CA ASP A 50 -26.37 -41.43 52.35
C ASP A 50 -26.45 -42.94 52.55
N ASP A 51 -27.66 -43.45 52.80
CA ASP A 51 -27.89 -44.88 52.91
C ASP A 51 -28.87 -45.40 51.88
N GLN A 52 -29.39 -44.53 51.00
CA GLN A 52 -30.39 -44.91 50.02
C GLN A 52 -29.71 -45.44 48.76
N LEU A 53 -30.10 -46.63 48.33
CA LEU A 53 -29.56 -47.22 47.11
C LEU A 53 -30.01 -46.43 45.89
N LEU A 54 -29.11 -46.26 44.94
CA LEU A 54 -29.36 -45.47 43.75
C LEU A 54 -29.53 -46.37 42.54
N ASP A 55 -30.53 -46.07 41.71
CA ASP A 55 -30.69 -46.76 40.45
C ASP A 55 -29.56 -46.37 39.49
N ASP A 56 -29.11 -47.34 38.70
CA ASP A 56 -27.98 -47.12 37.81
C ASP A 56 -28.30 -46.09 36.74
N GLY A 57 -29.49 -46.15 36.15
CA GLY A 57 -29.86 -45.21 35.11
C GLY A 57 -30.30 -43.85 35.61
N LYS A 58 -30.46 -43.69 36.91
CA LYS A 58 -30.91 -42.42 37.48
C LYS A 58 -29.79 -41.38 37.40
N THR A 59 -30.12 -40.19 36.90
CA THR A 59 -29.12 -39.15 36.79
C THR A 59 -28.86 -38.50 38.14
N LEU A 60 -27.78 -37.73 38.21
CA LEU A 60 -27.42 -37.05 39.45
C LEU A 60 -28.46 -36.01 39.83
N GLY A 61 -29.01 -35.30 38.84
CA GLY A 61 -30.08 -34.35 39.13
C GLY A 61 -31.31 -35.02 39.70
N GLU A 62 -31.62 -36.24 39.24
CA GLU A 62 -32.74 -36.98 39.80
C GLU A 62 -32.41 -37.51 41.19
N CYS A 63 -31.16 -37.88 41.43
CA CYS A 63 -30.78 -38.38 42.75
C CYS A 63 -30.79 -37.25 43.79
N GLY A 64 -30.42 -36.04 43.38
CA GLY A 64 -30.39 -34.92 44.29
C GLY A 64 -29.12 -34.11 44.22
N PHE A 65 -28.19 -34.54 43.36
CA PHE A 65 -26.91 -33.85 43.19
C PHE A 65 -27.09 -32.70 42.19
N THR A 66 -27.69 -31.62 42.68
CA THR A 66 -27.79 -30.42 41.86
C THR A 66 -26.52 -29.59 41.98
N SER A 67 -26.45 -28.53 41.19
CA SER A 67 -25.28 -27.64 41.19
C SER A 67 -25.10 -26.90 42.51
N GLN A 68 -26.12 -26.83 43.35
CA GLN A 68 -26.05 -26.12 44.62
C GLN A 68 -26.12 -27.03 45.84
N THR A 69 -26.87 -28.13 45.78
CA THR A 69 -26.93 -29.05 46.91
C THR A 69 -25.59 -29.75 47.12
N ALA A 70 -25.01 -30.27 46.03
CA ALA A 70 -23.64 -30.78 46.08
C ALA A 70 -22.72 -29.64 45.65
N ARG A 71 -22.44 -28.75 46.61
CA ARG A 71 -21.62 -27.59 46.34
C ARG A 71 -20.21 -28.05 45.99
N PRO A 72 -19.59 -27.47 44.96
CA PRO A 72 -18.27 -27.97 44.52
C PRO A 72 -17.18 -27.99 45.58
N GLN A 73 -17.06 -26.94 46.40
CA GLN A 73 -16.01 -26.92 47.40
C GLN A 73 -16.30 -27.78 48.62
N ALA A 74 -17.58 -28.10 48.86
CA ALA A 74 -17.97 -29.03 49.92
C ALA A 74 -18.93 -30.05 49.34
N PRO A 75 -18.43 -30.99 48.55
CA PRO A 75 -19.32 -31.89 47.81
C PRO A 75 -20.04 -32.89 48.70
N ALA A 76 -21.10 -33.47 48.13
CA ALA A 76 -21.88 -34.46 48.83
C ALA A 76 -21.15 -35.80 48.87
N THR A 77 -21.43 -36.57 49.92
CA THR A 77 -20.80 -37.86 50.12
C THR A 77 -21.65 -38.95 49.48
N VAL A 78 -21.02 -39.74 48.62
CA VAL A 78 -21.67 -40.88 47.96
C VAL A 78 -21.06 -42.15 48.52
N GLY A 79 -21.87 -42.97 49.18
CA GLY A 79 -21.38 -44.22 49.72
C GLY A 79 -21.02 -45.21 48.63
N LEU A 80 -20.13 -46.14 48.98
CA LEU A 80 -19.67 -47.16 48.06
C LEU A 80 -19.62 -48.51 48.76
N ALA A 81 -20.21 -49.52 48.14
CA ALA A 81 -20.18 -50.88 48.67
C ALA A 81 -19.66 -51.81 47.58
N PHE A 82 -18.69 -52.64 47.93
CA PHE A 82 -18.12 -53.60 47.00
C PHE A 82 -18.72 -54.98 47.22
N ARG A 83 -18.24 -55.95 46.45
CA ARG A 83 -18.71 -57.33 46.52
C ARG A 83 -17.55 -58.23 46.88
N ALA A 84 -17.76 -59.10 47.87
CA ALA A 84 -16.79 -60.12 48.25
C ALA A 84 -17.29 -61.46 47.73
N ASP A 85 -16.58 -61.98 46.73
CA ASP A 85 -16.95 -63.22 46.01
C ASP A 85 -18.33 -62.99 45.41
N ASP A 86 -19.36 -63.75 45.77
CA ASP A 86 -20.70 -63.56 45.25
C ASP A 86 -21.59 -62.75 46.19
N THR A 87 -21.07 -62.27 47.31
CA THR A 87 -21.84 -61.53 48.29
C THR A 87 -21.36 -60.09 48.36
N PHE A 88 -22.30 -59.16 48.39
CA PHE A 88 -21.98 -57.74 48.47
C PHE A 88 -21.72 -57.33 49.91
N GLU A 89 -20.65 -56.55 50.10
CA GLU A 89 -20.31 -56.10 51.44
C GLU A 89 -21.28 -55.01 51.91
N ALA A 90 -21.30 -54.81 53.23
CA ALA A 90 -22.11 -53.75 53.81
C ALA A 90 -21.44 -52.39 53.60
N LEU A 91 -22.25 -51.34 53.64
CA LEU A 91 -21.75 -49.98 53.48
C LEU A 91 -21.09 -49.54 54.78
N CYS A 92 -19.77 -49.53 54.78
CA CYS A 92 -18.98 -49.06 55.92
C CYS A 92 -18.16 -47.86 55.48
N ILE A 93 -18.27 -46.76 56.22
CA ILE A 93 -17.52 -45.54 55.95
C ILE A 93 -16.94 -45.07 57.28
N GLU A 94 -15.63 -45.20 57.42
CA GLU A 94 -14.97 -44.69 58.62
C GLU A 94 -14.97 -43.18 58.59
N PRO A 95 -15.29 -42.50 59.69
CA PRO A 95 -15.26 -41.04 59.71
C PRO A 95 -13.83 -40.53 59.69
N PHE A 96 -13.69 -39.26 59.32
CA PHE A 96 -12.39 -38.61 59.32
C PHE A 96 -11.89 -38.41 60.74
N SER A 97 -10.61 -38.10 60.85
CA SER A 97 -10.01 -37.84 62.16
C SER A 97 -10.65 -36.60 62.78
N SER A 98 -10.97 -36.71 64.07
CA SER A 98 -11.63 -35.61 64.76
C SER A 98 -10.68 -34.43 64.90
N PRO A 99 -11.09 -33.22 64.51
CA PRO A 99 -10.23 -32.07 64.72
C PRO A 99 -10.04 -31.80 66.21
N PRO A 100 -8.88 -31.29 66.61
CA PRO A 100 -8.64 -31.05 68.03
C PRO A 100 -9.50 -29.90 68.55
N GLU A 101 -9.60 -29.84 69.87
CA GLU A 101 -10.38 -28.80 70.52
C GLU A 101 -9.75 -27.44 70.30
N LEU A 102 -10.60 -26.41 70.21
CA LEU A 102 -10.12 -25.05 69.99
C LEU A 102 -9.32 -24.60 71.21
N PRO A 103 -8.11 -24.08 71.02
CA PRO A 103 -7.27 -23.69 72.17
C PRO A 103 -7.90 -22.56 72.97
N ASP A 104 -7.70 -22.62 74.29
CA ASP A 104 -8.25 -21.65 75.23
C ASP A 104 -9.76 -21.52 75.12
N THR B 21 -62.08 27.57 -45.72
CA THR B 21 -61.96 26.76 -44.52
C THR B 21 -60.58 26.13 -44.43
N SER B 22 -59.61 26.93 -44.00
CA SER B 22 -58.23 26.47 -43.91
C SER B 22 -58.05 25.67 -42.62
N LEU B 23 -56.80 25.39 -42.25
CA LEU B 23 -56.50 24.55 -41.10
C LEU B 23 -56.43 25.34 -39.80
N LYS B 24 -57.43 26.13 -39.57
CA LYS B 24 -57.53 26.84 -38.31
C LYS B 24 -58.21 25.98 -37.27
N PRO B 25 -57.96 26.22 -35.98
CA PRO B 25 -58.77 25.55 -34.96
C PRO B 25 -60.18 26.11 -34.97
N ARG B 26 -61.13 25.35 -35.50
CA ARG B 26 -62.47 25.85 -35.78
C ARG B 26 -63.47 25.54 -34.66
N VAL B 27 -63.00 24.95 -33.55
CA VAL B 27 -63.83 24.50 -32.44
C VAL B 27 -64.89 23.56 -33.01
N VAL B 28 -64.47 22.37 -33.41
CA VAL B 28 -65.35 21.45 -34.11
C VAL B 28 -66.23 20.73 -33.11
N ASP B 29 -67.45 20.40 -33.55
CA ASP B 29 -68.37 19.63 -32.72
C ASP B 29 -67.83 18.21 -32.55
N PHE B 30 -67.72 17.77 -31.29
CA PHE B 30 -67.15 16.47 -31.02
C PHE B 30 -68.11 15.34 -31.36
N ASP B 31 -69.42 15.61 -31.33
CA ASP B 31 -70.40 14.53 -31.45
C ASP B 31 -70.40 13.93 -32.85
N GLU B 32 -70.68 14.75 -33.86
CA GLU B 32 -70.75 14.25 -35.24
C GLU B 32 -69.39 13.76 -35.73
N THR B 33 -68.32 14.49 -35.39
CA THR B 33 -66.98 14.08 -35.79
C THR B 33 -66.61 12.74 -35.16
N TRP B 34 -66.91 12.56 -33.88
CA TRP B 34 -66.60 11.31 -33.20
C TRP B 34 -67.46 10.17 -33.72
N ASN B 35 -68.71 10.45 -34.11
CA ASN B 35 -69.54 9.40 -34.71
C ASN B 35 -69.00 8.96 -36.06
N LYS B 36 -68.61 9.93 -36.91
CA LYS B 36 -68.02 9.59 -38.20
C LYS B 36 -66.73 8.81 -38.02
N LEU B 37 -65.89 9.25 -37.07
CA LEU B 37 -64.66 8.54 -36.76
C LEU B 37 -64.95 7.14 -36.25
N LEU B 38 -65.98 6.99 -35.42
CA LEU B 38 -66.35 5.68 -34.90
C LEU B 38 -66.71 4.73 -36.02
N THR B 39 -67.54 5.19 -36.96
CA THR B 39 -67.92 4.36 -38.09
C THR B 39 -66.71 3.97 -38.92
N THR B 40 -65.84 4.94 -39.21
CA THR B 40 -64.71 4.66 -40.09
C THR B 40 -63.69 3.73 -39.43
N ILE B 41 -63.36 3.97 -38.17
CA ILE B 41 -62.40 3.09 -37.52
C ILE B 41 -63.00 1.74 -37.17
N LYS B 42 -64.32 1.65 -37.01
CA LYS B 42 -64.95 0.34 -36.90
C LYS B 42 -64.78 -0.45 -38.20
N ALA B 43 -64.98 0.22 -39.34
CA ALA B 43 -64.75 -0.43 -40.62
C ALA B 43 -63.28 -0.82 -40.78
N VAL B 44 -62.37 0.02 -40.29
CA VAL B 44 -60.94 -0.25 -40.42
C VAL B 44 -60.53 -1.44 -39.57
N VAL B 45 -60.92 -1.44 -38.29
CA VAL B 45 -60.52 -2.52 -37.40
C VAL B 45 -61.27 -3.81 -37.72
N MET B 46 -62.40 -3.72 -38.42
CA MET B 46 -63.08 -4.90 -38.93
C MET B 46 -62.58 -5.27 -40.31
N LEU B 47 -61.63 -4.50 -40.86
CA LEU B 47 -61.03 -4.71 -42.18
C LEU B 47 -62.06 -4.64 -43.30
N GLU B 48 -63.18 -3.97 -43.07
CA GLU B 48 -64.17 -3.74 -44.11
C GLU B 48 -63.66 -2.67 -45.06
N TYR B 49 -63.96 -2.84 -46.35
CA TYR B 49 -63.61 -1.83 -47.35
C TYR B 49 -64.24 -0.49 -47.00
N VAL B 50 -63.44 0.56 -47.05
CA VAL B 50 -63.87 1.91 -46.72
C VAL B 50 -63.43 2.85 -47.83
N GLU B 51 -64.19 3.93 -48.01
CA GLU B 51 -63.92 4.87 -49.09
C GLU B 51 -62.63 5.63 -48.83
N ARG B 52 -61.82 5.78 -49.88
CA ARG B 52 -60.58 6.54 -49.78
C ARG B 52 -60.85 8.00 -49.45
N ALA B 53 -61.86 8.59 -50.10
CA ALA B 53 -62.20 9.98 -49.83
C ALA B 53 -62.65 10.17 -48.39
N THR B 54 -63.48 9.24 -47.89
CA THR B 54 -63.88 9.29 -46.49
C THR B 54 -62.69 9.06 -45.57
N TRP B 55 -61.73 8.25 -46.00
CA TRP B 55 -60.52 8.02 -45.21
C TRP B 55 -59.72 9.32 -45.05
N ASN B 56 -59.55 10.06 -46.15
CA ASN B 56 -58.84 11.33 -46.07
C ASN B 56 -59.64 12.36 -45.28
N ASP B 57 -60.97 12.33 -45.41
CA ASP B 57 -61.80 13.21 -44.60
C ASP B 57 -61.66 12.90 -43.12
N ARG B 58 -61.49 11.62 -42.77
CA ARG B 58 -61.26 11.27 -41.37
C ARG B 58 -59.89 11.74 -40.90
N PHE B 59 -58.89 11.74 -41.78
CA PHE B 59 -57.61 12.37 -41.44
C PHE B 59 -57.81 13.85 -41.11
N SER B 60 -58.57 14.55 -41.95
CA SER B 60 -58.86 15.96 -41.70
C SER B 60 -59.61 16.14 -40.39
N ASP B 61 -60.51 15.21 -40.08
CA ASP B 61 -61.26 15.28 -38.83
C ASP B 61 -60.38 15.03 -37.61
N ILE B 62 -59.40 14.13 -37.73
CA ILE B 62 -58.42 13.94 -36.65
C ILE B 62 -57.64 15.22 -36.41
N TYR B 63 -57.21 15.88 -37.49
CA TYR B 63 -56.47 17.12 -37.30
C TYR B 63 -57.36 18.19 -36.69
N ALA B 64 -58.63 18.23 -37.06
CA ALA B 64 -59.56 19.17 -36.45
C ALA B 64 -59.74 18.87 -34.95
N LEU B 65 -59.80 17.58 -34.59
CA LEU B 65 -60.05 17.21 -33.21
C LEU B 65 -58.83 17.44 -32.32
N CYS B 66 -57.63 17.30 -32.87
CA CYS B 66 -56.42 17.43 -32.07
C CYS B 66 -55.95 18.86 -31.93
N VAL B 67 -56.64 19.82 -32.54
CA VAL B 67 -56.18 21.20 -32.57
C VAL B 67 -57.21 22.20 -32.08
N ALA B 68 -58.51 21.90 -32.14
CA ALA B 68 -59.57 22.88 -32.03
C ALA B 68 -59.55 23.62 -30.70
N TYR B 69 -59.96 24.89 -30.75
CA TYR B 69 -59.97 25.76 -29.59
C TYR B 69 -61.16 25.43 -28.67
N PRO B 70 -61.10 25.83 -27.39
CA PRO B 70 -60.02 26.51 -26.66
C PRO B 70 -59.07 25.53 -25.98
N GLU B 71 -59.41 24.24 -25.97
CA GLU B 71 -58.51 23.24 -25.42
C GLU B 71 -58.37 22.10 -26.41
N PRO B 72 -57.21 21.43 -26.45
CA PRO B 72 -57.07 20.27 -27.33
C PRO B 72 -57.95 19.13 -26.85
N LEU B 73 -58.66 18.51 -27.79
CA LEU B 73 -59.50 17.37 -27.49
C LEU B 73 -58.75 16.06 -27.64
N GLY B 74 -57.41 16.11 -27.64
CA GLY B 74 -56.63 14.91 -27.86
C GLY B 74 -56.77 13.90 -26.74
N GLU B 75 -56.80 14.35 -25.49
CA GLU B 75 -57.01 13.43 -24.38
C GLU B 75 -58.42 12.84 -24.41
N ARG B 76 -59.41 13.67 -24.73
CA ARG B 76 -60.78 13.18 -24.85
C ARG B 76 -60.90 12.15 -25.97
N LEU B 77 -60.28 12.43 -27.12
CA LEU B 77 -60.30 11.48 -28.22
C LEU B 77 -59.55 10.20 -27.87
N TYR B 78 -58.45 10.34 -27.14
CA TYR B 78 -57.66 9.18 -26.72
C TYR B 78 -58.47 8.28 -25.81
N THR B 79 -59.17 8.87 -24.84
CA THR B 79 -60.01 8.06 -23.95
C THR B 79 -61.19 7.44 -24.71
N GLU B 80 -61.76 8.19 -25.65
CA GLU B 80 -62.89 7.68 -26.42
C GLU B 80 -62.49 6.48 -27.27
N THR B 81 -61.35 6.58 -27.96
CA THR B 81 -60.90 5.45 -28.76
C THR B 81 -60.38 4.32 -27.90
N LYS B 82 -59.91 4.63 -26.69
CA LYS B 82 -59.58 3.57 -25.72
C LYS B 82 -60.82 2.77 -25.35
N ILE B 83 -61.92 3.46 -25.08
CA ILE B 83 -63.17 2.80 -24.75
C ILE B 83 -63.67 1.99 -25.94
N PHE B 84 -63.58 2.56 -27.15
CA PHE B 84 -64.01 1.83 -28.34
C PHE B 84 -63.19 0.56 -28.54
N LEU B 85 -61.88 0.67 -28.40
CA LEU B 85 -61.00 -0.48 -28.58
C LEU B 85 -61.27 -1.54 -27.53
N GLU B 86 -61.48 -1.13 -26.27
CA GLU B 86 -61.67 -2.12 -25.23
C GLU B 86 -63.00 -2.85 -25.39
N ASN B 87 -64.07 -2.13 -25.78
CA ASN B 87 -65.33 -2.84 -25.95
C ASN B 87 -65.32 -3.71 -27.20
N HIS B 88 -64.62 -3.30 -28.27
CA HIS B 88 -64.51 -4.15 -29.45
C HIS B 88 -63.70 -5.40 -29.15
N VAL B 89 -62.59 -5.25 -28.42
CA VAL B 89 -61.77 -6.41 -28.07
C VAL B 89 -62.56 -7.34 -27.16
N ARG B 90 -63.34 -6.80 -26.23
CA ARG B 90 -64.14 -7.64 -25.35
C ARG B 90 -65.24 -8.35 -26.12
N HIS B 91 -65.84 -7.69 -27.12
CA HIS B 91 -66.83 -8.36 -27.96
C HIS B 91 -66.20 -9.51 -28.74
N LEU B 92 -65.00 -9.29 -29.28
CA LEU B 92 -64.30 -10.37 -29.96
C LEU B 92 -63.95 -11.50 -29.01
N HIS B 93 -63.57 -11.16 -27.77
CA HIS B 93 -63.29 -12.17 -26.75
C HIS B 93 -64.53 -13.00 -26.46
N LYS B 94 -65.69 -12.35 -26.34
CA LYS B 94 -66.93 -13.07 -26.12
C LYS B 94 -67.24 -14.01 -27.28
N ARG B 95 -67.04 -13.54 -28.51
CA ARG B 95 -67.28 -14.39 -29.68
C ARG B 95 -66.34 -15.59 -29.70
N VAL B 96 -65.06 -15.36 -29.40
CA VAL B 96 -64.07 -16.45 -29.42
C VAL B 96 -64.38 -17.46 -28.32
N LEU B 97 -64.71 -16.98 -27.12
CA LEU B 97 -65.04 -17.89 -26.03
C LEU B 97 -66.32 -18.67 -26.31
N GLU B 98 -67.27 -18.05 -27.00
CA GLU B 98 -68.46 -18.80 -27.43
C GLU B 98 -68.10 -19.89 -28.43
N SER B 99 -67.18 -19.59 -29.36
CA SER B 99 -66.74 -20.60 -30.33
C SER B 99 -65.78 -21.55 -29.63
N GLU B 100 -66.34 -22.47 -28.84
CA GLU B 100 -65.54 -23.29 -27.93
C GLU B 100 -64.65 -24.26 -28.68
N GLU B 101 -65.20 -24.97 -29.66
CA GLU B 101 -64.43 -26.03 -30.33
C GLU B 101 -63.38 -25.47 -31.26
N GLN B 102 -63.62 -24.31 -31.87
CA GLN B 102 -62.69 -23.69 -32.81
C GLN B 102 -62.17 -22.38 -32.25
N VAL B 103 -61.99 -22.34 -30.93
CA VAL B 103 -61.30 -21.23 -30.27
C VAL B 103 -60.00 -20.85 -30.96
N LEU B 104 -59.22 -21.84 -31.40
CA LEU B 104 -57.91 -21.54 -31.98
C LEU B 104 -58.05 -20.87 -33.35
N VAL B 105 -58.90 -21.42 -34.22
CA VAL B 105 -59.08 -20.85 -35.54
C VAL B 105 -59.73 -19.47 -35.45
N MET B 106 -60.72 -19.32 -34.57
CA MET B 106 -61.37 -18.03 -34.40
C MET B 106 -60.40 -17.00 -33.85
N TYR B 107 -59.54 -17.41 -32.91
CA TYR B 107 -58.56 -16.49 -32.36
C TYR B 107 -57.55 -16.07 -33.40
N HIS B 108 -57.13 -16.99 -34.28
CA HIS B 108 -56.21 -16.60 -35.33
C HIS B 108 -56.86 -15.65 -36.34
N ARG B 109 -58.12 -15.92 -36.71
CA ARG B 109 -58.81 -15.05 -37.65
C ARG B 109 -58.97 -13.65 -37.08
N TYR B 110 -59.43 -13.57 -35.83
CA TYR B 110 -59.60 -12.26 -35.21
C TYR B 110 -58.28 -11.59 -34.91
N TRP B 111 -57.22 -12.37 -34.70
CA TRP B 111 -55.91 -11.76 -34.49
C TRP B 111 -55.37 -11.15 -35.76
N GLU B 112 -55.50 -11.84 -36.89
CA GLU B 112 -55.09 -11.26 -38.16
C GLU B 112 -55.88 -10.00 -38.46
N GLU B 113 -57.22 -10.07 -38.30
CA GLU B 113 -58.06 -8.91 -38.56
C GLU B 113 -57.69 -7.75 -37.65
N TYR B 114 -57.50 -8.02 -36.36
CA TYR B 114 -57.23 -6.95 -35.42
C TYR B 114 -55.83 -6.39 -35.58
N SER B 115 -54.84 -7.20 -35.96
CA SER B 115 -53.51 -6.66 -36.15
C SER B 115 -53.45 -5.77 -37.38
N LYS B 116 -54.08 -6.19 -38.47
CA LYS B 116 -54.14 -5.31 -39.64
C LYS B 116 -54.92 -4.04 -39.33
N GLY B 117 -56.02 -4.18 -38.58
CA GLY B 117 -56.78 -3.00 -38.18
C GLY B 117 -56.00 -2.09 -37.26
N ALA B 118 -55.15 -2.66 -36.40
CA ALA B 118 -54.37 -1.86 -35.48
C ALA B 118 -53.29 -1.08 -36.21
N ASP B 119 -52.62 -1.72 -37.17
CA ASP B 119 -51.64 -0.99 -37.97
C ASP B 119 -52.31 0.11 -38.80
N TYR B 120 -53.46 -0.18 -39.40
CA TYR B 120 -54.12 0.83 -40.21
C TYR B 120 -54.65 1.97 -39.33
N MET B 121 -55.14 1.66 -38.13
CA MET B 121 -55.61 2.69 -37.22
C MET B 121 -54.45 3.54 -36.71
N ASP B 122 -53.32 2.92 -36.38
CA ASP B 122 -52.16 3.68 -35.96
C ASP B 122 -51.65 4.57 -37.08
N CYS B 123 -51.80 4.13 -38.33
CA CYS B 123 -51.55 5.03 -39.44
C CYS B 123 -52.54 6.18 -39.45
N LEU B 124 -53.83 5.90 -39.19
CA LEU B 124 -54.84 6.95 -39.21
C LEU B 124 -54.63 7.94 -38.09
N TYR B 125 -54.21 7.48 -36.92
CA TYR B 125 -54.00 8.35 -35.77
C TYR B 125 -52.57 8.89 -35.70
N ARG B 126 -51.91 9.02 -36.85
CA ARG B 126 -50.48 9.36 -36.86
C ARG B 126 -50.23 10.74 -36.27
N TYR B 127 -51.04 11.73 -36.65
CA TYR B 127 -50.84 13.08 -36.12
C TYR B 127 -51.06 13.12 -34.62
N LEU B 128 -52.11 12.45 -34.15
CA LEU B 128 -52.34 12.33 -32.71
C LEU B 128 -51.23 11.53 -32.05
N ASN B 129 -50.68 10.54 -32.75
CA ASN B 129 -49.62 9.72 -32.17
C ASN B 129 -48.36 10.53 -31.93
N THR B 130 -47.99 11.41 -32.86
CA THR B 130 -46.73 12.13 -32.75
C THR B 130 -46.91 13.63 -32.54
N GLN B 131 -48.07 14.07 -32.05
CA GLN B 131 -48.20 15.48 -31.74
C GLN B 131 -48.72 15.73 -30.33
N PHE B 132 -49.52 14.82 -29.80
CA PHE B 132 -50.11 15.02 -28.48
C PHE B 132 -49.65 13.98 -27.46
N ILE B 133 -49.68 12.70 -27.83
CA ILE B 133 -49.35 11.64 -26.87
C ILE B 133 -47.88 11.69 -26.50
N LYS B 134 -47.01 11.93 -27.48
CA LYS B 134 -45.58 12.01 -27.19
C LYS B 134 -45.27 13.21 -26.30
N LYS B 135 -45.88 14.36 -26.58
CA LYS B 135 -45.63 15.57 -25.80
C LYS B 135 -46.21 15.46 -24.40
N PRO B 140 -46.29 9.74 -20.72
CA PRO B 140 -47.52 9.38 -20.02
C PRO B 140 -48.33 8.31 -20.76
N LEU B 141 -49.15 8.74 -21.73
CA LEU B 141 -49.95 7.81 -22.49
C LEU B 141 -49.09 7.06 -23.50
N MET B 142 -49.70 6.06 -24.13
CA MET B 142 -49.04 5.23 -25.12
C MET B 142 -49.63 5.50 -26.50
N GLU B 143 -48.91 5.06 -27.52
CA GLU B 143 -49.34 5.25 -28.91
C GLU B 143 -50.60 4.43 -29.19
N ILE B 144 -51.36 4.89 -30.19
CA ILE B 144 -52.66 4.30 -30.47
C ILE B 144 -52.51 2.86 -30.95
N GLY B 145 -51.52 2.59 -31.79
CA GLY B 145 -51.23 1.21 -32.14
C GLY B 145 -50.78 0.40 -30.96
N GLU B 146 -49.89 0.98 -30.14
CA GLU B 146 -49.47 0.32 -28.91
C GLU B 146 -50.65 0.12 -27.96
N LEU B 147 -51.53 1.12 -27.88
CA LEU B 147 -52.73 0.97 -27.04
C LEU B 147 -53.64 -0.14 -27.55
N ALA B 148 -53.77 -0.25 -28.88
CA ALA B 148 -54.61 -1.30 -29.44
C ALA B 148 -54.05 -2.67 -29.15
N LEU B 149 -52.73 -2.84 -29.33
CA LEU B 149 -52.11 -4.12 -29.02
C LEU B 149 -52.18 -4.42 -27.53
N ASP B 150 -51.98 -3.41 -26.69
CA ASP B 150 -52.05 -3.61 -25.25
C ASP B 150 -53.45 -4.01 -24.81
N MET B 151 -54.47 -3.40 -25.41
CA MET B 151 -55.85 -3.79 -25.11
C MET B 151 -56.13 -5.21 -25.55
N TRP B 152 -55.61 -5.59 -26.73
CA TRP B 152 -55.77 -6.97 -27.18
C TRP B 152 -55.10 -7.93 -26.22
N ARG B 153 -53.91 -7.57 -25.71
CA ARG B 153 -53.22 -8.45 -24.77
C ARG B 153 -53.96 -8.55 -23.46
N LYS B 154 -54.38 -7.41 -22.90
CA LYS B 154 -54.95 -7.36 -21.56
C LYS B 154 -56.42 -7.74 -21.52
N LEU B 155 -57.08 -7.90 -22.67
CA LEU B 155 -58.48 -8.27 -22.66
C LEU B 155 -58.80 -9.47 -23.54
N MET B 156 -57.87 -9.98 -24.33
CA MET B 156 -58.14 -11.13 -25.19
C MET B 156 -57.25 -12.32 -24.86
N VAL B 157 -55.95 -12.12 -24.68
CA VAL B 157 -55.07 -13.26 -24.43
C VAL B 157 -54.82 -13.40 -22.93
N GLU B 158 -54.93 -12.29 -22.19
CA GLU B 158 -54.82 -12.40 -20.73
C GLU B 158 -55.97 -13.17 -20.10
N PRO B 159 -57.26 -12.90 -20.41
CA PRO B 159 -58.30 -13.79 -19.89
C PRO B 159 -58.26 -15.17 -20.53
N LEU B 160 -58.22 -15.19 -21.86
CA LEU B 160 -58.15 -16.44 -22.61
C LEU B 160 -56.68 -16.85 -22.79
N GLN B 161 -56.06 -17.17 -21.65
CA GLN B 161 -54.67 -17.61 -21.62
C GLN B 161 -54.55 -19.12 -21.42
N ALA B 162 -55.20 -19.66 -20.40
CA ALA B 162 -55.09 -21.08 -20.11
C ALA B 162 -55.66 -21.92 -21.23
N ILE B 163 -56.81 -21.51 -21.78
CA ILE B 163 -57.42 -22.26 -22.86
C ILE B 163 -56.52 -22.28 -24.09
N LEU B 164 -55.96 -21.12 -24.44
CA LEU B 164 -55.09 -21.03 -25.62
C LEU B 164 -53.82 -21.84 -25.44
N ILE B 165 -53.17 -21.74 -24.27
CA ILE B 165 -51.93 -22.46 -24.08
C ILE B 165 -52.18 -23.96 -24.02
N ARG B 166 -53.30 -24.39 -23.42
CA ARG B 166 -53.61 -25.81 -23.38
C ARG B 166 -53.91 -26.35 -24.78
N MET B 167 -54.66 -25.60 -25.57
CA MET B 167 -54.96 -26.04 -26.93
C MET B 167 -53.70 -26.10 -27.78
N LEU B 168 -52.81 -25.11 -27.64
CA LEU B 168 -51.57 -25.11 -28.40
C LEU B 168 -50.65 -26.26 -27.99
N LEU B 169 -50.55 -26.52 -26.68
CA LEU B 169 -49.73 -27.65 -26.24
C LEU B 169 -50.29 -28.96 -26.73
N ARG B 170 -51.62 -29.12 -26.72
CA ARG B 170 -52.22 -30.33 -27.26
C ARG B 170 -51.97 -30.46 -28.76
N GLU B 171 -52.05 -29.34 -29.49
CA GLU B 171 -51.79 -29.38 -30.93
C GLU B 171 -50.35 -29.76 -31.24
N ILE B 172 -49.39 -29.20 -30.49
CA ILE B 172 -48.00 -29.53 -30.71
C ILE B 172 -47.71 -30.97 -30.32
N LYS B 173 -48.34 -31.46 -29.24
CA LYS B 173 -48.20 -32.86 -28.88
C LYS B 173 -48.76 -33.78 -29.96
N ASN B 174 -49.89 -33.40 -30.55
CA ASN B 174 -50.44 -34.19 -31.65
C ASN B 174 -49.54 -34.15 -32.88
N ASP B 175 -48.87 -33.00 -33.12
CA ASP B 175 -47.91 -32.94 -34.20
C ASP B 175 -46.72 -33.86 -33.93
N ARG B 176 -46.26 -33.91 -32.68
CA ARG B 176 -45.19 -34.83 -32.32
C ARG B 176 -45.64 -36.28 -32.44
N GLY B 177 -46.95 -36.53 -32.29
CA GLY B 177 -47.46 -37.87 -32.52
C GLY B 177 -47.34 -38.31 -33.97
N GLY B 178 -47.51 -37.37 -34.90
CA GLY B 178 -47.44 -37.70 -36.31
C GLY B 178 -48.48 -36.96 -37.13
N GLU B 179 -49.56 -36.53 -36.47
CA GLU B 179 -50.60 -35.75 -37.13
C GLU B 179 -50.05 -34.40 -37.59
N ASP B 180 -50.63 -33.88 -38.66
CA ASP B 180 -50.23 -32.56 -39.15
C ASP B 180 -51.32 -31.54 -38.87
N PRO B 181 -51.14 -30.65 -37.89
CA PRO B 181 -52.15 -29.60 -37.66
C PRO B 181 -52.04 -28.49 -38.69
N ASN B 182 -52.86 -27.46 -38.54
CA ASN B 182 -52.85 -26.33 -39.48
C ASN B 182 -51.65 -25.46 -39.18
N GLN B 183 -50.62 -25.56 -40.02
CA GLN B 183 -49.34 -24.91 -39.73
C GLN B 183 -49.42 -23.40 -39.75
N LYS B 184 -50.35 -22.83 -40.54
CA LYS B 184 -50.50 -21.38 -40.56
C LYS B 184 -51.09 -20.88 -39.25
N VAL B 185 -52.29 -21.36 -38.92
CA VAL B 185 -53.07 -20.86 -37.78
C VAL B 185 -52.23 -20.94 -36.51
N ILE B 186 -51.63 -22.10 -36.25
CA ILE B 186 -50.81 -22.28 -35.07
C ILE B 186 -49.72 -21.23 -35.02
N HIS B 187 -48.98 -21.09 -36.14
CA HIS B 187 -47.92 -20.10 -36.20
C HIS B 187 -48.46 -18.72 -35.91
N GLY B 188 -49.62 -18.38 -36.50
CA GLY B 188 -50.18 -17.07 -36.29
C GLY B 188 -50.44 -16.78 -34.83
N VAL B 189 -51.01 -17.75 -34.11
CA VAL B 189 -51.35 -17.44 -32.73
C VAL B 189 -50.09 -17.44 -31.88
N ILE B 190 -49.06 -18.17 -32.30
CA ILE B 190 -47.78 -18.05 -31.59
C ILE B 190 -47.18 -16.69 -31.90
N ASN B 191 -47.35 -16.21 -33.13
CA ASN B 191 -46.96 -14.84 -33.42
C ASN B 191 -47.92 -13.83 -32.84
N SER B 192 -48.91 -14.27 -32.06
CA SER B 192 -49.67 -13.37 -31.21
C SER B 192 -49.01 -13.17 -29.86
N PHE B 193 -48.13 -14.08 -29.43
CA PHE B 193 -47.42 -13.88 -28.17
C PHE B 193 -46.18 -13.02 -28.33
N VAL B 194 -45.72 -12.82 -29.56
CA VAL B 194 -44.89 -11.67 -29.92
C VAL B 194 -45.79 -10.84 -30.82
N HIS B 195 -45.27 -9.73 -31.34
CA HIS B 195 -45.96 -8.79 -32.22
C HIS B 195 -47.08 -8.05 -31.50
N VAL B 196 -47.42 -8.44 -30.27
CA VAL B 196 -48.32 -7.68 -29.42
C VAL B 196 -47.52 -6.81 -28.46
N GLU B 197 -46.26 -7.17 -28.18
CA GLU B 197 -45.34 -6.38 -27.39
C GLU B 197 -44.39 -5.56 -28.24
N GLN B 198 -44.61 -5.53 -29.56
CA GLN B 198 -43.61 -4.98 -30.48
C GLN B 198 -43.39 -3.49 -30.26
N TYR B 199 -44.44 -2.74 -29.93
CA TYR B 199 -44.27 -1.31 -29.73
C TYR B 199 -43.72 -0.98 -28.35
N LYS B 200 -43.50 -1.99 -27.51
CA LYS B 200 -42.92 -1.81 -26.19
C LYS B 200 -41.47 -2.26 -26.21
N LYS B 201 -40.57 -1.38 -25.77
CA LYS B 201 -39.15 -1.71 -25.67
C LYS B 201 -38.88 -2.50 -24.40
N LYS B 202 -37.60 -2.60 -24.01
CA LYS B 202 -37.18 -3.26 -22.77
C LYS B 202 -37.59 -4.74 -22.77
N PHE B 203 -36.92 -5.50 -23.64
CA PHE B 203 -37.10 -6.92 -23.93
C PHE B 203 -38.56 -7.26 -24.17
N PRO B 204 -39.08 -6.92 -25.36
CA PRO B 204 -40.48 -7.22 -25.68
C PRO B 204 -40.80 -8.70 -25.78
N LEU B 205 -39.78 -9.57 -25.81
CA LEU B 205 -40.00 -11.00 -25.89
C LEU B 205 -40.58 -11.58 -24.61
N LYS B 206 -40.65 -10.78 -23.53
CA LYS B 206 -40.91 -11.32 -22.19
C LYS B 206 -42.28 -11.98 -22.09
N PHE B 207 -43.29 -11.41 -22.74
CA PHE B 207 -44.60 -12.05 -22.73
C PHE B 207 -44.56 -13.41 -23.40
N TYR B 208 -43.84 -13.52 -24.52
CA TYR B 208 -43.61 -14.82 -25.12
C TYR B 208 -42.69 -15.67 -24.27
N GLN B 209 -41.84 -15.04 -23.47
CA GLN B 209 -40.89 -15.78 -22.64
C GLN B 209 -41.56 -16.42 -21.43
N GLU B 210 -42.67 -15.86 -20.94
CA GLU B 210 -43.30 -16.36 -19.73
C GLU B 210 -44.70 -16.90 -19.96
N ILE B 211 -45.13 -17.10 -21.21
CA ILE B 211 -46.42 -17.70 -21.53
C ILE B 211 -46.25 -18.95 -22.37
N PHE B 212 -45.52 -18.85 -23.48
CA PHE B 212 -45.34 -19.99 -24.38
C PHE B 212 -43.91 -20.49 -24.42
N GLU B 213 -43.06 -20.04 -23.49
CA GLU B 213 -41.69 -20.52 -23.45
C GLU B 213 -41.43 -21.42 -22.26
N SER B 214 -41.70 -20.95 -21.03
CA SER B 214 -41.54 -21.82 -19.87
C SER B 214 -42.49 -23.00 -19.86
N PRO B 215 -43.82 -22.86 -20.05
CA PRO B 215 -44.67 -24.05 -19.98
C PRO B 215 -44.50 -24.99 -21.16
N PHE B 216 -44.40 -24.46 -22.38
CA PHE B 216 -44.11 -25.30 -23.53
C PHE B 216 -42.75 -25.98 -23.39
N LEU B 217 -41.77 -25.26 -22.85
CA LEU B 217 -40.44 -25.82 -22.70
C LEU B 217 -40.44 -26.97 -21.70
N THR B 218 -41.15 -26.80 -20.58
CA THR B 218 -41.29 -27.88 -19.61
C THR B 218 -42.07 -29.05 -20.20
N GLU B 219 -43.13 -28.77 -20.95
CA GLU B 219 -43.93 -29.84 -21.55
C GLU B 219 -43.12 -30.65 -22.53
N THR B 220 -42.37 -29.99 -23.41
CA THR B 220 -41.56 -30.74 -24.37
C THR B 220 -40.39 -31.42 -23.68
N GLY B 221 -39.90 -30.87 -22.57
CA GLY B 221 -38.89 -31.56 -21.80
C GLY B 221 -39.40 -32.88 -21.23
N GLU B 222 -40.59 -32.84 -20.64
CA GLU B 222 -41.18 -34.07 -20.09
C GLU B 222 -41.50 -35.07 -21.20
N TYR B 223 -42.09 -34.60 -22.30
CA TYR B 223 -42.44 -35.50 -23.39
C TYR B 223 -41.21 -36.16 -23.98
N TYR B 224 -40.14 -35.39 -24.20
CA TYR B 224 -38.95 -35.97 -24.78
C TYR B 224 -38.20 -36.82 -23.78
N LYS B 225 -38.31 -36.52 -22.49
CA LYS B 225 -37.74 -37.38 -21.46
C LYS B 225 -38.36 -38.77 -21.52
N GLN B 226 -39.70 -38.82 -21.51
CA GLN B 226 -40.35 -40.13 -21.54
C GLN B 226 -40.17 -40.82 -22.89
N GLU B 227 -40.11 -40.05 -23.98
CA GLU B 227 -39.91 -40.65 -25.30
C GLU B 227 -38.50 -41.22 -25.43
N ALA B 228 -37.49 -40.52 -24.89
CA ALA B 228 -36.14 -41.05 -24.91
C ALA B 228 -36.02 -42.27 -24.02
N SER B 229 -36.73 -42.29 -22.88
CA SER B 229 -36.75 -43.48 -22.05
C SER B 229 -37.35 -44.67 -22.80
N ASN B 230 -38.44 -44.44 -23.53
CA ASN B 230 -39.04 -45.50 -24.33
C ASN B 230 -38.11 -45.98 -25.43
N LEU B 231 -37.44 -45.04 -26.11
CA LEU B 231 -36.54 -45.41 -27.20
C LEU B 231 -35.34 -46.20 -26.69
N LEU B 232 -34.80 -45.82 -25.53
CA LEU B 232 -33.72 -46.58 -24.94
C LEU B 232 -34.19 -47.97 -24.52
N GLN B 233 -35.39 -48.06 -23.94
CA GLN B 233 -35.90 -49.35 -23.51
C GLN B 233 -36.26 -50.26 -24.67
N GLU B 234 -36.50 -49.71 -25.87
CA GLU B 234 -36.94 -50.51 -27.00
C GLU B 234 -35.88 -50.63 -28.10
N SER B 235 -34.62 -50.32 -27.80
CA SER B 235 -33.59 -50.41 -28.82
C SER B 235 -32.22 -50.51 -28.16
N ASN B 236 -31.24 -50.94 -28.94
CA ASN B 236 -29.85 -50.95 -28.52
C ASN B 236 -29.26 -49.55 -28.74
N CYS B 237 -27.94 -49.42 -28.60
CA CYS B 237 -27.34 -48.09 -28.57
C CYS B 237 -27.31 -47.44 -29.94
N SER B 238 -26.97 -48.19 -30.99
CA SER B 238 -26.87 -47.60 -32.31
C SER B 238 -28.23 -47.15 -32.84
N GLN B 239 -29.24 -48.00 -32.68
CA GLN B 239 -30.59 -47.62 -33.10
C GLN B 239 -31.12 -46.47 -32.27
N TYR B 240 -30.80 -46.45 -30.96
CA TYR B 240 -31.18 -45.32 -30.12
C TYR B 240 -30.53 -44.03 -30.61
N MET B 241 -29.26 -44.10 -30.99
CA MET B 241 -28.56 -42.92 -31.49
C MET B 241 -29.19 -42.42 -32.78
N GLU B 242 -29.47 -43.34 -33.71
CA GLU B 242 -30.08 -42.95 -34.98
C GLU B 242 -31.46 -42.35 -34.77
N LYS B 243 -32.27 -42.97 -33.90
CA LYS B 243 -33.60 -42.44 -33.65
C LYS B 243 -33.57 -41.12 -32.91
N VAL B 244 -32.59 -40.92 -32.03
CA VAL B 244 -32.48 -39.64 -31.34
C VAL B 244 -32.09 -38.55 -32.33
N LEU B 245 -31.19 -38.86 -33.26
CA LEU B 245 -30.84 -37.87 -34.28
C LEU B 245 -32.03 -37.56 -35.17
N GLY B 246 -32.82 -38.58 -35.53
CA GLY B 246 -34.02 -38.33 -36.31
C GLY B 246 -35.03 -37.49 -35.56
N ARG B 247 -35.20 -37.76 -34.27
CA ARG B 247 -36.10 -36.97 -33.44
C ARG B 247 -35.61 -35.53 -33.33
N LEU B 248 -34.29 -35.33 -33.23
CA LEU B 248 -33.76 -33.98 -33.14
C LEU B 248 -33.98 -33.21 -34.43
N LYS B 249 -33.78 -33.86 -35.58
CA LYS B 249 -34.04 -33.18 -36.85
C LYS B 249 -35.52 -32.87 -37.00
N ASP B 250 -36.39 -33.81 -36.64
CA ASP B 250 -37.83 -33.57 -36.71
C ASP B 250 -38.25 -32.44 -35.78
N GLU B 251 -37.65 -32.38 -34.59
CA GLU B 251 -37.95 -31.30 -33.65
C GLU B 251 -37.43 -29.97 -34.13
N GLU B 252 -36.29 -29.96 -34.85
CA GLU B 252 -35.83 -28.73 -35.46
C GLU B 252 -36.82 -28.23 -36.50
N ILE B 253 -37.34 -29.14 -37.33
CA ILE B 253 -38.37 -28.76 -38.29
C ILE B 253 -39.60 -28.23 -37.58
N ARG B 254 -40.03 -28.91 -36.52
CA ARG B 254 -41.21 -28.51 -35.77
C ARG B 254 -41.06 -27.14 -35.14
N CYS B 255 -39.92 -26.88 -34.50
CA CYS B 255 -39.72 -25.58 -33.87
C CYS B 255 -39.57 -24.48 -34.89
N ARG B 256 -38.97 -24.77 -36.05
CA ARG B 256 -38.89 -23.73 -37.08
C ARG B 256 -40.20 -23.52 -37.81
N LYS B 257 -41.16 -24.44 -37.70
CA LYS B 257 -42.43 -24.28 -38.41
C LYS B 257 -43.55 -23.72 -37.54
N TYR B 258 -43.41 -23.73 -36.21
CA TYR B 258 -44.43 -23.16 -35.34
C TYR B 258 -43.93 -22.00 -34.49
N LEU B 259 -42.82 -22.18 -33.78
CA LEU B 259 -42.43 -21.24 -32.74
C LEU B 259 -41.82 -19.97 -33.33
N HIS B 260 -41.49 -19.05 -32.43
CA HIS B 260 -40.73 -17.86 -32.78
C HIS B 260 -39.27 -18.23 -33.00
N PRO B 261 -38.57 -17.55 -33.91
CA PRO B 261 -37.17 -17.88 -34.17
C PRO B 261 -36.24 -17.70 -32.99
N SER B 262 -36.61 -16.89 -32.00
CA SER B 262 -35.71 -16.65 -30.88
C SER B 262 -35.62 -17.83 -29.92
N SER B 263 -36.48 -18.83 -30.07
CA SER B 263 -36.49 -19.98 -29.17
C SER B 263 -36.04 -21.26 -29.84
N TYR B 264 -35.38 -21.17 -30.99
CA TYR B 264 -34.84 -22.36 -31.63
C TYR B 264 -33.77 -23.02 -30.77
N THR B 265 -32.93 -22.21 -30.14
CA THR B 265 -31.84 -22.76 -29.34
C THR B 265 -32.35 -23.41 -28.06
N LYS B 266 -33.30 -22.76 -27.39
CA LYS B 266 -33.72 -23.26 -26.08
C LYS B 266 -34.48 -24.57 -26.19
N VAL B 267 -35.32 -24.72 -27.21
CA VAL B 267 -36.08 -25.96 -27.37
C VAL B 267 -35.15 -27.11 -27.73
N ILE B 268 -34.23 -26.88 -28.67
CA ILE B 268 -33.31 -27.93 -29.09
C ILE B 268 -32.40 -28.34 -27.94
N HIS B 269 -31.85 -27.36 -27.23
CA HIS B 269 -31.00 -27.66 -26.09
C HIS B 269 -31.74 -28.39 -24.99
N GLU B 270 -32.99 -27.98 -24.71
CA GLU B 270 -33.78 -28.65 -23.69
C GLU B 270 -34.13 -30.07 -24.10
N CYS B 271 -34.43 -30.29 -25.38
CA CYS B 271 -34.66 -31.64 -25.86
C CYS B 271 -33.42 -32.50 -25.69
N GLN B 272 -32.26 -31.94 -26.04
CA GLN B 272 -31.01 -32.65 -25.80
C GLN B 272 -30.66 -32.70 -24.31
N GLN B 273 -31.21 -31.79 -23.50
CA GLN B 273 -30.98 -31.85 -22.07
C GLN B 273 -31.75 -32.98 -21.41
N ARG B 274 -32.77 -33.52 -22.07
CA ARG B 274 -33.50 -34.67 -21.55
C ARG B 274 -33.31 -35.93 -22.37
N MET B 275 -33.18 -35.82 -23.67
CA MET B 275 -33.06 -37.01 -24.50
C MET B 275 -31.67 -37.63 -24.42
N VAL B 276 -30.63 -36.81 -24.35
CA VAL B 276 -29.26 -37.29 -24.38
C VAL B 276 -28.53 -37.03 -23.05
N ALA B 277 -28.78 -35.89 -22.43
CA ALA B 277 -28.06 -35.55 -21.19
C ALA B 277 -28.52 -36.43 -20.03
N ASP B 278 -29.81 -36.75 -19.97
CA ASP B 278 -30.28 -37.64 -18.91
C ASP B 278 -29.81 -39.07 -19.14
N HIS B 279 -29.63 -39.47 -20.40
CA HIS B 279 -29.12 -40.79 -20.75
C HIS B 279 -27.62 -40.77 -21.04
N LEU B 280 -26.89 -39.88 -20.36
CA LEU B 280 -25.46 -39.73 -20.62
C LEU B 280 -24.68 -40.98 -20.23
N GLN B 281 -25.08 -41.65 -19.15
CA GLN B 281 -24.34 -42.80 -18.66
C GLN B 281 -24.32 -43.94 -19.68
N PHE B 282 -25.47 -44.20 -20.32
CA PHE B 282 -25.54 -45.28 -21.30
C PHE B 282 -24.67 -44.99 -22.51
N LEU B 283 -24.73 -43.76 -23.02
CA LEU B 283 -23.90 -43.39 -24.16
C LEU B 283 -22.42 -43.46 -23.82
N HIS B 284 -22.04 -42.98 -22.64
CA HIS B 284 -20.64 -43.06 -22.24
C HIS B 284 -20.19 -44.50 -22.02
N ALA B 285 -21.10 -45.37 -21.60
CA ALA B 285 -20.76 -46.77 -21.44
C ALA B 285 -20.51 -47.43 -22.79
N GLU B 286 -21.32 -47.11 -23.80
CA GLU B 286 -21.10 -47.69 -25.11
C GLU B 286 -20.05 -46.95 -25.93
N CYS B 287 -19.57 -45.81 -25.44
CA CYS B 287 -18.61 -45.01 -26.20
C CYS B 287 -17.30 -45.76 -26.45
N HIS B 288 -16.77 -46.43 -25.42
CA HIS B 288 -15.51 -47.15 -25.57
C HIS B 288 -15.66 -48.30 -26.57
N ASN B 289 -16.77 -49.02 -26.51
CA ASN B 289 -17.00 -50.11 -27.45
C ASN B 289 -17.14 -49.59 -28.88
N ILE B 290 -17.84 -48.47 -29.06
CA ILE B 290 -18.00 -47.89 -30.39
C ILE B 290 -16.65 -47.45 -30.95
N ILE B 291 -15.82 -46.83 -30.11
CA ILE B 291 -14.49 -46.43 -30.55
C ILE B 291 -13.64 -47.63 -30.91
N ARG B 292 -13.68 -48.68 -30.07
CA ARG B 292 -12.81 -49.83 -30.30
C ARG B 292 -13.19 -50.58 -31.57
N GLN B 293 -14.49 -50.71 -31.87
CA GLN B 293 -14.86 -51.29 -33.16
C GLN B 293 -14.65 -50.32 -34.32
N GLU B 294 -14.58 -49.02 -34.04
CA GLU B 294 -14.37 -47.97 -35.03
C GLU B 294 -15.44 -47.99 -36.12
N LYS B 295 -16.69 -47.83 -35.68
CA LYS B 295 -17.82 -47.69 -36.60
C LYS B 295 -18.00 -46.22 -36.90
N LYS B 296 -17.72 -45.82 -38.15
CA LYS B 296 -17.64 -44.39 -38.49
C LYS B 296 -18.98 -43.69 -38.33
N ASN B 297 -20.07 -44.33 -38.79
CA ASN B 297 -21.38 -43.70 -38.67
C ASN B 297 -21.80 -43.55 -37.21
N ASP B 298 -21.59 -44.60 -36.41
CA ASP B 298 -21.92 -44.52 -35.00
C ASP B 298 -21.02 -43.54 -34.27
N MET B 299 -19.76 -43.46 -34.68
CA MET B 299 -18.85 -42.47 -34.09
C MET B 299 -19.32 -41.06 -34.39
N ALA B 300 -19.76 -40.80 -35.62
CA ALA B 300 -20.25 -39.46 -35.97
C ALA B 300 -21.51 -39.11 -35.18
N ASN B 301 -22.45 -40.04 -35.10
CA ASN B 301 -23.68 -39.78 -34.35
C ASN B 301 -23.39 -39.56 -32.87
N MET B 302 -22.49 -40.36 -32.30
CA MET B 302 -22.11 -40.18 -30.90
C MET B 302 -21.44 -38.84 -30.69
N TYR B 303 -20.59 -38.42 -31.61
CA TYR B 303 -19.91 -37.13 -31.50
C TYR B 303 -20.92 -36.00 -31.53
N VAL B 304 -21.92 -36.08 -32.41
CA VAL B 304 -22.94 -35.03 -32.46
C VAL B 304 -23.72 -34.99 -31.15
N LEU B 305 -24.22 -36.15 -30.71
CA LEU B 305 -25.03 -36.20 -29.49
C LEU B 305 -24.26 -35.80 -28.26
N LEU B 306 -22.94 -35.96 -28.25
CA LEU B 306 -22.16 -35.53 -27.10
C LEU B 306 -21.64 -34.10 -27.23
N ARG B 307 -21.59 -33.54 -28.45
CA ARG B 307 -21.48 -32.09 -28.55
C ARG B 307 -22.72 -31.42 -28.00
N ALA B 308 -23.88 -32.07 -28.14
CA ALA B 308 -25.11 -31.51 -27.58
C ALA B 308 -25.01 -31.37 -26.05
N VAL B 309 -24.50 -32.39 -25.37
CA VAL B 309 -24.38 -32.35 -23.93
C VAL B 309 -23.18 -31.49 -23.54
N SER B 310 -23.31 -30.77 -22.43
CA SER B 310 -22.24 -29.88 -21.99
C SER B 310 -21.00 -30.66 -21.56
N THR B 311 -21.18 -31.78 -20.85
CA THR B 311 -20.08 -32.51 -20.25
C THR B 311 -19.87 -33.90 -20.85
N GLY B 312 -20.63 -34.26 -21.89
CA GLY B 312 -20.46 -35.57 -22.48
C GLY B 312 -19.23 -35.73 -23.36
N LEU B 313 -18.71 -34.61 -23.87
CA LEU B 313 -17.59 -34.68 -24.80
C LEU B 313 -16.29 -35.23 -24.22
N PRO B 314 -15.81 -34.82 -23.03
CA PRO B 314 -14.46 -35.24 -22.62
C PRO B 314 -14.23 -36.74 -22.51
N HIS B 315 -15.24 -37.53 -22.16
CA HIS B 315 -15.04 -38.98 -22.11
C HIS B 315 -14.85 -39.56 -23.50
N MET B 316 -15.57 -39.03 -24.48
CA MET B 316 -15.35 -39.38 -25.89
C MET B 316 -13.92 -39.06 -26.30
N ILE B 317 -13.43 -37.88 -25.88
CA ILE B 317 -12.05 -37.47 -26.17
C ILE B 317 -11.07 -38.46 -25.55
N GLN B 318 -11.29 -38.83 -24.29
CA GLN B 318 -10.38 -39.73 -23.60
C GLN B 318 -10.38 -41.11 -24.24
N GLU B 319 -11.55 -41.59 -24.65
CA GLU B 319 -11.62 -42.88 -25.31
C GLU B 319 -10.89 -42.87 -26.65
N LEU B 320 -11.07 -41.80 -27.43
CA LEU B 320 -10.35 -41.71 -28.70
C LEU B 320 -8.84 -41.64 -28.47
N GLN B 321 -8.40 -40.86 -27.47
CA GLN B 321 -6.98 -40.75 -27.19
C GLN B 321 -6.40 -42.08 -26.76
N ASN B 322 -7.09 -42.80 -25.88
CA ASN B 322 -6.59 -44.10 -25.41
C ASN B 322 -6.55 -45.10 -26.55
N HIS B 323 -7.57 -45.13 -27.40
CA HIS B 323 -7.56 -46.06 -28.52
C HIS B 323 -6.45 -45.74 -29.50
N ILE B 324 -6.22 -44.45 -29.78
CA ILE B 324 -5.18 -44.07 -30.72
C ILE B 324 -3.81 -44.40 -30.15
N HIS B 325 -3.60 -44.15 -28.85
CA HIS B 325 -2.34 -44.48 -28.22
C HIS B 325 -2.09 -45.98 -28.26
N ASP B 326 -3.13 -46.78 -27.99
CA ASP B 326 -2.98 -48.23 -28.04
C ASP B 326 -2.67 -48.70 -29.45
N GLU B 327 -3.36 -48.14 -30.45
CA GLU B 327 -3.15 -48.54 -31.84
C GLU B 327 -1.74 -48.20 -32.30
N GLY B 328 -1.27 -46.99 -31.96
CA GLY B 328 0.08 -46.62 -32.34
C GLY B 328 1.14 -47.45 -31.64
N LEU B 329 0.96 -47.71 -30.34
CA LEU B 329 1.95 -48.47 -29.62
C LEU B 329 1.99 -49.92 -30.07
N ARG B 330 0.85 -50.46 -30.53
CA ARG B 330 0.90 -51.79 -31.14
C ARG B 330 1.48 -51.76 -32.55
N ALA B 331 1.30 -50.66 -33.28
CA ALA B 331 1.74 -50.61 -34.66
C ALA B 331 3.18 -50.17 -34.84
N THR B 332 3.85 -49.70 -33.79
CA THR B 332 5.23 -49.28 -33.90
C THR B 332 6.24 -50.07 -33.10
N SER B 333 5.79 -50.80 -32.07
CA SER B 333 6.74 -51.48 -31.18
C SER B 333 7.44 -52.63 -31.88
N ASN B 334 6.69 -53.48 -32.57
CA ASN B 334 7.23 -54.68 -33.19
C ASN B 334 7.61 -54.37 -34.63
N LEU B 335 8.93 -54.27 -34.89
CA LEU B 335 9.42 -53.98 -36.22
C LEU B 335 10.76 -54.68 -36.42
N THR B 336 11.15 -54.84 -37.68
CA THR B 336 12.43 -55.44 -38.00
C THR B 336 13.57 -54.48 -37.65
N GLN B 337 14.74 -55.06 -37.41
CA GLN B 337 15.90 -54.28 -36.95
C GLN B 337 16.78 -53.79 -38.07
N GLU B 338 16.43 -54.05 -39.33
CA GLU B 338 17.20 -53.55 -40.46
C GLU B 338 16.53 -52.38 -41.16
N ASN B 339 15.21 -52.26 -41.07
CA ASN B 339 14.49 -51.11 -41.58
C ASN B 339 13.73 -50.39 -40.47
N MET B 340 14.16 -50.57 -39.22
CA MET B 340 13.55 -49.85 -38.11
C MET B 340 13.50 -48.34 -38.28
N PRO B 341 14.56 -47.63 -38.73
CA PRO B 341 14.43 -46.18 -38.89
C PRO B 341 13.35 -45.76 -39.87
N THR B 342 13.23 -46.43 -41.01
CA THR B 342 12.18 -46.08 -41.94
C THR B 342 10.82 -46.56 -41.44
N LEU B 343 10.75 -47.78 -40.91
CA LEU B 343 9.47 -48.37 -40.56
C LEU B 343 8.83 -47.70 -39.37
N PHE B 344 9.62 -47.20 -38.41
CA PHE B 344 9.03 -46.52 -37.26
C PHE B 344 8.32 -45.24 -37.69
N VAL B 345 9.00 -44.41 -38.47
CA VAL B 345 8.38 -43.18 -38.96
C VAL B 345 7.22 -43.51 -39.88
N GLU B 346 7.36 -44.56 -40.68
CA GLU B 346 6.27 -44.95 -41.58
C GLU B 346 5.04 -45.38 -40.81
N SER B 347 5.22 -46.13 -39.73
CA SER B 347 4.08 -46.59 -38.93
C SER B 347 3.43 -45.43 -38.18
N VAL B 348 4.23 -44.55 -37.59
CA VAL B 348 3.66 -43.41 -36.88
C VAL B 348 2.92 -42.50 -37.86
N LEU B 349 3.50 -42.27 -39.03
CA LEU B 349 2.84 -41.45 -40.05
C LEU B 349 1.57 -42.10 -40.56
N GLU B 350 1.56 -43.43 -40.71
CA GLU B 350 0.34 -44.11 -41.16
C GLU B 350 -0.77 -43.98 -40.13
N VAL B 351 -0.45 -44.17 -38.84
CA VAL B 351 -1.45 -44.00 -37.80
C VAL B 351 -1.95 -42.57 -37.78
N HIS B 352 -1.04 -41.60 -37.91
CA HIS B 352 -1.45 -40.19 -37.91
C HIS B 352 -2.34 -39.87 -39.10
N GLY B 353 -2.01 -40.41 -40.28
CA GLY B 353 -2.85 -40.16 -41.45
C GLY B 353 -4.23 -40.77 -41.30
N LYS B 354 -4.29 -42.00 -40.80
CA LYS B 354 -5.59 -42.65 -40.61
C LYS B 354 -6.44 -41.89 -39.60
N PHE B 355 -5.84 -41.45 -38.50
CA PHE B 355 -6.60 -40.74 -37.47
C PHE B 355 -6.62 -39.23 -37.67
N VAL B 356 -6.13 -38.75 -38.81
CA VAL B 356 -6.53 -37.42 -39.29
C VAL B 356 -7.70 -37.53 -40.24
N GLN B 357 -7.69 -38.52 -41.13
CA GLN B 357 -8.85 -38.74 -42.00
C GLN B 357 -10.08 -39.07 -41.17
N LEU B 358 -9.98 -40.06 -40.28
CA LEU B 358 -11.11 -40.48 -39.47
C LEU B 358 -11.46 -39.48 -38.39
N ILE B 359 -10.64 -38.46 -38.16
CA ILE B 359 -11.00 -37.41 -37.23
C ILE B 359 -11.53 -36.18 -37.97
N ASN B 360 -11.32 -36.09 -39.27
CA ASN B 360 -11.78 -34.94 -40.05
C ASN B 360 -12.99 -35.26 -40.91
N THR B 361 -13.36 -36.53 -41.07
CA THR B 361 -14.52 -36.85 -41.90
C THR B 361 -15.74 -37.31 -41.11
N VAL B 362 -15.58 -37.75 -39.87
CA VAL B 362 -16.74 -38.21 -39.10
C VAL B 362 -16.75 -37.56 -37.72
N LEU B 363 -15.82 -36.63 -37.48
CA LEU B 363 -15.83 -35.86 -36.25
C LEU B 363 -15.77 -34.36 -36.51
N ASN B 364 -15.98 -33.93 -37.75
CA ASN B 364 -15.99 -32.52 -38.16
C ASN B 364 -14.66 -31.82 -37.87
N GLY B 365 -13.60 -32.58 -37.65
CA GLY B 365 -12.31 -31.99 -37.33
C GLY B 365 -12.31 -31.19 -36.05
N ASP B 366 -12.96 -31.70 -35.00
CA ASP B 366 -13.03 -30.97 -33.74
C ASP B 366 -11.65 -30.83 -33.12
N GLN B 367 -11.35 -29.61 -32.65
CA GLN B 367 -9.98 -29.30 -32.26
C GLN B 367 -9.56 -30.01 -30.98
N HIS B 368 -10.51 -30.24 -30.07
CA HIS B 368 -10.19 -30.99 -28.86
C HIS B 368 -9.77 -32.41 -29.21
N PHE B 369 -10.45 -33.02 -30.18
CA PHE B 369 -10.08 -34.36 -30.62
C PHE B 369 -8.72 -34.36 -31.31
N MET B 370 -8.40 -33.29 -32.04
CA MET B 370 -7.08 -33.20 -32.65
C MET B 370 -6.00 -33.05 -31.58
N SER B 371 -6.29 -32.33 -30.51
CA SER B 371 -5.35 -32.26 -29.39
C SER B 371 -5.21 -33.62 -28.72
N ALA B 372 -6.29 -34.39 -28.65
CA ALA B 372 -6.21 -35.74 -28.11
C ALA B 372 -5.35 -36.64 -28.98
N LEU B 373 -5.51 -36.55 -30.30
CA LEU B 373 -4.63 -37.27 -31.22
C LEU B 373 -3.18 -36.85 -31.04
N ASP B 374 -2.94 -35.55 -30.91
CA ASP B 374 -1.58 -35.06 -30.75
C ASP B 374 -0.96 -35.58 -29.47
N LYS B 375 -1.70 -35.55 -28.36
CA LYS B 375 -1.19 -36.06 -27.10
C LYS B 375 -0.95 -37.57 -27.14
N ALA B 376 -1.88 -38.31 -27.77
CA ALA B 376 -1.75 -39.76 -27.83
C ALA B 376 -0.54 -40.17 -28.64
N LEU B 377 -0.37 -39.58 -29.84
CA LEU B 377 0.82 -39.91 -30.61
C LEU B 377 2.09 -39.33 -30.00
N THR B 378 1.99 -38.25 -29.21
CA THR B 378 3.14 -37.78 -28.47
C THR B 378 3.60 -38.84 -27.48
N SER B 379 2.68 -39.47 -26.78
CA SER B 379 3.04 -40.57 -25.89
C SER B 379 3.44 -41.81 -26.67
N VAL B 380 2.98 -41.95 -27.91
CA VAL B 380 3.34 -43.11 -28.71
C VAL B 380 4.78 -43.04 -29.16
N VAL B 381 5.22 -41.89 -29.67
CA VAL B 381 6.52 -41.82 -30.31
C VAL B 381 7.65 -41.95 -29.30
N ASN B 382 7.51 -41.37 -28.12
CA ASN B 382 8.57 -41.47 -27.12
C ASN B 382 8.34 -42.67 -26.19
N TYR B 383 8.09 -43.84 -26.77
CA TYR B 383 7.81 -45.01 -25.95
C TYR B 383 9.10 -45.51 -25.33
N ARG B 384 9.43 -44.99 -24.16
CA ARG B 384 10.63 -45.44 -23.45
C ARG B 384 10.40 -46.84 -22.90
N GLU B 385 11.28 -47.77 -23.25
CA GLU B 385 11.26 -49.06 -22.60
C GLU B 385 11.60 -48.87 -21.12
N PRO B 386 10.90 -49.55 -20.21
CA PRO B 386 11.15 -49.35 -18.78
C PRO B 386 12.60 -49.66 -18.41
N LYS B 387 13.18 -48.78 -17.59
CA LYS B 387 14.60 -48.83 -17.22
C LYS B 387 15.49 -48.83 -18.47
N SER B 388 15.11 -48.01 -19.45
CA SER B 388 15.89 -47.87 -20.67
C SER B 388 15.67 -46.48 -21.24
N VAL B 389 16.61 -46.05 -22.07
CA VAL B 389 16.53 -44.73 -22.68
C VAL B 389 15.60 -44.76 -23.87
N CYS B 390 15.10 -43.58 -24.24
CA CYS B 390 14.16 -43.46 -25.34
C CYS B 390 14.83 -43.80 -26.66
N LYS B 391 14.09 -44.45 -27.55
CA LYS B 391 14.61 -44.86 -28.85
C LYS B 391 14.02 -44.06 -30.00
N ALA B 392 13.29 -42.98 -29.70
CA ALA B 392 12.72 -42.17 -30.78
C ALA B 392 13.77 -41.32 -31.51
N PRO B 393 14.50 -40.41 -30.85
CA PRO B 393 15.29 -39.44 -31.62
C PRO B 393 16.41 -40.06 -32.44
N GLU B 394 17.01 -41.15 -31.94
CA GLU B 394 17.99 -41.86 -32.75
C GLU B 394 17.36 -42.39 -34.02
N LEU B 395 16.16 -42.95 -33.93
CA LEU B 395 15.49 -43.48 -35.11
C LEU B 395 15.13 -42.38 -36.09
N LEU B 396 14.63 -41.24 -35.60
CA LEU B 396 14.28 -40.15 -36.49
C LEU B 396 15.52 -39.58 -37.18
N ALA B 397 16.61 -39.40 -36.43
CA ALA B 397 17.84 -38.88 -37.02
C ALA B 397 18.41 -39.86 -38.05
N LYS B 398 18.36 -41.16 -37.75
CA LYS B 398 18.83 -42.14 -38.71
C LYS B 398 17.95 -42.18 -39.95
N TYR B 399 16.64 -41.94 -39.78
CA TYR B 399 15.75 -41.85 -40.94
C TYR B 399 16.12 -40.67 -41.82
N CYS B 400 16.40 -39.50 -41.23
CA CYS B 400 16.78 -38.35 -42.03
C CYS B 400 18.13 -38.56 -42.71
N ASP B 401 19.08 -39.17 -42.00
CA ASP B 401 20.38 -39.45 -42.62
C ASP B 401 20.24 -40.45 -43.75
N ASN B 402 19.33 -41.42 -43.61
CA ASN B 402 19.06 -42.36 -44.68
C ASN B 402 18.45 -41.67 -45.89
N LEU B 403 17.51 -40.75 -45.65
CA LEU B 403 16.83 -40.08 -46.76
C LEU B 403 17.76 -39.14 -47.50
N LEU B 404 18.49 -38.28 -46.78
CA LEU B 404 19.20 -37.19 -47.41
C LEU B 404 20.50 -37.61 -48.09
N LYS B 405 21.12 -38.69 -47.63
CA LYS B 405 22.42 -39.06 -48.18
C LYS B 405 22.27 -39.63 -49.58
N LYS B 406 23.31 -39.44 -50.39
CA LYS B 406 23.30 -39.92 -51.77
C LYS B 406 23.39 -41.44 -51.78
N SER B 407 22.25 -42.09 -51.92
CA SER B 407 22.18 -43.54 -51.87
C SER B 407 22.01 -44.12 -53.26
N ALA B 408 22.34 -45.40 -53.39
CA ALA B 408 22.23 -46.10 -54.67
C ALA B 408 20.84 -46.65 -54.93
N LYS B 409 19.92 -46.54 -53.97
CA LYS B 409 18.55 -46.97 -54.21
C LYS B 409 17.88 -46.11 -55.28
N GLY B 410 18.13 -44.80 -55.26
CA GLY B 410 17.56 -43.91 -56.24
C GLY B 410 16.22 -43.38 -55.79
N MET B 411 16.13 -42.07 -55.59
CA MET B 411 14.89 -41.45 -55.14
C MET B 411 14.71 -40.10 -55.83
N THR B 412 13.48 -39.79 -56.19
CA THR B 412 13.17 -38.49 -56.78
C THR B 412 13.36 -37.40 -55.75
N GLU B 413 13.89 -36.26 -56.20
CA GLU B 413 14.13 -35.13 -55.30
C GLU B 413 12.83 -34.62 -54.69
N ASN B 414 11.78 -34.50 -55.50
CA ASN B 414 10.49 -34.07 -54.97
C ASN B 414 9.89 -35.12 -54.04
N GLU B 415 10.17 -36.40 -54.29
CA GLU B 415 9.76 -37.44 -53.37
C GLU B 415 10.46 -37.28 -52.03
N VAL B 416 11.75 -36.93 -52.04
CA VAL B 416 12.46 -36.63 -50.81
C VAL B 416 11.83 -35.43 -50.12
N GLU B 417 11.42 -34.41 -50.89
CA GLU B 417 10.80 -33.22 -50.31
C GLU B 417 9.52 -33.56 -49.56
N ASP B 418 8.61 -34.31 -50.22
CA ASP B 418 7.34 -34.60 -49.55
C ASP B 418 7.52 -35.60 -48.41
N ARG B 419 8.45 -36.56 -48.54
CA ARG B 419 8.69 -37.47 -47.44
C ARG B 419 9.31 -36.76 -46.26
N LEU B 420 10.13 -35.73 -46.50
CA LEU B 420 10.66 -34.95 -45.38
C LEU B 420 9.61 -34.06 -44.76
N THR B 421 8.64 -33.59 -45.55
CA THR B 421 7.50 -32.88 -44.96
C THR B 421 6.71 -33.81 -44.05
N SER B 422 6.49 -35.05 -44.49
CA SER B 422 5.85 -36.04 -43.64
C SER B 422 6.68 -36.33 -42.40
N PHE B 423 8.01 -36.35 -42.54
CA PHE B 423 8.89 -36.52 -41.40
C PHE B 423 8.70 -35.38 -40.41
N ILE B 424 8.55 -34.15 -40.90
CA ILE B 424 8.31 -33.02 -40.01
C ILE B 424 7.00 -33.18 -39.28
N THR B 425 5.97 -33.69 -39.98
CA THR B 425 4.69 -33.94 -39.32
C THR B 425 4.83 -34.98 -38.22
N VAL B 426 5.70 -35.98 -38.41
CA VAL B 426 5.98 -36.93 -37.33
C VAL B 426 6.79 -36.28 -36.22
N PHE B 427 7.82 -35.52 -36.57
CA PHE B 427 8.80 -35.00 -35.64
C PHE B 427 8.24 -33.88 -34.77
N LYS B 428 7.16 -33.21 -35.21
CA LYS B 428 6.66 -32.03 -34.52
C LYS B 428 6.32 -32.33 -33.07
N TYR B 429 6.01 -33.59 -32.76
CA TYR B 429 5.87 -34.06 -31.38
C TYR B 429 6.87 -35.19 -31.18
N ILE B 430 8.04 -34.86 -30.63
CA ILE B 430 9.00 -35.87 -30.21
C ILE B 430 9.49 -35.66 -28.79
N ASP B 431 9.35 -34.45 -28.23
CA ASP B 431 9.69 -34.06 -26.86
C ASP B 431 11.08 -34.52 -26.41
N ASP B 432 11.98 -34.79 -27.35
CA ASP B 432 13.37 -35.07 -27.06
C ASP B 432 14.26 -34.38 -28.08
N LYS B 433 13.87 -33.17 -28.48
CA LYS B 433 14.46 -32.51 -29.63
C LYS B 433 15.93 -32.17 -29.43
N ASP B 434 16.42 -32.16 -28.18
CA ASP B 434 17.83 -31.89 -27.95
C ASP B 434 18.69 -33.03 -28.46
N VAL B 435 18.33 -34.27 -28.10
CA VAL B 435 19.06 -35.44 -28.57
C VAL B 435 19.00 -35.55 -30.08
N PHE B 436 17.81 -35.32 -30.65
CA PHE B 436 17.68 -35.36 -32.10
C PHE B 436 18.51 -34.27 -32.75
N GLN B 437 18.57 -33.09 -32.13
CA GLN B 437 19.34 -31.99 -32.69
C GLN B 437 20.81 -32.35 -32.76
N LYS B 438 21.36 -32.93 -31.70
CA LYS B 438 22.78 -33.24 -31.75
C LYS B 438 23.08 -34.47 -32.61
N PHE B 439 22.19 -35.47 -32.63
CA PHE B 439 22.36 -36.59 -33.56
C PHE B 439 22.35 -36.10 -35.01
N TYR B 440 21.40 -35.25 -35.34
CA TYR B 440 21.32 -34.73 -36.70
C TYR B 440 22.47 -33.81 -37.00
N ALA B 441 23.00 -33.11 -35.99
CA ALA B 441 24.17 -32.28 -36.21
C ALA B 441 25.38 -33.13 -36.57
N ARG B 442 25.60 -34.23 -35.84
CA ARG B 442 26.72 -35.10 -36.17
C ARG B 442 26.54 -35.75 -37.53
N MET B 443 25.33 -36.21 -37.84
CA MET B 443 25.11 -36.85 -39.14
C MET B 443 25.23 -35.85 -40.28
N LEU B 444 24.74 -34.62 -40.08
CA LEU B 444 24.90 -33.58 -41.08
C LEU B 444 26.36 -33.22 -41.28
N ALA B 445 27.13 -33.21 -40.19
CA ALA B 445 28.56 -32.94 -40.31
C ALA B 445 29.24 -34.02 -41.14
N LYS B 446 28.92 -35.29 -40.87
CA LYS B 446 29.55 -36.37 -41.61
C LYS B 446 29.15 -36.35 -43.08
N ARG B 447 27.87 -36.13 -43.36
CA ARG B 447 27.41 -36.07 -44.75
C ARG B 447 28.02 -34.89 -45.49
N LEU B 448 28.08 -33.73 -44.85
CA LEU B 448 28.62 -32.54 -45.52
C LEU B 448 30.11 -32.69 -45.78
N ILE B 449 30.86 -33.21 -44.81
CA ILE B 449 32.31 -33.33 -44.99
C ILE B 449 32.63 -34.38 -46.02
N HIS B 450 32.03 -35.57 -45.91
CA HIS B 450 32.40 -36.64 -46.82
C HIS B 450 31.78 -36.50 -48.19
N GLY B 451 30.92 -35.51 -48.41
CA GLY B 451 30.31 -35.32 -49.71
C GLY B 451 29.20 -36.29 -50.03
N LEU B 452 28.56 -36.87 -49.00
CA LEU B 452 27.52 -37.86 -49.21
C LEU B 452 26.13 -37.27 -49.35
N SER B 453 25.98 -35.96 -49.21
CA SER B 453 24.67 -35.34 -49.42
C SER B 453 24.29 -35.45 -50.89
N MET B 454 23.02 -35.80 -51.14
CA MET B 454 22.58 -35.96 -52.52
C MET B 454 22.47 -34.63 -53.25
N SER B 455 22.15 -33.56 -52.52
CA SER B 455 22.05 -32.23 -53.10
C SER B 455 21.99 -31.22 -51.97
N MET B 456 22.75 -30.13 -52.11
CA MET B 456 22.78 -29.11 -51.06
C MET B 456 21.43 -28.40 -50.93
N ASP B 457 20.66 -28.35 -52.02
CA ASP B 457 19.32 -27.76 -51.94
C ASP B 457 18.42 -28.56 -51.01
N SER B 458 18.54 -29.89 -51.05
CA SER B 458 17.76 -30.73 -50.14
C SER B 458 18.17 -30.49 -48.70
N GLU B 459 19.46 -30.32 -48.44
CA GLU B 459 19.92 -30.02 -47.09
C GLU B 459 19.37 -28.68 -46.61
N GLU B 460 19.38 -27.68 -47.49
CA GLU B 460 18.83 -26.37 -47.13
C GLU B 460 17.34 -26.47 -46.82
N ALA B 461 16.62 -27.27 -47.62
CA ALA B 461 15.20 -27.47 -47.36
C ALA B 461 14.97 -28.16 -46.02
N MET B 462 15.81 -29.15 -45.69
CA MET B 462 15.65 -29.83 -44.41
C MET B 462 15.93 -28.91 -43.23
N ILE B 463 16.98 -28.10 -43.33
CA ILE B 463 17.28 -27.15 -42.27
C ILE B 463 16.14 -26.15 -42.12
N ASN B 464 15.58 -25.70 -43.25
CA ASN B 464 14.44 -24.78 -43.18
C ASN B 464 13.24 -25.44 -42.50
N LYS B 465 12.94 -26.70 -42.86
CA LYS B 465 11.79 -27.36 -42.27
C LYS B 465 11.95 -27.52 -40.76
N LEU B 466 13.14 -27.90 -40.30
CA LEU B 466 13.37 -27.90 -38.86
C LEU B 466 13.25 -26.50 -38.28
N LYS B 467 13.58 -25.47 -39.06
CA LYS B 467 13.44 -24.11 -38.56
C LYS B 467 11.99 -23.73 -38.32
N GLN B 468 11.08 -24.05 -39.25
CA GLN B 468 9.66 -23.82 -38.90
C GLN B 468 9.17 -24.80 -37.85
N ALA B 469 9.82 -25.96 -37.69
CA ALA B 469 9.37 -26.90 -36.69
C ALA B 469 9.66 -26.41 -35.27
N CYS B 470 10.88 -25.90 -35.03
CA CYS B 470 11.29 -25.60 -33.67
C CYS B 470 12.01 -24.25 -33.55
N GLY B 471 11.60 -23.25 -34.32
CA GLY B 471 12.21 -21.94 -34.21
C GLY B 471 13.57 -21.87 -34.88
N TYR B 472 14.28 -20.78 -34.59
CA TYR B 472 15.56 -20.52 -35.23
C TYR B 472 16.76 -20.92 -34.40
N GLU B 473 16.67 -20.85 -33.07
CA GLU B 473 17.80 -21.25 -32.24
C GLU B 473 18.02 -22.75 -32.27
N PHE B 474 17.00 -23.52 -32.63
CA PHE B 474 17.15 -24.96 -32.79
C PHE B 474 18.09 -25.28 -33.95
N THR B 475 17.98 -24.53 -35.05
CA THR B 475 18.73 -24.82 -36.26
C THR B 475 19.80 -23.78 -36.56
N SER B 476 20.14 -22.92 -35.58
CA SER B 476 21.19 -21.94 -35.83
C SER B 476 22.52 -22.62 -36.13
N LYS B 477 22.90 -23.62 -35.35
CA LYS B 477 24.15 -24.32 -35.59
C LYS B 477 24.12 -25.09 -36.90
N LEU B 478 22.99 -25.71 -37.22
CA LEU B 478 22.87 -26.43 -38.49
C LEU B 478 22.97 -25.50 -39.67
N HIS B 479 22.34 -24.31 -39.58
CA HIS B 479 22.41 -23.35 -40.65
C HIS B 479 23.82 -22.81 -40.82
N ARG B 480 24.53 -22.58 -39.71
CA ARG B 480 25.91 -22.15 -39.81
C ARG B 480 26.76 -23.24 -40.46
N MET B 481 26.50 -24.50 -40.14
CA MET B 481 27.22 -25.59 -40.77
C MET B 481 26.99 -25.60 -42.28
N TYR B 482 25.73 -25.49 -42.69
CA TYR B 482 25.42 -25.56 -44.12
C TYR B 482 26.00 -24.36 -44.86
N THR B 483 25.91 -23.16 -44.28
CA THR B 483 26.45 -21.99 -44.96
C THR B 483 27.98 -22.05 -45.03
N ASP B 484 28.63 -22.50 -43.97
CA ASP B 484 30.09 -22.59 -44.00
C ASP B 484 30.59 -23.74 -44.84
N MET B 485 29.72 -24.69 -45.18
CA MET B 485 30.07 -25.66 -46.20
C MET B 485 29.78 -25.14 -47.61
N SER B 486 28.77 -24.28 -47.76
CA SER B 486 28.43 -23.76 -49.08
C SER B 486 29.43 -22.71 -49.57
N VAL B 487 29.90 -21.84 -48.66
CA VAL B 487 30.85 -20.79 -49.04
C VAL B 487 32.27 -21.33 -49.16
N SER B 488 32.45 -22.64 -48.96
CA SER B 488 33.78 -23.24 -49.10
C SER B 488 34.31 -23.12 -50.53
N ALA B 489 33.42 -23.23 -51.52
CA ALA B 489 33.85 -23.05 -52.90
C ALA B 489 34.34 -21.64 -53.15
N ASP B 490 33.62 -20.64 -52.63
CA ASP B 490 34.06 -19.25 -52.78
C ASP B 490 35.39 -19.02 -52.09
N LEU B 491 35.56 -19.59 -50.89
CA LEU B 491 36.83 -19.42 -50.19
C LEU B 491 37.98 -20.07 -50.95
N ASN B 492 37.74 -21.26 -51.52
CA ASN B 492 38.80 -21.94 -52.26
C ASN B 492 39.16 -21.18 -53.52
N ASN B 493 38.16 -20.63 -54.21
CA ASN B 493 38.46 -19.80 -55.39
C ASN B 493 39.20 -18.54 -54.99
N LYS B 494 38.87 -17.96 -53.83
CA LYS B 494 39.60 -16.81 -53.33
C LYS B 494 41.05 -17.17 -53.02
N PHE B 495 41.27 -18.37 -52.47
CA PHE B 495 42.63 -18.83 -52.19
C PHE B 495 43.40 -19.02 -53.49
N ASN B 496 42.76 -19.56 -54.51
CA ASN B 496 43.42 -19.72 -55.81
C ASN B 496 43.75 -18.36 -56.42
N ASN B 497 42.85 -17.39 -56.28
CA ASN B 497 43.16 -16.04 -56.75
C ASN B 497 44.28 -15.41 -55.95
N PHE B 498 44.40 -15.76 -54.67
CA PHE B 498 45.50 -15.27 -53.85
C PHE B 498 46.83 -15.83 -54.34
N ILE B 499 46.90 -17.15 -54.54
CA ILE B 499 48.15 -17.75 -54.98
C ILE B 499 48.48 -17.38 -56.41
N LYS B 500 47.48 -17.00 -57.21
CA LYS B 500 47.78 -16.44 -58.52
C LYS B 500 48.43 -15.07 -58.41
N ASN B 501 47.96 -14.26 -57.46
CA ASN B 501 48.42 -12.87 -57.32
C ASN B 501 49.72 -12.76 -56.55
N GLN B 502 50.26 -13.86 -56.02
CA GLN B 502 51.54 -13.81 -55.34
C GLN B 502 52.66 -13.46 -56.31
N ASP B 503 53.63 -12.66 -55.83
CA ASP B 503 54.69 -12.19 -56.70
C ASP B 503 55.57 -13.33 -57.22
N THR B 504 55.88 -14.29 -56.36
CA THR B 504 56.70 -15.42 -56.73
C THR B 504 55.83 -16.63 -57.07
N VAL B 505 56.46 -17.62 -57.71
CA VAL B 505 55.75 -18.85 -58.07
C VAL B 505 55.50 -19.64 -56.79
N ILE B 506 54.23 -19.94 -56.52
CA ILE B 506 53.88 -20.63 -55.29
C ILE B 506 54.16 -22.12 -55.40
N ASP B 507 53.56 -22.78 -56.40
CA ASP B 507 53.81 -24.18 -56.73
C ASP B 507 53.52 -25.09 -55.53
N LEU B 508 52.24 -25.14 -55.17
CA LEU B 508 51.79 -26.06 -54.13
C LEU B 508 52.04 -27.51 -54.54
N GLY B 509 51.73 -27.85 -55.78
CA GLY B 509 51.86 -29.20 -56.28
C GLY B 509 50.68 -30.10 -55.98
N ILE B 510 49.75 -29.67 -55.13
CA ILE B 510 48.61 -30.49 -54.72
C ILE B 510 47.34 -29.70 -55.01
N SER B 511 46.35 -30.36 -55.60
CA SER B 511 45.02 -29.76 -55.68
C SER B 511 44.45 -29.62 -54.28
N PHE B 512 43.93 -28.44 -53.98
CA PHE B 512 43.62 -28.05 -52.60
C PHE B 512 42.21 -27.52 -52.51
N GLN B 513 41.37 -28.19 -51.71
CA GLN B 513 40.11 -27.63 -51.24
C GLN B 513 40.02 -27.90 -49.75
N ILE B 514 39.61 -26.88 -48.99
CA ILE B 514 39.95 -26.82 -47.58
C ILE B 514 38.75 -27.02 -46.66
N TYR B 515 37.54 -26.67 -47.07
CA TYR B 515 36.32 -26.92 -46.29
C TYR B 515 36.41 -26.36 -44.88
N VAL B 516 36.77 -25.07 -44.76
CA VAL B 516 36.91 -24.49 -43.42
C VAL B 516 35.54 -24.44 -42.76
N LEU B 517 35.52 -24.70 -41.45
CA LEU B 517 34.27 -24.88 -40.75
C LEU B 517 34.29 -24.02 -39.50
N GLN B 518 33.14 -23.46 -39.15
CA GLN B 518 33.07 -22.65 -37.93
C GLN B 518 33.10 -23.58 -36.71
N ALA B 519 34.23 -23.58 -36.01
CA ALA B 519 34.41 -24.50 -34.89
C ALA B 519 33.51 -24.17 -33.71
N GLY B 520 32.94 -22.97 -33.68
CA GLY B 520 31.99 -22.63 -32.64
C GLY B 520 30.60 -23.20 -32.83
N ALA B 521 30.34 -23.81 -33.99
CA ALA B 521 29.04 -24.39 -34.27
C ALA B 521 29.11 -25.81 -34.82
N TRP B 522 30.23 -26.24 -35.37
CA TRP B 522 30.29 -27.60 -35.87
C TRP B 522 30.47 -28.59 -34.72
N PRO B 523 29.72 -29.69 -34.72
CA PRO B 523 29.83 -30.68 -33.65
C PRO B 523 31.05 -31.58 -33.76
N LEU B 524 32.00 -31.26 -34.62
CA LEU B 524 33.27 -31.97 -34.63
C LEU B 524 34.03 -31.72 -33.33
N THR B 525 34.89 -32.67 -32.97
CA THR B 525 35.67 -32.58 -31.76
C THR B 525 37.14 -32.81 -32.08
N GLN B 526 38.01 -32.16 -31.29
CA GLN B 526 39.45 -32.41 -31.36
C GLN B 526 39.81 -33.60 -30.48
N ALA B 527 39.15 -34.73 -30.77
CA ALA B 527 39.46 -35.97 -30.05
C ALA B 527 40.89 -36.44 -30.25
N PRO B 528 41.48 -36.44 -31.48
CA PRO B 528 42.92 -36.78 -31.50
C PRO B 528 43.78 -35.61 -31.06
N SER B 529 43.77 -35.33 -29.76
CA SER B 529 44.59 -34.27 -29.19
C SER B 529 46.08 -34.58 -29.27
N SER B 530 46.45 -35.83 -29.53
CA SER B 530 47.84 -36.17 -29.76
C SER B 530 48.36 -35.45 -31.00
N THR B 531 49.59 -34.98 -30.93
CA THR B 531 50.18 -34.19 -32.00
C THR B 531 50.37 -35.03 -33.25
N PHE B 532 50.10 -34.43 -34.40
CA PHE B 532 50.36 -35.05 -35.69
C PHE B 532 51.29 -34.17 -36.50
N ALA B 533 52.16 -34.79 -37.29
CA ALA B 533 53.14 -34.07 -38.08
C ALA B 533 52.69 -34.04 -39.54
N ILE B 534 52.61 -32.83 -40.09
CA ILE B 534 52.28 -32.67 -41.51
C ILE B 534 53.43 -33.22 -42.35
N PRO B 535 53.17 -34.01 -43.39
CA PRO B 535 54.25 -34.51 -44.25
C PRO B 535 54.97 -33.39 -44.99
N GLN B 536 56.07 -33.75 -45.64
CA GLN B 536 57.05 -32.77 -46.09
C GLN B 536 56.50 -31.88 -47.19
N GLU B 537 55.92 -32.46 -48.24
CA GLU B 537 55.48 -31.66 -49.37
C GLU B 537 54.20 -30.89 -49.08
N LEU B 538 53.48 -31.25 -48.02
CA LEU B 538 52.26 -30.56 -47.64
C LEU B 538 52.51 -29.37 -46.74
N GLU B 539 53.77 -29.20 -46.28
CA GLU B 539 54.11 -28.05 -45.46
C GLU B 539 53.92 -26.75 -46.24
N LYS B 540 54.30 -26.74 -47.52
CA LYS B 540 54.11 -25.57 -48.35
C LYS B 540 52.63 -25.22 -48.47
N SER B 541 51.78 -26.23 -48.66
CA SER B 541 50.36 -25.99 -48.77
C SER B 541 49.77 -25.43 -47.48
N VAL B 542 50.14 -26.02 -46.34
CA VAL B 542 49.62 -25.55 -45.05
C VAL B 542 50.09 -24.14 -44.76
N GLN B 543 51.38 -23.86 -44.98
CA GLN B 543 51.91 -22.53 -44.74
C GLN B 543 51.27 -21.50 -45.65
N MET B 544 51.07 -21.84 -46.93
CA MET B 544 50.47 -20.89 -47.85
C MET B 544 49.00 -20.64 -47.53
N PHE B 545 48.27 -21.67 -47.10
CA PHE B 545 46.89 -21.43 -46.70
C PHE B 545 46.82 -20.59 -45.45
N GLU B 546 47.73 -20.80 -44.50
CA GLU B 546 47.76 -19.94 -43.32
C GLU B 546 48.08 -18.50 -43.70
N LEU B 547 49.02 -18.33 -44.64
CA LEU B 547 49.35 -16.98 -45.11
C LEU B 547 48.16 -16.31 -45.77
N PHE B 548 47.43 -17.06 -46.60
CA PHE B 548 46.22 -16.50 -47.22
C PHE B 548 45.18 -16.16 -46.17
N TYR B 549 45.00 -17.02 -45.19
CA TYR B 549 43.91 -16.82 -44.25
C TYR B 549 44.26 -15.73 -43.24
N SER B 550 45.54 -15.39 -43.12
CA SER B 550 45.98 -14.34 -42.21
C SER B 550 46.19 -13.00 -42.88
N GLN B 551 46.56 -12.95 -44.16
CA GLN B 551 46.78 -11.67 -44.82
C GLN B 551 45.53 -11.14 -45.52
N HIS B 552 44.64 -12.02 -45.96
CA HIS B 552 43.40 -11.59 -46.57
C HIS B 552 42.24 -11.62 -45.58
N PHE B 553 42.49 -12.04 -44.35
CA PHE B 553 41.41 -12.27 -43.42
C PHE B 553 42.02 -12.29 -42.03
N SER B 554 41.23 -11.98 -41.01
CA SER B 554 41.84 -11.51 -39.77
C SER B 554 41.25 -12.19 -38.55
N GLY B 555 42.11 -12.36 -37.54
CA GLY B 555 41.70 -12.62 -36.17
C GLY B 555 41.30 -14.04 -35.84
N ARG B 556 41.48 -14.98 -36.74
CA ARG B 556 40.97 -16.33 -36.54
C ARG B 556 42.09 -17.35 -36.72
N LYS B 557 42.15 -18.31 -35.81
CA LYS B 557 43.20 -19.31 -35.79
C LYS B 557 42.67 -20.65 -36.27
N LEU B 558 43.32 -21.22 -37.28
CA LEU B 558 42.96 -22.53 -37.75
C LEU B 558 43.34 -23.61 -36.75
N THR B 559 42.66 -24.75 -36.86
CA THR B 559 42.96 -25.96 -36.09
C THR B 559 42.88 -27.11 -37.07
N TRP B 560 44.02 -27.47 -37.66
CA TRP B 560 44.05 -28.55 -38.63
C TRP B 560 43.82 -29.87 -37.93
N LEU B 561 42.56 -30.30 -37.87
CA LEU B 561 42.19 -31.36 -36.95
C LEU B 561 42.71 -32.72 -37.40
N HIS B 562 42.79 -32.96 -38.71
CA HIS B 562 43.39 -34.16 -39.30
C HIS B 562 42.64 -35.45 -38.93
N TYR B 563 41.57 -35.33 -38.15
CA TYR B 563 40.79 -36.49 -37.75
C TYR B 563 40.02 -37.09 -38.92
N LEU B 564 39.74 -36.28 -39.94
CA LEU B 564 38.89 -36.68 -41.05
C LEU B 564 39.38 -36.11 -42.38
N CYS B 565 40.66 -35.80 -42.48
CA CYS B 565 41.24 -35.35 -43.73
C CYS B 565 41.42 -36.50 -44.71
N THR B 566 41.41 -36.17 -46.00
CA THR B 566 41.61 -37.14 -47.07
C THR B 566 42.60 -36.61 -48.08
N GLY B 567 43.27 -37.53 -48.78
CA GLY B 567 44.17 -37.16 -49.85
C GLY B 567 44.48 -38.35 -50.72
N GLU B 568 44.66 -38.10 -52.01
CA GLU B 568 44.82 -39.16 -53.00
C GLU B 568 46.30 -39.35 -53.30
N VAL B 569 46.89 -40.36 -52.67
CA VAL B 569 48.28 -40.71 -52.91
C VAL B 569 48.38 -41.53 -54.19
N LYS B 570 49.29 -41.14 -55.07
CA LYS B 570 49.56 -41.89 -56.29
C LYS B 570 50.80 -42.75 -56.08
N MET B 571 50.69 -44.03 -56.42
CA MET B 571 51.78 -44.97 -56.28
C MET B 571 52.36 -45.27 -57.66
N ASN B 572 53.69 -45.19 -57.78
CA ASN B 572 54.34 -45.33 -59.07
C ASN B 572 55.55 -46.26 -58.97
N TYR B 573 55.44 -47.32 -58.16
CA TYR B 573 56.48 -48.33 -58.13
C TYR B 573 56.09 -49.62 -58.83
N LEU B 574 54.80 -49.96 -58.83
CA LEU B 574 54.31 -51.10 -59.61
C LEU B 574 53.82 -50.66 -60.98
N GLY B 575 54.66 -49.91 -61.70
CA GLY B 575 54.29 -49.38 -63.00
C GLY B 575 53.14 -48.41 -62.97
N LYS B 576 53.10 -47.55 -61.96
CA LYS B 576 52.01 -46.61 -61.73
C LYS B 576 50.62 -47.28 -61.76
N PRO B 577 50.38 -48.28 -60.88
CA PRO B 577 49.14 -49.05 -61.00
C PRO B 577 47.87 -48.27 -60.68
N TYR B 578 47.75 -47.71 -59.47
CA TYR B 578 46.50 -47.16 -59.00
C TYR B 578 46.76 -45.94 -58.14
N VAL B 579 45.68 -45.22 -57.83
CA VAL B 579 45.69 -44.09 -56.91
C VAL B 579 44.77 -44.42 -55.74
N ALA B 580 45.22 -44.14 -54.52
CA ALA B 580 44.48 -44.50 -53.32
C ALA B 580 44.16 -43.24 -52.53
N MET B 581 42.88 -43.00 -52.28
CA MET B 581 42.45 -41.90 -51.42
C MET B 581 42.43 -42.40 -49.97
N VAL B 582 43.21 -41.75 -49.12
CA VAL B 582 43.49 -42.24 -47.78
C VAL B 582 43.28 -41.11 -46.77
N THR B 583 43.19 -41.50 -45.50
CA THR B 583 43.23 -40.53 -44.41
C THR B 583 44.66 -40.03 -44.26
N THR B 584 44.80 -38.81 -43.70
CA THR B 584 46.10 -38.14 -43.68
C THR B 584 47.13 -38.90 -42.86
N TYR B 585 46.70 -39.65 -41.85
CA TYR B 585 47.65 -40.51 -41.14
C TYR B 585 48.18 -41.60 -42.07
N GLN B 586 47.31 -42.16 -42.91
CA GLN B 586 47.74 -43.18 -43.86
C GLN B 586 48.72 -42.62 -44.88
N MET B 587 48.47 -41.40 -45.37
CA MET B 587 49.47 -40.82 -46.27
C MET B 587 50.73 -40.45 -45.52
N ALA B 588 50.64 -40.18 -44.22
CA ALA B 588 51.84 -39.92 -43.44
C ALA B 588 52.72 -41.16 -43.37
N VAL B 589 52.11 -42.32 -43.09
CA VAL B 589 52.91 -43.53 -43.06
C VAL B 589 53.37 -43.92 -44.47
N LEU B 590 52.62 -43.53 -45.50
CA LEU B 590 53.06 -43.81 -46.87
C LEU B 590 54.28 -42.96 -47.25
N LEU B 591 54.30 -41.69 -46.85
CA LEU B 591 55.52 -40.89 -47.04
C LEU B 591 56.65 -41.39 -46.15
N ALA B 592 56.34 -42.02 -45.03
CA ALA B 592 57.38 -42.72 -44.28
C ALA B 592 57.95 -43.87 -45.09
N PHE B 593 57.09 -44.62 -45.78
CA PHE B 593 57.53 -45.67 -46.68
C PHE B 593 58.30 -45.12 -47.88
N ASN B 594 58.06 -43.87 -48.24
CA ASN B 594 58.75 -43.27 -49.39
C ASN B 594 60.27 -43.21 -49.18
N ASN B 595 60.71 -43.06 -47.93
CA ASN B 595 62.14 -43.02 -47.65
C ASN B 595 62.80 -44.37 -47.94
N SER B 596 62.23 -45.44 -47.39
CA SER B 596 62.77 -46.79 -47.60
C SER B 596 61.62 -47.79 -47.47
N GLU B 597 61.83 -48.97 -48.05
CA GLU B 597 60.77 -49.97 -48.09
C GLU B 597 60.40 -50.44 -46.69
N THR B 598 61.39 -50.88 -45.91
CA THR B 598 61.14 -51.33 -44.55
C THR B 598 61.22 -50.15 -43.59
N VAL B 599 60.43 -50.24 -42.51
CA VAL B 599 60.32 -49.18 -41.52
C VAL B 599 60.39 -49.80 -40.13
N SER B 600 60.22 -48.96 -39.11
CA SER B 600 60.16 -49.39 -37.73
C SER B 600 59.15 -48.53 -36.99
N TYR B 601 58.68 -49.06 -35.86
CA TYR B 601 57.68 -48.37 -35.04
C TYR B 601 58.19 -47.01 -34.58
N LYS B 602 59.37 -47.00 -33.96
CA LYS B 602 59.95 -45.75 -33.48
C LYS B 602 60.26 -44.80 -34.62
N GLU B 603 60.58 -45.33 -35.80
CA GLU B 603 60.70 -44.48 -36.98
C GLU B 603 59.37 -43.81 -37.31
N LEU B 604 58.27 -44.55 -37.15
CA LEU B 604 56.95 -43.97 -37.42
C LEU B 604 56.62 -42.88 -36.42
N GLN B 605 56.97 -43.05 -35.15
CA GLN B 605 56.74 -41.95 -34.21
C GLN B 605 57.69 -40.78 -34.42
N ASP B 606 58.92 -41.01 -34.86
CA ASP B 606 59.77 -39.83 -35.09
C ASP B 606 59.48 -39.16 -36.43
N SER B 607 58.74 -39.81 -37.32
CA SER B 607 58.35 -39.19 -38.58
C SER B 607 56.97 -38.55 -38.55
N THR B 608 56.01 -39.14 -37.82
CA THR B 608 54.64 -38.65 -37.82
C THR B 608 54.17 -38.10 -36.48
N GLN B 609 54.85 -38.42 -35.38
CA GLN B 609 54.59 -37.94 -34.03
C GLN B 609 53.23 -38.37 -33.49
N MET B 610 52.51 -39.23 -34.19
CA MET B 610 51.19 -39.65 -33.77
C MET B 610 51.28 -40.64 -32.59
N ASN B 611 50.15 -40.83 -31.93
CA ASN B 611 50.09 -41.74 -30.80
C ASN B 611 49.94 -43.18 -31.29
N GLU B 612 49.92 -44.12 -30.34
CA GLU B 612 49.92 -45.54 -30.69
C GLU B 612 48.56 -46.02 -31.17
N LYS B 613 47.47 -45.42 -30.70
CA LYS B 613 46.14 -45.91 -31.06
C LYS B 613 45.82 -45.63 -32.52
N GLU B 614 46.04 -44.39 -32.96
CA GLU B 614 45.80 -44.03 -34.35
C GLU B 614 46.75 -44.75 -35.27
N LEU B 615 48.01 -44.93 -34.84
CA LEU B 615 48.97 -45.67 -35.64
C LEU B 615 48.55 -47.13 -35.78
N THR B 616 48.03 -47.72 -34.70
CA THR B 616 47.52 -49.09 -34.75
C THR B 616 46.34 -49.19 -35.69
N LYS B 617 45.44 -48.20 -35.64
CA LYS B 617 44.28 -48.19 -36.54
C LYS B 617 44.71 -48.11 -38.00
N THR B 618 45.66 -47.24 -38.31
CA THR B 618 46.12 -47.11 -39.69
C THR B 618 46.89 -48.35 -40.15
N ILE B 619 47.66 -48.96 -39.24
CA ILE B 619 48.37 -50.19 -39.57
C ILE B 619 47.38 -51.30 -39.87
N LYS B 620 46.32 -51.41 -39.06
CA LYS B 620 45.29 -52.42 -39.31
C LYS B 620 44.55 -52.15 -40.62
N SER B 621 44.29 -50.87 -40.92
CA SER B 621 43.62 -50.53 -42.16
C SER B 621 44.47 -50.89 -43.38
N LEU B 622 45.76 -50.58 -43.34
CA LEU B 622 46.62 -50.92 -44.47
C LEU B 622 46.89 -52.42 -44.54
N LEU B 623 46.85 -53.11 -43.41
CA LEU B 623 47.09 -54.55 -43.38
C LEU B 623 45.90 -55.34 -43.88
N ASP B 624 44.68 -54.91 -43.55
CA ASP B 624 43.50 -55.56 -44.09
C ASP B 624 43.41 -55.40 -45.61
N VAL B 625 43.76 -54.21 -46.10
CA VAL B 625 43.87 -53.98 -47.53
C VAL B 625 45.05 -54.77 -48.11
N LYS B 626 46.06 -55.05 -47.27
CA LYS B 626 47.33 -55.65 -47.69
C LYS B 626 48.06 -54.80 -48.70
N MET B 627 47.87 -53.48 -48.63
CA MET B 627 48.71 -52.57 -49.38
C MET B 627 50.15 -52.59 -48.86
N ILE B 628 50.31 -52.81 -47.56
CA ILE B 628 51.62 -52.97 -46.94
C ILE B 628 51.59 -54.25 -46.12
N ASN B 629 52.46 -55.20 -46.45
CA ASN B 629 52.52 -56.45 -45.73
C ASN B 629 53.34 -56.29 -44.45
N HIS B 630 53.04 -57.14 -43.47
CA HIS B 630 53.73 -57.13 -42.18
C HIS B 630 54.73 -58.27 -42.12
N ASP B 631 55.99 -57.95 -41.81
CA ASP B 631 57.06 -58.93 -41.89
C ASP B 631 57.29 -59.69 -40.60
N SER B 632 56.76 -59.22 -39.47
CA SER B 632 56.98 -59.92 -38.22
C SER B 632 56.05 -61.13 -38.11
N GLU B 633 56.22 -61.89 -37.03
CA GLU B 633 55.45 -63.11 -36.84
C GLU B 633 53.97 -62.80 -36.61
N LYS B 634 53.67 -61.90 -35.67
CA LYS B 634 52.30 -61.61 -35.30
C LYS B 634 51.85 -60.29 -35.93
N GLU B 635 50.61 -60.27 -36.40
CA GLU B 635 50.08 -59.16 -37.20
C GLU B 635 49.57 -58.00 -36.36
N ASP B 636 49.61 -58.11 -35.03
CA ASP B 636 49.07 -57.09 -34.15
C ASP B 636 50.08 -55.94 -34.01
N ILE B 637 49.84 -55.06 -33.04
CA ILE B 637 50.79 -53.99 -32.73
C ILE B 637 52.10 -54.60 -32.24
N ASP B 638 53.21 -54.08 -32.75
CA ASP B 638 54.53 -54.60 -32.43
C ASP B 638 55.42 -53.47 -31.93
N ALA B 639 56.27 -53.79 -30.96
CA ALA B 639 57.20 -52.81 -30.41
C ALA B 639 58.21 -52.35 -31.47
N GLU B 640 58.67 -53.29 -32.30
CA GLU B 640 59.60 -52.96 -33.38
C GLU B 640 58.85 -52.55 -34.65
N SER B 641 57.83 -53.33 -35.03
CA SER B 641 56.99 -53.08 -36.19
C SER B 641 57.83 -52.91 -37.46
N SER B 642 58.64 -53.93 -37.74
CA SER B 642 59.50 -53.93 -38.92
C SER B 642 58.74 -54.59 -40.06
N PHE B 643 58.23 -53.77 -40.97
CA PHE B 643 57.53 -54.28 -42.15
C PHE B 643 57.90 -53.43 -43.35
N SER B 644 57.90 -54.05 -44.52
CA SER B 644 58.34 -53.44 -45.76
C SER B 644 57.15 -53.25 -46.70
N LEU B 645 57.45 -52.77 -47.91
CA LEU B 645 56.43 -52.58 -48.92
C LEU B 645 55.93 -53.92 -49.42
N ASN B 646 54.64 -53.97 -49.76
CA ASN B 646 54.02 -55.19 -50.29
C ASN B 646 54.05 -55.12 -51.82
N MET B 647 54.90 -55.95 -52.43
CA MET B 647 54.98 -56.04 -53.88
C MET B 647 53.97 -57.02 -54.45
N ASN B 648 53.18 -57.69 -53.60
CA ASN B 648 52.17 -58.64 -54.06
C ASN B 648 50.80 -58.02 -54.23
N PHE B 649 50.68 -56.71 -54.07
CA PHE B 649 49.39 -56.02 -54.24
C PHE B 649 49.02 -56.02 -55.71
N SER B 650 47.96 -56.75 -56.06
CA SER B 650 47.53 -56.94 -57.44
C SER B 650 46.02 -56.74 -57.55
N SER B 651 45.52 -55.62 -57.01
CA SER B 651 44.10 -55.33 -57.06
C SER B 651 43.67 -54.96 -58.48
N LYS B 652 42.40 -54.62 -58.63
CA LYS B 652 41.83 -54.32 -59.93
C LYS B 652 41.27 -52.91 -60.06
N ARG B 653 40.70 -52.35 -59.00
CA ARG B 653 40.13 -51.00 -59.08
C ARG B 653 41.25 -49.97 -59.17
N THR B 654 41.09 -49.01 -60.09
CA THR B 654 42.10 -47.98 -60.30
C THR B 654 42.08 -46.90 -59.23
N LYS B 655 41.04 -46.84 -58.40
CA LYS B 655 40.91 -45.84 -57.35
C LYS B 655 40.51 -46.49 -56.04
N PHE B 656 41.09 -47.65 -55.73
CA PHE B 656 40.77 -48.34 -54.49
C PHE B 656 41.29 -47.56 -53.29
N LYS B 657 40.49 -47.51 -52.23
CA LYS B 657 40.79 -46.70 -51.07
C LYS B 657 41.04 -47.56 -49.85
N ILE B 658 41.66 -46.96 -48.84
CA ILE B 658 41.87 -47.59 -47.55
C ILE B 658 41.05 -46.77 -46.56
N THR B 659 39.94 -46.21 -47.04
CA THR B 659 39.01 -45.44 -46.22
C THR B 659 37.64 -46.08 -46.32
N THR B 660 37.21 -46.71 -45.23
CA THR B 660 35.88 -47.30 -45.14
C THR B 660 35.04 -46.67 -44.04
N SER B 661 35.56 -45.66 -43.34
CA SER B 661 34.83 -44.98 -42.28
C SER B 661 33.97 -43.85 -42.83
N MET B 662 33.18 -44.15 -43.86
CA MET B 662 32.33 -43.14 -44.47
C MET B 662 31.17 -42.78 -43.56
N GLN B 663 30.52 -43.79 -42.98
CA GLN B 663 29.39 -43.58 -42.07
C GLN B 663 29.72 -44.03 -40.66
N LYS B 664 30.08 -45.30 -40.48
CA LYS B 664 30.37 -45.92 -39.18
C LYS B 664 29.24 -45.69 -38.18
N ASP B 665 29.40 -44.68 -37.32
CA ASP B 665 28.45 -44.37 -36.24
C ASP B 665 28.27 -45.57 -35.32
N THR B 666 29.37 -45.93 -34.66
CA THR B 666 29.36 -47.04 -33.71
C THR B 666 28.45 -46.70 -32.53
N PRO B 667 27.85 -47.71 -31.89
CA PRO B 667 27.04 -47.44 -30.70
C PRO B 667 27.79 -46.75 -29.57
N GLN B 668 29.12 -46.91 -29.51
CA GLN B 668 29.90 -46.13 -28.56
C GLN B 668 29.78 -44.64 -28.85
N GLU B 669 29.84 -44.26 -30.13
CA GLU B 669 29.66 -42.86 -30.50
C GLU B 669 28.25 -42.38 -30.18
N MET B 670 27.26 -43.24 -30.41
CA MET B 670 25.87 -42.86 -30.11
C MET B 670 25.66 -42.63 -28.63
N GLU B 671 26.18 -43.51 -27.77
CA GLU B 671 26.03 -43.30 -26.35
C GLU B 671 26.89 -42.14 -25.86
N GLN B 672 28.02 -41.86 -26.54
CA GLN B 672 28.81 -40.69 -26.20
C GLN B 672 28.03 -39.40 -26.47
N THR B 673 27.37 -39.33 -27.63
CA THR B 673 26.55 -38.17 -27.94
C THR B 673 25.35 -38.07 -27.00
N ARG B 674 24.76 -39.21 -26.63
CA ARG B 674 23.67 -39.20 -25.65
C ARG B 674 24.15 -38.69 -24.31
N SER B 675 25.35 -39.08 -23.89
CA SER B 675 25.91 -38.60 -22.64
C SER B 675 26.19 -37.11 -22.70
N ALA B 676 26.67 -36.62 -23.84
CA ALA B 676 26.92 -35.18 -23.98
C ALA B 676 25.63 -34.39 -23.91
N VAL B 677 24.58 -34.88 -24.58
CA VAL B 677 23.28 -34.21 -24.50
C VAL B 677 22.73 -34.26 -23.08
N ASP B 678 22.93 -35.39 -22.39
CA ASP B 678 22.49 -35.48 -21.00
C ASP B 678 23.25 -34.51 -20.11
N GLU B 679 24.55 -34.32 -20.39
CA GLU B 679 25.35 -33.36 -19.63
C GLU B 679 24.83 -31.95 -19.84
N ASP B 680 24.54 -31.58 -21.09
CA ASP B 680 23.97 -30.27 -21.36
C ASP B 680 22.59 -30.13 -20.74
N ARG B 681 21.83 -31.22 -20.69
CA ARG B 681 20.54 -31.21 -20.03
C ARG B 681 20.70 -30.97 -18.54
N LYS B 682 21.71 -31.57 -17.92
CA LYS B 682 21.99 -31.31 -16.51
C LYS B 682 22.31 -29.85 -16.29
N MET B 683 23.13 -29.26 -17.17
CA MET B 683 23.49 -27.85 -17.03
C MET B 683 22.27 -26.96 -17.13
N TYR B 684 21.47 -27.15 -18.19
CA TYR B 684 20.29 -26.31 -18.39
C TYR B 684 19.27 -26.51 -17.29
N LEU B 685 19.13 -27.74 -16.80
CA LEU B 685 18.14 -28.02 -15.78
C LEU B 685 18.55 -27.43 -14.44
N GLN B 686 19.85 -27.47 -14.12
CA GLN B 686 20.34 -26.79 -12.93
C GLN B 686 20.09 -25.29 -13.02
N ALA B 687 20.35 -24.71 -14.20
CA ALA B 687 20.13 -23.28 -14.38
C ALA B 687 18.67 -22.92 -14.18
N ALA B 688 17.76 -23.72 -14.75
CA ALA B 688 16.33 -23.44 -14.59
C ALA B 688 15.89 -23.59 -13.14
N ILE B 689 16.37 -24.64 -12.46
CA ILE B 689 16.04 -24.87 -11.06
C ILE B 689 16.44 -23.67 -10.22
N VAL B 690 17.67 -23.18 -10.42
CA VAL B 690 18.13 -22.14 -9.53
C VAL B 690 17.56 -20.78 -9.92
N ARG B 691 17.21 -20.55 -11.19
CA ARG B 691 16.58 -19.27 -11.51
C ARG B 691 15.17 -19.21 -10.94
N ILE B 692 14.46 -20.34 -10.97
CA ILE B 692 13.14 -20.40 -10.33
C ILE B 692 13.27 -20.21 -8.83
N MET B 693 14.25 -20.87 -8.22
CA MET B 693 14.43 -20.75 -6.78
C MET B 693 14.79 -19.33 -6.37
N LYS B 694 15.73 -18.70 -7.08
CA LYS B 694 16.09 -17.33 -6.77
C LYS B 694 14.92 -16.38 -7.00
N ALA B 695 14.05 -16.68 -7.95
CA ALA B 695 12.81 -15.92 -8.09
C ALA B 695 11.92 -16.08 -6.86
N ARG B 696 11.85 -17.29 -6.31
CA ARG B 696 10.92 -17.56 -5.22
C ARG B 696 11.56 -17.48 -3.83
N LYS B 697 12.77 -18.04 -3.67
CA LYS B 697 13.59 -18.08 -2.45
C LYS B 697 13.04 -19.04 -1.41
N VAL B 698 11.80 -19.52 -1.61
CA VAL B 698 11.17 -20.56 -0.81
C VAL B 698 10.26 -21.33 -1.75
N LEU B 699 10.42 -22.64 -1.83
CA LEU B 699 9.56 -23.42 -2.70
C LEU B 699 9.34 -24.81 -2.13
N ARG B 700 8.12 -25.32 -2.30
CA ARG B 700 7.85 -26.72 -2.07
C ARG B 700 8.48 -27.55 -3.18
N HIS B 701 8.73 -28.82 -2.88
CA HIS B 701 9.39 -29.71 -3.84
C HIS B 701 8.56 -29.89 -5.10
N ASN B 702 7.29 -30.27 -4.94
CA ASN B 702 6.45 -30.55 -6.10
C ASN B 702 6.14 -29.29 -6.90
N ALA B 703 5.98 -28.16 -6.22
CA ALA B 703 5.81 -26.90 -6.94
C ALA B 703 7.04 -26.58 -7.78
N LEU B 704 8.23 -26.83 -7.23
CA LEU B 704 9.45 -26.61 -7.99
C LEU B 704 9.54 -27.57 -9.17
N ILE B 705 9.12 -28.82 -9.00
CA ILE B 705 9.13 -29.77 -10.11
C ILE B 705 8.21 -29.28 -11.22
N GLN B 706 7.01 -28.85 -10.86
CA GLN B 706 6.07 -28.36 -11.86
C GLN B 706 6.59 -27.11 -12.57
N GLU B 707 7.15 -26.16 -11.81
CA GLU B 707 7.68 -24.95 -12.42
C GLU B 707 8.85 -25.25 -13.35
N VAL B 708 9.73 -26.16 -12.95
CA VAL B 708 10.88 -26.49 -13.78
C VAL B 708 10.43 -27.18 -15.06
N ILE B 709 9.48 -28.11 -14.95
CA ILE B 709 8.96 -28.78 -16.14
C ILE B 709 8.27 -27.78 -17.06
N SER B 710 7.56 -26.81 -16.48
CA SER B 710 6.89 -25.79 -17.30
C SER B 710 7.89 -24.89 -18.01
N GLN B 711 8.94 -24.44 -17.30
CA GLN B 711 9.86 -23.48 -17.89
C GLN B 711 10.79 -24.14 -18.90
N SER B 712 11.30 -25.32 -18.59
CA SER B 712 12.20 -26.01 -19.50
C SER B 712 11.48 -26.78 -20.59
N ARG B 713 10.19 -26.52 -20.79
CA ARG B 713 9.43 -27.19 -21.85
C ARG B 713 9.90 -26.76 -23.24
N ALA B 714 10.63 -25.65 -23.35
CA ALA B 714 11.00 -25.10 -24.64
C ALA B 714 11.91 -26.00 -25.46
N ARG B 715 12.59 -26.95 -24.83
CA ARG B 715 13.51 -27.80 -25.58
C ARG B 715 13.17 -29.27 -25.44
N PHE B 716 12.62 -29.67 -24.30
CA PHE B 716 12.22 -31.05 -24.05
C PHE B 716 11.31 -31.07 -22.84
N ASN B 717 10.95 -32.27 -22.38
CA ASN B 717 10.24 -32.44 -21.12
C ASN B 717 11.08 -33.35 -20.21
N PRO B 718 11.87 -32.78 -19.31
CA PRO B 718 12.76 -33.62 -18.49
C PRO B 718 11.95 -34.41 -17.48
N SER B 719 12.19 -35.72 -17.44
CA SER B 719 11.50 -36.56 -16.48
C SER B 719 12.03 -36.28 -15.08
N ILE B 720 11.20 -36.61 -14.07
CA ILE B 720 11.45 -36.23 -12.69
C ILE B 720 12.76 -36.80 -12.18
N SER B 721 13.26 -37.89 -12.80
CA SER B 721 14.56 -38.43 -12.42
C SER B 721 15.67 -37.41 -12.67
N MET B 722 15.65 -36.72 -13.81
CA MET B 722 16.69 -35.74 -14.08
C MET B 722 16.61 -34.55 -13.12
N ILE B 723 15.39 -34.08 -12.81
CA ILE B 723 15.28 -32.95 -11.90
C ILE B 723 15.72 -33.34 -10.50
N LYS B 724 15.41 -34.56 -10.07
CA LYS B 724 15.87 -35.01 -8.76
C LYS B 724 17.40 -35.12 -8.73
N LYS B 725 18.00 -35.63 -9.81
CA LYS B 725 19.45 -35.70 -9.88
C LYS B 725 20.08 -34.31 -9.84
N CYS B 726 19.50 -33.36 -10.57
CA CYS B 726 20.04 -32.01 -10.59
C CYS B 726 19.87 -31.33 -9.23
N ILE B 727 18.75 -31.57 -8.56
CA ILE B 727 18.55 -31.02 -7.22
C ILE B 727 19.57 -31.60 -6.25
N GLU B 728 19.80 -32.92 -6.32
CA GLU B 728 20.79 -33.51 -5.43
C GLU B 728 22.20 -33.03 -5.73
N VAL B 729 22.50 -32.71 -7.00
CA VAL B 729 23.79 -32.12 -7.32
C VAL B 729 23.88 -30.71 -6.77
N LEU B 730 22.80 -29.94 -6.89
CA LEU B 730 22.80 -28.57 -6.39
C LEU B 730 22.78 -28.50 -4.86
N ILE B 731 22.44 -29.59 -4.18
CA ILE B 731 22.61 -29.57 -2.72
C ILE B 731 24.07 -29.44 -2.36
N ASP B 732 24.94 -30.17 -3.04
CA ASP B 732 26.37 -30.03 -2.80
C ASP B 732 26.89 -28.74 -3.44
N LYS B 733 26.81 -28.64 -4.76
CA LYS B 733 27.30 -27.46 -5.48
C LYS B 733 26.32 -26.32 -5.28
N GLN B 734 26.81 -25.21 -4.74
CA GLN B 734 26.14 -23.90 -4.83
C GLN B 734 24.86 -23.80 -4.01
N TYR B 735 23.84 -23.14 -4.58
CA TYR B 735 22.72 -22.60 -3.80
C TYR B 735 21.49 -23.48 -3.92
N ILE B 736 21.43 -24.50 -3.05
CA ILE B 736 20.14 -25.05 -2.61
C ILE B 736 20.43 -25.84 -1.34
N GLU B 737 19.44 -25.90 -0.45
CA GLU B 737 19.60 -26.61 0.80
C GLU B 737 18.26 -27.17 1.24
N ARG B 738 18.28 -28.35 1.83
CA ARG B 738 17.10 -28.91 2.47
C ARG B 738 16.72 -28.03 3.66
N SER B 739 15.44 -27.74 3.79
CA SER B 739 15.00 -26.95 4.92
C SER B 739 15.03 -27.77 6.20
N GLN B 740 15.05 -27.07 7.33
CA GLN B 740 14.99 -27.73 8.62
C GLN B 740 13.55 -27.98 9.07
N ALA B 741 12.61 -27.18 8.57
CA ALA B 741 11.20 -27.39 8.93
C ALA B 741 10.66 -28.68 8.33
N SER B 742 10.91 -28.89 7.03
CA SER B 742 10.42 -30.08 6.34
C SER B 742 11.50 -30.54 5.36
N ALA B 743 11.25 -31.68 4.72
CA ALA B 743 12.15 -32.23 3.73
C ALA B 743 11.76 -31.85 2.31
N ASP B 744 10.74 -31.02 2.13
CA ASP B 744 10.27 -30.61 0.81
C ASP B 744 10.01 -29.11 0.78
N GLU B 745 10.94 -28.34 1.32
CA GLU B 745 10.83 -26.89 1.44
C GLU B 745 12.13 -26.22 1.01
N TYR B 746 12.60 -26.55 -0.20
CA TYR B 746 13.88 -26.09 -0.70
C TYR B 746 14.02 -24.57 -0.63
N SER B 747 15.21 -24.12 -0.22
CA SER B 747 15.44 -22.71 0.07
C SER B 747 16.72 -22.23 -0.61
N TYR B 748 16.72 -20.96 -0.99
CA TYR B 748 17.86 -20.35 -1.65
C TYR B 748 18.88 -19.87 -0.62
N VAL B 749 20.14 -20.23 -0.84
CA VAL B 749 21.21 -19.77 0.04
C VAL B 749 22.21 -18.94 -0.75
N MET C 1 -46.89 4.82 -59.66
CA MET C 1 -45.63 5.48 -59.33
C MET C 1 -45.84 6.99 -59.23
N TYR C 2 -46.98 7.46 -59.73
CA TYR C 2 -47.31 8.88 -59.72
C TYR C 2 -48.61 9.06 -58.96
N VAL C 3 -48.51 9.55 -57.72
CA VAL C 3 -49.68 9.73 -56.88
C VAL C 3 -50.29 11.11 -57.15
N LYS C 4 -51.58 11.23 -56.86
CA LYS C 4 -52.33 12.44 -57.16
C LYS C 4 -52.71 13.13 -55.85
N LEU C 5 -52.53 14.45 -55.81
CA LEU C 5 -52.81 15.25 -54.62
C LEU C 5 -53.80 16.34 -54.98
N ILE C 6 -55.01 16.23 -54.45
CA ILE C 6 -56.09 17.16 -54.75
C ILE C 6 -56.20 18.17 -53.62
N SER C 7 -56.11 19.45 -53.96
CA SER C 7 -56.27 20.49 -52.97
C SER C 7 -57.74 20.76 -52.70
N SER C 8 -58.00 21.61 -51.71
CA SER C 8 -59.36 22.08 -51.46
C SER C 8 -59.85 23.00 -52.57
N ASP C 9 -58.95 23.56 -53.36
CA ASP C 9 -59.28 24.45 -54.45
C ASP C 9 -59.40 23.73 -55.79
N GLY C 10 -59.24 22.41 -55.81
CA GLY C 10 -59.45 21.62 -57.01
C GLY C 10 -58.21 21.36 -57.83
N HIS C 11 -57.11 22.06 -57.58
CA HIS C 11 -55.91 21.89 -58.38
C HIS C 11 -55.19 20.61 -57.99
N GLU C 12 -54.89 19.77 -58.98
CA GLU C 12 -54.15 18.54 -58.76
C GLU C 12 -52.66 18.78 -58.93
N PHE C 13 -51.85 18.09 -58.13
CA PHE C 13 -50.42 18.31 -58.05
C PHE C 13 -49.66 16.98 -58.08
N ILE C 14 -49.96 16.16 -59.09
CA ILE C 14 -49.35 14.83 -59.22
C ILE C 14 -47.83 14.95 -59.23
N VAL C 15 -47.19 14.21 -58.32
CA VAL C 15 -45.75 14.23 -58.15
C VAL C 15 -45.32 12.78 -58.01
N LYS C 16 -44.01 12.55 -58.15
CA LYS C 16 -43.46 11.20 -58.00
C LYS C 16 -43.74 10.67 -56.60
N ARG C 17 -44.00 9.36 -56.52
CA ARG C 17 -44.35 8.74 -55.24
C ARG C 17 -43.20 8.84 -54.24
N GLU C 18 -41.97 8.64 -54.69
CA GLU C 18 -40.82 8.75 -53.80
C GLU C 18 -40.69 10.17 -53.25
N HIS C 19 -41.03 11.17 -54.07
CA HIS C 19 -41.07 12.53 -53.59
C HIS C 19 -42.20 12.73 -52.58
N ALA C 20 -43.32 12.04 -52.76
CA ALA C 20 -44.49 12.23 -51.91
C ALA C 20 -44.53 11.27 -50.73
N LEU C 21 -43.52 10.42 -50.55
CA LEU C 21 -43.47 9.51 -49.42
C LEU C 21 -42.59 10.03 -48.30
N THR C 22 -42.19 11.29 -48.36
CA THR C 22 -41.43 11.90 -47.27
C THR C 22 -42.31 12.64 -46.28
N SER C 23 -43.63 12.57 -46.44
CA SER C 23 -44.57 13.13 -45.48
C SER C 23 -45.28 12.00 -44.75
N GLY C 24 -45.20 12.02 -43.42
CA GLY C 24 -45.74 10.93 -42.63
C GLY C 24 -47.24 10.78 -42.77
N THR C 25 -47.96 11.90 -42.83
CA THR C 25 -49.40 11.82 -43.03
C THR C 25 -49.74 11.33 -44.43
N ILE C 26 -48.99 11.76 -45.44
CA ILE C 26 -49.17 11.21 -46.77
C ILE C 26 -48.73 9.75 -46.81
N LYS C 27 -47.69 9.41 -46.03
CA LYS C 27 -47.27 8.01 -45.89
C LYS C 27 -48.42 7.15 -45.38
N ALA C 28 -49.16 7.64 -44.40
CA ALA C 28 -50.30 6.87 -43.90
C ALA C 28 -51.47 6.89 -44.89
N MET C 29 -51.71 8.03 -45.54
CA MET C 29 -52.84 8.15 -46.45
C MET C 29 -52.70 7.22 -47.65
N LEU C 30 -51.50 7.13 -48.22
CA LEU C 30 -51.29 6.20 -49.32
C LEU C 30 -51.37 4.75 -48.84
N SER C 31 -50.91 4.48 -47.63
CA SER C 31 -51.04 3.16 -47.02
C SER C 31 -52.46 3.00 -46.47
N GLY C 32 -52.67 1.97 -45.66
CA GLY C 32 -53.97 1.71 -45.11
C GLY C 32 -54.84 0.93 -46.06
N PRO C 33 -56.10 1.31 -46.19
CA PRO C 33 -57.01 0.55 -47.05
C PRO C 33 -56.74 0.78 -48.52
N GLY C 34 -56.16 -0.23 -49.17
CA GLY C 34 -55.95 -0.20 -50.61
C GLY C 34 -54.80 0.67 -51.05
N GLN C 35 -54.10 0.23 -52.12
CA GLN C 35 -53.08 1.04 -52.76
C GLN C 35 -53.26 1.07 -54.28
N PHE C 36 -54.45 0.67 -54.75
CA PHE C 36 -54.78 0.59 -56.18
C PHE C 36 -53.80 -0.30 -56.93
N ALA C 37 -53.70 -0.11 -58.24
CA ALA C 37 -52.75 -0.83 -59.08
C ALA C 37 -51.73 0.16 -59.62
N GLU C 38 -50.46 -0.06 -59.29
CA GLU C 38 -49.29 0.72 -59.70
C GLU C 38 -49.32 2.13 -59.10
N ASN C 39 -50.34 2.46 -58.30
CA ASN C 39 -50.61 3.83 -57.82
C ASN C 39 -50.73 4.80 -59.00
N GLU C 40 -51.40 4.35 -60.06
CA GLU C 40 -51.57 5.19 -61.24
C GLU C 40 -52.45 6.39 -60.95
N THR C 41 -53.52 6.21 -60.18
CA THR C 41 -54.29 7.34 -59.67
C THR C 41 -53.95 7.63 -58.22
N ASN C 42 -54.26 6.69 -57.32
CA ASN C 42 -53.93 6.76 -55.90
C ASN C 42 -54.33 8.11 -55.30
N GLU C 43 -55.51 8.59 -55.68
CA GLU C 43 -55.87 9.98 -55.41
C GLU C 43 -56.21 10.17 -53.93
N VAL C 44 -55.80 11.32 -53.41
CA VAL C 44 -56.12 11.76 -52.05
C VAL C 44 -56.52 13.22 -52.11
N ASN C 45 -57.66 13.56 -51.51
CA ASN C 45 -58.21 14.91 -51.59
C ASN C 45 -57.94 15.63 -50.28
N PHE C 46 -56.92 16.48 -50.28
CA PHE C 46 -56.57 17.30 -49.12
C PHE C 46 -57.57 18.45 -49.05
N ARG C 47 -58.77 18.13 -48.55
CA ARG C 47 -59.90 19.02 -48.66
C ARG C 47 -59.84 20.23 -47.74
N GLU C 48 -58.71 20.46 -47.07
CA GLU C 48 -58.59 21.62 -46.19
C GLU C 48 -57.49 22.58 -46.59
N ILE C 49 -56.33 22.08 -47.01
CA ILE C 49 -55.18 22.94 -47.33
C ILE C 49 -55.44 23.67 -48.64
N PRO C 50 -54.91 24.87 -48.81
CA PRO C 50 -55.10 25.60 -50.07
C PRO C 50 -54.21 25.06 -51.17
N SER C 51 -54.49 25.50 -52.40
CA SER C 51 -53.78 25.00 -53.56
C SER C 51 -52.33 25.48 -53.60
N HIS C 52 -52.09 26.74 -53.25
CA HIS C 52 -50.73 27.26 -53.27
C HIS C 52 -49.86 26.58 -52.23
N VAL C 53 -50.43 26.24 -51.07
CA VAL C 53 -49.68 25.50 -50.06
C VAL C 53 -49.34 24.11 -50.55
N LEU C 54 -50.27 23.46 -51.25
CA LEU C 54 -49.99 22.15 -51.81
C LEU C 54 -48.90 22.21 -52.87
N SER C 55 -48.92 23.27 -53.70
CA SER C 55 -47.85 23.46 -54.67
C SER C 55 -46.51 23.67 -53.96
N LYS C 56 -46.51 24.47 -52.90
CA LYS C 56 -45.28 24.72 -52.15
C LYS C 56 -44.75 23.45 -51.50
N VAL C 57 -45.64 22.60 -50.97
CA VAL C 57 -45.17 21.39 -50.31
C VAL C 57 -44.70 20.36 -51.33
N CYS C 58 -45.27 20.34 -52.54
CA CYS C 58 -44.70 19.51 -53.59
C CYS C 58 -43.32 20.02 -54.01
N MET C 59 -43.17 21.35 -54.07
CA MET C 59 -41.86 21.93 -54.32
C MET C 59 -40.87 21.53 -53.25
N TYR C 60 -41.29 21.54 -51.99
CA TYR C 60 -40.42 21.10 -50.90
C TYR C 60 -40.10 19.62 -51.02
N PHE C 61 -41.04 18.81 -51.48
CA PHE C 61 -40.76 17.39 -51.70
C PHE C 61 -39.63 17.22 -52.69
N THR C 62 -39.71 17.93 -53.82
CA THR C 62 -38.65 17.89 -54.81
C THR C 62 -37.34 18.40 -54.21
N TYR C 63 -37.43 19.47 -53.42
CA TYR C 63 -36.26 20.07 -52.78
C TYR C 63 -35.56 19.08 -51.85
N LYS C 64 -36.33 18.38 -51.04
CA LYS C 64 -35.78 17.44 -50.07
C LYS C 64 -35.20 16.21 -50.76
N VAL C 65 -35.88 15.71 -51.79
CA VAL C 65 -35.34 14.57 -52.54
C VAL C 65 -34.03 14.95 -53.21
N ARG C 66 -33.97 16.15 -53.80
CA ARG C 66 -32.77 16.57 -54.50
C ARG C 66 -31.61 16.84 -53.53
N TYR C 67 -31.89 17.41 -52.37
CA TYR C 67 -30.86 17.81 -51.44
C TYR C 67 -30.99 17.11 -50.10
N THR C 68 -31.25 15.80 -50.12
CA THR C 68 -31.30 15.05 -48.87
C THR C 68 -29.91 14.93 -48.23
N ASN C 69 -28.87 14.70 -49.04
CA ASN C 69 -27.50 14.69 -48.55
C ASN C 69 -26.56 15.33 -49.57
N SER C 70 -27.04 16.31 -50.33
CA SER C 70 -26.29 16.88 -51.44
C SER C 70 -25.19 17.79 -50.90
N SER C 71 -24.14 17.14 -50.37
CA SER C 71 -22.91 17.78 -49.87
C SER C 71 -23.29 18.76 -48.76
N THR C 72 -22.66 19.93 -48.69
CA THR C 72 -23.01 20.95 -47.72
C THR C 72 -23.66 22.18 -48.34
N GLU C 73 -23.49 22.40 -49.64
CA GLU C 73 -24.11 23.54 -50.32
C GLU C 73 -25.53 23.15 -50.70
N ILE C 74 -26.50 23.83 -50.10
CA ILE C 74 -27.91 23.59 -50.39
C ILE C 74 -28.57 24.94 -50.71
N PRO C 75 -29.32 25.05 -51.80
CA PRO C 75 -29.98 26.32 -52.11
C PRO C 75 -31.02 26.67 -51.05
N GLU C 76 -31.14 27.98 -50.80
CA GLU C 76 -32.10 28.46 -49.82
C GLU C 76 -33.51 28.35 -50.38
N PHE C 77 -34.41 27.81 -49.57
CA PHE C 77 -35.80 27.69 -49.99
C PHE C 77 -36.48 29.05 -49.90
N PRO C 78 -36.98 29.61 -51.01
CA PRO C 78 -37.64 30.91 -50.96
C PRO C 78 -39.06 30.78 -50.42
N ILE C 79 -39.38 31.59 -49.41
CA ILE C 79 -40.69 31.57 -48.79
C ILE C 79 -41.19 33.01 -48.70
N ALA C 80 -42.33 33.29 -49.31
CA ALA C 80 -42.94 34.60 -49.18
C ALA C 80 -43.60 34.73 -47.81
N PRO C 81 -43.60 35.93 -47.24
CA PRO C 81 -44.28 36.13 -45.94
C PRO C 81 -45.77 35.82 -45.98
N GLU C 82 -46.45 36.12 -47.08
CA GLU C 82 -47.86 35.82 -47.18
C GLU C 82 -48.14 34.35 -47.39
N ILE C 83 -47.17 33.60 -47.93
CA ILE C 83 -47.34 32.17 -48.15
C ILE C 83 -46.80 31.34 -47.00
N ALA C 84 -46.12 31.96 -46.04
CA ALA C 84 -45.67 31.28 -44.84
C ALA C 84 -46.86 31.09 -43.91
N LEU C 85 -46.59 30.67 -42.67
CA LEU C 85 -47.58 30.45 -41.63
C LEU C 85 -48.57 29.35 -42.04
N GLU C 86 -49.38 29.62 -43.06
CA GLU C 86 -50.30 28.61 -43.57
C GLU C 86 -49.56 27.44 -44.21
N LEU C 87 -48.34 27.67 -44.70
CA LEU C 87 -47.51 26.55 -45.15
C LEU C 87 -47.16 25.64 -44.00
N LEU C 88 -46.80 26.21 -42.85
CA LEU C 88 -46.48 25.44 -41.66
C LEU C 88 -47.73 24.90 -40.96
N MET C 89 -48.80 25.70 -40.97
CA MET C 89 -50.09 25.24 -40.47
C MET C 89 -50.53 23.97 -41.20
N ALA C 90 -50.25 23.89 -42.50
CA ALA C 90 -50.47 22.66 -43.25
C ALA C 90 -49.31 21.69 -43.15
N ALA C 91 -48.13 22.15 -42.71
CA ALA C 91 -47.01 21.23 -42.53
C ALA C 91 -47.22 20.33 -41.32
N ASN C 92 -48.08 20.73 -40.39
CA ASN C 92 -48.60 19.75 -39.43
C ASN C 92 -49.25 18.58 -40.16
N PHE C 93 -50.33 18.87 -40.88
CA PHE C 93 -51.13 17.87 -41.57
C PHE C 93 -50.35 17.17 -42.67
N LEU C 94 -49.18 17.67 -43.03
CA LEU C 94 -48.25 17.02 -43.94
C LEU C 94 -46.90 16.86 -43.27
N ASP C 95 -46.92 16.28 -42.07
CA ASP C 95 -45.75 16.10 -41.22
C ASP C 95 -44.57 15.52 -41.98
N CYS C 96 -43.50 16.29 -42.06
CA CYS C 96 -42.27 15.86 -42.73
C CYS C 96 -41.11 15.82 -41.76
N ASP D 5 -29.79 18.28 -64.68
CA ASP D 5 -30.71 18.33 -63.55
C ASP D 5 -31.73 19.46 -63.73
N VAL D 6 -32.71 19.22 -64.59
CA VAL D 6 -33.75 20.20 -64.88
C VAL D 6 -35.05 19.74 -64.23
N PHE D 7 -35.87 20.71 -63.84
CA PHE D 7 -37.17 20.45 -63.25
C PHE D 7 -38.22 21.21 -64.03
N LEU D 8 -39.45 20.71 -64.02
CA LEU D 8 -40.51 21.30 -64.81
C LEU D 8 -41.85 21.15 -64.09
N MET D 9 -42.73 22.12 -64.30
CA MET D 9 -44.07 22.16 -63.74
C MET D 9 -45.05 22.17 -64.90
N ILE D 10 -45.43 20.99 -65.38
CA ILE D 10 -46.37 20.89 -66.49
C ILE D 10 -47.77 21.15 -65.98
N ARG D 11 -48.47 22.09 -66.61
CA ARG D 11 -49.79 22.49 -66.16
C ARG D 11 -50.82 22.18 -67.25
N ARG D 12 -51.94 21.57 -66.85
CA ARG D 12 -53.07 21.34 -67.73
C ARG D 12 -54.30 21.52 -66.85
N HIS D 13 -54.93 22.69 -66.97
CA HIS D 13 -56.05 23.11 -66.12
C HIS D 13 -55.68 22.99 -64.65
N LYS D 14 -56.47 22.24 -63.88
CA LYS D 14 -56.16 22.01 -62.47
C LYS D 14 -55.01 21.02 -62.30
N THR D 15 -54.83 20.12 -63.26
CA THR D 15 -53.77 19.12 -63.18
C THR D 15 -52.40 19.78 -63.30
N THR D 16 -51.46 19.30 -62.49
CA THR D 16 -50.09 19.82 -62.50
C THR D 16 -49.14 18.68 -62.14
N ILE D 17 -48.08 18.55 -62.92
CA ILE D 17 -47.11 17.47 -62.76
C ILE D 17 -45.73 18.08 -62.55
N PHE D 18 -45.04 17.62 -61.50
CA PHE D 18 -43.66 18.01 -61.24
C PHE D 18 -42.74 16.94 -61.80
N THR D 19 -41.83 17.35 -62.67
CA THR D 19 -41.02 16.42 -63.44
C THR D 19 -39.54 16.76 -63.30
N ASP D 20 -38.72 15.73 -63.10
CA ASP D 20 -37.26 15.87 -63.07
C ASP D 20 -36.68 15.15 -64.27
N ALA D 21 -35.73 15.80 -64.95
CA ALA D 21 -35.04 15.21 -66.08
C ALA D 21 -33.64 15.81 -66.15
N LYS D 22 -32.97 15.61 -67.28
CA LYS D 22 -31.65 16.18 -67.52
C LYS D 22 -31.79 17.42 -68.39
N GLU D 23 -30.91 18.40 -68.15
CA GLU D 23 -30.94 19.63 -68.92
C GLU D 23 -30.63 19.38 -70.39
N SER D 24 -29.65 18.51 -70.67
CA SER D 24 -29.27 18.17 -72.04
C SER D 24 -30.08 16.96 -72.48
N SER D 25 -31.27 17.22 -72.99
CA SER D 25 -32.16 16.17 -73.47
C SER D 25 -33.13 16.79 -74.47
N THR D 26 -34.18 16.04 -74.79
CA THR D 26 -35.23 16.50 -75.71
C THR D 26 -36.59 16.37 -75.03
N VAL D 27 -37.63 16.79 -75.75
CA VAL D 27 -39.00 16.73 -75.24
C VAL D 27 -39.73 15.48 -75.72
N PHE D 28 -39.07 14.63 -76.49
CA PHE D 28 -39.66 13.35 -76.91
C PHE D 28 -40.00 12.49 -75.70
N GLU D 29 -39.03 12.30 -74.80
CA GLU D 29 -39.29 11.54 -73.59
C GLU D 29 -40.22 12.29 -72.63
N LEU D 30 -40.29 13.61 -72.72
CA LEU D 30 -41.28 14.36 -71.95
C LEU D 30 -42.69 14.00 -72.40
N LYS D 31 -42.90 13.95 -73.72
CA LYS D 31 -44.19 13.51 -74.22
C LYS D 31 -44.47 12.07 -73.83
N ARG D 32 -43.44 11.22 -73.84
CA ARG D 32 -43.65 9.82 -73.47
C ARG D 32 -44.01 9.68 -71.99
N ILE D 33 -43.38 10.46 -71.11
CA ILE D 33 -43.71 10.32 -69.70
C ILE D 33 -45.06 10.95 -69.36
N VAL D 34 -45.46 12.03 -70.05
CA VAL D 34 -46.82 12.52 -69.81
C VAL D 34 -47.84 11.56 -70.40
N GLU D 35 -47.47 10.84 -71.45
CA GLU D 35 -48.29 9.73 -71.93
C GLU D 35 -48.44 8.65 -70.86
N GLY D 36 -47.33 8.30 -70.22
CA GLY D 36 -47.37 7.25 -69.20
C GLY D 36 -48.18 7.64 -67.98
N ILE D 37 -48.07 8.90 -67.55
CA ILE D 37 -48.77 9.35 -66.35
C ILE D 37 -50.17 9.85 -66.63
N LEU D 38 -50.56 10.05 -67.89
CA LEU D 38 -51.89 10.53 -68.22
C LEU D 38 -52.78 9.45 -68.83
N LYS D 39 -52.21 8.30 -69.20
CA LYS D 39 -52.96 7.17 -69.76
C LYS D 39 -53.76 7.57 -71.01
N ARG D 40 -53.19 8.47 -71.79
CA ARG D 40 -53.78 8.97 -73.02
C ARG D 40 -52.73 8.91 -74.11
N PRO D 41 -53.15 8.81 -75.38
CA PRO D 41 -52.17 8.81 -76.46
C PRO D 41 -51.39 10.11 -76.49
N PRO D 42 -50.11 10.07 -76.85
CA PRO D 42 -49.24 11.23 -76.63
C PRO D 42 -49.27 12.27 -77.73
N ASP D 43 -49.73 11.93 -78.93
CA ASP D 43 -49.66 12.86 -80.05
C ASP D 43 -50.61 14.04 -79.87
N GLU D 44 -51.70 13.84 -79.11
CA GLU D 44 -52.63 14.94 -78.87
C GLU D 44 -52.02 16.00 -77.95
N GLN D 45 -51.15 15.59 -77.03
CA GLN D 45 -50.54 16.54 -76.11
C GLN D 45 -49.53 17.42 -76.85
N ARG D 46 -49.52 18.71 -76.49
CA ARG D 46 -48.65 19.70 -77.11
C ARG D 46 -48.18 20.65 -76.01
N LEU D 47 -46.90 20.59 -75.67
CA LEU D 47 -46.36 21.44 -74.63
C LEU D 47 -46.34 22.90 -75.09
N TYR D 48 -46.51 23.81 -74.13
CA TYR D 48 -46.50 25.24 -74.40
C TYR D 48 -45.65 25.92 -73.34
N LYS D 49 -44.71 26.76 -73.78
CA LYS D 49 -43.91 27.59 -72.89
C LYS D 49 -44.38 29.03 -73.06
N ASP D 50 -45.10 29.54 -72.06
CA ASP D 50 -45.70 30.87 -72.10
C ASP D 50 -46.62 31.01 -73.32
N ASP D 51 -47.43 29.96 -73.56
CA ASP D 51 -48.43 29.91 -74.62
C ASP D 51 -47.79 30.07 -76.01
N GLN D 52 -46.85 29.18 -76.30
CA GLN D 52 -46.35 29.03 -77.66
C GLN D 52 -45.84 27.60 -77.81
N LEU D 53 -46.03 27.03 -79.01
CA LEU D 53 -45.63 25.66 -79.24
C LEU D 53 -44.12 25.58 -79.47
N LEU D 54 -43.58 24.38 -79.27
CA LEU D 54 -42.16 24.12 -79.50
C LEU D 54 -42.02 22.78 -80.20
N ASP D 55 -40.94 22.63 -80.95
CA ASP D 55 -40.73 21.45 -81.78
C ASP D 55 -40.52 20.22 -80.91
N ASP D 56 -40.99 19.07 -81.42
CA ASP D 56 -40.79 17.80 -80.73
C ASP D 56 -39.34 17.38 -80.71
N GLY D 57 -38.53 17.88 -81.64
CA GLY D 57 -37.09 17.69 -81.61
C GLY D 57 -36.32 18.79 -80.94
N LYS D 58 -36.99 19.87 -80.55
CA LYS D 58 -36.33 20.97 -79.86
C LYS D 58 -35.93 20.54 -78.45
N THR D 59 -34.67 20.83 -78.09
CA THR D 59 -34.18 20.49 -76.77
C THR D 59 -34.85 21.36 -75.71
N LEU D 60 -35.05 20.78 -74.52
CA LEU D 60 -35.65 21.54 -73.43
C LEU D 60 -34.63 22.41 -72.71
N GLY D 61 -33.33 22.25 -73.01
CA GLY D 61 -32.35 23.19 -72.51
C GLY D 61 -32.43 24.55 -73.18
N GLU D 62 -33.05 24.62 -74.35
CA GLU D 62 -33.25 25.87 -75.06
C GLU D 62 -34.73 26.24 -75.20
N CYS D 63 -35.63 25.53 -74.52
CA CYS D 63 -37.04 25.86 -74.59
C CYS D 63 -37.39 27.15 -73.86
N GLY D 64 -36.51 27.63 -72.98
CA GLY D 64 -36.76 28.86 -72.27
C GLY D 64 -36.44 28.79 -70.80
N PHE D 65 -36.01 27.61 -70.35
CA PHE D 65 -35.68 27.39 -68.95
C PHE D 65 -34.37 26.64 -68.84
N THR D 66 -33.56 27.01 -67.85
CA THR D 66 -32.26 26.42 -67.62
C THR D 66 -32.17 25.88 -66.20
N SER D 67 -31.06 25.18 -65.92
CA SER D 67 -30.86 24.58 -64.60
C SER D 67 -30.72 25.63 -63.50
N GLN D 68 -30.37 26.85 -63.84
CA GLN D 68 -30.30 27.93 -62.87
C GLN D 68 -31.60 28.72 -62.78
N THR D 69 -32.58 28.38 -63.60
CA THR D 69 -33.91 28.98 -63.54
C THR D 69 -34.99 27.96 -63.22
N ALA D 70 -34.92 26.78 -63.82
CA ALA D 70 -35.85 25.69 -63.52
C ALA D 70 -35.34 24.91 -62.32
N ARG D 71 -35.43 25.56 -61.17
CA ARG D 71 -34.87 25.06 -59.91
C ARG D 71 -35.76 23.96 -59.35
N PRO D 72 -35.35 23.31 -58.25
CA PRO D 72 -36.28 22.43 -57.52
C PRO D 72 -37.53 23.14 -57.02
N GLN D 73 -37.52 24.46 -56.94
CA GLN D 73 -38.72 25.24 -56.66
C GLN D 73 -39.52 25.36 -57.94
N ALA D 74 -40.50 26.28 -57.98
CA ALA D 74 -41.37 26.46 -59.14
C ALA D 74 -40.56 26.78 -60.39
N PRO D 75 -40.39 25.81 -61.30
CA PRO D 75 -39.47 26.00 -62.43
C PRO D 75 -39.97 26.96 -63.47
N ALA D 76 -41.16 26.69 -63.99
CA ALA D 76 -41.78 27.42 -65.08
C ALA D 76 -43.20 26.92 -65.24
N THR D 77 -44.13 27.83 -65.54
CA THR D 77 -45.54 27.48 -65.71
C THR D 77 -45.77 26.95 -67.11
N VAL D 78 -45.20 25.76 -67.36
CA VAL D 78 -45.34 25.11 -68.67
C VAL D 78 -46.75 24.58 -68.81
N GLY D 79 -47.45 25.03 -69.85
CA GLY D 79 -48.82 24.63 -70.07
C GLY D 79 -48.95 23.42 -70.96
N LEU D 80 -50.07 22.71 -70.79
CA LEU D 80 -50.37 21.54 -71.58
C LEU D 80 -51.88 21.45 -71.79
N ALA D 81 -52.28 20.85 -72.90
CA ALA D 81 -53.68 20.61 -73.17
C ALA D 81 -53.78 19.41 -74.10
N PHE D 82 -54.99 18.87 -74.21
CA PHE D 82 -55.23 17.64 -74.96
C PHE D 82 -55.99 17.95 -76.24
N ARG D 83 -55.39 17.59 -77.37
CA ARG D 83 -56.07 17.75 -78.65
C ARG D 83 -57.17 16.70 -78.79
N ALA D 84 -58.26 17.08 -79.44
CA ALA D 84 -59.37 16.17 -79.66
C ALA D 84 -59.09 15.25 -80.84
N PHE D 88 -54.25 23.25 -82.90
CA PHE D 88 -54.06 22.26 -81.85
C PHE D 88 -55.17 22.28 -80.82
N GLU D 89 -55.08 23.23 -79.89
CA GLU D 89 -55.89 23.23 -78.69
C GLU D 89 -55.85 24.63 -78.08
N ALA D 90 -56.43 24.75 -76.89
CA ALA D 90 -56.46 26.01 -76.16
C ALA D 90 -55.79 25.83 -74.81
N LEU D 91 -54.97 26.81 -74.43
CA LEU D 91 -54.22 26.75 -73.17
C LEU D 91 -55.05 27.42 -72.08
N CYS D 92 -55.88 26.61 -71.40
CA CYS D 92 -56.72 27.09 -70.32
C CYS D 92 -56.06 26.72 -68.98
N ILE D 93 -55.11 27.55 -68.58
CA ILE D 93 -54.36 27.34 -67.35
C ILE D 93 -54.92 28.27 -66.29
N GLU D 94 -55.59 27.70 -65.29
CA GLU D 94 -56.07 28.53 -64.19
C GLU D 94 -54.93 28.91 -63.26
N PRO D 95 -54.91 30.16 -62.78
CA PRO D 95 -53.89 30.54 -61.81
C PRO D 95 -54.16 29.90 -60.46
N PHE D 96 -53.10 29.80 -59.66
CA PHE D 96 -53.22 29.27 -58.31
C PHE D 96 -54.04 30.22 -57.45
N SER D 97 -54.64 29.67 -56.40
CA SER D 97 -55.49 30.47 -55.52
C SER D 97 -54.67 31.55 -54.83
N SER D 98 -55.25 32.74 -54.74
CA SER D 98 -54.54 33.86 -54.13
C SER D 98 -54.41 33.63 -52.63
N PRO D 99 -53.21 33.78 -52.07
CA PRO D 99 -53.08 33.68 -50.62
C PRO D 99 -53.81 34.81 -49.92
N PRO D 100 -54.30 34.58 -48.71
CA PRO D 100 -54.94 35.68 -47.97
C PRO D 100 -53.94 36.77 -47.63
N GLU D 101 -54.45 37.99 -47.53
CA GLU D 101 -53.59 39.14 -47.25
C GLU D 101 -53.00 39.05 -45.85
N LEU D 102 -51.73 39.40 -45.73
CA LEU D 102 -51.04 39.30 -44.46
C LEU D 102 -51.55 40.37 -43.49
N PRO D 103 -51.78 40.02 -42.21
CA PRO D 103 -52.23 40.96 -41.19
C PRO D 103 -51.22 42.08 -40.92
N MET E 1 -25.67 61.17 4.31
CA MET E 1 -24.41 61.13 3.57
C MET E 1 -23.64 59.85 3.89
N GLU E 2 -23.62 58.93 2.92
CA GLU E 2 -22.91 57.67 3.13
C GLU E 2 -21.40 57.86 3.16
N GLY E 3 -20.88 58.84 2.42
CA GLY E 3 -19.47 59.15 2.51
C GLY E 3 -19.08 59.65 3.88
N LEU E 4 -19.90 60.54 4.46
CA LEU E 4 -19.65 61.01 5.82
C LEU E 4 -19.81 59.89 6.83
N ALA E 5 -20.76 58.98 6.59
CA ALA E 5 -20.91 57.82 7.48
C ALA E 5 -19.68 56.93 7.44
N GLY E 6 -19.13 56.70 6.24
CA GLY E 6 -17.90 55.94 6.14
C GLY E 6 -16.72 56.65 6.77
N TYR E 7 -16.67 57.97 6.63
CA TYR E 7 -15.59 58.74 7.24
C TYR E 7 -15.64 58.68 8.77
N VAL E 8 -16.83 58.83 9.35
CA VAL E 8 -16.92 58.76 10.81
C VAL E 8 -16.73 57.32 11.30
N TYR E 9 -17.10 56.32 10.47
CA TYR E 9 -16.80 54.94 10.81
C TYR E 9 -15.30 54.69 10.84
N LYS E 10 -14.56 55.25 9.87
CA LYS E 10 -13.11 55.14 9.88
C LYS E 10 -12.51 55.89 11.07
N ALA E 11 -13.07 57.05 11.41
CA ALA E 11 -12.58 57.81 12.56
C ALA E 11 -12.78 57.06 13.86
N ALA E 12 -13.94 56.42 14.03
CA ALA E 12 -14.19 55.62 15.22
C ALA E 12 -13.44 54.29 15.18
N SER E 13 -13.01 53.85 14.00
CA SER E 13 -12.23 52.62 13.90
C SER E 13 -10.83 52.79 14.48
N GLU E 14 -10.27 53.99 14.41
CA GLU E 14 -8.96 54.28 14.98
C GLU E 14 -9.04 54.78 16.41
N GLY E 15 -10.24 54.93 16.96
CA GLY E 15 -10.38 55.44 18.32
C GLY E 15 -9.95 56.89 18.47
N LYS E 16 -10.22 57.72 17.46
CA LYS E 16 -9.84 59.12 17.48
C LYS E 16 -11.01 59.97 17.93
N VAL E 17 -10.74 60.93 18.81
CA VAL E 17 -11.76 61.79 19.39
C VAL E 17 -11.81 63.14 18.71
N LEU E 18 -10.66 63.79 18.52
CA LEU E 18 -10.64 65.14 17.98
C LEU E 18 -11.04 65.17 16.51
N THR E 19 -10.56 64.22 15.71
CA THR E 19 -10.95 64.18 14.31
C THR E 19 -12.41 63.79 14.15
N LEU E 20 -12.91 62.92 15.02
CA LEU E 20 -14.33 62.59 15.02
C LEU E 20 -15.17 63.81 15.37
N ALA E 21 -14.73 64.59 16.36
CA ALA E 21 -15.45 65.80 16.73
C ALA E 21 -15.43 66.82 15.60
N ALA E 22 -14.30 66.94 14.90
CA ALA E 22 -14.23 67.83 13.75
C ALA E 22 -15.08 67.33 12.59
N LEU E 23 -15.29 66.01 12.51
CA LEU E 23 -16.15 65.42 11.48
C LEU E 23 -17.61 65.33 11.89
N LEU E 24 -17.95 65.60 13.16
CA LEU E 24 -19.30 65.44 13.66
C LEU E 24 -19.76 66.76 14.30
N LEU E 25 -19.45 67.87 13.63
CA LEU E 25 -19.82 69.20 14.10
C LEU E 25 -20.11 70.08 12.88
N ASN E 26 -20.47 71.33 13.16
CA ASN E 26 -20.77 72.34 12.14
C ASN E 26 -21.88 71.87 11.19
N ARG E 27 -22.88 71.20 11.74
CA ARG E 27 -24.00 70.68 10.96
C ARG E 27 -25.27 70.81 11.79
N SER E 28 -26.37 70.35 11.21
CA SER E 28 -27.68 70.41 11.86
C SER E 28 -27.79 69.25 12.86
N GLU E 29 -29.01 68.97 13.31
CA GLU E 29 -29.23 67.88 14.25
C GLU E 29 -29.57 66.56 13.56
N SER E 30 -30.40 66.61 12.51
CA SER E 30 -30.90 65.37 11.90
C SER E 30 -29.77 64.57 11.24
N ASP E 31 -28.88 65.23 10.52
CA ASP E 31 -27.78 64.53 9.87
C ASP E 31 -26.81 63.93 10.90
N ILE E 32 -26.56 64.66 11.99
CA ILE E 32 -25.69 64.15 13.04
C ILE E 32 -26.32 62.94 13.72
N ARG E 33 -27.62 63.00 13.99
CA ARG E 33 -28.32 61.85 14.58
C ARG E 33 -28.30 60.66 13.65
N TYR E 34 -28.46 60.89 12.34
CA TYR E 34 -28.36 59.82 11.36
C TYR E 34 -26.95 59.22 11.35
N LEU E 35 -25.94 60.07 11.45
CA LEU E 35 -24.55 59.59 11.45
C LEU E 35 -24.27 58.73 12.66
N LEU E 36 -24.75 59.13 13.84
CA LEU E 36 -24.52 58.34 15.03
C LEU E 36 -25.46 57.15 15.16
N GLY E 37 -26.53 57.09 14.37
CA GLY E 37 -27.47 56.00 14.48
C GLY E 37 -27.68 55.18 13.22
N TYR E 38 -26.61 54.96 12.46
CA TYR E 38 -26.69 54.15 11.24
C TYR E 38 -25.47 53.25 11.16
N VAL E 39 -25.57 52.25 10.28
CA VAL E 39 -24.53 51.25 10.09
C VAL E 39 -23.83 51.50 8.76
N SER E 40 -22.51 51.39 8.77
CA SER E 40 -21.71 51.46 7.55
C SER E 40 -21.42 50.04 7.07
N GLN E 41 -21.33 49.88 5.75
CA GLN E 41 -21.19 48.57 5.12
C GLN E 41 -19.73 48.38 4.69
N GLN E 42 -19.01 47.52 5.41
CA GLN E 42 -17.64 47.16 5.07
C GLN E 42 -17.56 45.64 4.93
N GLY E 43 -16.91 45.19 3.85
CA GLY E 43 -16.72 43.77 3.63
C GLY E 43 -17.99 42.97 3.48
N GLY E 44 -19.09 43.61 3.07
CA GLY E 44 -20.37 42.94 3.00
C GLY E 44 -21.11 42.85 4.31
N GLN E 45 -20.61 43.47 5.37
CA GLN E 45 -21.27 43.45 6.67
C GLN E 45 -21.54 44.89 7.10
N ARG E 46 -22.75 45.14 7.59
CA ARG E 46 -23.15 46.45 8.07
C ARG E 46 -23.01 46.51 9.59
N SER E 47 -22.30 47.52 10.09
CA SER E 47 -22.09 47.66 11.52
C SER E 47 -22.07 49.13 11.89
N THR E 48 -22.56 49.42 13.09
CA THR E 48 -22.54 50.77 13.62
C THR E 48 -21.10 51.18 13.94
N PRO E 49 -20.78 52.47 13.89
CA PRO E 49 -19.49 52.92 14.45
C PRO E 49 -19.30 52.56 15.91
N LEU E 50 -20.38 52.39 16.68
CA LEU E 50 -20.26 51.86 18.03
C LEU E 50 -19.70 50.45 18.03
N ILE E 51 -20.06 49.65 17.02
CA ILE E 51 -19.55 48.28 16.94
C ILE E 51 -18.05 48.28 16.73
N ILE E 52 -17.54 49.14 15.84
CA ILE E 52 -16.10 49.19 15.61
C ILE E 52 -15.38 49.89 16.75
N ALA E 53 -16.07 50.74 17.52
CA ALA E 53 -15.45 51.33 18.69
C ALA E 53 -15.30 50.30 19.82
N ALA E 54 -16.32 49.46 20.01
CA ALA E 54 -16.25 48.42 21.03
C ALA E 54 -15.39 47.24 20.62
N ARG E 55 -15.29 46.97 19.32
CA ARG E 55 -14.61 45.77 18.85
C ARG E 55 -13.10 45.87 19.02
N ASN E 56 -12.52 47.02 18.69
CA ASN E 56 -11.08 47.22 18.76
C ASN E 56 -10.61 47.71 20.13
N GLY E 57 -11.51 47.76 21.12
CA GLY E 57 -11.14 48.21 22.44
C GLY E 57 -11.13 49.71 22.63
N HIS E 58 -11.53 50.48 21.62
CA HIS E 58 -11.54 51.94 21.70
C HIS E 58 -12.77 52.37 22.50
N ALA E 59 -12.64 52.27 23.82
CA ALA E 59 -13.73 52.62 24.72
C ALA E 59 -13.76 54.10 25.09
N LYS E 60 -12.62 54.79 25.01
CA LYS E 60 -12.60 56.21 25.36
C LYS E 60 -13.38 57.04 24.35
N VAL E 61 -13.25 56.72 23.05
CA VAL E 61 -13.93 57.51 22.03
C VAL E 61 -15.45 57.32 22.12
N VAL E 62 -15.91 56.09 22.36
CA VAL E 62 -17.35 55.87 22.50
C VAL E 62 -17.84 56.43 23.84
N ARG E 63 -16.99 56.44 24.87
CA ARG E 63 -17.36 57.06 26.13
C ARG E 63 -17.58 58.56 25.96
N LEU E 64 -16.68 59.22 25.22
CA LEU E 64 -16.85 60.65 24.98
C LEU E 64 -17.99 60.92 24.01
N LEU E 65 -18.29 59.97 23.12
CA LEU E 65 -19.49 60.08 22.30
C LEU E 65 -20.75 60.03 23.16
N LEU E 66 -20.76 59.15 24.17
CA LEU E 66 -21.86 59.14 25.12
C LEU E 66 -21.89 60.40 25.97
N GLU E 67 -20.72 61.00 26.22
CA GLU E 67 -20.68 62.26 26.95
C GLU E 67 -21.16 63.42 26.09
N HIS E 68 -20.70 63.49 24.84
CA HIS E 68 -20.99 64.62 23.97
C HIS E 68 -22.34 64.51 23.25
N TYR E 69 -22.97 63.35 23.26
CA TYR E 69 -24.23 63.15 22.57
C TYR E 69 -25.11 62.22 23.41
N ARG E 70 -26.25 61.83 22.85
CA ARG E 70 -27.16 60.89 23.49
C ARG E 70 -27.37 59.67 22.60
N VAL E 71 -26.29 59.17 22.01
CA VAL E 71 -26.37 58.03 21.10
C VAL E 71 -26.69 56.77 21.90
N GLN E 72 -27.60 55.96 21.36
CA GLN E 72 -28.04 54.75 22.03
C GLN E 72 -27.21 53.55 21.56
N THR E 73 -27.24 52.49 22.37
CA THR E 73 -26.61 51.22 22.04
C THR E 73 -27.62 50.19 21.54
N GLN E 74 -28.81 50.65 21.13
CA GLN E 74 -29.85 49.77 20.61
C GLN E 74 -29.80 49.63 19.09
N GLN E 75 -28.75 50.13 18.45
CA GLN E 75 -28.66 50.06 17.00
C GLN E 75 -28.49 48.62 16.54
N THR E 76 -29.18 48.29 15.45
CA THR E 76 -29.19 46.92 14.95
C THR E 76 -27.89 46.62 14.20
N GLY E 77 -27.23 45.54 14.59
CA GLY E 77 -26.01 45.11 13.93
C GLY E 77 -25.83 43.61 13.96
N THR E 78 -24.67 43.13 13.50
CA THR E 78 -24.41 41.70 13.45
C THR E 78 -24.19 41.15 14.87
N VAL E 79 -23.92 39.85 14.95
CA VAL E 79 -23.63 39.24 16.24
C VAL E 79 -22.11 39.13 16.43
N ARG E 80 -21.42 38.42 15.53
CA ARG E 80 -19.98 38.25 15.56
C ARG E 80 -19.50 38.08 14.12
N PHE E 81 -18.27 37.57 13.97
CA PHE E 81 -17.73 37.22 12.66
C PHE E 81 -17.21 35.78 12.63
N ASP E 82 -17.61 34.95 13.59
CA ASP E 82 -17.13 33.57 13.70
C ASP E 82 -18.06 32.60 12.98
N GLY E 83 -18.33 32.86 11.70
CA GLY E 83 -19.19 32.00 10.92
C GLY E 83 -20.67 32.20 11.12
N TYR E 84 -21.08 33.29 11.77
CA TYR E 84 -22.49 33.60 11.96
C TYR E 84 -22.91 34.80 11.12
N VAL E 85 -22.25 35.94 11.31
CA VAL E 85 -22.51 37.26 10.70
C VAL E 85 -23.99 37.53 10.39
N ILE E 86 -24.87 37.17 11.32
CA ILE E 86 -26.30 37.46 11.20
C ILE E 86 -26.61 38.72 11.99
N ASP E 87 -27.41 39.60 11.40
CA ASP E 87 -27.72 40.88 12.01
C ASP E 87 -28.89 40.73 12.97
N GLY E 88 -29.40 41.86 13.46
CA GLY E 88 -30.50 41.88 14.40
C GLY E 88 -30.10 42.11 15.84
N ALA E 89 -28.82 41.93 16.17
CA ALA E 89 -28.37 42.13 17.54
C ALA E 89 -28.13 43.61 17.82
N THR E 90 -28.01 43.92 19.10
CA THR E 90 -27.78 45.29 19.54
C THR E 90 -26.28 45.57 19.65
N ALA E 91 -25.95 46.84 19.90
CA ALA E 91 -24.55 47.24 20.00
C ALA E 91 -23.93 46.79 21.32
N LEU E 92 -24.72 46.78 22.41
CA LEU E 92 -24.20 46.30 23.69
C LEU E 92 -23.88 44.81 23.64
N TRP E 93 -24.63 44.05 22.84
CA TRP E 93 -24.31 42.64 22.64
C TRP E 93 -22.93 42.47 22.00
N CYS E 94 -22.61 43.30 21.01
CA CYS E 94 -21.29 43.24 20.39
C CYS E 94 -20.21 43.73 21.36
N ALA E 95 -20.54 44.73 22.18
CA ALA E 95 -19.57 45.22 23.16
C ALA E 95 -19.23 44.15 24.19
N ALA E 96 -20.25 43.41 24.67
CA ALA E 96 -20.00 42.32 25.59
C ALA E 96 -19.28 41.17 24.89
N GLY E 97 -19.63 40.89 23.63
CA GLY E 97 -18.94 39.86 22.88
C GLY E 97 -17.54 40.24 22.44
N ALA E 98 -17.24 41.54 22.39
CA ALA E 98 -15.88 41.98 22.07
C ALA E 98 -14.90 41.54 23.16
N GLY E 99 -15.29 41.65 24.42
CA GLY E 99 -14.47 41.17 25.51
C GLY E 99 -13.70 42.26 26.24
N HIS E 100 -14.34 43.40 26.48
CA HIS E 100 -13.74 44.48 27.23
C HIS E 100 -14.74 44.97 28.27
N PHE E 101 -14.32 45.03 29.53
CA PHE E 101 -15.23 45.43 30.60
C PHE E 101 -15.50 46.93 30.58
N GLU E 102 -14.51 47.74 30.18
CA GLU E 102 -14.68 49.20 30.25
C GLU E 102 -15.76 49.69 29.30
N VAL E 103 -15.79 49.18 28.06
CA VAL E 103 -16.77 49.65 27.09
C VAL E 103 -18.17 49.21 27.50
N VAL E 104 -18.30 48.00 28.04
CA VAL E 104 -19.61 47.52 28.49
C VAL E 104 -20.09 48.35 29.69
N LYS E 105 -19.20 48.65 30.63
CA LYS E 105 -19.62 49.40 31.81
C LYS E 105 -19.97 50.84 31.46
N LEU E 106 -19.28 51.44 30.46
CA LEU E 106 -19.66 52.80 30.08
C LEU E 106 -20.93 52.82 29.24
N LEU E 107 -21.16 51.79 28.42
CA LEU E 107 -22.41 51.73 27.66
C LEU E 107 -23.60 51.48 28.57
N VAL E 108 -23.42 50.66 29.62
CA VAL E 108 -24.49 50.44 30.58
C VAL E 108 -24.73 51.70 31.42
N SER E 109 -23.64 52.36 31.83
CA SER E 109 -23.77 53.56 32.66
C SER E 109 -24.44 54.72 31.93
N HIS E 110 -24.52 54.67 30.60
CA HIS E 110 -25.18 55.70 29.79
C HIS E 110 -26.11 54.98 28.81
N GLY E 111 -27.37 54.83 29.20
CA GLY E 111 -28.33 54.13 28.36
C GLY E 111 -28.12 52.64 28.30
N ALA E 112 -28.37 51.95 29.42
CA ALA E 112 -28.16 50.51 29.48
C ALA E 112 -29.12 49.75 28.57
N ASN E 113 -28.63 48.67 27.98
CA ASN E 113 -29.41 47.78 27.13
C ASN E 113 -29.23 46.33 27.57
N VAL E 114 -29.32 46.10 28.89
CA VAL E 114 -29.11 44.75 29.45
C VAL E 114 -30.34 43.87 29.33
N ASN E 115 -31.42 44.36 28.73
CA ASN E 115 -32.66 43.61 28.58
C ASN E 115 -33.11 43.54 27.12
N HIS E 116 -32.15 43.63 26.20
CA HIS E 116 -32.45 43.61 24.77
C HIS E 116 -32.68 42.17 24.32
N THR E 117 -33.93 41.84 24.01
CA THR E 117 -34.28 40.53 23.46
C THR E 117 -34.26 40.67 21.94
N THR E 118 -33.16 40.25 21.33
CA THR E 118 -32.95 40.42 19.90
C THR E 118 -33.69 39.33 19.13
N VAL E 119 -33.37 39.20 17.84
CA VAL E 119 -33.99 38.19 17.00
C VAL E 119 -33.62 36.79 17.46
N THR E 120 -32.43 36.64 18.06
CA THR E 120 -32.05 35.40 18.71
C THR E 120 -32.41 35.38 20.19
N ASN E 121 -33.08 36.44 20.68
CA ASN E 121 -33.52 36.56 22.07
C ASN E 121 -32.34 36.45 23.04
N SER E 122 -31.22 37.07 22.69
CA SER E 122 -30.01 37.01 23.47
C SER E 122 -29.69 38.41 24.00
N THR E 123 -29.72 38.56 25.32
CA THR E 123 -29.29 39.80 25.94
C THR E 123 -27.77 39.91 25.89
N PRO E 124 -27.22 41.12 26.06
CA PRO E 124 -25.75 41.24 26.16
C PRO E 124 -25.15 40.47 27.34
N LEU E 125 -25.95 40.14 28.35
CA LEU E 125 -25.43 39.27 29.41
C LEU E 125 -25.08 37.89 28.87
N ARG E 126 -25.85 37.40 27.89
CA ARG E 126 -25.49 36.14 27.23
C ARG E 126 -24.18 36.26 26.48
N ALA E 127 -23.94 37.41 25.84
CA ALA E 127 -22.67 37.63 25.16
C ALA E 127 -21.52 37.69 26.16
N ALA E 128 -21.74 38.30 27.32
CA ALA E 128 -20.73 38.31 28.37
C ALA E 128 -20.46 36.91 28.90
N CYS E 129 -21.52 36.11 29.05
CA CYS E 129 -21.36 34.71 29.47
C CYS E 129 -20.56 33.92 28.44
N PHE E 130 -20.80 34.18 27.15
CA PHE E 130 -19.99 33.56 26.11
C PHE E 130 -18.54 34.02 26.22
N ASP E 131 -18.32 35.30 26.50
CA ASP E 131 -16.98 35.77 26.85
C ASP E 131 -16.51 35.15 28.15
N GLY E 132 -17.41 35.02 29.13
CA GLY E 132 -17.10 34.38 30.38
C GLY E 132 -16.39 35.24 31.39
N ARG E 133 -16.26 36.54 31.15
CA ARG E 133 -15.61 37.44 32.10
C ARG E 133 -16.56 37.67 33.26
N LEU E 134 -16.13 37.29 34.47
CA LEU E 134 -17.00 37.36 35.63
C LEU E 134 -17.30 38.79 36.04
N ASP E 135 -16.38 39.72 35.80
CA ASP E 135 -16.60 41.11 36.19
C ASP E 135 -17.77 41.72 35.44
N ILE E 136 -17.87 41.45 34.13
CA ILE E 136 -18.97 41.97 33.33
C ILE E 136 -20.29 41.39 33.80
N VAL E 137 -20.33 40.08 34.05
CA VAL E 137 -21.56 39.41 34.47
C VAL E 137 -22.00 39.93 35.82
N LYS E 138 -21.09 40.06 36.78
CA LYS E 138 -21.47 40.55 38.09
C LYS E 138 -21.84 42.03 38.05
N TYR E 139 -21.27 42.80 37.13
CA TYR E 139 -21.69 44.18 36.96
C TYR E 139 -23.12 44.27 36.43
N LEU E 140 -23.47 43.40 35.47
CA LEU E 140 -24.84 43.37 34.99
C LEU E 140 -25.80 42.82 36.05
N VAL E 141 -25.31 41.97 36.94
CA VAL E 141 -26.08 41.60 38.13
C VAL E 141 -26.33 42.81 39.01
N GLU E 142 -25.29 43.62 39.23
CA GLU E 142 -25.45 44.84 40.02
C GLU E 142 -26.40 45.82 39.36
N ASN E 143 -26.52 45.76 38.03
CA ASN E 143 -27.52 46.55 37.31
C ASN E 143 -28.87 45.85 37.24
N ASN E 144 -29.02 44.70 37.88
CA ASN E 144 -30.27 43.93 37.93
C ASN E 144 -30.75 43.54 36.54
N ALA E 145 -29.92 42.74 35.87
CA ALA E 145 -30.25 42.19 34.56
C ALA E 145 -30.79 40.78 34.73
N ASN E 146 -31.91 40.48 34.07
CA ASN E 146 -32.51 39.17 34.16
C ASN E 146 -31.62 38.12 33.51
N ILE E 147 -31.59 36.93 34.11
CA ILE E 147 -30.74 35.85 33.63
C ILE E 147 -31.52 34.76 32.90
N SER E 148 -32.85 34.81 32.93
CA SER E 148 -33.68 33.77 32.31
C SER E 148 -34.05 34.10 30.87
N ILE E 149 -33.26 34.94 30.20
CA ILE E 149 -33.55 35.29 28.81
C ILE E 149 -33.09 34.16 27.91
N ALA E 150 -34.00 33.25 27.59
CA ALA E 150 -33.67 32.11 26.75
C ALA E 150 -33.39 32.54 25.32
N ASN E 151 -32.45 31.85 24.68
CA ASN E 151 -32.10 32.13 23.29
C ASN E 151 -33.09 31.48 22.33
N LYS E 152 -32.74 31.42 21.05
CA LYS E 152 -33.64 30.87 20.04
C LYS E 152 -33.99 29.42 20.32
N TYR E 153 -33.01 28.63 20.79
CA TYR E 153 -33.24 27.23 21.14
C TYR E 153 -33.44 27.05 22.64
N ASP E 154 -34.09 28.02 23.28
CA ASP E 154 -34.34 28.01 24.73
C ASP E 154 -33.02 27.90 25.51
N ASN E 155 -32.01 28.63 25.05
CA ASN E 155 -30.67 28.57 25.62
C ASN E 155 -30.48 29.74 26.58
N THR E 156 -30.10 29.45 27.81
CA THR E 156 -29.98 30.45 28.86
C THR E 156 -28.51 30.79 29.12
N CYS E 157 -28.29 31.65 30.12
CA CYS E 157 -26.94 32.05 30.48
C CYS E 157 -26.13 30.87 31.02
N LEU E 158 -26.76 30.01 31.82
CA LEU E 158 -26.05 28.88 32.42
C LEU E 158 -25.49 27.95 31.34
N MET E 159 -26.33 27.57 30.38
CA MET E 159 -25.89 26.67 29.32
C MET E 159 -24.86 27.34 28.43
N ILE E 160 -25.03 28.63 28.14
CA ILE E 160 -24.09 29.35 27.29
C ILE E 160 -22.72 29.41 27.94
N ALA E 161 -22.68 29.74 29.24
CA ALA E 161 -21.42 29.85 29.94
C ALA E 161 -20.84 28.50 30.34
N ALA E 162 -21.63 27.43 30.29
CA ALA E 162 -21.12 26.11 30.60
C ALA E 162 -20.67 25.34 29.38
N TYR E 163 -21.17 25.70 28.19
CA TYR E 163 -20.64 25.07 26.98
C TYR E 163 -19.22 25.54 26.69
N LYS E 164 -18.88 26.75 27.09
CA LYS E 164 -17.54 27.28 26.98
C LYS E 164 -16.85 27.24 28.34
N GLY E 165 -15.52 27.27 28.31
CA GLY E 165 -14.74 27.07 29.52
C GLY E 165 -14.70 28.25 30.46
N HIS E 166 -15.84 28.55 31.10
CA HIS E 166 -15.95 29.66 32.05
C HIS E 166 -16.70 29.16 33.27
N THR E 167 -15.96 28.60 34.23
CA THR E 167 -16.57 28.10 35.45
C THR E 167 -16.99 29.20 36.41
N ASP E 168 -16.39 30.39 36.30
CA ASP E 168 -16.67 31.46 37.25
C ASP E 168 -18.09 32.01 37.08
N VAL E 169 -18.50 32.26 35.84
CA VAL E 169 -19.85 32.77 35.60
C VAL E 169 -20.89 31.73 35.98
N VAL E 170 -20.63 30.46 35.64
CA VAL E 170 -21.56 29.39 35.99
C VAL E 170 -21.70 29.26 37.49
N ARG E 171 -20.58 29.33 38.22
CA ARG E 171 -20.64 29.25 39.67
C ARG E 171 -21.39 30.44 40.26
N TYR E 172 -21.10 31.66 39.77
CA TYR E 172 -21.75 32.85 40.30
C TYR E 172 -23.26 32.80 40.07
N LEU E 173 -23.69 32.30 38.91
CA LEU E 173 -25.11 32.09 38.70
C LEU E 173 -25.64 30.97 39.59
N LEU E 174 -24.81 29.97 39.90
CA LEU E 174 -25.25 28.85 40.70
C LEU E 174 -25.57 29.27 42.13
N GLU E 175 -24.75 30.14 42.72
CA GLU E 175 -25.16 30.70 44.00
C GLU E 175 -26.07 31.93 43.86
N GLN E 176 -26.42 32.32 42.65
CA GLN E 176 -27.44 33.32 42.41
C GLN E 176 -28.83 32.70 42.22
N ARG E 177 -28.97 31.41 42.52
CA ARG E 177 -30.21 30.66 42.34
C ARG E 177 -30.68 30.70 40.88
N ALA E 178 -29.84 30.14 40.01
CA ALA E 178 -30.19 29.98 38.60
C ALA E 178 -31.04 28.73 38.45
N ASP E 179 -31.25 28.28 37.22
CA ASP E 179 -32.05 27.09 36.96
C ASP E 179 -31.22 25.84 37.22
N PRO E 180 -31.56 25.01 38.22
CA PRO E 180 -30.83 23.75 38.39
C PRO E 180 -30.98 22.80 37.23
N ASN E 181 -32.13 22.82 36.56
CA ASN E 181 -32.39 22.04 35.36
C ASN E 181 -32.78 23.04 34.28
N ALA E 182 -31.78 23.64 33.65
CA ALA E 182 -32.02 24.64 32.60
C ALA E 182 -32.27 23.90 31.29
N LYS E 183 -33.51 23.50 31.08
CA LYS E 183 -33.87 22.77 29.87
C LYS E 183 -33.85 23.71 28.66
N ALA E 184 -33.64 23.12 27.48
CA ALA E 184 -33.55 23.87 26.24
C ALA E 184 -34.38 23.16 25.18
N HIS E 185 -34.46 23.80 24.00
CA HIS E 185 -35.08 23.14 22.85
C HIS E 185 -34.28 21.92 22.42
N CYS E 186 -32.95 21.99 22.54
CA CYS E 186 -32.10 20.83 22.31
C CYS E 186 -32.25 19.76 23.37
N GLY E 187 -32.90 20.08 24.50
CA GLY E 187 -33.08 19.10 25.55
C GLY E 187 -31.88 18.95 26.46
N ALA E 188 -31.10 20.00 26.65
CA ALA E 188 -29.89 19.94 27.45
C ALA E 188 -30.15 20.43 28.87
N THR E 189 -29.09 20.45 29.68
CA THR E 189 -29.16 20.83 31.08
C THR E 189 -28.04 21.79 31.46
N ALA E 190 -27.06 21.97 30.57
CA ALA E 190 -25.68 22.48 30.71
C ALA E 190 -24.77 21.42 31.31
N LEU E 191 -25.31 20.30 31.81
CA LEU E 191 -24.46 19.15 32.09
C LEU E 191 -24.04 18.49 30.78
N HIS E 192 -24.97 18.39 29.83
CA HIS E 192 -24.62 17.91 28.49
C HIS E 192 -23.62 18.85 27.84
N PHE E 193 -23.81 20.16 27.97
CA PHE E 193 -22.90 21.11 27.36
C PHE E 193 -21.52 21.07 28.01
N ALA E 194 -21.49 20.87 29.33
CA ALA E 194 -20.21 20.69 30.01
C ALA E 194 -19.51 19.41 29.54
N ALA E 195 -20.29 18.35 29.33
CA ALA E 195 -19.71 17.09 28.88
C ALA E 195 -19.23 17.17 27.43
N GLU E 196 -19.86 18.00 26.61
CA GLU E 196 -19.47 18.09 25.21
C GLU E 196 -18.09 18.71 25.03
N ALA E 197 -17.68 19.56 25.96
CA ALA E 197 -16.40 20.24 25.85
C ALA E 197 -15.42 19.89 26.98
N GLY E 198 -15.83 19.08 27.94
CA GLY E 198 -14.93 18.63 28.99
C GLY E 198 -14.43 19.69 29.92
N HIS E 199 -15.27 20.67 30.27
CA HIS E 199 -14.92 21.68 31.25
C HIS E 199 -15.19 21.07 32.62
N ILE E 200 -14.22 20.30 33.11
CA ILE E 200 -14.44 19.42 34.26
C ILE E 200 -14.73 20.21 35.53
N ASP E 201 -14.20 21.44 35.63
CA ASP E 201 -14.53 22.28 36.77
C ASP E 201 -16.00 22.69 36.75
N ILE E 202 -16.53 22.98 35.56
CA ILE E 202 -17.95 23.31 35.45
C ILE E 202 -18.81 22.09 35.77
N VAL E 203 -18.34 20.90 35.39
CA VAL E 203 -19.05 19.68 35.77
C VAL E 203 -19.08 19.53 37.28
N LYS E 204 -17.94 19.82 37.94
CA LYS E 204 -17.90 19.80 39.40
C LYS E 204 -18.86 20.82 39.99
N GLU E 205 -18.94 22.00 39.39
CA GLU E 205 -19.83 23.04 39.89
C GLU E 205 -21.30 22.62 39.78
N LEU E 206 -21.68 22.02 38.64
CA LEU E 206 -23.04 21.56 38.49
C LEU E 206 -23.35 20.37 39.40
N ILE E 207 -22.36 19.52 39.65
CA ILE E 207 -22.57 18.38 40.54
C ILE E 207 -22.75 18.86 41.98
N LYS E 208 -21.99 19.87 42.39
CA LYS E 208 -22.06 20.38 43.75
C LYS E 208 -23.41 21.01 44.07
N TRP E 209 -24.18 21.39 43.06
CA TRP E 209 -25.52 21.93 43.25
C TRP E 209 -26.60 20.93 42.88
N ARG E 210 -26.23 19.71 42.49
CA ARG E 210 -27.16 18.65 42.11
C ARG E 210 -28.07 19.09 40.97
N ALA E 211 -27.45 19.35 39.82
CA ALA E 211 -28.16 19.82 38.63
C ALA E 211 -28.96 18.73 37.94
N ALA E 212 -28.94 17.50 38.48
CA ALA E 212 -29.72 16.35 37.99
C ALA E 212 -29.33 15.94 36.57
N ILE E 213 -29.95 14.87 36.07
CA ILE E 213 -29.64 14.33 34.77
C ILE E 213 -30.94 14.08 34.02
N VAL E 214 -30.99 14.51 32.76
CA VAL E 214 -32.15 14.28 31.90
C VAL E 214 -31.67 13.57 30.64
N VAL E 215 -32.64 13.12 29.85
CA VAL E 215 -32.39 12.42 28.60
C VAL E 215 -32.42 13.42 27.46
N ASN E 216 -31.42 13.39 26.60
CA ASN E 216 -31.36 14.30 25.46
C ASN E 216 -32.42 13.94 24.44
N GLY E 217 -32.56 14.80 23.42
CA GLY E 217 -33.51 14.55 22.36
C GLY E 217 -33.22 13.29 21.57
N HIS E 218 -31.94 12.94 21.44
CA HIS E 218 -31.53 11.72 20.76
C HIS E 218 -31.47 10.51 21.68
N GLY E 219 -31.86 10.66 22.95
CA GLY E 219 -31.80 9.56 23.89
C GLY E 219 -30.47 9.45 24.59
N MET E 220 -30.03 10.51 25.27
CA MET E 220 -28.72 10.53 25.88
C MET E 220 -28.76 11.25 27.22
N THR E 221 -28.27 10.58 28.26
CA THR E 221 -27.96 11.22 29.52
C THR E 221 -26.66 12.00 29.40
N PRO E 222 -26.40 12.96 30.28
CA PRO E 222 -25.11 13.69 30.22
C PRO E 222 -23.91 12.78 30.36
N LEU E 223 -24.04 11.70 31.14
CA LEU E 223 -22.97 10.71 31.22
C LEU E 223 -22.74 10.04 29.87
N LYS E 224 -23.81 9.73 29.15
CA LYS E 224 -23.67 9.13 27.82
C LYS E 224 -23.02 10.10 26.84
N VAL E 225 -23.37 11.39 26.93
CA VAL E 225 -22.75 12.38 26.06
C VAL E 225 -21.27 12.53 26.40
N ALA E 226 -20.93 12.45 27.69
CA ALA E 226 -19.54 12.50 28.09
C ALA E 226 -18.77 11.31 27.54
N ALA E 227 -19.38 10.12 27.60
CA ALA E 227 -18.72 8.93 27.08
C ALA E 227 -18.56 9.00 25.56
N GLU E 228 -19.55 9.55 24.87
CA GLU E 228 -19.48 9.62 23.42
C GLU E 228 -18.38 10.59 22.97
N SER E 229 -18.22 11.71 23.66
CA SER E 229 -17.23 12.71 23.28
C SER E 229 -15.81 12.33 23.69
N CYS E 230 -15.60 11.08 24.13
CA CYS E 230 -14.27 10.55 24.43
C CYS E 230 -13.58 11.34 25.54
N LYS E 231 -14.33 11.70 26.56
CA LYS E 231 -13.83 12.53 27.65
C LYS E 231 -14.01 11.75 28.96
N ALA E 232 -12.92 11.17 29.44
CA ALA E 232 -13.01 10.22 30.55
C ALA E 232 -13.24 10.89 31.89
N ASP E 233 -12.67 12.07 32.12
CA ASP E 233 -12.81 12.73 33.42
C ASP E 233 -14.26 13.14 33.68
N VAL E 234 -14.96 13.56 32.63
CA VAL E 234 -16.37 13.89 32.80
C VAL E 234 -17.17 12.62 33.12
N VAL E 235 -16.76 11.49 32.52
CA VAL E 235 -17.37 10.21 32.87
C VAL E 235 -17.14 9.90 34.35
N GLU E 236 -15.94 10.20 34.85
CA GLU E 236 -15.64 10.00 36.26
C GLU E 236 -16.56 10.82 37.15
N LEU E 237 -16.65 12.12 36.89
CA LEU E 237 -17.45 12.99 37.75
C LEU E 237 -18.94 12.67 37.66
N LEU E 238 -19.43 12.33 36.47
CA LEU E 238 -20.84 11.97 36.35
C LEU E 238 -21.13 10.55 36.82
N LEU E 239 -20.12 9.71 37.00
CA LEU E 239 -20.30 8.40 37.59
C LEU E 239 -20.22 8.44 39.11
N SER E 240 -19.49 9.40 39.67
CA SER E 240 -19.38 9.54 41.11
C SER E 240 -20.59 10.22 41.74
N HIS E 241 -21.54 10.70 40.93
CA HIS E 241 -22.71 11.38 41.47
C HIS E 241 -23.69 10.45 42.15
N ALA E 242 -23.52 9.13 42.01
CA ALA E 242 -24.23 8.05 42.70
C ALA E 242 -25.70 7.93 42.31
N ASP E 243 -26.22 8.82 41.47
CA ASP E 243 -27.57 8.65 40.94
C ASP E 243 -27.54 7.92 39.59
N CYS E 244 -26.85 6.79 39.58
CA CYS E 244 -26.70 5.99 38.37
C CYS E 244 -26.50 4.54 38.77
N ASP E 245 -27.26 3.64 38.16
CA ASP E 245 -27.26 2.25 38.58
C ASP E 245 -26.19 1.46 37.84
N ARG E 246 -26.21 0.14 38.06
CA ARG E 246 -25.23 -0.75 37.45
C ARG E 246 -25.35 -0.74 35.93
N ARG E 247 -26.58 -0.72 35.41
CA ARG E 247 -26.76 -0.69 33.96
C ARG E 247 -26.23 0.59 33.35
N SER E 248 -26.49 1.73 34.01
CA SER E 248 -25.96 3.00 33.51
C SER E 248 -24.44 3.02 33.53
N ARG E 249 -23.85 2.51 34.61
CA ARG E 249 -22.39 2.45 34.70
C ARG E 249 -21.82 1.57 33.60
N ILE E 250 -22.44 0.40 33.36
CA ILE E 250 -21.96 -0.52 32.35
C ILE E 250 -22.04 0.10 30.97
N GLU E 251 -23.19 0.71 30.64
CA GLU E 251 -23.34 1.27 29.31
C GLU E 251 -22.45 2.48 29.11
N ALA E 252 -22.22 3.29 30.15
CA ALA E 252 -21.31 4.41 30.02
C ALA E 252 -19.88 3.95 29.76
N LEU E 253 -19.42 2.94 30.50
CA LEU E 253 -18.07 2.44 30.29
C LEU E 253 -17.93 1.80 28.91
N GLU E 254 -18.93 1.04 28.48
CA GLU E 254 -18.89 0.44 27.15
C GLU E 254 -18.85 1.52 26.06
N LEU E 255 -19.66 2.57 26.22
CA LEU E 255 -19.68 3.64 25.23
C LEU E 255 -18.35 4.38 25.19
N LEU E 256 -17.74 4.63 26.34
CA LEU E 256 -16.45 5.31 26.36
C LEU E 256 -15.37 4.46 25.69
N GLY E 257 -15.34 3.17 26.02
CA GLY E 257 -14.37 2.29 25.40
C GLY E 257 -14.56 2.17 23.91
N ALA E 258 -15.81 2.14 23.45
CA ALA E 258 -16.08 2.09 22.02
C ALA E 258 -15.71 3.39 21.34
N SER E 259 -15.92 4.53 22.02
CA SER E 259 -15.67 5.82 21.41
C SER E 259 -14.19 6.10 21.28
N PHE E 260 -13.36 5.55 22.18
CA PHE E 260 -11.92 5.66 21.97
C PHE E 260 -11.43 4.87 20.75
N ALA E 261 -12.23 3.94 20.24
CA ALA E 261 -11.76 3.10 19.14
C ALA E 261 -11.76 3.86 17.82
N ASN E 262 -12.71 4.78 17.63
CA ASN E 262 -12.84 5.51 16.37
C ASN E 262 -13.05 6.99 16.66
N ASP E 263 -11.95 7.73 16.76
CA ASP E 263 -11.99 9.19 16.81
C ASP E 263 -10.60 9.71 16.48
N ARG E 264 -10.52 10.62 15.52
CA ARG E 264 -9.23 11.07 15.00
C ARG E 264 -8.42 11.82 16.05
N GLU E 265 -9.09 12.65 16.87
CA GLU E 265 -8.38 13.47 17.84
C GLU E 265 -7.72 12.62 18.92
N ASN E 266 -8.38 11.55 19.35
CA ASN E 266 -7.86 10.68 20.41
C ASN E 266 -8.18 9.20 20.15
N TYR E 267 -7.31 8.57 19.38
CA TYR E 267 -7.44 7.17 18.99
C TYR E 267 -6.36 6.38 19.72
N ASP E 268 -6.74 5.74 20.83
CA ASP E 268 -5.84 4.92 21.62
C ASP E 268 -6.48 3.54 21.76
N ILE E 269 -6.02 2.58 20.98
CA ILE E 269 -6.67 1.28 20.94
C ILE E 269 -6.47 0.52 22.25
N ILE E 270 -5.36 0.76 22.94
CA ILE E 270 -5.13 0.10 24.23
C ILE E 270 -6.14 0.61 25.27
N LYS E 271 -6.47 1.89 25.22
CA LYS E 271 -7.53 2.42 26.07
C LYS E 271 -8.87 1.77 25.74
N THR E 272 -9.13 1.56 24.45
CA THR E 272 -10.36 0.90 24.02
C THR E 272 -10.47 -0.50 24.61
N TYR E 273 -9.41 -1.30 24.47
CA TYR E 273 -9.46 -2.66 24.99
C TYR E 273 -9.58 -2.68 26.50
N HIS E 274 -8.84 -1.80 27.18
CA HIS E 274 -8.87 -1.81 28.65
C HIS E 274 -10.23 -1.39 29.17
N TYR E 275 -10.85 -0.37 28.56
CA TYR E 275 -12.17 0.07 29.03
C TYR E 275 -13.23 -0.97 28.70
N LEU E 276 -13.14 -1.61 27.53
CA LEU E 276 -14.09 -2.66 27.20
C LEU E 276 -13.95 -3.85 28.14
N TYR E 277 -12.72 -4.19 28.51
CA TYR E 277 -12.52 -5.30 29.44
C TYR E 277 -13.00 -4.95 30.84
N LEU E 278 -12.80 -3.69 31.26
CA LEU E 278 -13.33 -3.26 32.54
C LEU E 278 -14.86 -3.32 32.56
N ALA E 279 -15.49 -2.92 31.46
CA ALA E 279 -16.93 -3.03 31.36
C ALA E 279 -17.39 -4.47 31.39
N MET E 280 -16.68 -5.36 30.69
CA MET E 280 -17.06 -6.77 30.67
C MET E 280 -16.90 -7.41 32.03
N LEU E 281 -15.83 -7.06 32.75
CA LEU E 281 -15.61 -7.63 34.08
C LEU E 281 -16.71 -7.24 35.05
N GLU E 282 -17.15 -5.98 34.99
CA GLU E 282 -18.24 -5.55 35.85
C GLU E 282 -19.57 -6.16 35.43
N ARG E 283 -19.70 -6.53 34.16
CA ARG E 283 -20.88 -7.27 33.72
C ARG E 283 -20.93 -8.66 34.36
N PHE E 284 -19.78 -9.33 34.44
CA PHE E 284 -19.66 -10.63 35.08
C PHE E 284 -19.08 -10.55 36.48
N GLN E 285 -19.35 -9.46 37.20
CA GLN E 285 -18.79 -9.31 38.54
C GLN E 285 -19.44 -10.27 39.52
N ASP E 286 -20.77 -10.36 39.50
CA ASP E 286 -21.47 -11.14 40.51
C ASP E 286 -21.53 -12.63 40.20
N GLY E 287 -21.10 -13.06 39.02
CA GLY E 287 -21.18 -14.46 38.66
C GLY E 287 -22.60 -14.86 38.28
N ASP E 288 -23.50 -14.85 39.26
CA ASP E 288 -24.92 -14.92 38.99
C ASP E 288 -25.46 -13.51 38.77
N ASN E 289 -26.76 -13.43 38.45
CA ASN E 289 -27.50 -12.19 38.14
C ASN E 289 -26.71 -11.21 37.29
N ILE E 290 -26.00 -11.72 36.29
CA ILE E 290 -25.14 -10.89 35.46
C ILE E 290 -25.99 -10.12 34.46
N LEU E 291 -25.64 -8.85 34.24
CA LEU E 291 -26.31 -8.03 33.24
C LEU E 291 -25.79 -8.45 31.88
N GLU E 292 -26.40 -9.49 31.32
CA GLU E 292 -25.95 -10.04 30.05
C GLU E 292 -26.22 -9.05 28.91
N LYS E 293 -25.38 -9.12 27.88
CA LYS E 293 -25.49 -8.23 26.73
C LYS E 293 -26.80 -8.46 25.98
N GLU E 294 -27.16 -7.46 25.18
CA GLU E 294 -28.40 -7.44 24.41
C GLU E 294 -28.08 -7.19 22.94
N VAL E 295 -27.13 -7.97 22.42
CA VAL E 295 -26.55 -7.70 21.11
C VAL E 295 -27.59 -7.86 20.01
N LEU E 296 -27.64 -6.88 19.11
CA LEU E 296 -28.50 -6.92 17.95
C LEU E 296 -27.97 -7.95 16.95
N PRO E 297 -28.79 -8.35 15.98
CA PRO E 297 -28.28 -9.19 14.90
C PRO E 297 -27.14 -8.49 14.17
N PRO E 298 -26.16 -9.26 13.68
CA PRO E 298 -24.92 -8.64 13.19
C PRO E 298 -25.15 -7.76 11.98
N ILE E 299 -24.33 -6.72 11.88
CA ILE E 299 -24.39 -5.76 10.79
C ILE E 299 -23.36 -6.16 9.75
N HIS E 300 -23.76 -6.20 8.48
CA HIS E 300 -22.89 -6.69 7.42
C HIS E 300 -21.67 -5.80 7.22
N ALA E 301 -21.79 -4.50 7.55
CA ALA E 301 -20.67 -3.59 7.37
C ALA E 301 -19.49 -3.95 8.28
N TYR E 302 -19.78 -4.31 9.52
CA TYR E 302 -18.73 -4.70 10.47
C TYR E 302 -18.48 -6.21 10.45
N GLY E 303 -18.23 -6.75 9.26
CA GLY E 303 -18.15 -8.20 9.14
C GLY E 303 -19.50 -8.81 9.50
N ASN E 304 -19.47 -9.78 10.40
CA ASN E 304 -20.71 -10.29 10.97
C ASN E 304 -20.54 -10.65 12.45
N ARG E 305 -19.60 -10.00 13.13
CA ARG E 305 -19.33 -10.32 14.53
C ARG E 305 -20.41 -9.73 15.43
N THR E 306 -20.91 -10.54 16.35
CA THR E 306 -21.99 -10.13 17.25
C THR E 306 -21.43 -9.69 18.61
N GLU E 307 -20.65 -8.62 18.58
CA GLU E 307 -20.06 -7.97 19.76
C GLU E 307 -19.20 -8.99 20.50
N CYS E 308 -19.10 -8.86 21.82
CA CYS E 308 -18.37 -9.81 22.66
C CYS E 308 -19.14 -9.98 23.97
N ARG E 309 -19.81 -11.12 24.11
CA ARG E 309 -20.61 -11.40 25.29
C ARG E 309 -19.88 -12.29 26.29
N ASN E 310 -18.59 -12.55 26.09
CA ASN E 310 -17.82 -13.38 26.99
C ASN E 310 -16.49 -12.71 27.30
N PRO E 311 -15.97 -12.89 28.51
CA PRO E 311 -14.63 -12.35 28.81
C PRO E 311 -13.55 -12.93 27.93
N GLN E 312 -13.63 -14.23 27.60
CA GLN E 312 -12.66 -14.82 26.70
C GLN E 312 -12.88 -14.34 25.26
N GLU E 313 -14.12 -14.03 24.91
CA GLU E 313 -14.40 -13.47 23.59
C GLU E 313 -13.70 -12.14 23.41
N LEU E 314 -13.71 -11.29 24.44
CA LEU E 314 -12.99 -10.04 24.37
C LEU E 314 -11.49 -10.23 24.52
N GLU E 315 -11.06 -11.22 25.29
CA GLU E 315 -9.63 -11.49 25.45
C GLU E 315 -9.01 -11.97 24.14
N SER E 316 -9.79 -12.67 23.32
CA SER E 316 -9.27 -13.20 22.06
C SER E 316 -8.90 -12.11 21.07
N ILE E 317 -9.39 -10.89 21.24
CA ILE E 317 -9.19 -9.82 20.27
C ILE E 317 -8.46 -8.64 20.89
N ARG E 318 -7.61 -8.93 21.89
CA ARG E 318 -6.90 -7.86 22.59
C ARG E 318 -5.97 -7.10 21.65
N GLN E 319 -5.25 -7.81 20.79
CA GLN E 319 -4.34 -7.18 19.84
C GLN E 319 -4.93 -7.08 18.44
N ASP E 320 -6.18 -7.47 18.24
CA ASP E 320 -6.81 -7.43 16.92
C ASP E 320 -7.37 -6.02 16.72
N ARG E 321 -6.58 -5.17 16.06
CA ARG E 321 -6.89 -3.74 16.01
C ARG E 321 -8.13 -3.46 15.16
N ASP E 322 -8.19 -4.03 13.95
CA ASP E 322 -9.36 -3.82 13.10
C ASP E 322 -10.61 -4.45 13.70
N ALA E 323 -10.46 -5.64 14.30
CA ALA E 323 -11.59 -6.24 14.99
C ALA E 323 -12.05 -5.40 16.16
N LEU E 324 -11.09 -4.74 16.85
CA LEU E 324 -11.46 -3.85 17.93
C LEU E 324 -12.17 -2.61 17.41
N HIS E 325 -11.77 -2.09 16.24
CA HIS E 325 -12.51 -0.99 15.64
C HIS E 325 -13.94 -1.39 15.33
N MET E 326 -14.12 -2.60 14.78
CA MET E 326 -15.46 -3.08 14.48
C MET E 326 -16.27 -3.27 15.76
N GLU E 327 -15.64 -3.78 16.82
CA GLU E 327 -16.34 -3.94 18.09
C GLU E 327 -16.74 -2.60 18.67
N GLY E 328 -15.88 -1.58 18.54
CA GLY E 328 -16.24 -0.25 18.99
C GLY E 328 -17.42 0.32 18.22
N LEU E 329 -17.43 0.14 16.90
CA LEU E 329 -18.56 0.60 16.12
C LEU E 329 -19.84 -0.12 16.52
N ILE E 330 -19.75 -1.44 16.77
CA ILE E 330 -20.91 -2.22 17.17
C ILE E 330 -21.45 -1.72 18.51
N VAL E 331 -20.57 -1.47 19.47
CA VAL E 331 -21.00 -1.01 20.79
C VAL E 331 -21.60 0.38 20.70
N ARG E 332 -21.00 1.26 19.89
CA ARG E 332 -21.57 2.59 19.68
C ARG E 332 -22.98 2.50 19.11
N GLU E 333 -23.17 1.62 18.13
CA GLU E 333 -24.51 1.42 17.58
C GLU E 333 -25.47 0.86 18.62
N ARG E 334 -24.98 -0.04 19.47
CA ARG E 334 -25.85 -0.72 20.43
C ARG E 334 -26.38 0.23 21.48
N ILE E 335 -25.51 1.07 22.05
CA ILE E 335 -25.96 1.98 23.12
C ILE E 335 -26.49 3.29 22.56
N LEU E 336 -25.79 3.93 21.62
CA LEU E 336 -26.25 5.20 21.10
C LEU E 336 -27.54 5.05 20.30
N GLY E 337 -27.69 3.93 19.60
CA GLY E 337 -28.86 3.72 18.76
C GLY E 337 -28.62 4.16 17.33
N ALA E 338 -29.38 3.56 16.42
CA ALA E 338 -29.21 3.82 15.01
C ALA E 338 -29.75 5.19 14.59
N ASP E 339 -30.56 5.84 15.42
CA ASP E 339 -31.17 7.11 15.06
C ASP E 339 -30.38 8.32 15.52
N ASN E 340 -29.35 8.13 16.34
CA ASN E 340 -28.59 9.25 16.86
C ASN E 340 -27.72 9.86 15.76
N ILE E 341 -27.53 11.18 15.84
CA ILE E 341 -26.70 11.87 14.87
C ILE E 341 -25.22 11.62 15.11
N ASP E 342 -24.82 11.26 16.32
CA ASP E 342 -23.41 11.08 16.64
C ASP E 342 -22.87 9.72 16.21
N VAL E 343 -23.74 8.76 15.91
CA VAL E 343 -23.26 7.41 15.59
C VAL E 343 -22.62 7.34 14.22
N SER E 344 -22.93 8.29 13.31
CA SER E 344 -22.47 8.18 11.94
C SER E 344 -21.00 8.54 11.79
N HIS E 345 -20.55 9.58 12.49
CA HIS E 345 -19.22 10.15 12.22
C HIS E 345 -18.06 9.20 12.46
N PRO E 346 -17.98 8.42 13.54
CA PRO E 346 -16.89 7.45 13.66
C PRO E 346 -16.86 6.41 12.55
N ILE E 347 -18.03 6.01 12.04
CA ILE E 347 -18.06 5.08 10.91
C ILE E 347 -17.41 5.71 9.69
N ILE E 348 -17.71 6.98 9.43
CA ILE E 348 -17.10 7.68 8.31
C ILE E 348 -15.60 7.81 8.51
N TYR E 349 -15.17 8.07 9.75
CA TYR E 349 -13.74 8.18 10.02
C TYR E 349 -13.02 6.86 9.79
N ARG E 350 -13.62 5.75 10.24
CA ARG E 350 -13.02 4.44 10.02
C ARG E 350 -13.00 4.11 8.54
N GLY E 351 -14.05 4.48 7.80
CA GLY E 351 -14.04 4.28 6.37
C GLY E 351 -12.96 5.06 5.67
N ALA E 352 -12.73 6.31 6.10
CA ALA E 352 -11.67 7.12 5.53
C ALA E 352 -10.31 6.51 5.82
N VAL E 353 -10.11 6.01 7.04
CA VAL E 353 -8.85 5.35 7.38
C VAL E 353 -8.64 4.11 6.52
N TYR E 354 -9.71 3.33 6.31
CA TYR E 354 -9.61 2.15 5.47
C TYR E 354 -9.30 2.52 4.02
N ALA E 355 -9.93 3.57 3.51
CA ALA E 355 -9.68 4.01 2.14
C ALA E 355 -8.25 4.48 1.97
N ASP E 356 -7.71 5.21 2.96
CA ASP E 356 -6.31 5.58 2.93
C ASP E 356 -5.39 4.39 3.09
N ASN E 357 -5.89 3.26 3.57
CA ASN E 357 -5.14 2.01 3.65
C ASN E 357 -5.52 1.04 2.54
N MET E 358 -6.26 1.50 1.53
CA MET E 358 -6.67 0.71 0.37
C MET E 358 -7.49 -0.51 0.76
N GLU E 359 -8.26 -0.40 1.84
CA GLU E 359 -9.24 -1.41 2.20
C GLU E 359 -10.60 -0.99 1.65
N PHE E 360 -10.68 -1.03 0.32
CA PHE E 360 -11.77 -0.36 -0.39
C PHE E 360 -13.12 -1.00 -0.13
N GLU E 361 -13.19 -2.33 -0.08
CA GLU E 361 -14.47 -3.02 0.08
C GLU E 361 -15.09 -2.73 1.44
N GLN E 362 -14.30 -2.85 2.50
CA GLN E 362 -14.79 -2.54 3.84
C GLN E 362 -15.12 -1.05 3.97
N CYS E 363 -14.35 -0.18 3.32
CA CYS E 363 -14.66 1.23 3.30
C CYS E 363 -16.03 1.48 2.66
N ILE E 364 -16.31 0.80 1.55
CA ILE E 364 -17.59 0.96 0.86
C ILE E 364 -18.73 0.50 1.76
N LYS E 365 -18.55 -0.64 2.42
CA LYS E 365 -19.61 -1.14 3.31
C LYS E 365 -19.85 -0.17 4.48
N LEU E 366 -18.77 0.33 5.08
CA LEU E 366 -18.91 1.23 6.22
C LEU E 366 -19.56 2.54 5.82
N TRP E 367 -19.12 3.13 4.71
CA TRP E 367 -19.73 4.38 4.26
C TRP E 367 -21.16 4.16 3.80
N LEU E 368 -21.48 2.98 3.27
CA LEU E 368 -22.85 2.67 2.92
C LEU E 368 -23.74 2.63 4.14
N HIS E 369 -23.27 2.02 5.23
CA HIS E 369 -24.06 2.00 6.45
C HIS E 369 -24.18 3.39 7.05
N ALA E 370 -23.12 4.19 6.96
CA ALA E 370 -23.19 5.56 7.44
C ALA E 370 -24.19 6.38 6.65
N LEU E 371 -24.21 6.18 5.33
CA LEU E 371 -25.17 6.89 4.48
C LEU E 371 -26.59 6.45 4.80
N HIS E 372 -26.80 5.15 5.02
CA HIS E 372 -28.13 4.66 5.38
C HIS E 372 -28.60 5.27 6.70
N LEU E 373 -27.70 5.31 7.70
CA LEU E 373 -28.06 5.87 9.00
C LEU E 373 -28.37 7.36 8.89
N ARG E 374 -27.57 8.10 8.13
CA ARG E 374 -27.79 9.54 8.03
C ARG E 374 -29.03 9.86 7.22
N GLN E 375 -29.36 9.05 6.22
CA GLN E 375 -30.59 9.28 5.48
C GLN E 375 -31.81 8.91 6.31
N LYS E 376 -31.69 7.87 7.14
CA LYS E 376 -32.77 7.55 8.06
C LYS E 376 -32.95 8.65 9.11
N GLY E 377 -31.86 9.30 9.51
CA GLY E 377 -31.94 10.42 10.41
C GLY E 377 -32.25 11.75 9.76
N ASN E 378 -32.40 11.77 8.43
CA ASN E 378 -32.73 12.97 7.66
C ASN E 378 -31.69 14.08 7.89
N ARG E 379 -30.47 13.81 7.45
CA ARG E 379 -29.37 14.76 7.54
C ARG E 379 -28.83 15.05 6.15
N ASN E 380 -28.17 16.20 6.03
CA ASN E 380 -27.55 16.58 4.76
C ASN E 380 -26.38 15.66 4.47
N THR E 381 -26.46 14.90 3.38
CA THR E 381 -25.45 13.92 3.04
C THR E 381 -24.78 14.23 1.70
N HIS E 382 -24.75 15.52 1.33
CA HIS E 382 -24.15 15.91 0.06
C HIS E 382 -22.66 15.62 0.05
N LYS E 383 -21.99 15.82 1.19
CA LYS E 383 -20.56 15.54 1.24
C LYS E 383 -20.26 14.05 1.21
N ASP E 384 -21.11 13.23 1.83
CA ASP E 384 -20.84 11.80 1.87
C ASP E 384 -21.07 11.15 0.51
N LEU E 385 -22.06 11.63 -0.24
CA LEU E 385 -22.22 11.20 -1.63
C LEU E 385 -20.99 11.58 -2.44
N LEU E 386 -20.45 12.77 -2.19
CA LEU E 386 -19.21 13.18 -2.82
C LEU E 386 -18.06 12.24 -2.45
N ARG E 387 -17.99 11.86 -1.19
CA ARG E 387 -16.95 10.92 -0.75
C ARG E 387 -17.08 9.58 -1.44
N PHE E 388 -18.32 9.10 -1.61
CA PHE E 388 -18.55 7.91 -2.42
C PHE E 388 -18.06 8.11 -3.84
N ALA E 389 -18.28 9.30 -4.39
CA ALA E 389 -17.83 9.59 -5.75
C ALA E 389 -16.32 9.50 -5.87
N GLN E 390 -15.57 10.05 -4.90
CA GLN E 390 -14.12 9.91 -5.00
C GLN E 390 -13.67 8.47 -4.79
N VAL E 391 -14.22 7.79 -3.79
CA VAL E 391 -13.70 6.46 -3.46
C VAL E 391 -14.02 5.47 -4.57
N PHE E 392 -15.12 5.68 -5.31
CA PHE E 392 -15.31 4.93 -6.55
C PHE E 392 -14.32 5.39 -7.62
N SER E 393 -14.07 6.70 -7.71
CA SER E 393 -13.16 7.21 -8.74
C SER E 393 -11.74 6.71 -8.51
N GLN E 394 -11.27 6.79 -7.26
CA GLN E 394 -9.94 6.28 -6.95
C GLN E 394 -9.86 4.77 -7.13
N MET E 395 -10.96 4.06 -6.87
CA MET E 395 -11.00 2.62 -7.12
C MET E 395 -10.82 2.31 -8.61
N ILE E 396 -11.51 3.07 -9.46
CA ILE E 396 -11.36 2.88 -10.90
C ILE E 396 -10.00 3.37 -11.37
N HIS E 397 -9.55 4.51 -10.84
CA HIS E 397 -8.26 5.08 -11.24
C HIS E 397 -7.11 4.16 -10.86
N LEU E 398 -7.23 3.44 -9.75
CA LEU E 398 -6.24 2.44 -9.36
C LEU E 398 -6.50 1.08 -9.99
N ASN E 399 -7.35 1.03 -11.02
CA ASN E 399 -7.63 -0.18 -11.79
C ASN E 399 -8.17 -1.30 -10.92
N GLU E 400 -9.04 -0.95 -9.97
CA GLU E 400 -9.71 -1.91 -9.11
C GLU E 400 -11.18 -1.97 -9.49
N THR E 401 -11.71 -3.19 -9.59
CA THR E 401 -13.09 -3.37 -10.01
C THR E 401 -14.05 -2.86 -8.94
N VAL E 402 -15.11 -2.20 -9.37
CA VAL E 402 -16.13 -1.64 -8.49
C VAL E 402 -17.40 -2.47 -8.65
N LYS E 403 -17.93 -2.95 -7.53
CA LYS E 403 -19.10 -3.81 -7.56
C LYS E 403 -20.33 -3.01 -7.96
N ALA E 404 -21.14 -3.57 -8.86
CA ALA E 404 -22.35 -2.89 -9.30
C ALA E 404 -23.39 -2.65 -8.20
N PRO E 405 -23.70 -3.60 -7.29
CA PRO E 405 -24.71 -3.30 -6.26
C PRO E 405 -24.34 -2.14 -5.35
N ASP E 406 -23.05 -1.90 -5.12
CA ASP E 406 -22.65 -0.73 -4.35
C ASP E 406 -23.03 0.55 -5.07
N ILE E 407 -22.80 0.61 -6.38
CA ILE E 407 -23.19 1.77 -7.17
C ILE E 407 -24.72 1.90 -7.19
N GLU E 408 -25.43 0.77 -7.24
CA GLU E 408 -26.88 0.82 -7.20
C GLU E 408 -27.38 1.39 -5.89
N CYS E 409 -26.79 0.95 -4.76
CA CYS E 409 -27.21 1.46 -3.47
C CYS E 409 -26.90 2.94 -3.31
N VAL E 410 -25.71 3.37 -3.74
CA VAL E 410 -25.38 4.78 -3.61
C VAL E 410 -26.22 5.62 -4.57
N LEU E 411 -26.64 5.06 -5.71
CA LEU E 411 -27.50 5.81 -6.62
C LEU E 411 -28.91 5.93 -6.07
N ARG E 412 -29.40 4.88 -5.43
CA ARG E 412 -30.71 4.96 -4.76
C ARG E 412 -30.68 5.99 -3.64
N CYS E 413 -29.60 6.00 -2.85
CA CYS E 413 -29.45 7.00 -1.81
C CYS E 413 -29.38 8.40 -2.41
N SER E 414 -28.67 8.55 -3.52
CA SER E 414 -28.57 9.85 -4.19
C SER E 414 -29.93 10.32 -4.68
N VAL E 415 -30.73 9.41 -5.26
CA VAL E 415 -32.04 9.78 -5.78
C VAL E 415 -32.96 10.21 -4.65
N LEU E 416 -32.98 9.44 -3.55
CA LEU E 416 -33.81 9.82 -2.41
C LEU E 416 -33.37 11.15 -1.82
N GLU E 417 -32.06 11.35 -1.68
CA GLU E 417 -31.56 12.59 -1.10
C GLU E 417 -31.83 13.78 -2.01
N ILE E 418 -31.77 13.59 -3.33
CA ILE E 418 -32.14 14.68 -4.24
C ILE E 418 -33.63 14.96 -4.13
N GLU E 419 -34.45 13.94 -3.86
CA GLU E 419 -35.86 14.18 -3.62
C GLU E 419 -36.08 15.06 -2.38
N GLN E 420 -35.40 14.74 -1.28
CA GLN E 420 -35.55 15.61 -0.11
C GLN E 420 -34.90 16.98 -0.34
N SER E 421 -33.89 17.06 -1.20
CA SER E 421 -33.33 18.36 -1.55
C SER E 421 -34.33 19.20 -2.33
N MET E 422 -35.07 18.57 -3.24
CA MET E 422 -36.14 19.25 -3.95
C MET E 422 -37.21 19.74 -2.98
N ASN E 423 -37.56 18.90 -2.01
CA ASN E 423 -38.54 19.29 -1.01
C ASN E 423 -38.03 20.48 -0.18
N ARG E 424 -36.75 20.46 0.19
CA ARG E 424 -36.19 21.53 0.99
C ARG E 424 -36.12 22.84 0.22
N VAL E 425 -35.71 22.79 -1.06
CA VAL E 425 -35.66 24.00 -1.87
C VAL E 425 -37.06 24.54 -2.11
N LYS E 426 -38.05 23.66 -2.28
CA LYS E 426 -39.44 24.09 -2.35
C LYS E 426 -39.89 24.73 -1.05
N ASN E 427 -39.39 24.24 0.09
CA ASN E 427 -39.76 24.80 1.38
C ASN E 427 -38.89 26.00 1.74
N ILE E 428 -37.57 25.81 1.75
CA ILE E 428 -36.64 26.85 2.19
C ILE E 428 -36.22 27.67 0.97
N SER E 429 -36.46 28.97 1.03
CA SER E 429 -36.04 29.88 -0.04
C SER E 429 -35.47 31.18 0.47
N ASP E 430 -35.40 31.40 1.78
CA ASP E 430 -34.89 32.67 2.31
C ASP E 430 -33.80 32.49 3.37
N ALA E 431 -33.91 31.46 4.21
CA ALA E 431 -32.99 31.32 5.33
C ALA E 431 -31.62 30.82 4.86
N ASP E 432 -31.58 29.62 4.28
CA ASP E 432 -30.35 29.02 3.78
C ASP E 432 -30.53 28.64 2.32
N VAL E 433 -31.08 29.57 1.53
CA VAL E 433 -31.33 29.32 0.12
C VAL E 433 -30.02 29.11 -0.63
N HIS E 434 -28.97 29.86 -0.26
CA HIS E 434 -27.66 29.63 -0.85
C HIS E 434 -27.12 28.26 -0.48
N ASN E 435 -27.24 27.89 0.80
CA ASN E 435 -26.74 26.59 1.26
C ASN E 435 -27.52 25.45 0.63
N ALA E 436 -28.86 25.55 0.61
CA ALA E 436 -29.67 24.50 0.00
C ALA E 436 -29.44 24.40 -1.49
N MET E 437 -29.28 25.53 -2.17
CA MET E 437 -29.03 25.52 -3.61
C MET E 437 -27.66 24.92 -3.92
N ASP E 438 -26.64 25.26 -3.12
CA ASP E 438 -25.33 24.66 -3.31
C ASP E 438 -25.36 23.16 -3.04
N ASN E 439 -26.13 22.73 -2.05
CA ASN E 439 -26.31 21.30 -1.81
C ASN E 439 -26.98 20.64 -2.99
N TYR E 440 -27.98 21.29 -3.58
CA TYR E 440 -28.65 20.77 -4.77
C TYR E 440 -27.67 20.60 -5.92
N GLU E 441 -26.85 21.62 -6.16
CA GLU E 441 -25.83 21.56 -7.21
C GLU E 441 -24.84 20.42 -6.95
N CYS E 442 -24.38 20.30 -5.72
CA CYS E 442 -23.42 19.25 -5.38
C CYS E 442 -24.05 17.87 -5.53
N ASN E 443 -25.32 17.73 -5.18
CA ASN E 443 -26.00 16.45 -5.33
C ASN E 443 -26.12 16.07 -6.80
N LEU E 444 -26.48 17.04 -7.65
CA LEU E 444 -26.53 16.76 -9.09
C LEU E 444 -25.17 16.37 -9.64
N TYR E 445 -24.12 17.08 -9.22
CA TYR E 445 -22.79 16.76 -9.71
C TYR E 445 -22.34 15.39 -9.24
N THR E 446 -22.64 15.04 -7.99
CA THR E 446 -22.28 13.71 -7.48
C THR E 446 -23.06 12.61 -8.19
N PHE E 447 -24.33 12.87 -8.51
CA PHE E 447 -25.08 11.91 -9.30
C PHE E 447 -24.45 11.71 -10.67
N LEU E 448 -23.99 12.80 -11.29
CA LEU E 448 -23.31 12.68 -12.57
C LEU E 448 -22.01 11.89 -12.44
N TYR E 449 -21.25 12.13 -11.37
CA TYR E 449 -20.03 11.37 -11.16
C TYR E 449 -20.32 9.90 -10.98
N LEU E 450 -21.36 9.57 -10.20
CA LEU E 450 -21.71 8.17 -9.99
C LEU E 450 -22.19 7.52 -11.27
N VAL E 451 -22.94 8.25 -12.11
CA VAL E 451 -23.35 7.70 -13.40
C VAL E 451 -22.13 7.46 -14.29
N CYS E 452 -21.18 8.39 -14.29
CA CYS E 452 -19.97 8.23 -15.08
C CYS E 452 -19.16 7.01 -14.63
N ILE E 453 -19.10 6.79 -13.32
CA ILE E 453 -18.42 5.63 -12.78
C ILE E 453 -19.20 4.35 -13.13
N SER E 454 -20.52 4.45 -13.16
CA SER E 454 -21.35 3.32 -13.58
C SER E 454 -21.08 2.94 -15.03
N THR E 455 -20.87 3.93 -15.89
CA THR E 455 -20.57 3.66 -17.29
C THR E 455 -19.24 2.93 -17.45
N LYS E 456 -18.23 3.35 -16.68
CA LYS E 456 -16.90 2.75 -16.79
C LYS E 456 -16.79 1.40 -16.10
N THR E 457 -17.81 0.98 -15.36
CA THR E 457 -17.81 -0.31 -14.69
C THR E 457 -18.72 -1.27 -15.44
N GLN E 458 -18.17 -2.43 -15.82
CA GLN E 458 -18.98 -3.44 -16.47
C GLN E 458 -19.88 -4.14 -15.46
N CYS E 459 -21.16 -4.24 -15.78
CA CYS E 459 -22.15 -4.82 -14.89
C CYS E 459 -22.94 -5.89 -15.62
N SER E 460 -23.81 -6.56 -14.87
CA SER E 460 -24.70 -7.56 -15.45
C SER E 460 -25.88 -6.85 -16.10
N GLU E 461 -26.77 -7.65 -16.70
CA GLU E 461 -27.97 -7.08 -17.32
C GLU E 461 -28.92 -6.52 -16.26
N GLU E 462 -29.12 -7.25 -15.17
CA GLU E 462 -30.04 -6.77 -14.14
C GLU E 462 -29.43 -5.62 -13.34
N ASP E 463 -28.11 -5.61 -13.15
CA ASP E 463 -27.47 -4.47 -12.52
C ASP E 463 -27.64 -3.21 -13.36
N GLN E 464 -27.46 -3.34 -14.67
CA GLN E 464 -27.72 -2.22 -15.57
C GLN E 464 -29.18 -1.81 -15.53
N CYS E 465 -30.08 -2.78 -15.40
CA CYS E 465 -31.50 -2.47 -15.30
C CYS E 465 -31.81 -1.67 -14.03
N LYS E 466 -31.19 -2.05 -12.91
CA LYS E 466 -31.42 -1.33 -11.67
C LYS E 466 -30.85 0.08 -11.72
N ILE E 467 -29.64 0.22 -12.28
CA ILE E 467 -29.03 1.54 -12.44
C ILE E 467 -29.89 2.42 -13.35
N ASN E 468 -30.38 1.85 -14.44
CA ASN E 468 -31.26 2.58 -15.34
C ASN E 468 -32.58 2.93 -14.68
N LYS E 469 -33.09 2.07 -13.80
CA LYS E 469 -34.30 2.38 -13.05
C LYS E 469 -34.07 3.58 -12.15
N GLN E 470 -32.93 3.62 -11.47
CA GLN E 470 -32.63 4.76 -10.60
C GLN E 470 -32.48 6.05 -11.42
N ILE E 471 -31.78 5.97 -12.54
CA ILE E 471 -31.59 7.16 -13.38
C ILE E 471 -32.93 7.62 -13.95
N TYR E 472 -33.78 6.69 -14.35
CA TYR E 472 -35.12 7.02 -14.82
C TYR E 472 -35.93 7.70 -13.73
N ASN E 473 -35.85 7.19 -12.50
CA ASN E 473 -36.61 7.75 -11.40
C ASN E 473 -36.14 9.17 -11.08
N LEU E 474 -34.85 9.44 -11.22
CA LEU E 474 -34.38 10.81 -11.02
C LEU E 474 -34.76 11.71 -12.20
N ILE E 475 -34.60 11.21 -13.42
CA ILE E 475 -34.80 12.03 -14.62
C ILE E 475 -36.26 12.45 -14.75
N HIS E 476 -37.19 11.55 -14.46
CA HIS E 476 -38.61 11.91 -14.53
C HIS E 476 -39.06 12.78 -13.36
N LEU E 477 -38.13 13.29 -12.56
CA LEU E 477 -38.40 14.35 -11.61
C LEU E 477 -37.96 15.72 -12.11
N ASP E 478 -37.11 15.76 -13.14
CA ASP E 478 -36.61 16.95 -13.81
C ASP E 478 -35.88 17.88 -12.83
N PRO E 479 -34.69 17.52 -12.37
CA PRO E 479 -33.92 18.44 -11.53
C PRO E 479 -33.49 19.67 -12.31
N ARG E 480 -33.38 20.79 -11.60
CA ARG E 480 -33.06 22.08 -12.21
C ARG E 480 -31.97 22.76 -11.40
N THR E 481 -30.97 23.30 -12.11
CA THR E 481 -29.85 23.98 -11.47
C THR E 481 -30.19 25.45 -11.26
N ARG E 482 -29.17 26.25 -10.92
CA ARG E 482 -29.37 27.69 -10.76
C ARG E 482 -29.75 28.34 -12.08
N GLU E 483 -29.02 28.01 -13.14
CA GLU E 483 -29.25 28.59 -14.45
C GLU E 483 -30.27 27.81 -15.26
N GLY E 484 -30.86 26.76 -14.69
CA GLY E 484 -31.86 25.99 -15.40
C GLY E 484 -31.33 24.80 -16.16
N PHE E 485 -30.07 24.42 -15.95
CA PHE E 485 -29.53 23.25 -16.63
C PHE E 485 -30.29 22.00 -16.19
N THR E 486 -30.67 21.16 -17.15
CA THR E 486 -31.22 19.87 -16.82
C THR E 486 -30.07 18.91 -16.52
N LEU E 487 -30.41 17.68 -16.15
CA LEU E 487 -29.36 16.69 -15.89
C LEU E 487 -28.63 16.33 -17.18
N LEU E 488 -29.29 16.41 -18.32
CA LEU E 488 -28.61 16.18 -19.58
C LEU E 488 -27.70 17.35 -19.95
N HIS E 489 -28.10 18.57 -19.60
CA HIS E 489 -27.29 19.75 -19.93
C HIS E 489 -25.93 19.69 -19.26
N LEU E 490 -25.89 19.29 -17.98
CA LEU E 490 -24.65 19.28 -17.24
C LEU E 490 -23.68 18.23 -17.78
N ALA E 491 -24.21 17.07 -18.18
CA ALA E 491 -23.35 16.06 -18.81
C ALA E 491 -22.83 16.54 -20.15
N VAL E 492 -23.66 17.28 -20.89
CA VAL E 492 -23.24 17.84 -22.16
C VAL E 492 -22.21 18.95 -21.95
N ASN E 493 -22.42 19.78 -20.93
CA ASN E 493 -21.58 20.94 -20.72
C ASN E 493 -20.16 20.55 -20.35
N SER E 494 -19.19 21.14 -21.03
CA SER E 494 -17.78 20.96 -20.70
C SER E 494 -17.35 21.81 -19.53
N ASN E 495 -18.15 22.79 -19.12
CA ASN E 495 -17.85 23.65 -18.00
C ASN E 495 -18.40 23.13 -16.68
N THR E 496 -18.91 21.90 -16.68
CA THR E 496 -19.44 21.31 -15.45
C THR E 496 -18.31 21.09 -14.45
N PRO E 497 -18.45 21.57 -13.22
CA PRO E 497 -17.35 21.44 -12.25
C PRO E 497 -17.09 19.99 -11.87
N VAL E 498 -15.80 19.66 -11.76
CA VAL E 498 -15.34 18.35 -11.31
C VAL E 498 -14.52 18.57 -10.06
N ASP E 499 -14.75 17.73 -9.04
CA ASP E 499 -14.07 17.90 -7.76
C ASP E 499 -12.57 17.69 -7.89
N ASP E 500 -11.81 18.50 -7.13
CA ASP E 500 -10.36 18.52 -7.22
C ASP E 500 -9.71 17.22 -6.74
N PHE E 501 -10.46 16.37 -6.04
CA PHE E 501 -9.94 15.07 -5.60
C PHE E 501 -10.00 14.07 -6.74
N HIS E 502 -9.89 12.77 -6.41
CA HIS E 502 -9.72 11.68 -7.35
C HIS E 502 -10.77 11.60 -8.45
N THR E 503 -11.84 12.39 -8.39
CA THR E 503 -12.81 12.43 -9.48
C THR E 503 -12.26 13.06 -10.75
N ASN E 504 -11.14 13.77 -10.67
CA ASN E 504 -10.59 14.43 -11.85
C ASN E 504 -10.15 13.42 -12.91
N ASP E 505 -9.49 12.34 -12.48
CA ASP E 505 -8.92 11.40 -13.44
C ASP E 505 -9.99 10.58 -14.14
N VAL E 506 -11.04 10.21 -13.43
CA VAL E 506 -12.03 9.28 -13.95
C VAL E 506 -13.23 10.04 -14.53
N CYS E 507 -13.85 10.87 -13.73
CA CYS E 507 -15.05 11.59 -14.16
C CYS E 507 -14.63 12.80 -14.99
N SER E 508 -14.83 12.71 -16.30
CA SER E 508 -14.48 13.76 -17.24
C SER E 508 -15.71 14.26 -17.95
N PHE E 509 -15.83 15.58 -18.10
CA PHE E 509 -16.99 16.17 -18.74
C PHE E 509 -16.57 17.03 -19.92
N PRO E 510 -17.26 16.92 -21.07
CA PRO E 510 -18.41 16.06 -21.33
C PRO E 510 -18.04 14.61 -21.61
N ASN E 511 -18.85 13.67 -21.13
CA ASN E 511 -18.63 12.24 -21.38
C ASN E 511 -19.74 11.72 -22.26
N ALA E 512 -19.36 11.09 -23.38
CA ALA E 512 -20.35 10.62 -24.34
C ALA E 512 -21.20 9.48 -23.79
N LEU E 513 -20.58 8.59 -23.01
CA LEU E 513 -21.32 7.46 -22.46
C LEU E 513 -22.37 7.92 -21.46
N VAL E 514 -22.06 8.94 -20.66
CA VAL E 514 -23.03 9.46 -19.70
C VAL E 514 -24.24 10.02 -20.42
N THR E 515 -24.01 10.77 -21.50
CA THR E 515 -25.12 11.32 -22.28
C THR E 515 -25.95 10.20 -22.91
N LYS E 516 -25.29 9.15 -23.40
CA LYS E 516 -26.02 8.03 -24.00
C LYS E 516 -26.89 7.32 -22.96
N LEU E 517 -26.34 7.06 -21.77
CA LEU E 517 -27.11 6.43 -20.72
C LEU E 517 -28.28 7.30 -20.27
N LEU E 518 -28.05 8.62 -20.14
CA LEU E 518 -29.14 9.50 -19.78
C LEU E 518 -30.22 9.51 -20.85
N LEU E 519 -29.83 9.51 -22.12
CA LEU E 519 -30.80 9.56 -23.21
C LEU E 519 -31.64 8.29 -23.27
N ASP E 520 -30.99 7.13 -23.20
CA ASP E 520 -31.79 5.90 -23.24
C ASP E 520 -32.48 5.61 -21.92
N CYS E 521 -32.13 6.33 -20.86
CA CYS E 521 -32.89 6.25 -19.61
C CYS E 521 -34.10 7.18 -19.61
N GLY E 522 -34.27 8.00 -20.64
CA GLY E 522 -35.46 8.81 -20.78
C GLY E 522 -35.27 10.29 -20.51
N ALA E 523 -34.08 10.81 -20.80
CA ALA E 523 -33.81 12.23 -20.59
C ALA E 523 -34.63 13.08 -21.56
N GLU E 524 -35.10 14.22 -21.08
CA GLU E 524 -35.85 15.17 -21.91
C GLU E 524 -34.82 16.02 -22.65
N VAL E 525 -34.47 15.57 -23.87
CA VAL E 525 -33.41 16.23 -24.63
C VAL E 525 -33.85 17.61 -25.10
N ASN E 526 -35.13 17.81 -25.33
CA ASN E 526 -35.62 19.08 -25.86
C ASN E 526 -35.73 20.17 -24.80
N ALA E 527 -35.51 19.83 -23.52
CA ALA E 527 -35.61 20.82 -22.47
C ALA E 527 -34.49 21.85 -22.59
N VAL E 528 -34.81 23.09 -22.22
CA VAL E 528 -33.88 24.20 -22.29
C VAL E 528 -33.81 24.89 -20.94
N ASP E 529 -32.72 25.61 -20.73
CA ASP E 529 -32.51 26.34 -19.49
C ASP E 529 -33.17 27.71 -19.58
N ASN E 530 -32.89 28.58 -18.61
CA ASN E 530 -33.43 29.93 -18.67
C ASN E 530 -32.79 30.76 -19.77
N GLU E 531 -31.55 30.43 -20.15
CA GLU E 531 -30.94 31.07 -21.30
C GLU E 531 -31.57 30.62 -22.61
N GLY E 532 -32.27 29.49 -22.60
CA GLY E 532 -32.88 28.95 -23.80
C GLY E 532 -32.01 27.99 -24.57
N ASN E 533 -30.77 27.76 -24.14
CA ASN E 533 -29.90 26.81 -24.81
C ASN E 533 -30.40 25.38 -24.59
N SER E 534 -30.24 24.55 -25.61
CA SER E 534 -30.63 23.15 -25.55
C SER E 534 -29.39 22.29 -25.32
N ALA E 535 -29.60 20.97 -25.27
CA ALA E 535 -28.49 20.04 -25.17
C ALA E 535 -27.59 20.14 -26.41
N LEU E 536 -28.20 20.34 -27.57
CA LEU E 536 -27.42 20.53 -28.79
C LEU E 536 -26.67 21.85 -28.77
N HIS E 537 -27.16 22.85 -28.01
CA HIS E 537 -26.51 24.15 -27.99
C HIS E 537 -25.19 24.10 -27.24
N ILE E 538 -25.10 23.29 -26.19
CA ILE E 538 -23.89 23.30 -25.38
C ILE E 538 -22.85 22.34 -25.92
N ILE E 539 -23.26 21.31 -26.66
CA ILE E 539 -22.28 20.36 -27.19
C ILE E 539 -21.50 20.97 -28.35
N VAL E 540 -22.09 21.91 -29.10
CA VAL E 540 -21.33 22.64 -30.11
C VAL E 540 -20.47 23.73 -29.50
N GLN E 541 -20.55 23.95 -28.19
CA GLN E 541 -19.64 24.82 -27.47
C GLN E 541 -18.39 24.08 -27.00
N TYR E 542 -18.28 22.78 -27.31
CA TYR E 542 -17.13 21.99 -26.88
C TYR E 542 -15.88 22.47 -27.60
N ASN E 543 -14.86 22.82 -26.83
CA ASN E 543 -13.73 23.58 -27.34
C ASN E 543 -12.62 22.72 -27.94
N ARG E 544 -12.45 21.48 -27.47
CA ARG E 544 -11.31 20.65 -27.85
C ARG E 544 -11.77 19.30 -28.38
N PRO E 545 -12.27 19.26 -29.62
CA PRO E 545 -12.60 17.97 -30.24
C PRO E 545 -11.43 17.32 -30.96
N ILE E 546 -10.34 18.04 -31.16
CA ILE E 546 -9.16 17.49 -31.82
C ILE E 546 -8.52 16.41 -30.95
N SER E 547 -8.55 16.59 -29.62
CA SER E 547 -8.00 15.57 -28.73
C SER E 547 -8.85 14.30 -28.75
N ASP E 548 -10.17 14.44 -28.87
CA ASP E 548 -11.07 13.29 -28.83
C ASP E 548 -12.26 13.57 -29.74
N PHE E 549 -12.17 13.10 -30.99
CA PHE E 549 -13.28 13.24 -31.91
C PHE E 549 -14.38 12.23 -31.62
N LEU E 550 -14.02 11.02 -31.16
CA LEU E 550 -15.00 9.97 -30.91
C LEU E 550 -15.96 10.35 -29.79
N THR E 551 -15.46 11.07 -28.77
CA THR E 551 -16.35 11.55 -27.72
C THR E 551 -17.38 12.53 -28.26
N LEU E 552 -16.94 13.45 -29.14
CA LEU E 552 -17.88 14.39 -29.73
C LEU E 552 -18.76 13.73 -30.78
N HIS E 553 -18.23 12.75 -31.51
CA HIS E 553 -19.00 12.15 -32.59
C HIS E 553 -20.17 11.32 -32.07
N SER E 554 -19.97 10.59 -30.99
CA SER E 554 -20.99 9.67 -30.50
C SER E 554 -22.03 10.36 -29.62
N ILE E 555 -21.92 11.66 -29.39
CA ILE E 555 -22.94 12.37 -28.63
C ILE E 555 -23.77 13.21 -29.59
N ILE E 556 -23.14 13.73 -30.66
CA ILE E 556 -23.88 14.45 -31.69
C ILE E 556 -24.89 13.53 -32.37
N ILE E 557 -24.45 12.33 -32.73
CA ILE E 557 -25.38 11.36 -33.31
C ILE E 557 -26.40 10.91 -32.26
N SER E 558 -26.01 10.92 -30.97
CA SER E 558 -26.94 10.52 -29.92
C SER E 558 -28.01 11.57 -29.71
N LEU E 559 -27.63 12.86 -29.68
CA LEU E 559 -28.61 13.91 -29.48
C LEU E 559 -29.59 13.99 -30.64
N VAL E 560 -29.10 13.83 -31.87
CA VAL E 560 -29.97 13.87 -33.04
C VAL E 560 -30.92 12.68 -33.05
N GLU E 561 -30.41 11.49 -32.70
CA GLU E 561 -31.27 10.32 -32.62
C GLU E 561 -32.28 10.45 -31.49
N ALA E 562 -31.96 11.20 -30.45
CA ALA E 562 -32.93 11.45 -29.38
C ALA E 562 -34.10 12.27 -29.89
N GLY E 563 -33.83 13.26 -30.74
CA GLY E 563 -34.90 14.07 -31.29
C GLY E 563 -34.71 15.55 -31.05
N ALA E 564 -33.48 15.97 -30.77
CA ALA E 564 -33.20 17.38 -30.56
C ALA E 564 -33.25 18.12 -31.90
N HIS E 565 -33.91 19.28 -31.90
CA HIS E 565 -34.03 20.07 -33.11
C HIS E 565 -32.67 20.64 -33.50
N THR E 566 -32.29 20.42 -34.76
CA THR E 566 -31.07 21.05 -35.26
C THR E 566 -31.21 22.57 -35.30
N ASP E 567 -32.38 23.06 -35.71
CA ASP E 567 -32.66 24.49 -35.74
C ASP E 567 -33.35 24.96 -34.47
N MET E 568 -32.76 24.66 -33.32
CA MET E 568 -33.29 25.15 -32.06
C MET E 568 -32.81 26.58 -31.80
N THR E 569 -33.67 27.41 -31.24
CA THR E 569 -33.36 28.82 -31.03
C THR E 569 -33.40 29.13 -29.54
N ASN E 570 -32.33 29.74 -29.05
CA ASN E 570 -32.25 30.15 -27.65
C ASN E 570 -32.99 31.48 -27.46
N LYS E 571 -32.80 32.12 -26.31
CA LYS E 571 -33.45 33.39 -26.06
C LYS E 571 -32.95 34.48 -26.99
N GLN E 572 -31.67 34.44 -27.37
CA GLN E 572 -31.09 35.46 -28.22
C GLN E 572 -31.19 35.07 -29.70
N ASN E 573 -31.90 33.97 -29.99
CA ASN E 573 -32.18 33.49 -31.35
C ASN E 573 -30.89 33.13 -32.09
N LYS E 574 -30.27 32.05 -31.63
CA LYS E 574 -29.12 31.45 -32.28
C LYS E 574 -29.35 29.96 -32.43
N THR E 575 -29.06 29.44 -33.62
CA THR E 575 -29.11 28.02 -33.90
C THR E 575 -27.80 27.36 -33.45
N PRO E 576 -27.83 26.05 -33.15
CA PRO E 576 -26.56 25.35 -32.85
C PRO E 576 -25.55 25.38 -33.98
N LEU E 577 -26.01 25.55 -35.22
CA LEU E 577 -25.07 25.76 -36.33
C LEU E 577 -24.27 27.04 -36.10
N ASP E 578 -24.93 28.09 -35.62
CA ASP E 578 -24.27 29.37 -35.38
C ASP E 578 -23.38 29.31 -34.16
N LYS E 579 -23.69 28.45 -33.20
CA LYS E 579 -22.90 28.31 -31.98
C LYS E 579 -21.78 27.28 -32.12
N SER E 580 -21.63 26.67 -33.29
CA SER E 580 -20.58 25.68 -33.51
C SER E 580 -19.22 26.36 -33.49
N THR E 581 -18.47 26.17 -32.42
CA THR E 581 -17.16 26.82 -32.29
C THR E 581 -16.16 26.24 -33.28
N THR E 582 -16.12 24.92 -33.42
CA THR E 582 -15.16 24.25 -34.28
C THR E 582 -15.83 23.80 -35.58
N GLY E 583 -14.98 23.59 -36.59
CA GLY E 583 -15.48 23.18 -37.89
C GLY E 583 -16.06 21.77 -37.88
N VAL E 584 -15.46 20.86 -37.12
CA VAL E 584 -15.89 19.46 -37.14
C VAL E 584 -17.28 19.31 -36.52
N SER E 585 -17.60 20.10 -35.49
CA SER E 585 -18.95 20.10 -34.95
C SER E 585 -19.94 20.57 -35.99
N GLU E 586 -19.58 21.61 -36.74
CA GLU E 586 -20.44 22.10 -37.81
C GLU E 586 -20.65 21.04 -38.89
N ILE E 587 -19.59 20.31 -39.24
CA ILE E 587 -19.68 19.27 -40.26
C ILE E 587 -20.58 18.14 -39.79
N LEU E 588 -20.40 17.68 -38.55
CA LEU E 588 -21.21 16.60 -38.02
C LEU E 588 -22.67 17.02 -37.88
N LEU E 589 -22.90 18.26 -37.43
CA LEU E 589 -24.26 18.75 -37.33
C LEU E 589 -24.92 18.83 -38.71
N LYS E 590 -24.19 19.33 -39.71
CA LYS E 590 -24.73 19.43 -41.07
C LYS E 590 -25.05 18.06 -41.63
N THR E 591 -24.19 17.07 -41.38
CA THR E 591 -24.52 15.71 -41.77
C THR E 591 -25.68 15.16 -40.97
N GLN E 592 -25.95 15.72 -39.79
CA GLN E 592 -27.08 15.31 -38.97
C GLN E 592 -28.25 16.28 -39.02
N MET E 593 -28.17 17.34 -39.83
CA MET E 593 -29.33 18.22 -39.97
C MET E 593 -30.42 17.52 -40.76
N LYS E 594 -31.36 16.90 -40.06
CA LYS E 594 -32.53 16.30 -40.70
C LYS E 594 -33.57 17.40 -40.89
N MET E 595 -33.40 18.16 -41.96
CA MET E 595 -34.24 19.31 -42.22
C MET E 595 -35.65 18.86 -42.60
N SER E 596 -36.58 19.79 -42.49
CA SER E 596 -37.97 19.54 -42.86
C SER E 596 -38.63 20.86 -43.23
N LEU E 597 -39.77 20.75 -43.92
CA LEU E 597 -40.50 21.94 -44.34
C LEU E 597 -41.01 22.72 -43.13
N LYS E 598 -41.37 22.02 -42.05
CA LYS E 598 -41.82 22.68 -40.85
C LYS E 598 -40.73 23.59 -40.28
N CYS E 599 -39.49 23.10 -40.24
CA CYS E 599 -38.39 23.90 -39.70
C CYS E 599 -38.10 25.11 -40.59
N LEU E 600 -38.09 24.92 -41.91
CA LEU E 600 -37.82 26.05 -42.81
C LEU E 600 -38.93 27.09 -42.75
N ALA E 601 -40.19 26.64 -42.71
CA ALA E 601 -41.30 27.58 -42.59
C ALA E 601 -41.27 28.31 -41.26
N ALA E 602 -40.88 27.62 -40.18
CA ALA E 602 -40.76 28.26 -38.88
C ALA E 602 -39.65 29.30 -38.89
N ARG E 603 -38.52 28.99 -39.54
CA ARG E 603 -37.44 29.96 -39.66
C ARG E 603 -37.89 31.19 -40.44
N ALA E 604 -38.64 30.97 -41.53
CA ALA E 604 -39.15 32.09 -42.32
C ALA E 604 -40.13 32.94 -41.52
N VAL E 605 -41.02 32.29 -40.76
CA VAL E 605 -42.01 33.02 -39.97
C VAL E 605 -41.33 33.82 -38.86
N ARG E 606 -40.37 33.20 -38.17
CA ARG E 606 -39.66 33.87 -37.09
C ARG E 606 -38.83 35.04 -37.63
N ALA E 607 -38.21 34.87 -38.80
CA ALA E 607 -37.45 35.96 -39.40
C ALA E 607 -38.35 37.13 -39.78
N ASN E 608 -39.54 36.85 -40.29
CA ASN E 608 -40.45 37.91 -40.72
C ASN E 608 -41.16 38.59 -39.57
N ASP E 609 -41.18 37.96 -38.39
CA ASP E 609 -41.88 38.48 -37.20
C ASP E 609 -43.35 38.76 -37.49
N ILE E 610 -43.98 37.87 -38.25
CA ILE E 610 -45.40 38.01 -38.58
C ILE E 610 -46.22 37.49 -37.40
N ASN E 611 -47.50 37.81 -37.39
CA ASN E 611 -48.38 37.36 -36.31
C ASN E 611 -48.60 35.86 -36.41
N TYR E 612 -48.45 35.16 -35.29
CA TYR E 612 -48.71 33.73 -35.25
C TYR E 612 -49.45 33.30 -33.99
N GLN E 613 -49.82 34.24 -33.12
CA GLN E 613 -50.51 33.90 -31.89
C GLN E 613 -51.99 33.73 -32.15
N ASP E 614 -52.58 32.71 -31.54
CA ASP E 614 -54.01 32.39 -31.62
C ASP E 614 -54.48 32.08 -33.05
N GLN E 615 -53.56 31.74 -33.94
CA GLN E 615 -53.91 31.27 -35.28
C GLN E 615 -53.52 29.82 -35.47
N ILE E 616 -52.25 29.49 -35.27
CA ILE E 616 -51.74 28.12 -35.40
C ILE E 616 -52.07 27.36 -34.12
N PRO E 617 -51.99 26.03 -34.11
CA PRO E 617 -52.15 25.29 -32.86
C PRO E 617 -51.06 25.62 -31.85
N ARG E 618 -51.34 25.30 -30.59
CA ARG E 618 -50.44 25.63 -29.51
C ARG E 618 -49.13 24.85 -29.57
N THR E 619 -49.17 23.62 -30.09
CA THR E 619 -47.93 22.90 -30.35
C THR E 619 -47.10 23.65 -31.39
N LEU E 620 -47.76 24.24 -32.39
CA LEU E 620 -47.06 25.10 -33.32
C LEU E 620 -46.59 26.39 -32.65
N GLU E 621 -47.33 26.88 -31.66
CA GLU E 621 -46.86 28.04 -30.91
C GLU E 621 -45.53 27.74 -30.23
N GLU E 622 -45.44 26.57 -29.59
CA GLU E 622 -44.15 26.14 -29.03
C GLU E 622 -43.10 25.95 -30.12
N PHE E 623 -43.51 25.41 -31.27
CA PHE E 623 -42.57 25.17 -32.37
C PHE E 623 -41.96 26.48 -32.87
N VAL E 624 -42.77 27.52 -33.03
CA VAL E 624 -42.24 28.84 -33.33
C VAL E 624 -41.42 29.34 -32.16
N GLY E 625 -41.77 28.93 -30.93
CA GLY E 625 -41.00 29.33 -29.77
C GLY E 625 -39.55 28.87 -29.83
N PHE E 626 -39.32 27.60 -30.21
CA PHE E 626 -37.96 27.09 -30.30
C PHE E 626 -37.50 26.86 -31.73
N HIS E 627 -38.02 27.63 -32.67
CA HIS E 627 -37.46 27.72 -34.02
C HIS E 627 -37.41 29.17 -34.46
N MET F 1 -4.20 32.33 85.49
CA MET F 1 -4.55 31.16 84.69
C MET F 1 -4.16 31.35 83.23
N GLU F 2 -4.37 30.31 82.42
CA GLU F 2 -4.09 30.41 81.00
C GLU F 2 -4.99 31.42 80.32
N GLY F 3 -6.27 31.45 80.68
CA GLY F 3 -7.15 32.49 80.18
C GLY F 3 -6.78 33.87 80.70
N LEU F 4 -6.37 33.96 81.96
CA LEU F 4 -5.93 35.24 82.51
C LEU F 4 -4.60 35.68 81.93
N ALA F 5 -3.78 34.74 81.46
CA ALA F 5 -2.54 35.10 80.80
C ALA F 5 -2.80 35.83 79.48
N GLY F 6 -3.80 35.39 78.73
CA GLY F 6 -4.18 36.09 77.52
C GLY F 6 -4.88 37.40 77.76
N TYR F 7 -5.51 37.57 78.93
CA TYR F 7 -6.16 38.83 79.27
C TYR F 7 -5.12 39.93 79.49
N VAL F 8 -4.07 39.63 80.25
CA VAL F 8 -3.01 40.62 80.47
C VAL F 8 -2.09 40.72 79.26
N TYR F 9 -2.14 39.75 78.34
CA TYR F 9 -1.34 39.84 77.13
C TYR F 9 -1.80 40.99 76.23
N LYS F 10 -3.12 41.17 76.10
CA LYS F 10 -3.64 42.27 75.29
C LYS F 10 -3.45 43.62 75.98
N ALA F 11 -3.46 43.63 77.32
CA ALA F 11 -3.29 44.88 78.05
C ALA F 11 -1.90 45.47 77.84
N ALA F 12 -0.87 44.62 77.85
CA ALA F 12 0.48 45.10 77.55
C ALA F 12 0.67 45.36 76.06
N SER F 13 -0.07 44.63 75.21
CA SER F 13 0.05 44.83 73.77
C SER F 13 -0.53 46.18 73.33
N GLU F 14 -1.58 46.65 74.00
CA GLU F 14 -2.17 47.94 73.68
C GLU F 14 -1.44 49.11 74.35
N GLY F 15 -0.49 48.83 75.24
CA GLY F 15 0.21 49.88 75.95
C GLY F 15 -0.66 50.68 76.88
N LYS F 16 -1.53 50.01 77.65
CA LYS F 16 -2.45 50.65 78.56
C LYS F 16 -2.06 50.33 79.99
N VAL F 17 -2.07 51.35 80.85
CA VAL F 17 -1.69 51.19 82.25
C VAL F 17 -2.89 50.87 83.13
N LEU F 18 -3.99 51.62 82.96
CA LEU F 18 -5.14 51.46 83.83
C LEU F 18 -5.85 50.12 83.60
N THR F 19 -5.71 49.53 82.42
CA THR F 19 -6.33 48.24 82.17
C THR F 19 -5.57 47.11 82.86
N LEU F 20 -4.23 47.22 82.91
CA LEU F 20 -3.43 46.19 83.55
C LEU F 20 -3.55 46.22 85.07
N ALA F 21 -3.90 47.38 85.64
CA ALA F 21 -4.04 47.48 87.10
C ALA F 21 -5.19 46.61 87.61
N ALA F 22 -6.30 46.59 86.89
CA ALA F 22 -7.43 45.77 87.32
C ALA F 22 -7.20 44.29 87.06
N LEU F 23 -6.34 43.95 86.08
CA LEU F 23 -6.06 42.58 85.73
C LEU F 23 -4.87 42.00 86.48
N LEU F 24 -4.21 42.79 87.33
CA LEU F 24 -3.04 42.31 88.07
C LEU F 24 -3.16 42.66 89.55
N LEU F 25 -4.40 42.80 90.05
CA LEU F 25 -4.65 43.11 91.45
C LEU F 25 -5.91 42.39 91.89
N ASN F 26 -6.29 42.64 93.15
CA ASN F 26 -7.50 42.09 93.77
C ASN F 26 -7.48 40.55 93.76
N ARG F 27 -6.29 39.97 93.93
CA ARG F 27 -6.12 38.54 93.94
C ARG F 27 -5.02 38.18 94.94
N SER F 28 -4.67 36.89 94.98
CA SER F 28 -3.59 36.42 95.84
C SER F 28 -2.24 36.69 95.18
N GLU F 29 -1.17 36.36 95.90
CA GLU F 29 0.17 36.57 95.37
C GLU F 29 0.56 35.51 94.35
N SER F 30 0.00 34.30 94.45
CA SER F 30 0.44 33.20 93.60
C SER F 30 0.00 33.39 92.15
N ASP F 31 -1.28 33.71 91.93
CA ASP F 31 -1.79 33.77 90.57
C ASP F 31 -1.41 35.07 89.86
N ILE F 32 -1.16 36.14 90.61
CA ILE F 32 -0.84 37.43 90.00
C ILE F 32 0.55 37.39 89.35
N ARG F 33 1.54 36.81 90.04
CA ARG F 33 2.89 36.78 89.51
C ARG F 33 3.03 35.79 88.36
N TYR F 34 2.10 34.83 88.23
CA TYR F 34 2.15 33.89 87.12
C TYR F 34 1.89 34.59 85.79
N LEU F 35 1.01 35.58 85.78
CA LEU F 35 0.67 36.28 84.54
C LEU F 35 1.87 37.07 84.00
N LEU F 36 2.63 37.68 84.89
CA LEU F 36 3.80 38.46 84.51
C LEU F 36 5.07 37.63 84.40
N GLY F 37 4.99 36.33 84.65
CA GLY F 37 6.16 35.48 84.59
C GLY F 37 5.97 34.22 83.74
N TYR F 38 5.21 34.34 82.66
CA TYR F 38 4.97 33.21 81.78
C TYR F 38 4.67 33.72 80.38
N VAL F 39 5.16 32.99 79.38
CA VAL F 39 4.95 33.38 77.98
C VAL F 39 3.53 33.02 77.56
N SER F 40 3.07 33.67 76.48
CA SER F 40 1.76 33.41 75.90
C SER F 40 1.96 32.88 74.49
N GLN F 41 1.33 31.74 74.20
CA GLN F 41 1.47 31.08 72.91
C GLN F 41 0.43 31.65 71.95
N GLN F 42 0.84 32.63 71.15
CA GLN F 42 -0.03 33.26 70.16
C GLN F 42 0.63 33.18 68.79
N GLY F 43 -0.14 32.74 67.80
CA GLY F 43 0.40 32.61 66.46
C GLY F 43 1.38 31.49 66.27
N GLY F 44 1.36 30.49 67.15
CA GLY F 44 2.27 29.37 67.07
C GLY F 44 3.64 29.60 67.69
N GLN F 45 3.92 30.80 68.18
CA GLN F 45 5.20 31.11 68.82
C GLN F 45 4.93 31.77 70.16
N ARG F 46 5.54 31.22 71.21
CA ARG F 46 5.33 31.75 72.55
C ARG F 46 6.05 33.08 72.74
N SER F 47 5.45 33.96 73.54
CA SER F 47 6.03 35.27 73.81
C SER F 47 5.51 35.77 75.15
N THR F 48 6.39 36.42 75.91
CA THR F 48 6.01 37.04 77.16
C THR F 48 5.11 38.24 76.89
N PRO F 49 4.15 38.53 77.79
CA PRO F 49 3.46 39.82 77.71
C PRO F 49 4.40 41.02 77.82
N LEU F 50 5.52 40.87 78.53
CA LEU F 50 6.51 41.95 78.54
C LEU F 50 7.29 42.01 77.23
N ILE F 51 7.39 40.89 76.51
CA ILE F 51 8.05 40.90 75.21
C ILE F 51 7.27 41.76 74.23
N ILE F 52 5.94 41.59 74.17
CA ILE F 52 5.11 42.39 73.28
C ILE F 52 5.05 43.84 73.72
N ALA F 53 5.37 44.12 75.00
CA ALA F 53 5.52 45.51 75.42
C ALA F 53 6.83 46.10 74.91
N ALA F 54 7.91 45.31 74.96
CA ALA F 54 9.20 45.77 74.46
C ALA F 54 9.28 45.71 72.94
N ARG F 55 8.58 44.77 72.32
CA ARG F 55 8.61 44.67 70.86
C ARG F 55 7.99 45.89 70.19
N ASN F 56 6.87 46.37 70.73
CA ASN F 56 6.19 47.54 70.19
C ASN F 56 6.66 48.84 70.82
N GLY F 57 7.61 48.79 71.74
CA GLY F 57 8.08 49.98 72.42
C GLY F 57 7.05 50.64 73.31
N HIS F 58 6.20 49.84 73.97
CA HIS F 58 5.19 50.36 74.89
C HIS F 58 5.84 50.55 76.24
N ALA F 59 6.58 51.65 76.38
CA ALA F 59 7.29 51.94 77.61
C ALA F 59 6.37 52.35 78.74
N LYS F 60 5.19 52.89 78.43
CA LYS F 60 4.30 53.39 79.48
C LYS F 60 3.75 52.27 80.34
N VAL F 61 3.33 51.16 79.72
CA VAL F 61 2.76 50.06 80.49
C VAL F 61 3.84 49.31 81.27
N VAL F 62 5.04 49.20 80.71
CA VAL F 62 6.07 48.37 81.32
C VAL F 62 6.93 49.11 82.34
N ARG F 63 6.98 50.45 82.27
CA ARG F 63 7.74 51.20 83.27
C ARG F 63 7.06 51.17 84.63
N LEU F 64 5.75 51.39 84.66
CA LEU F 64 5.02 51.35 85.93
C LEU F 64 4.90 49.93 86.47
N LEU F 65 5.11 48.92 85.63
CA LEU F 65 5.13 47.54 86.10
C LEU F 65 6.31 47.31 87.05
N LEU F 66 7.47 47.88 86.72
CA LEU F 66 8.65 47.68 87.57
C LEU F 66 8.57 48.48 88.85
N GLU F 67 7.84 49.60 88.85
CA GLU F 67 7.73 50.42 90.05
C GLU F 67 6.87 49.74 91.11
N HIS F 68 5.72 49.20 90.70
CA HIS F 68 4.76 48.63 91.64
C HIS F 68 4.94 47.14 91.86
N TYR F 69 5.83 46.48 91.12
CA TYR F 69 6.02 45.04 91.24
C TYR F 69 7.51 44.74 91.15
N ARG F 70 7.84 43.46 91.22
CA ARG F 70 9.21 42.97 91.14
C ARG F 70 9.40 42.05 89.94
N VAL F 71 8.75 42.39 88.82
CA VAL F 71 8.87 41.58 87.61
C VAL F 71 10.27 41.73 87.03
N GLN F 72 10.84 40.61 86.59
CA GLN F 72 12.19 40.58 86.06
C GLN F 72 12.18 40.45 84.54
N THR F 73 13.33 40.72 83.93
CA THR F 73 13.51 40.63 82.50
C THR F 73 14.18 39.32 82.08
N GLN F 74 14.29 38.36 82.99
CA GLN F 74 14.92 37.08 82.71
C GLN F 74 13.96 36.06 82.12
N GLN F 75 12.81 36.51 81.62
CA GLN F 75 11.84 35.60 81.03
C GLN F 75 12.34 35.10 79.68
N THR F 76 12.29 33.79 79.48
CA THR F 76 12.76 33.18 78.24
C THR F 76 11.78 33.44 77.10
N GLY F 77 12.28 33.95 75.98
CA GLY F 77 11.46 34.22 74.82
C GLY F 77 12.23 33.96 73.54
N THR F 78 11.54 34.16 72.41
CA THR F 78 12.15 33.97 71.10
C THR F 78 13.05 35.15 70.76
N VAL F 79 13.79 35.01 69.66
CA VAL F 79 14.71 36.05 69.22
C VAL F 79 14.04 37.00 68.23
N ARG F 80 13.40 36.48 67.19
CA ARG F 80 12.80 37.26 66.13
C ARG F 80 11.94 36.33 65.28
N PHE F 81 11.19 36.92 64.36
CA PHE F 81 10.32 36.17 63.45
C PHE F 81 10.83 36.16 62.02
N ASP F 82 12.07 36.61 61.78
CA ASP F 82 12.62 36.68 60.43
C ASP F 82 13.39 35.41 60.10
N GLY F 83 12.69 34.28 60.11
CA GLY F 83 13.27 33.00 59.77
C GLY F 83 14.12 32.38 60.85
N TYR F 84 14.04 32.85 62.09
CA TYR F 84 14.80 32.28 63.20
C TYR F 84 13.90 31.52 64.17
N VAL F 85 12.88 32.20 64.71
CA VAL F 85 11.88 31.73 65.69
C VAL F 85 12.39 30.65 66.64
N ILE F 86 13.58 30.85 67.20
CA ILE F 86 14.13 29.98 68.22
C ILE F 86 14.08 30.69 69.56
N ASP F 87 13.77 29.94 70.61
CA ASP F 87 13.58 30.50 71.94
C ASP F 87 14.92 30.61 72.67
N GLY F 88 14.86 30.90 73.97
CA GLY F 88 16.03 31.04 74.80
C GLY F 88 16.44 32.47 75.09
N ALA F 89 15.97 33.43 74.29
CA ALA F 89 16.33 34.82 74.51
C ALA F 89 15.59 35.39 75.71
N THR F 90 16.25 36.29 76.43
CA THR F 90 15.65 36.95 77.57
C THR F 90 14.72 38.08 77.09
N ALA F 91 14.03 38.69 78.05
CA ALA F 91 13.13 39.80 77.71
C ALA F 91 13.90 41.06 77.31
N LEU F 92 15.15 41.21 77.78
CA LEU F 92 15.96 42.33 77.34
C LEU F 92 16.52 42.13 75.94
N TRP F 93 16.57 40.88 75.46
CA TRP F 93 17.08 40.61 74.11
C TRP F 93 16.22 41.27 73.05
N CYS F 94 14.90 41.18 73.19
CA CYS F 94 13.99 41.84 72.26
C CYS F 94 13.82 43.33 72.56
N ALA F 95 14.26 43.79 73.73
CA ALA F 95 14.24 45.23 74.01
C ALA F 95 15.20 45.98 73.10
N ALA F 96 16.41 45.44 72.93
CA ALA F 96 17.38 46.05 72.01
C ALA F 96 17.06 45.72 70.55
N GLY F 97 16.50 44.55 70.30
CA GLY F 97 16.22 44.12 68.93
C GLY F 97 14.98 44.72 68.30
N ALA F 98 14.17 45.44 69.07
CA ALA F 98 12.98 46.09 68.53
C ALA F 98 13.23 47.54 68.14
N GLY F 99 14.45 48.03 68.29
CA GLY F 99 14.75 49.41 67.95
C GLY F 99 14.07 50.44 68.82
N HIS F 100 14.03 50.21 70.13
CA HIS F 100 13.39 51.12 71.08
C HIS F 100 14.34 51.36 72.24
N PHE F 101 14.89 52.57 72.32
CA PHE F 101 15.82 52.89 73.40
C PHE F 101 15.09 53.12 74.72
N GLU F 102 13.82 53.53 74.66
CA GLU F 102 13.09 53.87 75.88
C GLU F 102 12.79 52.65 76.75
N VAL F 103 12.79 51.44 76.18
CA VAL F 103 12.51 50.25 76.97
C VAL F 103 13.80 49.63 77.53
N VAL F 104 14.95 49.93 76.94
CA VAL F 104 16.22 49.39 77.46
C VAL F 104 16.58 50.05 78.78
N LYS F 105 16.34 51.36 78.91
CA LYS F 105 16.78 52.08 80.10
C LYS F 105 15.97 51.70 81.34
N LEU F 106 14.71 51.33 81.17
CA LEU F 106 13.88 50.96 82.31
C LEU F 106 14.18 49.57 82.84
N LEU F 107 14.56 48.64 81.95
CA LEU F 107 14.89 47.28 82.39
C LEU F 107 16.24 47.22 83.10
N VAL F 108 17.14 48.18 82.84
CA VAL F 108 18.45 48.17 83.47
C VAL F 108 18.33 48.49 84.96
N SER F 109 17.52 49.48 85.32
CA SER F 109 17.38 49.89 86.71
C SER F 109 16.68 48.86 87.58
N HIS F 110 15.98 47.90 86.97
CA HIS F 110 15.27 46.85 87.70
C HIS F 110 15.75 45.50 87.16
N GLY F 111 16.85 45.01 87.73
CA GLY F 111 17.38 43.71 87.34
C GLY F 111 17.97 43.69 85.94
N ALA F 112 19.10 44.37 85.75
CA ALA F 112 19.74 44.43 84.45
C ALA F 112 20.25 43.06 84.01
N ASN F 113 19.98 42.70 82.77
CA ASN F 113 20.38 41.43 82.18
C ASN F 113 21.26 41.65 80.96
N VAL F 114 22.18 42.62 81.05
CA VAL F 114 23.04 42.95 79.92
C VAL F 114 24.05 41.85 79.63
N ASN F 115 24.36 41.00 80.61
CA ASN F 115 25.27 39.88 80.42
C ASN F 115 24.53 38.56 80.25
N HIS F 116 23.36 38.60 79.62
CA HIS F 116 22.56 37.39 79.42
C HIS F 116 23.19 36.49 78.37
N THR F 117 23.30 35.20 78.69
CA THR F 117 23.86 34.20 77.78
C THR F 117 22.82 33.11 77.58
N THR F 118 22.29 33.00 76.36
CA THR F 118 21.32 31.98 76.03
C THR F 118 22.04 30.74 75.51
N VAL F 119 21.30 29.83 74.88
CA VAL F 119 21.90 28.63 74.29
C VAL F 119 22.88 29.01 73.18
N THR F 120 22.67 30.15 72.53
CA THR F 120 23.61 30.69 71.56
C THR F 120 24.46 31.82 72.15
N ASN F 121 24.48 31.95 73.49
CA ASN F 121 25.14 32.99 74.27
C ASN F 121 25.02 34.39 73.65
N SER F 122 23.84 34.69 73.12
CA SER F 122 23.60 35.97 72.45
C SER F 122 23.22 37.01 73.50
N THR F 123 24.14 37.92 73.80
CA THR F 123 23.88 39.01 74.71
C THR F 123 22.93 40.02 74.06
N PRO F 124 22.27 40.87 74.86
CA PRO F 124 21.44 41.93 74.25
C PRO F 124 22.21 42.90 73.38
N LEU F 125 23.53 43.00 73.54
CA LEU F 125 24.33 43.80 72.63
C LEU F 125 24.34 43.22 71.23
N ARG F 126 24.33 41.89 71.11
CA ARG F 126 24.29 41.25 69.79
C ARG F 126 23.00 41.60 69.05
N ALA F 127 21.87 41.59 69.75
CA ALA F 127 20.62 42.05 69.15
C ALA F 127 20.67 43.55 68.87
N ALA F 128 21.30 44.31 69.76
CA ALA F 128 21.51 45.74 69.51
C ALA F 128 22.42 45.96 68.32
N CYS F 129 23.46 45.13 68.17
CA CYS F 129 24.29 45.19 66.97
C CYS F 129 23.50 44.80 65.73
N PHE F 130 22.62 43.81 65.85
CA PHE F 130 21.73 43.46 64.75
C PHE F 130 20.76 44.60 64.45
N ASP F 131 20.22 45.23 65.48
CA ASP F 131 19.37 46.41 65.29
C ASP F 131 20.18 47.60 64.79
N GLY F 132 21.39 47.78 65.33
CA GLY F 132 22.27 48.84 64.88
C GLY F 132 21.93 50.23 65.39
N ARG F 133 21.30 50.31 66.56
CA ARG F 133 20.99 51.61 67.17
C ARG F 133 22.18 52.04 68.01
N LEU F 134 22.71 53.24 67.71
CA LEU F 134 23.90 53.72 68.41
C LEU F 134 23.59 54.05 69.87
N ASP F 135 22.41 54.61 70.14
CA ASP F 135 22.05 54.96 71.51
C ASP F 135 21.86 53.72 72.38
N ILE F 136 21.26 52.66 71.82
CA ILE F 136 21.09 51.42 72.58
C ILE F 136 22.42 50.75 72.83
N VAL F 137 23.29 50.71 71.81
CA VAL F 137 24.60 50.06 71.95
C VAL F 137 25.47 50.81 72.95
N LYS F 138 25.50 52.15 72.87
CA LYS F 138 26.35 52.94 73.75
C LYS F 138 25.93 52.81 75.21
N TYR F 139 24.62 52.83 75.48
CA TYR F 139 24.14 52.74 76.85
C TYR F 139 24.30 51.33 77.41
N LEU F 140 24.16 50.31 76.56
CA LEU F 140 24.25 48.93 77.05
C LEU F 140 25.68 48.60 77.49
N VAL F 141 26.68 49.12 76.78
CA VAL F 141 28.06 48.99 77.23
C VAL F 141 28.28 49.77 78.52
N GLU F 142 27.60 50.91 78.67
CA GLU F 142 27.73 51.72 79.88
C GLU F 142 27.24 51.01 81.14
N ASN F 143 26.42 49.97 80.99
CA ASN F 143 25.91 49.20 82.11
C ASN F 143 26.76 47.97 82.42
N ASN F 144 28.06 48.03 82.13
CA ASN F 144 29.04 46.98 82.44
C ASN F 144 28.65 45.65 81.79
N ALA F 145 28.67 45.65 80.46
CA ALA F 145 28.36 44.47 79.66
C ALA F 145 29.57 44.10 78.83
N ASN F 146 29.91 42.80 78.83
CA ASN F 146 31.04 42.32 78.05
C ASN F 146 30.72 42.37 76.57
N ILE F 147 31.73 42.70 75.77
CA ILE F 147 31.57 42.84 74.32
C ILE F 147 32.22 41.70 73.55
N SER F 148 33.10 40.92 74.16
CA SER F 148 33.82 39.86 73.47
C SER F 148 33.14 38.51 73.61
N ILE F 149 31.82 38.49 73.75
CA ILE F 149 31.08 37.24 73.84
C ILE F 149 30.93 36.66 72.43
N ALA F 150 31.44 35.44 72.23
CA ALA F 150 31.47 34.80 70.93
C ALA F 150 30.60 33.56 70.94
N ASN F 151 29.89 33.34 69.83
CA ASN F 151 28.99 32.20 69.71
C ASN F 151 29.80 30.94 69.37
N LYS F 152 29.10 29.87 68.95
CA LYS F 152 29.77 28.63 68.60
C LYS F 152 30.71 28.82 67.42
N TYR F 153 30.30 29.60 66.42
CA TYR F 153 31.16 29.98 65.31
C TYR F 153 31.85 31.31 65.55
N ASP F 154 31.96 31.73 66.81
CA ASP F 154 32.63 32.98 67.22
C ASP F 154 32.03 34.19 66.52
N ASN F 155 30.74 34.43 66.82
CA ASN F 155 30.02 35.58 66.25
C ASN F 155 30.33 36.81 67.10
N THR F 156 31.51 37.38 66.86
CA THR F 156 31.92 38.61 67.52
C THR F 156 31.02 39.76 67.07
N CYS F 157 30.72 40.68 68.00
CA CYS F 157 29.87 41.82 67.70
C CYS F 157 30.44 42.74 66.64
N LEU F 158 31.76 42.69 66.41
CA LEU F 158 32.34 43.47 65.33
C LEU F 158 32.00 42.87 63.98
N MET F 159 31.84 41.55 63.90
CA MET F 159 31.54 40.90 62.64
C MET F 159 30.14 41.25 62.15
N ILE F 160 29.15 41.19 63.04
CA ILE F 160 27.77 41.50 62.65
C ILE F 160 27.63 42.98 62.31
N ALA F 161 28.37 43.84 63.02
CA ALA F 161 28.41 45.25 62.65
C ALA F 161 29.06 45.45 61.29
N ALA F 162 30.12 44.68 61.00
CA ALA F 162 30.74 44.73 59.68
C ALA F 162 29.86 44.10 58.62
N TYR F 163 29.12 43.03 58.98
CA TYR F 163 28.23 42.39 58.01
C TYR F 163 27.02 43.26 57.72
N LYS F 164 26.43 43.86 58.74
CA LYS F 164 25.26 44.71 58.54
C LYS F 164 25.70 46.11 58.10
N GLY F 165 24.73 46.89 57.64
CA GLY F 165 24.98 48.23 57.16
C GLY F 165 25.14 49.29 58.23
N HIS F 166 25.00 48.92 59.49
CA HIS F 166 25.12 49.87 60.59
C HIS F 166 26.61 50.10 60.85
N THR F 167 27.18 51.08 60.16
CA THR F 167 28.58 51.43 60.32
C THR F 167 28.85 52.23 61.58
N ASP F 168 27.81 52.71 62.26
CA ASP F 168 28.01 53.44 63.50
C ASP F 168 28.40 52.50 64.65
N VAL F 169 27.95 51.25 64.59
CA VAL F 169 28.29 50.29 65.64
C VAL F 169 29.76 49.90 65.57
N VAL F 170 30.27 49.65 64.37
CA VAL F 170 31.63 49.14 64.23
C VAL F 170 32.66 50.23 64.57
N ARG F 171 32.34 51.49 64.30
CA ARG F 171 33.27 52.57 64.62
C ARG F 171 33.27 52.91 66.11
N TYR F 172 32.19 52.58 66.83
CA TYR F 172 32.19 52.75 68.27
C TYR F 172 32.95 51.65 68.98
N LEU F 173 32.96 50.44 68.40
CA LEU F 173 33.66 49.32 69.03
C LEU F 173 35.17 49.52 69.05
N LEU F 174 35.73 50.09 67.97
CA LEU F 174 37.17 50.34 67.94
C LEU F 174 37.59 51.43 68.91
N GLU F 175 36.67 52.31 69.31
CA GLU F 175 36.98 53.30 70.34
C GLU F 175 37.13 52.66 71.72
N GLN F 176 36.53 51.48 71.93
CA GLN F 176 36.75 50.71 73.14
C GLN F 176 37.91 49.72 73.00
N ARG F 177 38.61 49.76 71.86
CA ARG F 177 39.75 48.90 71.56
C ARG F 177 39.37 47.42 71.62
N ALA F 178 38.38 47.07 70.81
CA ALA F 178 37.99 45.68 70.67
C ALA F 178 39.01 44.92 69.83
N ASP F 179 38.90 43.60 69.84
CA ASP F 179 39.83 42.77 69.08
C ASP F 179 39.60 42.87 67.57
N PRO F 180 40.62 43.27 66.79
CA PRO F 180 40.43 43.33 65.33
C PRO F 180 40.59 41.96 64.66
N ASN F 181 41.47 41.13 65.20
CA ASN F 181 41.73 39.81 64.64
C ASN F 181 40.91 38.74 65.38
N ALA F 182 39.60 38.93 65.36
CA ALA F 182 38.69 38.00 66.02
C ALA F 182 38.59 36.74 65.17
N LYS F 183 39.23 35.67 65.63
CA LYS F 183 39.22 34.41 64.89
C LYS F 183 37.87 33.73 65.04
N ALA F 184 37.32 33.26 63.92
CA ALA F 184 36.06 32.55 63.89
C ALA F 184 36.30 31.06 63.71
N HIS F 185 35.21 30.30 63.65
CA HIS F 185 35.32 28.87 63.38
C HIS F 185 35.87 28.61 61.99
N CYS F 186 35.41 29.37 60.99
CA CYS F 186 35.87 29.23 59.63
C CYS F 186 37.07 30.13 59.30
N GLY F 187 37.61 30.83 60.29
CA GLY F 187 38.74 31.70 60.07
C GLY F 187 38.43 33.10 59.58
N ALA F 188 37.16 33.48 59.54
CA ALA F 188 36.77 34.81 59.06
C ALA F 188 36.98 35.82 60.19
N THR F 189 37.93 36.73 60.00
CA THR F 189 38.27 37.74 61.00
C THR F 189 38.01 39.12 60.40
N ALA F 190 36.88 39.72 60.79
CA ALA F 190 36.57 41.13 60.54
C ALA F 190 36.51 41.51 59.08
N LEU F 191 37.65 41.46 58.38
CA LEU F 191 37.72 41.94 57.00
C LEU F 191 36.97 41.02 56.05
N HIS F 192 36.85 39.72 56.39
CA HIS F 192 36.09 38.81 55.54
C HIS F 192 34.61 39.19 55.50
N PHE F 193 34.03 39.53 56.65
CA PHE F 193 32.63 39.93 56.68
C PHE F 193 32.43 41.36 56.18
N ALA F 194 33.38 42.25 56.45
CA ALA F 194 33.24 43.64 56.04
C ALA F 194 33.32 43.78 54.52
N ALA F 195 34.32 43.17 53.90
CA ALA F 195 34.53 43.30 52.46
C ALA F 195 33.85 42.17 51.70
N GLU F 196 32.57 41.95 51.98
CA GLU F 196 31.79 40.95 51.23
C GLU F 196 30.45 41.52 50.81
N ALA F 197 29.95 42.52 51.54
CA ALA F 197 28.69 43.16 51.24
C ALA F 197 28.85 44.51 50.56
N GLY F 198 30.06 44.85 50.12
CA GLY F 198 30.30 46.13 49.49
C GLY F 198 30.16 47.32 50.40
N HIS F 199 30.56 47.19 51.66
CA HIS F 199 30.50 48.28 52.63
C HIS F 199 31.81 49.05 52.53
N ILE F 200 31.81 50.10 51.71
CA ILE F 200 33.03 50.87 51.47
C ILE F 200 33.46 51.62 52.73
N ASP F 201 32.50 52.09 53.54
CA ASP F 201 32.84 52.83 54.74
C ASP F 201 33.34 51.91 55.85
N ILE F 202 32.77 50.71 55.96
CA ILE F 202 33.14 49.79 57.03
C ILE F 202 34.55 49.25 56.81
N VAL F 203 34.89 48.92 55.55
CA VAL F 203 36.24 48.44 55.26
C VAL F 203 37.27 49.55 55.47
N LYS F 204 36.90 50.78 55.11
CA LYS F 204 37.79 51.93 55.36
C LYS F 204 37.99 52.18 56.85
N GLU F 205 36.96 51.92 57.66
CA GLU F 205 37.04 52.18 59.10
C GLU F 205 38.07 51.29 59.78
N LEU F 206 38.31 50.09 59.25
CA LEU F 206 39.25 49.15 59.84
C LEU F 206 40.65 49.23 59.24
N ILE F 207 40.87 50.11 58.26
CA ILE F 207 42.21 50.27 57.68
C ILE F 207 43.16 50.85 58.71
N LYS F 208 42.71 51.89 59.44
CA LYS F 208 43.53 52.48 60.48
C LYS F 208 43.82 51.49 61.60
N TRP F 209 42.81 50.69 61.98
CA TRP F 209 42.96 49.74 63.08
C TRP F 209 43.83 48.54 62.72
N ARG F 210 44.20 48.39 61.43
CA ARG F 210 45.12 47.36 60.95
C ARG F 210 44.57 45.95 61.25
N ALA F 211 43.45 45.65 60.59
CA ALA F 211 42.84 44.33 60.70
C ALA F 211 43.65 43.23 60.02
N ALA F 212 44.68 43.60 59.25
CA ALA F 212 45.65 42.68 58.65
C ALA F 212 45.02 41.69 57.69
N ILE F 213 45.83 40.73 57.21
CA ILE F 213 45.39 39.74 56.23
C ILE F 213 45.68 38.36 56.81
N VAL F 214 44.65 37.53 56.94
CA VAL F 214 44.80 36.16 57.41
C VAL F 214 43.90 35.26 56.56
N VAL F 215 44.45 34.12 56.16
CA VAL F 215 43.72 33.17 55.33
C VAL F 215 42.73 32.41 56.20
N ASN F 216 41.47 32.38 55.79
CA ASN F 216 40.43 31.71 56.56
C ASN F 216 40.47 30.21 56.28
N GLY F 217 39.45 29.49 56.75
CA GLY F 217 39.42 28.04 56.59
C GLY F 217 39.14 27.58 55.17
N HIS F 218 38.56 28.43 54.34
CA HIS F 218 38.27 28.09 52.95
C HIS F 218 39.40 28.46 52.01
N GLY F 219 40.58 28.76 52.53
CA GLY F 219 41.73 29.09 51.70
C GLY F 219 41.60 30.39 50.94
N MET F 220 41.07 31.43 51.57
CA MET F 220 40.85 32.72 50.92
C MET F 220 41.36 33.85 51.80
N THR F 221 42.05 34.80 51.18
CA THR F 221 42.49 36.01 51.87
C THR F 221 41.36 37.03 51.90
N PRO F 222 41.38 37.96 52.87
CA PRO F 222 40.36 39.01 52.90
C PRO F 222 40.34 39.88 51.65
N LEU F 223 41.49 40.08 51.00
CA LEU F 223 41.51 40.78 49.73
C LEU F 223 40.79 39.98 48.65
N LYS F 224 40.97 38.66 48.65
CA LYS F 224 40.27 37.82 47.67
C LYS F 224 38.77 37.73 47.96
N VAL F 225 38.35 37.99 49.20
CA VAL F 225 36.93 37.98 49.52
C VAL F 225 36.20 39.10 48.79
N ALA F 226 36.79 40.29 48.74
CA ALA F 226 36.19 41.41 48.03
C ALA F 226 36.14 41.16 46.53
N ALA F 227 37.14 40.46 45.99
CA ALA F 227 37.16 40.17 44.57
C ALA F 227 36.07 39.16 44.19
N GLU F 228 35.75 38.23 45.09
CA GLU F 228 34.72 37.24 44.81
C GLU F 228 33.31 37.82 44.90
N SER F 229 33.12 38.90 45.66
CA SER F 229 31.81 39.46 45.92
C SER F 229 31.34 40.45 44.86
N CYS F 230 32.13 40.64 43.79
CA CYS F 230 31.83 41.58 42.70
C CYS F 230 31.63 43.00 43.24
N LYS F 231 32.46 43.39 44.21
CA LYS F 231 32.43 44.72 44.81
C LYS F 231 33.78 45.38 44.51
N ALA F 232 33.85 46.06 43.36
CA ALA F 232 35.11 46.66 42.93
C ALA F 232 35.49 47.87 43.77
N ASP F 233 34.55 48.45 44.53
CA ASP F 233 34.88 49.60 45.36
C ASP F 233 35.85 49.23 46.47
N VAL F 234 35.66 48.06 47.09
CA VAL F 234 36.54 47.64 48.18
C VAL F 234 37.72 46.82 47.70
N VAL F 235 37.70 46.34 46.45
CA VAL F 235 38.87 45.65 45.89
C VAL F 235 40.03 46.63 45.76
N GLU F 236 39.77 47.82 45.21
CA GLU F 236 40.81 48.83 45.07
C GLU F 236 41.26 49.37 46.42
N LEU F 237 40.34 49.44 47.40
CA LEU F 237 40.69 49.90 48.73
C LEU F 237 41.64 48.92 49.42
N LEU F 238 41.38 47.61 49.29
CA LEU F 238 42.20 46.60 49.92
C LEU F 238 43.54 46.40 49.21
N LEU F 239 43.71 46.96 48.02
CA LEU F 239 44.98 46.89 47.30
C LEU F 239 45.98 47.94 47.75
N SER F 240 45.60 48.82 48.68
CA SER F 240 46.42 49.94 49.09
C SER F 240 46.76 49.87 50.59
N HIS F 241 47.01 48.66 51.09
CA HIS F 241 47.47 48.49 52.45
C HIS F 241 48.99 48.36 52.54
N ALA F 242 49.69 48.54 51.43
CA ALA F 242 51.15 48.52 51.28
C ALA F 242 51.78 47.15 51.52
N ASP F 243 50.97 46.10 51.77
CA ASP F 243 51.49 44.73 51.86
C ASP F 243 50.57 43.84 51.02
N CYS F 244 50.88 43.72 49.73
CA CYS F 244 50.07 42.91 48.83
C CYS F 244 50.95 42.03 47.95
N ASP F 245 52.15 42.52 47.62
CA ASP F 245 53.12 41.86 46.75
C ASP F 245 52.58 41.63 45.33
N ARG F 246 53.43 41.11 44.44
CA ARG F 246 53.02 40.91 43.06
C ARG F 246 52.12 39.69 42.89
N ARG F 247 52.31 38.66 43.71
CA ARG F 247 51.53 37.43 43.54
C ARG F 247 50.06 37.65 43.85
N SER F 248 49.76 38.40 44.91
CA SER F 248 48.40 38.58 45.37
C SER F 248 47.72 39.83 44.81
N ARG F 249 48.39 40.57 43.94
CA ARG F 249 47.78 41.77 43.36
C ARG F 249 47.05 41.49 42.06
N ILE F 250 47.68 40.77 41.12
CA ILE F 250 47.02 40.43 39.87
C ILE F 250 45.90 39.42 40.10
N GLU F 251 46.13 38.42 40.97
CA GLU F 251 45.14 37.38 41.19
C GLU F 251 43.87 37.92 41.83
N ALA F 252 43.94 39.05 42.54
CA ALA F 252 42.72 39.70 42.99
C ALA F 252 41.97 40.33 41.83
N LEU F 253 42.70 40.94 40.89
CA LEU F 253 42.08 41.49 39.69
C LEU F 253 41.51 40.39 38.81
N GLU F 254 42.22 39.27 38.70
CA GLU F 254 41.71 38.13 37.95
C GLU F 254 40.46 37.56 38.61
N LEU F 255 40.47 37.47 39.95
CA LEU F 255 39.30 36.98 40.67
C LEU F 255 38.12 37.92 40.52
N LEU F 256 38.36 39.23 40.58
CA LEU F 256 37.29 40.20 40.36
C LEU F 256 36.76 40.12 38.94
N GLY F 257 37.65 39.97 37.96
CA GLY F 257 37.20 39.79 36.59
C GLY F 257 36.46 38.49 36.37
N ALA F 258 36.93 37.41 37.02
CA ALA F 258 36.25 36.13 36.92
C ALA F 258 34.88 36.17 37.58
N SER F 259 34.78 36.84 38.74
CA SER F 259 33.50 36.93 39.43
C SER F 259 32.51 37.82 38.66
N PHE F 260 33.02 38.89 38.04
CA PHE F 260 32.16 39.76 37.26
C PHE F 260 31.70 39.12 35.95
N ALA F 261 32.33 38.01 35.53
CA ALA F 261 31.96 37.38 34.27
C ALA F 261 30.55 36.81 34.31
N ASN F 262 30.21 36.11 35.39
CA ASN F 262 28.91 35.45 35.53
C ASN F 262 28.35 35.74 36.91
N ASP F 263 27.31 36.57 36.96
CA ASP F 263 26.64 36.89 38.21
C ASP F 263 25.25 37.42 37.87
N ARG F 264 24.34 37.31 38.85
CA ARG F 264 22.98 37.79 38.65
C ARG F 264 22.92 39.32 38.73
N GLU F 265 23.32 39.89 39.86
CA GLU F 265 23.20 41.33 40.06
C GLU F 265 24.23 42.10 39.23
N ASN F 266 25.48 41.64 39.22
CA ASN F 266 26.58 42.34 38.59
C ASN F 266 27.09 41.51 37.42
N TYR F 267 26.46 41.67 36.26
CA TYR F 267 26.88 41.02 35.02
C TYR F 267 27.31 42.11 34.05
N ASP F 268 28.62 42.33 33.95
CA ASP F 268 29.18 43.32 33.04
C ASP F 268 30.23 42.63 32.20
N ILE F 269 29.99 42.54 30.88
CA ILE F 269 30.95 41.88 30.01
C ILE F 269 32.06 42.82 29.54
N ILE F 270 31.81 44.13 29.55
CA ILE F 270 32.87 45.08 29.21
C ILE F 270 33.86 45.22 30.37
N LYS F 271 33.37 45.25 31.60
CA LYS F 271 34.25 45.36 32.76
C LYS F 271 34.96 44.05 33.06
N THR F 272 34.38 42.92 32.67
CA THR F 272 35.03 41.63 32.89
C THR F 272 36.32 41.52 32.08
N TYR F 273 36.26 41.85 30.80
CA TYR F 273 37.45 41.80 29.96
C TYR F 273 38.47 42.85 30.38
N HIS F 274 38.01 44.06 30.69
CA HIS F 274 38.93 45.15 31.00
C HIS F 274 39.68 44.89 32.31
N TYR F 275 39.00 44.34 33.32
CA TYR F 275 39.69 43.95 34.54
C TYR F 275 40.66 42.80 34.28
N LEU F 276 40.25 41.84 33.45
CA LEU F 276 41.14 40.73 33.13
C LEU F 276 42.31 41.18 32.25
N TYR F 277 42.04 42.05 31.28
CA TYR F 277 43.12 42.56 30.44
C TYR F 277 44.08 43.45 31.23
N LEU F 278 43.55 44.19 32.21
CA LEU F 278 44.43 44.90 33.14
C LEU F 278 45.27 43.93 33.94
N ALA F 279 44.67 42.82 34.38
CA ALA F 279 45.43 41.77 35.06
C ALA F 279 46.35 41.02 34.10
N MET F 280 45.92 40.85 32.84
CA MET F 280 46.77 40.18 31.86
C MET F 280 48.00 41.02 31.52
N LEU F 281 47.81 42.34 31.36
CA LEU F 281 48.93 43.20 31.04
C LEU F 281 49.82 43.44 32.26
N GLU F 282 49.26 43.40 33.46
CA GLU F 282 50.07 43.55 34.67
C GLU F 282 51.01 42.37 34.85
N ARG F 283 50.58 41.16 34.47
CA ARG F 283 51.47 40.01 34.52
C ARG F 283 52.58 40.14 33.49
N PHE F 284 52.23 40.46 32.25
CA PHE F 284 53.21 40.59 31.17
C PHE F 284 53.53 42.08 30.96
N GLN F 285 54.18 42.65 31.97
CA GLN F 285 54.52 44.08 31.96
C GLN F 285 56.01 44.36 31.91
N ASP F 286 56.87 43.41 32.29
CA ASP F 286 58.30 43.66 32.36
C ASP F 286 59.13 42.71 31.50
N GLY F 287 58.81 41.42 31.48
CA GLY F 287 59.63 40.43 30.84
C GLY F 287 60.71 39.84 31.73
N ASP F 288 61.01 40.48 32.85
CA ASP F 288 61.92 39.95 33.86
C ASP F 288 61.14 39.63 35.11
N ASN F 289 61.46 38.48 35.71
CA ASN F 289 60.65 37.80 36.74
C ASN F 289 59.16 37.91 36.42
N ILE F 290 58.82 37.60 35.16
CA ILE F 290 57.48 37.82 34.65
C ILE F 290 56.52 36.79 35.23
N LEU F 291 55.36 37.25 35.68
CA LEU F 291 54.35 36.38 36.28
C LEU F 291 53.60 35.67 35.15
N GLU F 292 54.23 34.61 34.64
CA GLU F 292 53.61 33.80 33.60
C GLU F 292 52.42 33.06 34.16
N LYS F 293 51.41 32.86 33.33
CA LYS F 293 50.15 32.25 33.77
C LYS F 293 50.29 30.73 33.77
N GLU F 294 50.15 30.13 34.96
CA GLU F 294 50.04 28.69 35.05
C GLU F 294 48.71 28.23 34.45
N VAL F 295 48.72 27.06 33.83
CA VAL F 295 47.60 26.58 33.02
C VAL F 295 47.00 25.35 33.69
N LEU F 296 45.70 25.40 33.96
CA LEU F 296 44.99 24.24 34.46
C LEU F 296 44.84 23.21 33.33
N PRO F 297 44.70 21.93 33.68
CA PRO F 297 44.45 20.93 32.64
C PRO F 297 43.12 21.18 31.97
N PRO F 298 43.01 20.84 30.68
CA PRO F 298 41.76 21.11 29.95
C PRO F 298 40.59 20.31 30.51
N ILE F 299 39.41 20.92 30.48
CA ILE F 299 38.19 20.32 30.98
C ILE F 299 37.18 20.26 29.84
N HIS F 300 36.57 19.09 29.64
CA HIS F 300 35.58 18.95 28.59
C HIS F 300 34.33 19.77 28.87
N ALA F 301 34.04 20.04 30.14
CA ALA F 301 32.85 20.80 30.49
C ALA F 301 32.93 22.23 29.96
N TYR F 302 34.09 22.86 30.07
CA TYR F 302 34.28 24.21 29.51
C TYR F 302 34.78 24.14 28.07
N GLY F 303 34.09 23.35 27.24
CA GLY F 303 34.54 23.17 25.87
C GLY F 303 35.91 22.50 25.83
N ASN F 304 36.85 23.17 25.18
CA ASN F 304 38.24 22.73 25.17
C ASN F 304 39.19 23.91 25.37
N ARG F 305 38.75 24.93 26.10
CA ARG F 305 39.59 26.11 26.32
C ARG F 305 40.76 25.79 27.23
N THR F 306 41.89 26.43 26.95
CA THR F 306 43.13 26.18 27.69
C THR F 306 43.61 27.52 28.25
N GLU F 307 42.69 28.25 28.88
CA GLU F 307 42.91 29.57 29.47
C GLU F 307 43.41 30.58 28.45
N CYS F 308 44.04 31.66 28.92
CA CYS F 308 44.53 32.73 28.05
C CYS F 308 45.93 33.12 28.55
N ARG F 309 46.96 32.52 27.95
CA ARG F 309 48.33 32.78 28.34
C ARG F 309 48.91 34.04 27.69
N ASN F 310 48.17 34.68 26.80
CA ASN F 310 48.66 35.84 26.09
C ASN F 310 47.62 36.94 26.08
N PRO F 311 48.04 38.22 26.07
CA PRO F 311 47.07 39.31 25.89
C PRO F 311 46.42 39.32 24.51
N GLN F 312 47.09 38.76 23.49
CA GLN F 312 46.54 38.79 22.14
C GLN F 312 45.31 37.91 22.02
N GLU F 313 45.35 36.69 22.58
CA GLU F 313 44.21 35.80 22.51
C GLU F 313 43.06 36.26 23.38
N LEU F 314 43.33 36.96 24.48
CA LEU F 314 42.26 37.54 25.28
C LEU F 314 41.53 38.64 24.52
N GLU F 315 42.27 39.41 23.71
CA GLU F 315 41.64 40.46 22.91
C GLU F 315 40.79 39.86 21.79
N SER F 316 41.22 38.73 21.23
CA SER F 316 40.50 38.13 20.11
C SER F 316 39.14 37.58 20.50
N ILE F 317 38.92 37.32 21.79
CA ILE F 317 37.65 36.80 22.26
C ILE F 317 36.84 37.86 23.00
N ARG F 318 37.18 39.14 22.80
CA ARG F 318 36.43 40.22 23.45
C ARG F 318 35.02 40.33 22.88
N GLN F 319 34.87 40.16 21.56
CA GLN F 319 33.58 40.35 20.90
C GLN F 319 32.70 39.12 20.98
N ASP F 320 33.21 37.99 21.47
CA ASP F 320 32.43 36.76 21.55
C ASP F 320 31.95 36.57 22.99
N ARG F 321 30.64 36.34 23.15
CA ARG F 321 30.01 36.39 24.46
C ARG F 321 30.38 35.20 25.33
N ASP F 322 30.07 33.99 24.84
CA ASP F 322 30.24 32.78 25.66
C ASP F 322 31.70 32.44 25.92
N ALA F 323 32.64 32.88 25.07
CA ALA F 323 34.05 32.62 25.33
C ALA F 323 34.52 33.34 26.59
N LEU F 324 34.12 34.62 26.75
CA LEU F 324 34.48 35.37 27.94
C LEU F 324 33.85 34.78 29.19
N HIS F 325 32.60 34.31 29.08
CA HIS F 325 31.97 33.63 30.20
C HIS F 325 32.68 32.32 30.52
N MET F 326 33.07 31.56 29.49
CA MET F 326 33.76 30.30 29.70
C MET F 326 35.17 30.53 30.23
N GLU F 327 35.84 31.58 29.76
CA GLU F 327 37.21 31.85 30.20
C GLU F 327 37.23 32.29 31.67
N GLY F 328 36.23 33.05 32.10
CA GLY F 328 36.20 33.50 33.48
C GLY F 328 35.97 32.37 34.47
N LEU F 329 35.33 31.29 34.03
CA LEU F 329 35.11 30.16 34.93
C LEU F 329 36.40 29.41 35.23
N ILE F 330 37.28 29.27 34.22
CA ILE F 330 38.49 28.51 34.41
C ILE F 330 39.45 29.23 35.36
N VAL F 331 39.61 30.54 35.17
CA VAL F 331 40.51 31.30 36.03
C VAL F 331 39.95 31.40 37.45
N ARG F 332 38.62 31.41 37.58
CA ARG F 332 38.01 31.37 38.91
C ARG F 332 38.32 30.05 39.61
N GLU F 333 38.35 28.95 38.85
CA GLU F 333 38.76 27.67 39.40
C GLU F 333 40.24 27.67 39.77
N ARG F 334 41.06 28.38 39.00
CA ARG F 334 42.50 28.44 39.30
C ARG F 334 42.77 29.18 40.60
N ILE F 335 42.03 30.25 40.87
CA ILE F 335 42.28 31.06 42.06
C ILE F 335 41.63 30.45 43.29
N LEU F 336 40.34 30.11 43.19
CA LEU F 336 39.58 29.65 44.34
C LEU F 336 39.66 28.14 44.56
N GLY F 337 40.26 27.39 43.64
CA GLY F 337 40.31 25.96 43.80
C GLY F 337 38.96 25.30 43.58
N ALA F 338 38.81 24.12 44.16
CA ALA F 338 37.59 23.33 44.06
C ALA F 338 36.94 23.12 45.42
N ASP F 339 37.14 24.07 46.34
CA ASP F 339 36.62 23.94 47.70
C ASP F 339 35.90 25.19 48.18
N ASN F 340 35.74 26.21 47.33
CA ASN F 340 35.01 27.40 47.73
C ASN F 340 33.53 27.12 47.80
N ILE F 341 32.84 27.89 48.65
CA ILE F 341 31.39 27.76 48.79
C ILE F 341 30.68 28.18 47.51
N ASP F 342 31.12 29.29 46.91
CA ASP F 342 30.46 29.86 45.74
C ASP F 342 31.28 29.73 44.47
N VAL F 343 32.14 28.71 44.39
CA VAL F 343 32.93 28.50 43.19
C VAL F 343 32.04 28.06 42.03
N SER F 344 31.00 27.28 42.31
CA SER F 344 30.13 26.75 41.27
C SER F 344 28.91 27.62 41.01
N HIS F 345 28.68 28.65 41.84
CA HIS F 345 27.52 29.53 41.62
C HIS F 345 27.55 30.24 40.26
N PRO F 346 28.67 30.80 39.77
CA PRO F 346 28.67 31.29 38.39
C PRO F 346 28.39 30.20 37.37
N ILE F 347 28.83 28.97 37.62
CA ILE F 347 28.54 27.87 36.70
C ILE F 347 27.03 27.59 36.67
N ILE F 348 26.39 27.60 37.84
CA ILE F 348 24.95 27.39 37.90
C ILE F 348 24.21 28.52 37.21
N TYR F 349 24.70 29.77 37.40
CA TYR F 349 24.06 30.91 36.73
C TYR F 349 24.20 30.81 35.22
N ARG F 350 25.37 30.41 34.74
CA ARG F 350 25.57 30.24 33.29
C ARG F 350 24.70 29.10 32.75
N GLY F 351 24.56 28.02 33.51
CA GLY F 351 23.67 26.95 33.10
C GLY F 351 22.23 27.40 33.03
N ALA F 352 21.79 28.19 34.00
CA ALA F 352 20.42 28.72 33.96
C ALA F 352 20.23 29.66 32.77
N VAL F 353 21.25 30.47 32.47
CA VAL F 353 21.18 31.35 31.31
C VAL F 353 21.07 30.54 30.01
N TYR F 354 21.87 29.49 29.89
CA TYR F 354 21.83 28.65 28.69
C TYR F 354 20.51 27.91 28.57
N ALA F 355 19.95 27.46 29.70
CA ALA F 355 18.63 26.85 29.68
C ALA F 355 17.56 27.83 29.24
N ASP F 356 17.65 29.08 29.73
CA ASP F 356 16.73 30.11 29.27
C ASP F 356 16.98 30.46 27.81
N ASN F 357 18.21 30.31 27.33
CA ASN F 357 18.56 30.55 25.94
C ASN F 357 18.44 29.30 25.08
N MET F 358 17.83 28.23 25.61
CA MET F 358 17.56 26.98 24.91
C MET F 358 18.84 26.26 24.47
N GLU F 359 19.98 26.60 25.05
CA GLU F 359 21.21 25.83 24.87
C GLU F 359 21.25 24.75 25.94
N PHE F 360 21.14 23.49 25.52
CA PHE F 360 20.90 22.40 26.45
C PHE F 360 22.14 21.57 26.76
N GLU F 361 22.89 21.14 25.74
CA GLU F 361 24.01 20.24 25.99
C GLU F 361 25.11 20.91 26.81
N GLN F 362 25.44 22.16 26.47
CA GLN F 362 26.43 22.90 27.23
C GLN F 362 25.94 23.17 28.66
N CYS F 363 24.65 23.48 28.80
CA CYS F 363 24.07 23.67 30.12
C CYS F 363 24.18 22.41 30.96
N ILE F 364 23.93 21.24 30.35
CA ILE F 364 24.02 19.99 31.07
C ILE F 364 25.46 19.71 31.48
N LYS F 365 26.42 19.97 30.59
CA LYS F 365 27.83 19.78 30.95
C LYS F 365 28.24 20.68 32.10
N LEU F 366 27.85 21.96 32.04
CA LEU F 366 28.23 22.90 33.10
C LEU F 366 27.58 22.52 34.43
N TRP F 367 26.30 22.15 34.40
CA TRP F 367 25.63 21.77 35.63
C TRP F 367 26.17 20.46 36.18
N LEU F 368 26.58 19.53 35.31
CA LEU F 368 27.21 18.30 35.78
C LEU F 368 28.53 18.59 36.47
N HIS F 369 29.34 19.48 35.89
CA HIS F 369 30.61 19.82 36.53
C HIS F 369 30.38 20.55 37.85
N ALA F 370 29.39 21.46 37.90
CA ALA F 370 29.08 22.15 39.14
C ALA F 370 28.57 21.18 40.20
N LEU F 371 27.77 20.19 39.79
CA LEU F 371 27.31 19.16 40.70
C LEU F 371 28.47 18.34 41.24
N HIS F 372 29.44 18.00 40.37
CA HIS F 372 30.61 17.27 40.83
C HIS F 372 31.42 18.08 41.82
N LEU F 373 31.61 19.37 41.54
CA LEU F 373 32.36 20.23 42.45
C LEU F 373 31.67 20.38 43.79
N ARG F 374 30.35 20.56 43.79
CA ARG F 374 29.61 20.67 45.04
C ARG F 374 29.60 19.35 45.80
N GLN F 375 29.55 18.23 45.09
CA GLN F 375 29.58 16.92 45.73
C GLN F 375 30.94 16.64 46.35
N LYS F 376 32.02 17.12 45.74
CA LYS F 376 33.34 17.01 46.35
C LYS F 376 33.40 17.80 47.65
N GLY F 377 32.65 18.88 47.75
CA GLY F 377 32.59 19.68 48.96
C GLY F 377 31.63 19.19 50.02
N ASN F 378 30.95 18.07 49.76
CA ASN F 378 30.01 17.45 50.70
C ASN F 378 28.89 18.42 51.08
N ARG F 379 28.11 18.81 50.07
CA ARG F 379 27.03 19.76 50.24
C ARG F 379 25.74 19.17 49.69
N ASN F 380 24.62 19.68 50.20
CA ASN F 380 23.29 19.22 49.78
C ASN F 380 23.01 19.75 48.38
N THR F 381 23.29 18.95 47.36
CA THR F 381 23.01 19.30 45.97
C THR F 381 21.60 18.96 45.55
N HIS F 382 20.67 18.87 46.51
CA HIS F 382 19.27 18.57 46.20
C HIS F 382 18.69 19.64 45.28
N LYS F 383 19.08 20.89 45.48
CA LYS F 383 18.64 21.95 44.58
C LYS F 383 19.22 21.75 43.18
N ASP F 384 20.46 21.28 43.09
CA ASP F 384 21.05 20.99 41.78
C ASP F 384 20.35 19.83 41.10
N LEU F 385 19.99 18.79 41.85
CA LEU F 385 19.24 17.69 41.26
C LEU F 385 17.85 18.13 40.83
N LEU F 386 17.23 19.01 41.60
CA LEU F 386 15.93 19.57 41.20
C LEU F 386 16.06 20.38 39.92
N ARG F 387 17.15 21.14 39.79
CA ARG F 387 17.41 21.89 38.57
C ARG F 387 17.61 20.95 37.38
N PHE F 388 18.33 19.85 37.60
CA PHE F 388 18.52 18.85 36.56
C PHE F 388 17.18 18.28 36.11
N ALA F 389 16.34 17.91 37.07
CA ALA F 389 15.03 17.36 36.74
C ALA F 389 14.17 18.39 36.00
N GLN F 390 14.24 19.66 36.43
CA GLN F 390 13.45 20.71 35.81
C GLN F 390 13.87 20.93 34.36
N VAL F 391 15.18 20.97 34.10
CA VAL F 391 15.62 21.19 32.73
C VAL F 391 15.37 19.95 31.87
N PHE F 392 15.43 18.75 32.45
CA PHE F 392 15.09 17.56 31.71
C PHE F 392 13.62 17.56 31.32
N SER F 393 12.74 17.96 32.24
CA SER F 393 11.32 18.05 31.93
C SER F 393 11.04 19.16 30.93
N GLN F 394 11.77 20.27 31.00
CA GLN F 394 11.62 21.32 30.01
C GLN F 394 12.01 20.83 28.62
N MET F 395 13.08 20.03 28.55
CA MET F 395 13.45 19.41 27.28
C MET F 395 12.37 18.45 26.79
N ILE F 396 11.78 17.68 27.71
CA ILE F 396 10.74 16.73 27.34
C ILE F 396 9.49 17.46 26.82
N HIS F 397 9.10 18.54 27.49
CA HIS F 397 7.93 19.30 27.05
C HIS F 397 8.12 19.89 25.66
N LEU F 398 9.32 20.36 25.35
CA LEU F 398 9.66 20.82 24.01
C LEU F 398 10.12 19.67 23.12
N ASN F 399 9.99 18.43 23.57
CA ASN F 399 10.35 17.23 22.82
C ASN F 399 11.82 17.22 22.41
N GLU F 400 12.68 17.77 23.27
CA GLU F 400 14.11 17.73 23.05
C GLU F 400 14.70 16.52 23.76
N THR F 401 15.46 15.72 23.01
CA THR F 401 16.01 14.48 23.55
C THR F 401 17.04 14.77 24.63
N VAL F 402 17.11 13.87 25.61
CA VAL F 402 18.07 13.95 26.69
C VAL F 402 19.03 12.78 26.57
N LYS F 403 20.33 13.09 26.61
CA LYS F 403 21.33 12.06 26.44
C LYS F 403 21.38 11.13 27.64
N ALA F 404 21.46 9.83 27.37
CA ALA F 404 21.49 8.83 28.44
C ALA F 404 22.67 8.94 29.39
N PRO F 405 23.93 9.17 28.95
CA PRO F 405 25.00 9.33 29.94
C PRO F 405 24.79 10.49 30.89
N ASP F 406 24.13 11.55 30.45
CA ASP F 406 23.84 12.68 31.33
C ASP F 406 22.94 12.27 32.48
N ILE F 407 21.80 11.63 32.17
CA ILE F 407 20.90 11.22 33.23
C ILE F 407 21.51 10.11 34.07
N GLU F 408 22.40 9.29 33.47
CA GLU F 408 23.09 8.27 34.25
C GLU F 408 23.99 8.90 35.31
N CYS F 409 24.79 9.89 34.91
CA CYS F 409 25.66 10.57 35.87
C CYS F 409 24.85 11.31 36.92
N VAL F 410 23.75 11.95 36.51
CA VAL F 410 22.90 12.66 37.47
C VAL F 410 22.28 11.68 38.47
N LEU F 411 21.83 10.53 37.99
CA LEU F 411 21.22 9.55 38.88
C LEU F 411 22.24 8.95 39.84
N ARG F 412 23.45 8.67 39.37
CA ARG F 412 24.49 8.16 40.27
C ARG F 412 24.86 9.20 41.32
N CYS F 413 24.98 10.47 40.93
CA CYS F 413 25.25 11.52 41.89
C CYS F 413 24.11 11.66 42.89
N SER F 414 22.87 11.52 42.43
CA SER F 414 21.73 11.60 43.34
C SER F 414 21.71 10.42 44.31
N VAL F 415 22.11 9.23 43.84
CA VAL F 415 22.18 8.06 44.71
C VAL F 415 23.21 8.29 45.81
N LEU F 416 24.39 8.80 45.44
CA LEU F 416 25.40 9.11 46.44
C LEU F 416 24.91 10.20 47.40
N GLU F 417 24.21 11.21 46.87
CA GLU F 417 23.67 12.26 47.71
C GLU F 417 22.64 11.72 48.70
N ILE F 418 21.85 10.74 48.27
CA ILE F 418 20.90 10.08 49.18
C ILE F 418 21.67 9.33 50.25
N GLU F 419 22.80 8.71 49.88
CA GLU F 419 23.65 8.06 50.88
C GLU F 419 24.13 9.04 51.94
N GLN F 420 24.65 10.19 51.52
CA GLN F 420 25.11 11.16 52.53
C GLN F 420 23.94 11.78 53.28
N SER F 421 22.76 11.87 52.67
CA SER F 421 21.60 12.36 53.39
C SER F 421 21.19 11.39 54.49
N MET F 422 21.25 10.09 54.21
CA MET F 422 21.01 9.09 55.24
C MET F 422 22.07 9.18 56.33
N ASN F 423 23.32 9.47 55.95
CA ASN F 423 24.37 9.66 56.93
C ASN F 423 24.09 10.86 57.84
N ARG F 424 23.65 11.98 57.26
CA ARG F 424 23.33 13.15 58.04
C ARG F 424 22.12 12.94 58.93
N VAL F 425 21.15 12.13 58.47
CA VAL F 425 20.00 11.81 59.32
C VAL F 425 20.44 10.91 60.48
N LYS F 426 21.34 9.97 60.21
CA LYS F 426 21.70 8.96 61.21
C LYS F 426 22.49 9.57 62.36
N ASN F 427 23.52 10.36 62.06
CA ASN F 427 24.42 10.82 63.11
C ASN F 427 23.82 11.93 63.96
N ILE F 428 22.99 12.79 63.37
CA ILE F 428 22.45 13.93 64.11
C ILE F 428 21.35 13.43 65.05
N SER F 429 21.48 13.77 66.33
CA SER F 429 20.51 13.33 67.33
C SER F 429 19.29 14.24 67.36
N ASP F 430 19.48 15.51 67.68
CA ASP F 430 18.37 16.47 67.70
C ASP F 430 18.78 17.85 67.20
N ALA F 431 19.91 17.97 66.50
CA ALA F 431 20.42 19.30 66.13
C ALA F 431 19.62 19.90 64.98
N ASP F 432 19.65 19.26 63.81
CA ASP F 432 18.92 19.73 62.64
C ASP F 432 18.22 18.55 61.97
N VAL F 433 17.54 17.73 62.78
CA VAL F 433 16.90 16.52 62.29
C VAL F 433 15.79 16.85 61.31
N HIS F 434 14.98 17.86 61.62
CA HIS F 434 13.88 18.23 60.73
C HIS F 434 14.40 18.70 59.37
N ASN F 435 15.44 19.55 59.37
CA ASN F 435 16.02 20.02 58.11
C ASN F 435 16.66 18.87 57.33
N ALA F 436 17.36 17.97 58.03
CA ALA F 436 17.99 16.84 57.35
C ALA F 436 16.95 15.91 56.75
N MET F 437 15.85 15.67 57.46
CA MET F 437 14.79 14.82 56.93
C MET F 437 14.10 15.47 55.74
N ASP F 438 13.91 16.80 55.80
CA ASP F 438 13.32 17.51 54.66
C ASP F 438 14.23 17.41 53.43
N ASN F 439 15.54 17.57 53.64
CA ASN F 439 16.48 17.43 52.53
C ASN F 439 16.49 15.99 52.01
N TYR F 440 16.36 15.02 52.90
CA TYR F 440 16.29 13.61 52.51
C TYR F 440 15.08 13.34 51.63
N GLU F 441 13.91 13.82 52.06
CA GLU F 441 12.69 13.62 51.27
C GLU F 441 12.76 14.35 49.93
N CYS F 442 13.35 15.56 49.93
CA CYS F 442 13.53 16.28 48.67
C CYS F 442 14.46 15.53 47.73
N ASN F 443 15.53 14.95 48.27
CA ASN F 443 16.44 14.16 47.45
C ASN F 443 15.74 12.95 46.85
N LEU F 444 14.92 12.27 47.67
CA LEU F 444 14.19 11.10 47.17
C LEU F 444 13.20 11.48 46.08
N TYR F 445 12.47 12.60 46.28
CA TYR F 445 11.51 13.03 45.27
C TYR F 445 12.20 13.43 43.97
N THR F 446 13.35 14.11 44.07
CA THR F 446 14.10 14.46 42.88
C THR F 446 14.61 13.22 42.16
N PHE F 447 15.02 12.20 42.93
CA PHE F 447 15.40 10.93 42.32
C PHE F 447 14.24 10.32 41.55
N LEU F 448 13.04 10.37 42.14
CA LEU F 448 11.88 9.84 41.44
C LEU F 448 11.58 10.61 40.16
N TYR F 449 11.70 11.94 40.21
CA TYR F 449 11.46 12.74 39.01
C TYR F 449 12.45 12.39 37.91
N LEU F 450 13.73 12.24 38.27
CA LEU F 450 14.73 11.86 37.29
C LEU F 450 14.48 10.45 36.76
N VAL F 451 13.99 9.55 37.62
CA VAL F 451 13.66 8.20 37.17
C VAL F 451 12.52 8.23 36.17
N CYS F 452 11.49 9.04 36.44
CA CYS F 452 10.38 9.17 35.50
C CYS F 452 10.84 9.73 34.16
N ILE F 453 11.73 10.72 34.21
CA ILE F 453 12.28 11.29 32.98
C ILE F 453 13.08 10.24 32.22
N SER F 454 13.86 9.43 32.95
CA SER F 454 14.65 8.38 32.32
C SER F 454 13.75 7.34 31.66
N THR F 455 12.63 7.00 32.30
CA THR F 455 11.69 6.06 31.70
C THR F 455 11.07 6.64 30.44
N LYS F 456 10.71 7.93 30.46
CA LYS F 456 10.11 8.52 29.28
C LYS F 456 11.12 8.70 28.15
N THR F 457 12.38 9.02 28.48
CA THR F 457 13.39 9.19 27.46
C THR F 457 13.88 7.85 26.95
N GLN F 458 14.35 7.84 25.70
CA GLN F 458 15.02 6.67 25.13
C GLN F 458 16.49 6.70 25.51
N CYS F 459 17.02 5.56 25.92
CA CYS F 459 18.37 5.46 26.42
C CYS F 459 19.07 4.25 25.81
N SER F 460 20.40 4.27 25.90
CA SER F 460 21.20 3.16 25.40
C SER F 460 20.98 1.91 26.24
N GLU F 461 21.07 0.75 25.60
CA GLU F 461 20.75 -0.52 26.26
C GLU F 461 21.74 -0.81 27.39
N GLU F 462 23.04 -0.65 27.11
CA GLU F 462 24.04 -0.77 28.18
C GLU F 462 23.84 0.31 29.23
N ASP F 463 23.47 1.52 28.81
CA ASP F 463 23.30 2.59 29.77
C ASP F 463 21.96 2.45 30.49
N GLN F 464 20.97 1.83 29.83
CA GLN F 464 19.77 1.40 30.55
C GLN F 464 20.12 0.39 31.64
N CYS F 465 21.04 -0.52 31.33
CA CYS F 465 21.53 -1.44 32.37
C CYS F 465 22.23 -0.68 33.49
N LYS F 466 22.98 0.36 33.14
CA LYS F 466 23.64 1.18 34.17
C LYS F 466 22.62 1.92 35.04
N ILE F 467 21.54 2.42 34.42
CA ILE F 467 20.45 3.05 35.17
C ILE F 467 19.81 2.05 36.12
N ASN F 468 19.57 0.83 35.62
CA ASN F 468 19.02 -0.22 36.46
C ASN F 468 19.97 -0.56 37.60
N LYS F 469 21.28 -0.53 37.34
CA LYS F 469 22.25 -0.80 38.39
C LYS F 469 22.23 0.29 39.46
N GLN F 470 22.14 1.56 39.04
CA GLN F 470 22.06 2.65 40.01
C GLN F 470 20.81 2.55 40.86
N ILE F 471 19.66 2.27 40.23
CA ILE F 471 18.42 2.14 40.97
C ILE F 471 18.46 0.91 41.88
N TYR F 472 19.10 -0.16 41.41
CA TYR F 472 19.29 -1.36 42.22
C TYR F 472 20.10 -1.06 43.46
N ASN F 473 21.17 -0.28 43.31
CA ASN F 473 21.96 0.12 44.46
C ASN F 473 21.15 0.98 45.43
N LEU F 474 20.34 1.91 44.90
CA LEU F 474 19.55 2.74 45.80
C LEU F 474 18.50 1.93 46.55
N ILE F 475 17.86 0.98 45.87
CA ILE F 475 16.90 0.10 46.54
C ILE F 475 17.59 -0.72 47.63
N HIS F 476 18.77 -1.24 47.32
CA HIS F 476 19.52 -1.96 48.34
C HIS F 476 19.99 -1.03 49.47
N LEU F 477 20.00 0.27 49.24
CA LEU F 477 20.21 1.22 50.32
C LEU F 477 18.93 1.48 51.13
N ASP F 478 17.77 1.05 50.61
CA ASP F 478 16.48 1.10 51.28
C ASP F 478 16.11 2.49 51.79
N PRO F 479 15.75 3.43 50.92
CA PRO F 479 15.31 4.74 51.39
C PRO F 479 13.99 4.65 52.14
N ARG F 480 13.84 5.51 53.15
CA ARG F 480 12.64 5.53 53.98
C ARG F 480 12.37 6.96 54.41
N THR F 481 11.13 7.40 54.23
CA THR F 481 10.73 8.76 54.59
C THR F 481 10.19 8.79 56.01
N ARG F 482 9.54 9.90 56.38
CA ARG F 482 9.04 10.07 57.74
C ARG F 482 7.96 9.05 58.07
N GLU F 483 7.09 8.74 57.11
CA GLU F 483 6.00 7.80 57.31
C GLU F 483 6.44 6.36 57.07
N GLY F 484 7.73 6.13 56.83
CA GLY F 484 8.16 4.82 56.40
C GLY F 484 7.83 4.49 54.97
N PHE F 485 7.44 5.49 54.18
CA PHE F 485 7.13 5.28 52.77
C PHE F 485 8.40 4.88 52.04
N THR F 486 8.40 3.69 51.45
CA THR F 486 9.56 3.24 50.68
C THR F 486 9.61 3.96 49.35
N LEU F 487 10.61 3.62 48.53
CA LEU F 487 10.71 4.23 47.22
C LEU F 487 9.58 3.77 46.31
N LEU F 488 9.11 2.54 46.47
CA LEU F 488 8.01 2.07 45.65
C LEU F 488 6.72 2.80 45.99
N HIS F 489 6.48 3.06 47.28
CA HIS F 489 5.24 3.73 47.69
C HIS F 489 5.12 5.12 47.07
N LEU F 490 6.22 5.87 47.05
CA LEU F 490 6.18 7.22 46.52
C LEU F 490 6.01 7.25 45.01
N ALA F 491 6.29 6.14 44.33
CA ALA F 491 5.97 6.00 42.92
C ALA F 491 4.57 5.44 42.71
N VAL F 492 3.77 5.39 43.76
CA VAL F 492 2.42 4.84 43.71
C VAL F 492 1.39 5.84 44.23
N ASN F 493 1.62 6.38 45.42
CA ASN F 493 0.67 7.29 46.02
C ASN F 493 0.61 8.60 45.24
N SER F 494 -0.60 9.08 44.97
CA SER F 494 -0.79 10.35 44.28
C SER F 494 -0.55 11.55 45.19
N ASN F 495 -0.41 11.34 46.49
CA ASN F 495 -0.10 12.40 47.44
C ASN F 495 1.37 12.78 47.44
N THR F 496 2.17 12.16 46.58
CA THR F 496 3.58 12.51 46.50
C THR F 496 3.73 13.92 45.92
N PRO F 497 4.44 14.82 46.59
CA PRO F 497 4.56 16.19 46.09
C PRO F 497 5.34 16.26 44.79
N VAL F 498 4.94 17.20 43.94
CA VAL F 498 5.63 17.50 42.69
C VAL F 498 5.96 18.98 42.69
N ASP F 499 7.14 19.32 42.18
CA ASP F 499 7.57 20.70 42.15
C ASP F 499 6.71 21.52 41.17
N ASP F 500 6.62 22.83 41.44
CA ASP F 500 5.76 23.70 40.67
C ASP F 500 6.27 23.92 39.24
N PHE F 501 7.54 23.64 38.98
CA PHE F 501 8.14 23.90 37.68
C PHE F 501 7.76 22.80 36.69
N HIS F 502 8.49 22.74 35.57
CA HIS F 502 8.22 21.81 34.47
C HIS F 502 8.17 20.35 34.91
N THR F 503 8.71 20.00 36.08
CA THR F 503 8.57 18.63 36.59
C THR F 503 7.12 18.25 36.80
N ASN F 504 6.25 19.24 37.04
CA ASN F 504 4.82 18.97 37.14
C ASN F 504 4.21 18.60 35.80
N ASP F 505 4.92 18.82 34.70
CA ASP F 505 4.43 18.49 33.37
C ASP F 505 4.86 17.11 32.90
N VAL F 506 5.71 16.41 33.66
CA VAL F 506 6.24 15.13 33.21
C VAL F 506 5.95 14.05 34.24
N CYS F 507 5.72 14.46 35.49
CA CYS F 507 5.63 13.51 36.61
C CYS F 507 4.17 13.39 37.03
N SER F 508 3.52 12.35 36.54
CA SER F 508 2.17 12.00 36.97
C SER F 508 2.26 10.82 37.92
N PHE F 509 1.85 11.04 39.17
CA PHE F 509 1.93 10.02 40.20
C PHE F 509 0.52 9.58 40.59
N PRO F 510 0.18 8.29 40.50
CA PRO F 510 1.00 7.12 40.16
C PRO F 510 1.49 7.07 38.72
N ASN F 511 2.67 6.49 38.51
CA ASN F 511 3.27 6.38 37.19
C ASN F 511 3.36 4.91 36.81
N ALA F 512 2.85 4.57 35.63
CA ALA F 512 2.88 3.17 35.19
C ALA F 512 4.28 2.72 34.81
N LEU F 513 5.09 3.62 34.25
CA LEU F 513 6.42 3.23 33.80
C LEU F 513 7.40 3.10 34.95
N VAL F 514 7.27 3.93 35.98
CA VAL F 514 8.23 3.92 37.07
C VAL F 514 8.09 2.66 37.91
N THR F 515 6.85 2.25 38.20
CA THR F 515 6.63 1.06 39.01
C THR F 515 7.12 -0.19 38.29
N LYS F 516 6.99 -0.24 36.97
CA LYS F 516 7.57 -1.34 36.21
C LYS F 516 9.08 -1.34 36.32
N LEU F 517 9.69 -0.16 36.34
CA LEU F 517 11.15 -0.08 36.43
C LEU F 517 11.66 -0.43 37.83
N LEU F 518 10.98 0.06 38.87
CA LEU F 518 11.43 -0.23 40.23
C LEU F 518 11.31 -1.71 40.55
N LEU F 519 10.23 -2.36 40.11
CA LEU F 519 10.08 -3.79 40.34
C LEU F 519 11.10 -4.58 39.53
N ASP F 520 11.41 -4.12 38.31
CA ASP F 520 12.43 -4.79 37.51
C ASP F 520 13.80 -4.65 38.16
N CYS F 521 14.06 -3.52 38.81
CA CYS F 521 15.31 -3.34 39.52
C CYS F 521 15.35 -4.14 40.81
N GLY F 522 14.19 -4.41 41.41
CA GLY F 522 14.15 -5.28 42.57
C GLY F 522 13.67 -4.63 43.85
N ALA F 523 12.76 -3.67 43.73
CA ALA F 523 12.18 -3.06 44.92
C ALA F 523 11.37 -4.07 45.70
N GLU F 524 11.42 -3.98 47.03
CA GLU F 524 10.63 -4.86 47.87
C GLU F 524 9.16 -4.50 47.74
N VAL F 525 8.42 -5.34 47.00
CA VAL F 525 7.05 -5.00 46.68
C VAL F 525 6.13 -5.17 47.88
N ASN F 526 6.57 -5.88 48.91
CA ASN F 526 5.81 -6.03 50.14
C ASN F 526 6.28 -5.09 51.24
N ALA F 527 7.05 -4.06 50.88
CA ALA F 527 7.56 -3.12 51.88
C ALA F 527 6.42 -2.38 52.54
N VAL F 528 6.48 -2.26 53.86
CA VAL F 528 5.41 -1.67 54.64
C VAL F 528 5.87 -0.33 55.19
N ASP F 529 4.91 0.59 55.32
CA ASP F 529 5.14 1.89 55.92
C ASP F 529 4.92 1.78 57.43
N ASN F 530 4.82 2.93 58.10
CA ASN F 530 4.50 2.93 59.52
C ASN F 530 3.12 2.34 59.79
N GLU F 531 2.20 2.46 58.83
CA GLU F 531 0.88 1.89 58.95
C GLU F 531 0.77 0.50 58.37
N GLY F 532 1.85 -0.03 57.81
CA GLY F 532 1.84 -1.38 57.26
C GLY F 532 1.32 -1.50 55.85
N ASN F 533 1.09 -0.39 55.15
CA ASN F 533 0.57 -0.45 53.80
C ASN F 533 1.63 -0.93 52.83
N SER F 534 1.23 -1.77 51.89
CA SER F 534 2.11 -2.23 50.83
C SER F 534 2.02 -1.26 49.66
N ALA F 535 2.70 -1.57 48.56
CA ALA F 535 2.58 -0.73 47.37
C ALA F 535 1.23 -0.91 46.70
N LEU F 536 0.78 -2.16 46.55
CA LEU F 536 -0.55 -2.43 46.05
C LEU F 536 -1.63 -1.96 47.01
N HIS F 537 -1.32 -1.93 48.31
CA HIS F 537 -2.28 -1.52 49.32
C HIS F 537 -2.54 -0.02 49.28
N ILE F 538 -1.76 0.73 48.51
CA ILE F 538 -1.97 2.15 48.33
C ILE F 538 -2.57 2.47 46.95
N ILE F 539 -2.15 1.75 45.89
CA ILE F 539 -2.66 2.02 44.56
C ILE F 539 -4.17 1.79 44.46
N VAL F 540 -4.74 0.95 45.32
CA VAL F 540 -6.19 0.80 45.33
C VAL F 540 -6.85 2.08 45.83
N GLN F 541 -6.18 2.83 46.70
CA GLN F 541 -6.71 4.09 47.21
C GLN F 541 -6.59 5.23 46.21
N TYR F 542 -6.31 4.93 44.94
CA TYR F 542 -6.31 5.95 43.90
C TYR F 542 -7.72 6.45 43.69
N ASN F 543 -7.88 7.77 43.67
CA ASN F 543 -9.20 8.39 43.54
C ASN F 543 -9.55 8.75 42.11
N ARG F 544 -8.75 8.32 41.14
CA ARG F 544 -9.05 8.51 39.72
C ARG F 544 -8.93 7.16 39.01
N PRO F 545 -9.90 6.27 39.18
CA PRO F 545 -9.79 4.96 38.54
C PRO F 545 -9.98 5.00 37.04
N ILE F 546 -10.93 5.79 36.54
CA ILE F 546 -11.33 5.73 35.14
C ILE F 546 -10.68 6.84 34.31
N SER F 547 -10.19 7.91 34.94
CA SER F 547 -9.50 8.95 34.18
C SER F 547 -8.22 8.44 33.54
N ASP F 548 -7.45 7.64 34.28
CA ASP F 548 -6.21 7.04 33.78
C ASP F 548 -6.21 5.55 34.07
N PHE F 549 -7.29 4.88 33.66
CA PHE F 549 -7.41 3.44 33.87
C PHE F 549 -6.26 2.66 33.25
N LEU F 550 -5.65 3.18 32.19
CA LEU F 550 -4.45 2.54 31.65
C LEU F 550 -3.31 2.58 32.67
N THR F 551 -3.18 3.70 33.39
CA THR F 551 -2.16 3.80 34.42
C THR F 551 -2.43 2.81 35.55
N LEU F 552 -3.66 2.80 36.06
CA LEU F 552 -3.97 1.96 37.22
C LEU F 552 -3.95 0.48 36.86
N HIS F 553 -4.26 0.12 35.61
CA HIS F 553 -4.26 -1.29 35.25
C HIS F 553 -2.85 -1.82 35.09
N SER F 554 -1.95 -1.01 34.54
CA SER F 554 -0.58 -1.48 34.32
C SER F 554 0.16 -1.69 35.63
N ILE F 555 -0.05 -0.81 36.61
CA ILE F 555 0.70 -0.91 37.86
C ILE F 555 0.24 -2.09 38.69
N ILE F 556 -1.08 -2.34 38.75
CA ILE F 556 -1.58 -3.47 39.51
C ILE F 556 -1.14 -4.78 38.87
N ILE F 557 -1.09 -4.80 37.54
CA ILE F 557 -0.52 -5.96 36.84
C ILE F 557 0.95 -6.14 37.23
N SER F 558 1.71 -5.05 37.23
CA SER F 558 3.13 -5.13 37.58
C SER F 558 3.32 -5.53 39.04
N LEU F 559 2.53 -4.94 39.95
CA LEU F 559 2.69 -5.25 41.37
C LEU F 559 2.30 -6.68 41.69
N VAL F 560 1.23 -7.19 41.07
CA VAL F 560 0.82 -8.56 41.32
C VAL F 560 1.83 -9.54 40.74
N GLU F 561 2.31 -9.28 39.52
CA GLU F 561 3.27 -10.18 38.88
C GLU F 561 4.58 -10.23 39.64
N ALA F 562 5.00 -9.13 40.26
CA ALA F 562 6.20 -9.15 41.08
C ALA F 562 6.03 -10.00 42.32
N GLY F 563 4.79 -10.14 42.80
CA GLY F 563 4.52 -11.03 43.91
C GLY F 563 4.02 -10.33 45.15
N ALA F 564 3.32 -9.22 44.98
CA ALA F 564 2.73 -8.52 46.12
C ALA F 564 1.59 -9.33 46.68
N HIS F 565 1.58 -9.54 48.00
CA HIS F 565 0.43 -10.14 48.64
C HIS F 565 -0.77 -9.21 48.53
N THR F 566 -1.86 -9.74 47.99
CA THR F 566 -3.09 -8.97 47.87
C THR F 566 -3.88 -8.96 49.16
N ASP F 567 -3.40 -9.63 50.20
CA ASP F 567 -4.15 -9.78 51.45
C ASP F 567 -3.45 -9.11 52.62
N MET F 568 -2.33 -8.43 52.39
CA MET F 568 -1.50 -7.91 53.45
C MET F 568 -2.25 -6.82 54.22
N THR F 569 -2.72 -7.14 55.41
CA THR F 569 -3.47 -6.18 56.20
C THR F 569 -2.56 -5.12 56.79
N ASN F 570 -3.13 -3.93 57.02
CA ASN F 570 -2.41 -2.82 57.61
C ASN F 570 -2.44 -2.93 59.12
N LYS F 571 -2.08 -1.85 59.80
CA LYS F 571 -2.15 -1.83 61.26
C LYS F 571 -3.58 -1.91 61.76
N GLN F 572 -4.54 -1.43 60.96
CA GLN F 572 -5.95 -1.47 61.33
C GLN F 572 -6.66 -2.71 60.82
N ASN F 573 -5.91 -3.65 60.24
CA ASN F 573 -6.45 -4.90 59.68
C ASN F 573 -7.50 -4.61 58.60
N LYS F 574 -7.04 -3.97 57.53
CA LYS F 574 -7.85 -3.72 56.34
C LYS F 574 -7.10 -4.27 55.14
N THR F 575 -7.72 -5.19 54.43
CA THR F 575 -7.10 -5.76 53.25
C THR F 575 -7.13 -4.76 52.10
N PRO F 576 -6.25 -4.91 51.10
CA PRO F 576 -6.37 -4.09 49.89
C PRO F 576 -7.71 -4.23 49.20
N LEU F 577 -8.32 -5.41 49.28
CA LEU F 577 -9.70 -5.54 48.82
C LEU F 577 -10.63 -4.67 49.66
N ASP F 578 -10.42 -4.63 50.97
CA ASP F 578 -11.24 -3.80 51.85
C ASP F 578 -10.90 -2.33 51.75
N LYS F 579 -9.64 -1.98 51.50
CA LYS F 579 -9.24 -0.60 51.30
C LYS F 579 -9.30 -0.18 49.84
N SER F 580 -10.17 -0.81 49.06
CA SER F 580 -10.29 -0.47 47.65
C SER F 580 -10.81 0.94 47.44
N THR F 581 -11.75 1.38 48.29
CA THR F 581 -12.38 2.70 48.32
C THR F 581 -12.79 3.20 46.92
N THR F 582 -13.07 2.27 46.01
CA THR F 582 -13.31 2.59 44.62
C THR F 582 -13.90 1.34 43.96
N GLY F 583 -14.99 1.51 43.23
CA GLY F 583 -15.61 0.37 42.56
C GLY F 583 -14.72 -0.25 41.51
N VAL F 584 -14.10 0.57 40.68
CA VAL F 584 -13.32 0.06 39.56
C VAL F 584 -12.06 -0.64 40.05
N SER F 585 -11.32 0.01 40.97
CA SER F 585 -10.07 -0.56 41.45
C SER F 585 -10.28 -1.85 42.23
N GLU F 586 -11.47 -2.04 42.80
CA GLU F 586 -11.78 -3.33 43.40
C GLU F 586 -11.88 -4.43 42.35
N ILE F 587 -12.42 -4.11 41.17
CA ILE F 587 -12.63 -5.11 40.13
C ILE F 587 -11.30 -5.63 39.61
N LEU F 588 -10.33 -4.74 39.37
CA LEU F 588 -9.05 -5.17 38.83
C LEU F 588 -8.28 -6.04 39.81
N LEU F 589 -8.42 -5.78 41.11
CA LEU F 589 -7.74 -6.61 42.09
C LEU F 589 -8.32 -8.02 42.11
N LYS F 590 -9.65 -8.15 41.96
CA LYS F 590 -10.28 -9.46 42.01
C LYS F 590 -9.82 -10.35 40.87
N THR F 591 -9.45 -9.78 39.73
CA THR F 591 -8.96 -10.59 38.64
C THR F 591 -7.56 -11.11 38.90
N GLN F 592 -6.70 -10.28 39.51
CA GLN F 592 -5.31 -10.64 39.71
C GLN F 592 -5.05 -11.36 41.03
N MET F 593 -6.06 -11.52 41.88
CA MET F 593 -5.86 -12.18 43.15
C MET F 593 -5.66 -13.68 42.97
N LYS F 594 -4.41 -14.11 42.89
CA LYS F 594 -4.12 -15.53 42.75
C LYS F 594 -4.51 -16.26 44.03
N MET F 595 -5.09 -17.45 43.86
CA MET F 595 -5.61 -18.19 44.99
C MET F 595 -4.48 -18.77 45.83
N SER F 596 -4.80 -19.08 47.07
CA SER F 596 -3.87 -19.73 47.99
C SER F 596 -4.66 -20.35 49.12
N LEU F 597 -4.44 -21.65 49.37
CA LEU F 597 -4.97 -22.25 50.58
C LEU F 597 -4.35 -21.59 51.80
N LYS F 598 -3.07 -21.25 51.70
CA LYS F 598 -2.36 -20.62 52.80
C LYS F 598 -2.98 -19.28 53.16
N CYS F 599 -3.36 -18.49 52.15
CA CYS F 599 -4.00 -17.22 52.42
C CYS F 599 -5.38 -17.41 53.05
N LEU F 600 -6.16 -18.36 52.54
CA LEU F 600 -7.50 -18.59 53.07
C LEU F 600 -7.45 -19.12 54.49
N ALA F 601 -6.55 -20.07 54.76
CA ALA F 601 -6.42 -20.59 56.11
C ALA F 601 -5.94 -19.52 57.08
N ALA F 602 -5.03 -18.66 56.63
CA ALA F 602 -4.55 -17.58 57.50
C ALA F 602 -5.65 -16.56 57.76
N ARG F 603 -6.48 -16.28 56.76
CA ARG F 603 -7.64 -15.42 56.99
C ARG F 603 -8.58 -16.04 58.02
N ALA F 604 -8.81 -17.34 57.92
CA ALA F 604 -9.67 -18.03 58.89
C ALA F 604 -9.08 -17.97 60.29
N VAL F 605 -7.76 -18.11 60.40
CA VAL F 605 -7.10 -18.05 61.70
C VAL F 605 -7.21 -16.65 62.29
N ARG F 606 -6.92 -15.63 61.48
CA ARG F 606 -6.92 -14.26 61.99
C ARG F 606 -8.33 -13.79 62.32
N ALA F 607 -9.32 -14.15 61.51
CA ALA F 607 -10.70 -13.75 61.77
C ALA F 607 -11.23 -14.42 63.03
N ASN F 608 -10.93 -15.69 63.22
CA ASN F 608 -11.41 -16.40 64.40
C ASN F 608 -10.61 -16.09 65.65
N ASP F 609 -9.50 -15.34 65.51
CA ASP F 609 -8.67 -14.92 66.64
C ASP F 609 -8.16 -16.09 67.46
N ILE F 610 -7.78 -17.17 66.76
CA ILE F 610 -7.21 -18.33 67.42
C ILE F 610 -5.83 -17.97 67.97
N ASN F 611 -5.50 -18.53 69.13
CA ASN F 611 -4.20 -18.29 69.73
C ASN F 611 -3.13 -19.01 68.92
N TYR F 612 -2.63 -18.37 67.87
CA TYR F 612 -1.62 -18.96 67.00
C TYR F 612 -0.20 -18.72 67.50
N GLN F 613 -0.03 -18.05 68.63
CA GLN F 613 1.29 -17.71 69.13
C GLN F 613 2.01 -18.97 69.61
N ASP F 614 3.14 -19.28 68.98
CA ASP F 614 4.00 -20.40 69.35
C ASP F 614 3.26 -21.74 69.22
N GLN F 615 2.43 -21.85 68.18
CA GLN F 615 1.85 -23.13 67.80
C GLN F 615 2.06 -23.43 66.32
N ILE F 616 2.86 -22.63 65.63
CA ILE F 616 3.09 -22.76 64.20
C ILE F 616 4.60 -22.62 63.95
N PRO F 617 5.10 -22.93 62.76
CA PRO F 617 6.50 -22.63 62.45
C PRO F 617 6.79 -21.14 62.60
N ARG F 618 8.02 -20.84 63.04
CA ARG F 618 8.39 -19.46 63.34
C ARG F 618 8.37 -18.57 62.10
N THR F 619 8.62 -19.14 60.93
CA THR F 619 8.49 -18.37 59.70
C THR F 619 7.06 -18.15 59.28
N LEU F 620 6.12 -18.87 59.90
CA LEU F 620 4.70 -18.64 59.66
C LEU F 620 4.10 -17.64 60.63
N GLU F 621 4.77 -17.40 61.77
CA GLU F 621 4.30 -16.38 62.72
C GLU F 621 4.23 -15.02 62.07
N GLU F 622 5.20 -14.69 61.22
CA GLU F 622 5.15 -13.45 60.45
C GLU F 622 4.05 -13.50 59.41
N PHE F 623 3.78 -14.68 58.84
CA PHE F 623 2.80 -14.79 57.77
C PHE F 623 1.39 -14.51 58.27
N VAL F 624 1.06 -14.97 59.48
CA VAL F 624 -0.24 -14.65 60.05
C VAL F 624 -0.33 -13.16 60.34
N GLY F 625 0.81 -12.52 60.64
CA GLY F 625 0.84 -11.07 60.78
C GLY F 625 0.46 -10.34 59.52
N PHE F 626 0.81 -10.90 58.35
CA PHE F 626 0.36 -10.32 57.09
C PHE F 626 -1.14 -10.50 56.91
N HIS F 627 -1.60 -11.75 56.87
CA HIS F 627 -2.99 -12.04 56.61
C HIS F 627 -3.83 -11.91 57.87
N THR G 21 3.10 -37.70 64.78
CA THR G 21 2.40 -36.63 65.49
C THR G 21 1.66 -35.73 64.51
N SER G 22 2.12 -34.49 64.40
CA SER G 22 1.54 -33.53 63.47
C SER G 22 2.62 -32.51 63.11
N LEU G 23 2.20 -31.42 62.48
CA LEU G 23 3.14 -30.41 62.00
C LEU G 23 3.52 -29.39 63.06
N LYS G 24 3.25 -29.66 64.32
CA LYS G 24 3.68 -28.76 65.38
C LYS G 24 5.20 -28.73 65.43
N PRO G 25 5.81 -27.55 65.55
CA PRO G 25 7.27 -27.50 65.72
C PRO G 25 7.71 -28.13 67.03
N ARG G 26 8.38 -29.27 66.95
CA ARG G 26 8.86 -29.98 68.13
C ARG G 26 10.38 -29.97 68.13
N VAL G 27 10.97 -29.83 69.31
CA VAL G 27 12.42 -29.80 69.44
C VAL G 27 12.95 -31.17 69.05
N VAL G 28 13.59 -31.26 67.89
CA VAL G 28 13.98 -32.53 67.30
C VAL G 28 15.49 -32.71 67.45
N ASP G 29 15.90 -33.92 67.82
CA ASP G 29 17.31 -34.26 67.89
C ASP G 29 17.90 -34.21 66.49
N PHE G 30 18.83 -33.27 66.27
CA PHE G 30 19.33 -33.01 64.93
C PHE G 30 20.10 -34.19 64.36
N ASP G 31 20.85 -34.90 65.21
CA ASP G 31 21.77 -35.91 64.71
C ASP G 31 21.03 -37.07 64.06
N GLU G 32 19.96 -37.56 64.67
CA GLU G 32 19.27 -38.74 64.11
C GLU G 32 18.53 -38.38 62.83
N THR G 33 17.84 -37.24 62.82
CA THR G 33 17.13 -36.83 61.61
C THR G 33 18.10 -36.55 60.47
N TRP G 34 19.22 -35.87 60.77
CA TRP G 34 20.22 -35.62 59.74
C TRP G 34 20.89 -36.91 59.30
N ASN G 35 20.97 -37.91 60.18
CA ASN G 35 21.51 -39.21 59.79
C ASN G 35 20.61 -39.90 58.78
N LYS G 36 19.31 -39.98 59.08
CA LYS G 36 18.38 -40.63 58.13
C LYS G 36 18.33 -39.85 56.82
N LEU G 37 18.28 -38.52 56.91
CA LEU G 37 18.23 -37.70 55.71
C LEU G 37 19.51 -37.81 54.91
N LEU G 38 20.65 -37.90 55.58
CA LEU G 38 21.92 -38.05 54.88
C LEU G 38 21.99 -39.37 54.14
N THR G 39 21.54 -40.45 54.78
CA THR G 39 21.52 -41.74 54.09
C THR G 39 20.62 -41.70 52.85
N THR G 40 19.43 -41.14 53.00
CA THR G 40 18.52 -41.07 51.86
C THR G 40 19.08 -40.18 50.75
N ILE G 41 19.63 -39.02 51.12
CA ILE G 41 20.10 -38.08 50.10
C ILE G 41 21.35 -38.60 49.41
N LYS G 42 22.19 -39.36 50.11
CA LYS G 42 23.35 -39.96 49.46
C LYS G 42 22.90 -41.06 48.50
N ALA G 43 21.89 -41.83 48.89
CA ALA G 43 21.32 -42.80 47.96
C ALA G 43 20.70 -42.12 46.74
N VAL G 44 20.14 -40.92 46.93
CA VAL G 44 19.55 -40.19 45.81
C VAL G 44 20.64 -39.68 44.87
N VAL G 45 21.71 -39.09 45.43
CA VAL G 45 22.78 -38.56 44.60
C VAL G 45 23.49 -39.68 43.84
N MET G 46 23.73 -40.81 44.51
CA MET G 46 24.31 -41.96 43.82
C MET G 46 23.28 -42.74 43.01
N LEU G 47 22.06 -42.22 42.86
CA LEU G 47 20.98 -42.85 42.09
C LEU G 47 20.65 -44.25 42.59
N GLU G 48 20.86 -44.50 43.88
CA GLU G 48 20.46 -45.76 44.46
C GLU G 48 18.94 -45.84 44.55
N TYR G 49 18.41 -47.04 44.45
CA TYR G 49 16.97 -47.24 44.55
C TYR G 49 16.52 -47.01 45.98
N VAL G 50 15.65 -46.02 46.18
CA VAL G 50 15.16 -45.65 47.50
C VAL G 50 13.65 -45.81 47.51
N GLU G 51 13.13 -46.36 48.60
CA GLU G 51 11.69 -46.54 48.74
C GLU G 51 10.98 -45.20 48.79
N ARG G 52 9.82 -45.12 48.13
CA ARG G 52 9.08 -43.85 48.09
C ARG G 52 8.51 -43.50 49.46
N ALA G 53 8.26 -44.49 50.32
CA ALA G 53 7.82 -44.19 51.67
C ALA G 53 8.92 -43.47 52.44
N THR G 54 10.17 -43.92 52.29
CA THR G 54 11.30 -43.23 52.89
C THR G 54 11.45 -41.83 52.30
N TRP G 55 11.18 -41.69 51.01
CA TRP G 55 11.28 -40.40 50.35
C TRP G 55 10.28 -39.38 50.91
N ASN G 56 9.02 -39.82 51.09
CA ASN G 56 8.03 -38.92 51.69
C ASN G 56 8.33 -38.66 53.17
N ASP G 57 8.81 -39.67 53.89
CA ASP G 57 9.23 -39.45 55.26
C ASP G 57 10.38 -38.45 55.34
N ARG G 58 11.24 -38.41 54.31
CA ARG G 58 12.32 -37.44 54.32
C ARG G 58 11.85 -36.04 53.98
N PHE G 59 10.79 -35.89 53.16
CA PHE G 59 10.14 -34.58 53.11
C PHE G 59 9.60 -34.14 54.47
N SER G 60 8.96 -35.07 55.20
CA SER G 60 8.46 -34.71 56.53
C SER G 60 9.61 -34.29 57.44
N ASP G 61 10.73 -35.02 57.38
CA ASP G 61 11.90 -34.66 58.19
C ASP G 61 12.52 -33.34 57.75
N ILE G 62 12.50 -33.03 56.45
CA ILE G 62 12.97 -31.73 55.97
C ILE G 62 12.15 -30.62 56.58
N TYR G 63 10.83 -30.77 56.57
CA TYR G 63 9.96 -29.75 57.17
C TYR G 63 10.24 -29.61 58.65
N ALA G 64 10.37 -30.74 59.35
CA ALA G 64 10.62 -30.69 60.79
C ALA G 64 11.96 -30.03 61.11
N LEU G 65 12.98 -30.27 60.28
CA LEU G 65 14.28 -29.67 60.52
C LEU G 65 14.33 -28.20 60.14
N CYS G 66 13.56 -27.78 59.15
CA CYS G 66 13.51 -26.38 58.78
C CYS G 66 12.51 -25.58 59.61
N VAL G 67 11.81 -26.23 60.53
CA VAL G 67 10.81 -25.56 61.34
C VAL G 67 11.15 -25.53 62.83
N ALA G 68 11.77 -26.59 63.37
CA ALA G 68 11.68 -26.95 64.77
C ALA G 68 12.03 -25.84 65.75
N TYR G 69 11.35 -25.85 66.90
CA TYR G 69 11.66 -25.01 68.03
C TYR G 69 12.94 -25.51 68.73
N PRO G 70 13.62 -24.65 69.51
CA PRO G 70 13.38 -23.22 69.77
C PRO G 70 14.13 -22.34 68.79
N GLU G 71 14.94 -22.94 67.92
CA GLU G 71 15.70 -22.21 66.93
C GLU G 71 15.55 -22.91 65.58
N PRO G 72 15.31 -22.16 64.50
CA PRO G 72 15.22 -22.80 63.18
C PRO G 72 16.55 -23.41 62.79
N LEU G 73 16.54 -24.72 62.56
CA LEU G 73 17.74 -25.45 62.15
C LEU G 73 18.00 -25.36 60.66
N GLY G 74 17.39 -24.39 59.97
CA GLY G 74 17.61 -24.25 58.54
C GLY G 74 19.05 -23.94 58.21
N GLU G 75 19.69 -23.08 59.01
CA GLU G 75 21.10 -22.78 58.80
C GLU G 75 21.96 -24.02 59.03
N ARG G 76 21.65 -24.78 60.09
CA ARG G 76 22.39 -26.01 60.36
C ARG G 76 22.20 -27.02 59.25
N LEU G 77 20.96 -27.17 58.76
CA LEU G 77 20.71 -28.11 57.67
C LEU G 77 21.42 -27.68 56.40
N TYR G 78 21.41 -26.39 56.09
CA TYR G 78 22.09 -25.91 54.89
C TYR G 78 23.59 -26.11 54.98
N THR G 79 24.18 -25.81 56.14
CA THR G 79 25.62 -26.00 56.28
C THR G 79 25.99 -27.47 56.25
N GLU G 80 25.18 -28.34 56.87
CA GLU G 80 25.48 -29.76 56.86
C GLU G 80 25.33 -30.37 55.48
N THR G 81 24.31 -29.95 54.72
CA THR G 81 24.18 -30.47 53.37
C THR G 81 25.23 -29.90 52.44
N LYS G 82 25.72 -28.68 52.72
CA LYS G 82 26.85 -28.17 51.93
C LYS G 82 28.12 -28.95 52.23
N ILE G 83 28.34 -29.31 53.49
CA ILE G 83 29.49 -30.14 53.83
C ILE G 83 29.36 -31.53 53.19
N PHE G 84 28.15 -32.09 53.19
CA PHE G 84 27.96 -33.38 52.55
C PHE G 84 28.22 -33.31 51.05
N LEU G 85 27.76 -32.25 50.40
CA LEU G 85 28.02 -32.09 48.98
C LEU G 85 29.50 -31.88 48.70
N GLU G 86 30.19 -31.13 49.56
CA GLU G 86 31.64 -30.97 49.41
C GLU G 86 32.35 -32.29 49.51
N ASN G 87 31.99 -33.11 50.51
CA ASN G 87 32.62 -34.41 50.68
C ASN G 87 32.32 -35.33 49.49
N HIS G 88 31.07 -35.34 49.02
CA HIS G 88 30.72 -36.23 47.93
C HIS G 88 31.41 -35.83 46.63
N VAL G 89 31.46 -34.53 46.35
CA VAL G 89 32.11 -34.08 45.12
C VAL G 89 33.61 -34.30 45.19
N ARG G 90 34.21 -34.11 46.38
CA ARG G 90 35.64 -34.39 46.52
C ARG G 90 35.94 -35.87 46.37
N HIS G 91 35.08 -36.74 46.92
CA HIS G 91 35.27 -38.17 46.73
C HIS G 91 35.16 -38.55 45.25
N LEU G 92 34.19 -37.97 44.54
CA LEU G 92 34.06 -38.22 43.11
C LEU G 92 35.29 -37.72 42.35
N HIS G 93 35.80 -36.56 42.74
CA HIS G 93 36.98 -35.99 42.08
C HIS G 93 38.21 -36.86 42.29
N LYS G 94 38.39 -37.37 43.51
CA LYS G 94 39.49 -38.30 43.74
C LYS G 94 39.32 -39.58 42.94
N ARG G 95 38.08 -40.09 42.88
CA ARG G 95 37.83 -41.33 42.14
C ARG G 95 38.12 -41.16 40.65
N VAL G 96 37.77 -40.01 40.08
CA VAL G 96 38.04 -39.82 38.66
C VAL G 96 39.49 -39.47 38.40
N LEU G 97 40.17 -38.82 39.36
CA LEU G 97 41.57 -38.48 39.15
C LEU G 97 42.47 -39.70 39.24
N GLU G 98 42.13 -40.66 40.12
CA GLU G 98 42.96 -41.84 40.23
C GLU G 98 42.81 -42.78 39.03
N SER G 99 41.81 -42.57 38.18
CA SER G 99 41.64 -43.34 36.95
C SER G 99 42.07 -42.44 35.79
N GLU G 100 43.35 -42.55 35.42
CA GLU G 100 43.92 -41.60 34.47
C GLU G 100 43.47 -41.85 33.04
N GLU G 101 43.44 -43.11 32.60
CA GLU G 101 43.11 -43.40 31.21
C GLU G 101 41.63 -43.16 30.92
N GLN G 102 40.75 -43.59 31.82
CA GLN G 102 39.31 -43.44 31.64
C GLN G 102 38.77 -42.24 32.40
N VAL G 103 39.55 -41.15 32.46
CA VAL G 103 39.12 -39.96 33.19
C VAL G 103 37.85 -39.37 32.59
N LEU G 104 37.77 -39.35 31.27
CA LEU G 104 36.62 -38.70 30.63
C LEU G 104 35.36 -39.53 30.76
N VAL G 105 35.48 -40.86 30.62
CA VAL G 105 34.30 -41.71 30.74
C VAL G 105 33.75 -41.69 32.17
N MET G 106 34.65 -41.78 33.15
CA MET G 106 34.20 -41.71 34.54
C MET G 106 33.64 -40.34 34.88
N TYR G 107 34.23 -39.27 34.33
CA TYR G 107 33.69 -37.95 34.55
C TYR G 107 32.29 -37.83 33.97
N HIS G 108 32.06 -38.39 32.77
CA HIS G 108 30.73 -38.29 32.19
C HIS G 108 29.71 -39.12 32.96
N ARG G 109 30.08 -40.33 33.38
CA ARG G 109 29.13 -41.15 34.13
C ARG G 109 28.80 -40.51 35.48
N TYR G 110 29.81 -40.02 36.18
CA TYR G 110 29.57 -39.33 37.44
C TYR G 110 28.83 -38.02 37.21
N TRP G 111 28.98 -37.40 36.05
CA TRP G 111 28.23 -36.17 35.79
C TRP G 111 26.77 -36.45 35.56
N GLU G 112 26.44 -37.51 34.81
CA GLU G 112 25.05 -37.90 34.67
C GLU G 112 24.44 -38.23 36.02
N GLU G 113 25.13 -39.06 36.80
CA GLU G 113 24.62 -39.44 38.12
C GLU G 113 24.46 -38.24 39.02
N TYR G 114 25.43 -37.34 39.02
CA TYR G 114 25.37 -36.21 39.93
C TYR G 114 24.39 -35.13 39.48
N SER G 115 24.16 -34.96 38.18
CA SER G 115 23.15 -34.01 37.76
C SER G 115 21.76 -34.52 38.07
N LYS G 116 21.53 -35.83 37.87
CA LYS G 116 20.26 -36.40 38.31
C LYS G 116 20.11 -36.27 39.82
N GLY G 117 21.18 -36.52 40.57
CA GLY G 117 21.12 -36.37 42.01
C GLY G 117 20.89 -34.94 42.44
N ALA G 118 21.48 -33.98 41.73
CA ALA G 118 21.29 -32.58 42.07
C ALA G 118 19.85 -32.16 41.84
N ASP G 119 19.28 -32.54 40.69
CA ASP G 119 17.89 -32.18 40.43
C ASP G 119 16.95 -32.87 41.42
N TYR G 120 17.20 -34.13 41.73
CA TYR G 120 16.32 -34.83 42.65
C TYR G 120 16.47 -34.31 44.08
N MET G 121 17.68 -33.93 44.50
CA MET G 121 17.87 -33.34 45.80
C MET G 121 17.21 -31.97 45.90
N ASP G 122 17.31 -31.17 44.83
CA ASP G 122 16.63 -29.88 44.80
C ASP G 122 15.13 -30.07 44.88
N CYS G 123 14.61 -31.13 44.27
CA CYS G 123 13.21 -31.49 44.49
C CYS G 123 12.95 -31.90 45.93
N LEU G 124 13.93 -32.56 46.57
CA LEU G 124 13.72 -32.98 47.95
C LEU G 124 13.75 -31.80 48.91
N TYR G 125 14.62 -30.82 48.65
CA TYR G 125 14.75 -29.68 49.54
C TYR G 125 13.84 -28.53 49.11
N ARG G 126 12.55 -28.83 48.94
CA ARG G 126 11.63 -27.80 48.46
C ARG G 126 11.38 -26.74 49.53
N TYR G 127 11.09 -27.18 50.76
CA TYR G 127 10.82 -26.22 51.83
C TYR G 127 12.05 -25.39 52.15
N LEU G 128 13.22 -26.02 52.19
CA LEU G 128 14.44 -25.27 52.46
C LEU G 128 14.76 -24.29 51.35
N ASN G 129 14.41 -24.63 50.10
CA ASN G 129 14.59 -23.70 49.00
C ASN G 129 13.65 -22.52 49.10
N THR G 130 12.40 -22.76 49.51
CA THR G 130 11.39 -21.71 49.42
C THR G 130 11.33 -20.84 50.68
N GLN G 131 11.08 -21.45 51.83
CA GLN G 131 10.79 -20.68 53.04
C GLN G 131 12.02 -20.30 53.84
N PHE G 132 13.21 -20.72 53.44
CA PHE G 132 14.43 -20.37 54.17
C PHE G 132 15.41 -19.56 53.32
N ILE G 133 15.78 -20.06 52.14
CA ILE G 133 16.82 -19.43 51.36
C ILE G 133 16.36 -18.09 50.82
N LYS G 134 15.16 -18.05 50.24
CA LYS G 134 14.68 -16.81 49.63
C LYS G 134 14.28 -15.77 50.66
N LYS G 135 14.08 -16.17 51.91
CA LYS G 135 13.75 -15.24 52.97
C LYS G 135 14.89 -15.14 53.98
N PRO G 140 21.83 -13.10 51.08
CA PRO G 140 21.10 -14.31 50.68
C PRO G 140 22.02 -15.38 50.10
N LEU G 141 21.77 -16.63 50.45
CA LEU G 141 22.55 -17.74 49.93
C LEU G 141 22.03 -18.13 48.54
N MET G 142 22.48 -19.27 48.04
CA MET G 142 21.99 -19.82 46.79
C MET G 142 21.19 -21.09 47.07
N GLU G 143 20.30 -21.41 46.13
CA GLU G 143 19.43 -22.56 46.28
C GLU G 143 20.25 -23.84 46.27
N ILE G 144 19.65 -24.90 46.81
CA ILE G 144 20.31 -26.21 46.84
C ILE G 144 20.50 -26.74 45.43
N GLY G 145 19.57 -26.42 44.52
CA GLY G 145 19.79 -26.71 43.12
C GLY G 145 21.00 -25.96 42.57
N GLU G 146 21.15 -24.69 42.94
CA GLU G 146 22.36 -23.95 42.55
C GLU G 146 23.59 -24.51 43.25
N LEU G 147 23.46 -24.85 44.54
CA LEU G 147 24.61 -25.24 45.33
C LEU G 147 25.22 -26.54 44.84
N ALA G 148 24.39 -27.51 44.47
CA ALA G 148 24.91 -28.81 44.07
C ALA G 148 25.73 -28.72 42.80
N LEU G 149 25.24 -27.98 41.81
CA LEU G 149 26.05 -27.77 40.61
C LEU G 149 27.24 -26.86 40.88
N ASP G 150 27.10 -25.93 41.83
CA ASP G 150 28.22 -25.06 42.15
C ASP G 150 29.37 -25.83 42.78
N MET G 151 29.06 -26.81 43.64
CA MET G 151 30.10 -27.68 44.16
C MET G 151 30.73 -28.51 43.05
N TRP G 152 29.93 -28.93 42.08
CA TRP G 152 30.47 -29.57 40.89
C TRP G 152 31.26 -28.59 40.05
N ARG G 153 31.05 -27.29 40.23
CA ARG G 153 31.81 -26.30 39.47
C ARG G 153 33.13 -25.95 40.14
N LYS G 154 33.12 -25.75 41.45
CA LYS G 154 34.32 -25.31 42.15
C LYS G 154 35.13 -26.46 42.75
N LEU G 155 34.63 -27.69 42.73
CA LEU G 155 35.35 -28.81 43.30
C LEU G 155 35.36 -30.04 42.42
N MET G 156 34.87 -29.96 41.20
CA MET G 156 34.92 -31.14 40.32
C MET G 156 35.48 -30.84 38.94
N VAL G 157 35.16 -29.69 38.36
CA VAL G 157 35.72 -29.35 37.06
C VAL G 157 36.89 -28.40 37.26
N GLU G 158 36.78 -27.50 38.23
CA GLU G 158 37.86 -26.57 38.52
C GLU G 158 39.16 -27.24 38.97
N PRO G 159 39.17 -28.24 39.86
CA PRO G 159 40.44 -28.92 40.16
C PRO G 159 41.08 -29.61 38.97
N LEU G 160 40.29 -30.14 38.04
CA LEU G 160 40.83 -30.86 36.89
C LEU G 160 40.40 -30.21 35.57
N GLN G 161 40.36 -28.88 35.55
CA GLN G 161 40.14 -28.17 34.29
C GLN G 161 41.28 -28.42 33.31
N ALA G 162 42.52 -28.44 33.81
CA ALA G 162 43.68 -28.63 32.95
C ALA G 162 43.73 -30.05 32.39
N ILE G 163 43.45 -31.04 33.23
CA ILE G 163 43.49 -32.43 32.78
C ILE G 163 42.37 -32.70 31.77
N LEU G 164 41.20 -32.10 31.99
CA LEU G 164 40.05 -32.36 31.13
C LEU G 164 40.28 -31.84 29.72
N ILE G 165 40.69 -30.57 29.59
CA ILE G 165 40.80 -29.94 28.27
C ILE G 165 41.88 -30.63 27.44
N ARG G 166 43.02 -30.95 28.06
CA ARG G 166 44.05 -31.71 27.35
C ARG G 166 43.52 -33.07 26.92
N MET G 167 42.76 -33.74 27.78
CA MET G 167 42.17 -35.02 27.41
C MET G 167 41.06 -34.84 26.38
N LEU G 168 40.21 -33.82 26.57
CA LEU G 168 39.05 -33.65 25.70
C LEU G 168 39.46 -33.21 24.30
N LEU G 169 40.44 -32.31 24.19
CA LEU G 169 40.87 -31.85 22.87
C LEU G 169 41.56 -32.96 22.09
N ARG G 170 42.17 -33.93 22.79
CA ARG G 170 42.78 -35.04 22.09
C ARG G 170 41.74 -35.96 21.47
N GLU G 171 40.55 -36.03 22.06
CA GLU G 171 39.46 -36.80 21.45
C GLU G 171 38.95 -36.11 20.20
N ILE G 172 38.86 -34.78 20.23
CA ILE G 172 38.47 -34.04 19.03
C ILE G 172 39.50 -34.23 17.93
N LYS G 173 40.79 -34.12 18.27
CA LYS G 173 41.85 -34.31 17.28
C LYS G 173 41.85 -35.73 16.74
N ASN G 174 41.55 -36.71 17.58
CA ASN G 174 41.39 -38.08 17.10
C ASN G 174 40.23 -38.19 16.12
N ASP G 175 39.15 -37.44 16.35
CA ASP G 175 38.04 -37.42 15.41
C ASP G 175 38.45 -36.74 14.11
N ARG G 176 39.20 -35.65 14.21
CA ARG G 176 39.70 -34.98 13.00
C ARG G 176 40.76 -35.81 12.28
N GLY G 177 41.39 -36.75 12.99
CA GLY G 177 42.33 -37.65 12.34
C GLY G 177 41.67 -38.74 11.52
N GLY G 178 40.39 -39.03 11.79
CA GLY G 178 39.69 -40.02 11.01
C GLY G 178 38.83 -40.99 11.82
N GLU G 179 39.26 -41.32 13.03
CA GLU G 179 38.50 -42.24 13.86
C GLU G 179 37.41 -41.48 14.60
N ASP G 180 36.75 -42.13 15.55
CA ASP G 180 35.66 -41.47 16.28
C ASP G 180 35.59 -41.96 17.72
N PRO G 181 35.65 -41.05 18.69
CA PRO G 181 35.47 -41.45 20.09
C PRO G 181 34.00 -41.65 20.41
N ASN G 182 33.69 -41.88 21.69
CA ASN G 182 32.31 -42.06 22.12
C ASN G 182 31.51 -40.79 21.86
N GLN G 183 30.47 -40.91 21.02
CA GLN G 183 29.65 -39.75 20.67
C GLN G 183 28.93 -39.21 21.90
N LYS G 184 28.41 -40.10 22.74
CA LYS G 184 27.68 -39.65 23.92
C LYS G 184 28.61 -39.03 24.95
N VAL G 185 29.78 -39.66 25.18
CA VAL G 185 30.66 -39.21 26.25
C VAL G 185 31.27 -37.86 25.93
N ILE G 186 31.74 -37.66 24.69
CA ILE G 186 32.34 -36.39 24.32
C ILE G 186 31.31 -35.27 24.37
N HIS G 187 30.12 -35.51 23.83
CA HIS G 187 29.06 -34.51 23.92
C HIS G 187 28.54 -34.39 25.35
N GLY G 188 28.63 -35.45 26.13
CA GLY G 188 28.17 -35.38 27.51
C GLY G 188 28.97 -34.43 28.36
N VAL G 189 30.29 -34.41 28.16
CA VAL G 189 31.12 -33.56 29.00
C VAL G 189 31.23 -32.14 28.45
N ILE G 190 31.09 -31.96 27.13
CA ILE G 190 31.07 -30.61 26.58
C ILE G 190 29.77 -29.92 26.92
N ASN G 191 28.66 -30.65 26.87
CA ASN G 191 27.39 -30.13 27.38
C ASN G 191 27.36 -30.08 28.89
N SER G 192 28.37 -30.61 29.57
CA SER G 192 28.50 -30.47 31.01
C SER G 192 29.23 -29.22 31.42
N PHE G 193 29.61 -28.35 30.48
CA PHE G 193 30.11 -27.03 30.83
C PHE G 193 29.00 -25.99 30.79
N VAL G 194 28.01 -26.19 29.93
CA VAL G 194 26.68 -25.63 30.12
C VAL G 194 26.03 -26.64 31.06
N HIS G 195 24.84 -26.32 31.60
CA HIS G 195 24.07 -27.13 32.55
C HIS G 195 24.74 -27.19 33.91
N VAL G 196 25.94 -26.64 34.07
CA VAL G 196 26.50 -26.32 35.37
C VAL G 196 26.30 -24.85 35.71
N GLU G 197 26.54 -23.97 34.74
CA GLU G 197 26.20 -22.56 34.88
C GLU G 197 24.81 -22.25 34.35
N GLN G 198 23.88 -23.21 34.42
CA GLN G 198 22.54 -22.97 33.92
C GLN G 198 21.75 -22.03 34.82
N TYR G 199 22.01 -22.04 36.12
CA TYR G 199 21.22 -21.26 37.05
C TYR G 199 21.69 -19.81 37.19
N LYS G 200 22.87 -19.48 36.67
CA LYS G 200 23.29 -18.09 36.69
C LYS G 200 22.50 -17.30 35.67
N LYS G 201 21.93 -16.17 36.11
CA LYS G 201 21.03 -15.41 35.24
C LYS G 201 21.81 -14.71 34.13
N LYS G 202 22.73 -13.83 34.51
CA LYS G 202 23.54 -13.12 33.52
C LYS G 202 24.63 -14.05 33.00
N PHE G 203 24.73 -14.16 31.67
CA PHE G 203 25.70 -14.99 30.96
C PHE G 203 25.67 -16.43 31.45
N PRO G 204 24.62 -17.21 31.12
CA PRO G 204 24.59 -18.61 31.52
C PRO G 204 25.68 -19.45 30.87
N LEU G 205 26.26 -19.00 29.76
CA LEU G 205 27.29 -19.74 29.05
C LEU G 205 28.69 -19.26 29.40
N LYS G 206 28.82 -18.47 30.47
CA LYS G 206 30.10 -17.83 30.79
C LYS G 206 31.17 -18.86 31.10
N PHE G 207 30.80 -19.94 31.81
CA PHE G 207 31.76 -21.00 32.05
C PHE G 207 32.14 -21.72 30.76
N TYR G 208 31.17 -21.93 29.87
CA TYR G 208 31.46 -22.59 28.60
C TYR G 208 32.33 -21.72 27.71
N GLN G 209 32.13 -20.41 27.74
CA GLN G 209 32.85 -19.50 26.86
C GLN G 209 34.33 -19.38 27.19
N GLU G 210 34.76 -19.83 28.38
CA GLU G 210 36.14 -19.63 28.80
C GLU G 210 36.90 -20.92 29.09
N ILE G 211 36.24 -22.08 29.11
CA ILE G 211 36.92 -23.33 29.32
C ILE G 211 36.88 -24.23 28.09
N PHE G 212 35.86 -24.12 27.24
CA PHE G 212 35.82 -24.91 26.01
C PHE G 212 35.44 -24.10 24.79
N GLU G 213 35.66 -22.78 24.81
CA GLU G 213 35.51 -21.98 23.62
C GLU G 213 36.84 -21.39 23.17
N SER G 214 37.51 -20.63 24.04
CA SER G 214 38.86 -20.18 23.74
C SER G 214 39.86 -21.34 23.63
N PRO G 215 39.88 -22.33 24.53
CA PRO G 215 40.79 -23.46 24.29
C PRO G 215 40.40 -24.31 23.10
N PHE G 216 39.18 -24.19 22.58
CA PHE G 216 38.82 -24.96 21.40
C PHE G 216 39.12 -24.19 20.12
N LEU G 217 38.67 -22.94 20.04
CA LEU G 217 38.88 -22.15 18.83
C LEU G 217 40.37 -21.92 18.56
N THR G 218 41.15 -21.69 19.61
CA THR G 218 42.59 -21.57 19.45
C THR G 218 43.18 -22.88 18.95
N GLU G 219 42.74 -24.02 19.51
CA GLU G 219 43.28 -25.30 19.10
C GLU G 219 42.85 -25.66 17.69
N THR G 220 41.57 -25.49 17.37
CA THR G 220 41.14 -25.81 16.02
C THR G 220 41.62 -24.77 15.01
N GLY G 221 41.89 -23.54 15.45
CA GLY G 221 42.55 -22.59 14.60
C GLY G 221 43.99 -22.98 14.32
N GLU G 222 44.69 -23.47 15.34
CA GLU G 222 46.04 -23.95 15.14
C GLU G 222 46.06 -25.23 14.31
N TYR G 223 45.12 -26.13 14.55
CA TYR G 223 45.10 -27.39 13.81
C TYR G 223 44.81 -27.16 12.34
N TYR G 224 43.93 -26.22 12.03
CA TYR G 224 43.63 -25.90 10.64
C TYR G 224 44.55 -24.85 10.06
N LYS G 225 45.47 -24.31 10.85
CA LYS G 225 46.53 -23.49 10.27
C LYS G 225 47.60 -24.34 9.60
N GLN G 226 47.87 -25.53 10.13
CA GLN G 226 48.89 -26.39 9.56
C GLN G 226 48.32 -27.50 8.69
N GLU G 227 47.07 -27.90 8.91
CA GLU G 227 46.44 -28.88 8.02
C GLU G 227 46.21 -28.29 6.64
N ALA G 228 45.87 -27.00 6.59
CA ALA G 228 45.76 -26.32 5.29
C ALA G 228 47.10 -26.28 4.58
N SER G 229 48.18 -26.03 5.31
CA SER G 229 49.50 -26.01 4.69
C SER G 229 49.94 -27.40 4.26
N ASN G 230 49.46 -28.45 4.91
CA ASN G 230 49.75 -29.79 4.44
C ASN G 230 49.06 -30.07 3.11
N LEU G 231 47.76 -29.75 3.02
CA LEU G 231 47.01 -29.97 1.79
C LEU G 231 47.51 -29.06 0.67
N LEU G 232 47.89 -27.83 0.99
CA LEU G 232 48.36 -26.90 -0.03
C LEU G 232 49.63 -27.40 -0.69
N GLN G 233 50.55 -27.95 0.10
CA GLN G 233 51.82 -28.42 -0.43
C GLN G 233 51.79 -29.86 -0.91
N GLU G 234 50.65 -30.55 -0.78
CA GLU G 234 50.53 -31.92 -1.26
C GLU G 234 49.64 -32.06 -2.48
N SER G 235 48.95 -31.00 -2.89
CA SER G 235 48.05 -31.08 -4.04
C SER G 235 47.93 -29.72 -4.69
N ASN G 236 47.40 -29.71 -5.92
CA ASN G 236 47.20 -28.49 -6.66
C ASN G 236 45.96 -27.76 -6.15
N CYS G 237 45.62 -26.66 -6.80
CA CYS G 237 44.47 -25.85 -6.37
C CYS G 237 43.15 -26.58 -6.62
N SER G 238 43.07 -27.38 -7.68
CA SER G 238 41.82 -28.08 -7.97
C SER G 238 41.50 -29.13 -6.91
N GLN G 239 42.51 -29.90 -6.50
CA GLN G 239 42.27 -30.89 -5.44
C GLN G 239 42.15 -30.24 -4.07
N TYR G 240 42.78 -29.07 -3.90
CA TYR G 240 42.71 -28.38 -2.61
C TYR G 240 41.29 -27.94 -2.29
N MET G 241 40.58 -27.37 -3.27
CA MET G 241 39.21 -26.94 -3.04
C MET G 241 38.26 -28.12 -2.90
N GLU G 242 38.64 -29.30 -3.37
CA GLU G 242 37.83 -30.49 -3.11
C GLU G 242 37.99 -30.96 -1.67
N LYS G 243 39.23 -30.92 -1.15
CA LYS G 243 39.47 -31.34 0.22
C LYS G 243 38.95 -30.31 1.22
N VAL G 244 39.16 -29.02 0.92
CA VAL G 244 38.75 -27.97 1.85
C VAL G 244 37.24 -27.92 1.98
N LEU G 245 36.54 -27.90 0.85
CA LEU G 245 35.09 -27.92 0.91
C LEU G 245 34.57 -29.24 1.45
N GLY G 246 35.34 -30.31 1.30
CA GLY G 246 35.02 -31.53 2.01
C GLY G 246 35.18 -31.41 3.50
N ARG G 247 36.24 -30.73 3.95
CA ARG G 247 36.46 -30.54 5.38
C ARG G 247 35.40 -29.64 6.00
N LEU G 248 35.04 -28.57 5.30
CA LEU G 248 33.99 -27.67 5.80
C LEU G 248 32.66 -28.40 5.95
N LYS G 249 32.33 -29.25 4.99
CA LYS G 249 31.16 -30.11 5.17
C LYS G 249 31.36 -31.08 6.32
N ASP G 250 32.57 -31.62 6.45
CA ASP G 250 32.83 -32.59 7.51
C ASP G 250 32.90 -31.92 8.88
N GLU G 251 33.56 -30.75 8.97
CA GLU G 251 33.68 -30.09 10.26
C GLU G 251 32.33 -29.58 10.76
N GLU G 252 31.41 -29.28 9.86
CA GLU G 252 30.06 -28.90 10.27
C GLU G 252 29.38 -30.05 11.00
N ILE G 253 29.59 -31.28 10.53
CA ILE G 253 29.04 -32.44 11.22
C ILE G 253 29.77 -32.68 12.54
N ARG G 254 31.09 -32.55 12.54
CA ARG G 254 31.86 -32.74 13.77
C ARG G 254 31.69 -31.60 14.76
N CYS G 255 31.05 -30.50 14.36
CA CYS G 255 30.73 -29.43 15.31
C CYS G 255 29.39 -29.67 16.00
N ARG G 256 28.41 -30.20 15.27
CA ARG G 256 27.12 -30.51 15.88
C ARG G 256 27.14 -31.83 16.63
N LYS G 257 28.05 -32.74 16.29
CA LYS G 257 28.11 -34.02 16.98
C LYS G 257 28.56 -33.87 18.42
N TYR G 258 29.41 -32.88 18.71
CA TYR G 258 30.04 -32.76 20.02
C TYR G 258 29.68 -31.47 20.73
N LEU G 259 29.77 -30.34 20.06
CA LEU G 259 29.78 -29.07 20.76
C LEU G 259 28.38 -28.57 21.07
N HIS G 260 28.30 -27.52 21.87
CA HIS G 260 27.06 -26.87 22.19
C HIS G 260 26.52 -26.16 20.95
N PRO G 261 25.19 -26.10 20.79
CA PRO G 261 24.62 -25.44 19.60
C PRO G 261 24.92 -23.96 19.46
N SER G 262 25.35 -23.29 20.53
CA SER G 262 25.65 -21.87 20.44
C SER G 262 27.04 -21.58 19.90
N SER G 263 27.83 -22.61 19.60
CA SER G 263 29.17 -22.42 19.05
C SER G 263 29.31 -23.09 17.69
N TYR G 264 28.21 -23.22 16.95
CA TYR G 264 28.29 -23.82 15.63
C TYR G 264 28.95 -22.88 14.62
N THR G 265 28.58 -21.60 14.65
CA THR G 265 29.11 -20.66 13.67
C THR G 265 30.58 -20.36 13.91
N LYS G 266 30.99 -20.30 15.18
CA LYS G 266 32.35 -19.86 15.50
C LYS G 266 33.38 -20.88 15.07
N VAL G 267 33.07 -22.17 15.17
CA VAL G 267 34.04 -23.19 14.78
C VAL G 267 34.23 -23.21 13.27
N ILE G 268 33.13 -23.16 12.53
CA ILE G 268 33.22 -23.15 11.07
C ILE G 268 33.90 -21.88 10.58
N HIS G 269 33.56 -20.73 11.19
CA HIS G 269 34.22 -19.49 10.83
C HIS G 269 35.70 -19.54 11.17
N GLU G 270 36.05 -20.17 12.30
CA GLU G 270 37.46 -20.38 12.60
C GLU G 270 38.10 -21.35 11.62
N CYS G 271 37.34 -22.35 11.15
CA CYS G 271 37.87 -23.25 10.15
C CYS G 271 38.09 -22.55 8.82
N GLN G 272 37.14 -21.71 8.41
CA GLN G 272 37.29 -20.98 7.15
C GLN G 272 38.46 -20.00 7.23
N GLN G 273 38.54 -19.23 8.32
CA GLN G 273 39.53 -18.16 8.39
C GLN G 273 40.96 -18.65 8.42
N ARG G 274 41.18 -19.95 8.63
CA ARG G 274 42.51 -20.52 8.57
C ARG G 274 42.68 -21.53 7.45
N MET G 275 41.68 -21.67 6.57
CA MET G 275 41.78 -22.62 5.48
C MET G 275 41.52 -21.97 4.12
N VAL G 276 40.71 -20.91 4.10
CA VAL G 276 40.49 -20.15 2.88
C VAL G 276 40.84 -18.68 3.00
N ALA G 277 40.90 -18.12 4.22
CA ALA G 277 41.30 -16.73 4.37
C ALA G 277 42.78 -16.56 4.59
N ASP G 278 43.45 -17.56 5.15
CA ASP G 278 44.90 -17.51 5.25
C ASP G 278 45.55 -17.74 3.89
N HIS G 279 44.84 -18.40 2.98
CA HIS G 279 45.35 -18.68 1.65
C HIS G 279 44.56 -17.95 0.57
N LEU G 280 44.05 -16.76 0.90
CA LEU G 280 43.37 -15.95 -0.10
C LEU G 280 44.32 -15.49 -1.19
N GLN G 281 45.60 -15.29 -0.85
CA GLN G 281 46.58 -14.95 -1.87
C GLN G 281 46.78 -16.10 -2.85
N PHE G 282 46.77 -17.33 -2.35
CA PHE G 282 46.91 -18.48 -3.25
C PHE G 282 45.67 -18.66 -4.10
N LEU G 283 44.48 -18.55 -3.49
CA LEU G 283 43.25 -18.77 -4.22
C LEU G 283 43.03 -17.74 -5.32
N HIS G 284 43.25 -16.46 -5.00
CA HIS G 284 43.02 -15.41 -5.97
C HIS G 284 44.05 -15.43 -7.11
N ALA G 285 45.21 -16.04 -6.89
CA ALA G 285 46.16 -16.22 -7.99
C ALA G 285 45.70 -17.31 -8.93
N GLU G 286 44.92 -18.26 -8.45
CA GLU G 286 44.33 -19.30 -9.28
C GLU G 286 42.95 -18.95 -9.79
N CYS G 287 42.39 -17.82 -9.35
CA CYS G 287 41.06 -17.44 -9.82
C CYS G 287 41.06 -17.12 -11.31
N HIS G 288 42.12 -16.46 -11.79
CA HIS G 288 42.20 -16.11 -13.20
C HIS G 288 42.34 -17.35 -14.08
N ASN G 289 43.15 -18.32 -13.65
CA ASN G 289 43.42 -19.48 -14.49
C ASN G 289 42.21 -20.39 -14.60
N ILE G 290 41.36 -20.46 -13.57
CA ILE G 290 40.19 -21.33 -13.62
C ILE G 290 39.15 -20.80 -14.60
N ILE G 291 38.88 -19.49 -14.55
CA ILE G 291 37.84 -18.92 -15.40
C ILE G 291 38.29 -18.93 -16.87
N ARG G 292 39.57 -18.69 -17.12
CA ARG G 292 40.05 -18.66 -18.51
C ARG G 292 39.87 -20.01 -19.19
N GLN G 293 40.22 -21.09 -18.51
CA GLN G 293 39.98 -22.42 -19.04
C GLN G 293 38.52 -22.83 -18.97
N GLU G 294 37.69 -22.05 -18.29
CA GLU G 294 36.25 -22.28 -18.18
C GLU G 294 35.94 -23.65 -17.58
N LYS G 295 36.68 -24.02 -16.53
CA LYS G 295 36.37 -25.24 -15.81
C LYS G 295 35.06 -25.06 -15.06
N LYS G 296 34.10 -25.94 -15.33
CA LYS G 296 32.75 -25.80 -14.79
C LYS G 296 32.61 -26.44 -13.42
N ASN G 297 33.68 -26.99 -12.85
CA ASN G 297 33.63 -27.65 -11.55
C ASN G 297 34.41 -26.89 -10.48
N ASP G 298 35.69 -26.60 -10.72
CA ASP G 298 36.48 -25.89 -9.73
C ASP G 298 36.02 -24.44 -9.59
N MET G 299 35.48 -23.85 -10.66
CA MET G 299 34.93 -22.51 -10.55
C MET G 299 33.70 -22.49 -9.64
N ALA G 300 32.99 -23.62 -9.54
CA ALA G 300 31.91 -23.72 -8.57
C ALA G 300 32.43 -23.84 -7.16
N ASN G 301 33.47 -24.66 -6.96
CA ASN G 301 34.04 -24.84 -5.64
C ASN G 301 34.74 -23.60 -5.15
N MET G 302 35.35 -22.83 -6.05
CA MET G 302 35.98 -21.57 -5.64
C MET G 302 34.94 -20.56 -5.18
N TYR G 303 33.74 -20.59 -5.75
CA TYR G 303 32.70 -19.65 -5.34
C TYR G 303 32.29 -19.87 -3.89
N VAL G 304 32.14 -21.12 -3.48
CA VAL G 304 31.69 -21.41 -2.12
C VAL G 304 32.75 -20.99 -1.11
N LEU G 305 34.02 -21.32 -1.37
CA LEU G 305 35.08 -20.89 -0.47
C LEU G 305 35.28 -19.38 -0.47
N LEU G 306 34.82 -18.69 -1.51
CA LEU G 306 34.90 -17.23 -1.56
C LEU G 306 33.54 -16.58 -1.39
N ARG G 307 32.58 -17.29 -0.78
CA ARG G 307 31.26 -16.76 -0.52
C ARG G 307 31.11 -16.26 0.91
N ALA G 308 31.52 -17.05 1.89
CA ALA G 308 31.35 -16.70 3.28
C ALA G 308 32.45 -15.80 3.81
N VAL G 309 33.44 -15.46 2.98
CA VAL G 309 34.55 -14.59 3.38
C VAL G 309 34.43 -13.29 2.61
N SER G 310 34.44 -12.17 3.33
CA SER G 310 34.25 -10.86 2.69
C SER G 310 35.42 -10.52 1.77
N THR G 311 36.65 -10.62 2.28
CA THR G 311 37.82 -10.52 1.42
C THR G 311 37.87 -11.76 0.55
N GLY G 312 37.60 -11.60 -0.74
CA GLY G 312 37.20 -12.75 -1.52
C GLY G 312 36.58 -12.38 -2.85
N LEU G 313 35.33 -12.82 -3.03
CA LEU G 313 34.48 -12.74 -4.22
C LEU G 313 34.66 -11.49 -5.10
N PRO G 314 34.79 -10.27 -4.57
CA PRO G 314 35.02 -9.12 -5.47
C PRO G 314 36.29 -9.21 -6.32
N HIS G 315 37.22 -10.11 -6.01
CA HIS G 315 38.28 -10.38 -6.98
C HIS G 315 37.78 -11.26 -8.12
N MET G 316 36.94 -12.25 -7.81
CA MET G 316 36.36 -13.07 -8.86
C MET G 316 35.34 -12.29 -9.68
N ILE G 317 34.65 -11.34 -9.06
CA ILE G 317 33.75 -10.45 -9.80
C ILE G 317 34.53 -9.71 -10.88
N GLN G 318 35.67 -9.14 -10.50
CA GLN G 318 36.49 -8.42 -11.46
C GLN G 318 37.19 -9.37 -12.43
N GLU G 319 37.45 -10.60 -12.00
CA GLU G 319 38.12 -11.55 -12.89
C GLU G 319 37.19 -12.04 -13.99
N LEU G 320 35.95 -12.39 -13.62
CA LEU G 320 34.99 -12.82 -14.64
C LEU G 320 34.55 -11.66 -15.51
N GLN G 321 34.45 -10.45 -14.94
CA GLN G 321 34.19 -9.28 -15.76
C GLN G 321 35.34 -9.00 -16.71
N ASN G 322 36.55 -9.41 -16.35
CA ASN G 322 37.68 -9.30 -17.25
C ASN G 322 37.80 -10.49 -18.20
N HIS G 323 36.88 -11.45 -18.12
CA HIS G 323 36.88 -12.59 -19.02
C HIS G 323 35.74 -12.56 -20.03
N ILE G 324 34.53 -12.23 -19.59
CA ILE G 324 33.41 -12.09 -20.53
C ILE G 324 33.69 -10.98 -21.52
N HIS G 325 34.19 -9.83 -21.03
CA HIS G 325 34.59 -8.76 -21.92
C HIS G 325 35.71 -9.20 -22.84
N ASP G 326 36.59 -10.08 -22.36
CA ASP G 326 37.62 -10.61 -23.23
C ASP G 326 37.05 -11.60 -24.24
N GLU G 327 36.00 -12.34 -23.87
CA GLU G 327 35.34 -13.19 -24.86
C GLU G 327 34.46 -12.38 -25.80
N GLY G 328 33.78 -11.36 -25.27
CA GLY G 328 32.96 -10.52 -26.10
C GLY G 328 33.75 -9.73 -27.13
N LEU G 329 34.97 -9.32 -26.78
CA LEU G 329 35.81 -8.57 -27.71
C LEU G 329 36.16 -9.41 -28.93
N ARG G 330 36.46 -10.69 -28.74
CA ARG G 330 36.75 -11.59 -29.85
C ARG G 330 35.51 -11.94 -30.66
N ALA G 331 34.33 -11.58 -30.18
CA ALA G 331 33.10 -11.71 -30.96
C ALA G 331 32.74 -10.44 -31.71
N THR G 332 33.52 -9.38 -31.57
CA THR G 332 33.28 -8.13 -32.29
C THR G 332 34.41 -7.75 -33.22
N SER G 333 35.65 -7.78 -32.74
CA SER G 333 36.78 -7.52 -33.61
C SER G 333 36.91 -8.62 -34.65
N ASN G 334 37.47 -8.25 -35.81
CA ASN G 334 37.69 -9.17 -36.93
C ASN G 334 36.40 -9.80 -37.43
N LEU G 335 35.28 -9.12 -37.23
CA LEU G 335 34.00 -9.65 -37.66
C LEU G 335 33.74 -9.26 -39.10
N THR G 336 33.16 -10.19 -39.86
CA THR G 336 33.05 -10.01 -41.31
C THR G 336 32.08 -8.90 -41.67
N GLN G 337 32.46 -8.09 -42.65
CA GLN G 337 31.63 -7.01 -43.15
C GLN G 337 30.50 -7.49 -44.06
N GLU G 338 30.55 -8.74 -44.51
CA GLU G 338 29.53 -9.26 -45.42
C GLU G 338 28.17 -9.32 -44.76
N ASN G 339 28.10 -9.80 -43.53
CA ASN G 339 26.84 -9.93 -42.80
C ASN G 339 27.02 -9.48 -41.37
N MET G 340 27.71 -8.35 -41.18
CA MET G 340 27.95 -7.83 -39.84
C MET G 340 26.70 -7.52 -39.03
N PRO G 341 25.58 -7.05 -39.60
CA PRO G 341 24.35 -6.90 -38.78
C PRO G 341 23.94 -8.14 -38.01
N THR G 342 23.70 -9.26 -38.69
CA THR G 342 23.21 -10.45 -38.00
C THR G 342 24.31 -11.11 -37.20
N LEU G 343 25.52 -11.16 -37.73
CA LEU G 343 26.59 -11.89 -37.06
C LEU G 343 27.01 -11.22 -35.76
N PHE G 344 26.90 -9.89 -35.67
CA PHE G 344 27.23 -9.21 -34.43
C PHE G 344 26.22 -9.52 -33.34
N VAL G 345 24.93 -9.38 -33.66
CA VAL G 345 23.89 -9.56 -32.64
C VAL G 345 23.83 -11.01 -32.19
N GLU G 346 24.06 -11.95 -33.11
CA GLU G 346 24.07 -13.35 -32.72
C GLU G 346 25.26 -13.66 -31.83
N SER G 347 26.43 -13.10 -32.12
CA SER G 347 27.62 -13.40 -31.32
C SER G 347 27.49 -12.88 -29.90
N VAL G 348 26.94 -11.68 -29.72
CA VAL G 348 26.68 -11.19 -28.37
C VAL G 348 25.63 -12.05 -27.68
N LEU G 349 24.55 -12.40 -28.39
CA LEU G 349 23.55 -13.29 -27.83
C LEU G 349 24.12 -14.67 -27.54
N GLU G 350 25.07 -15.13 -28.36
CA GLU G 350 25.75 -16.39 -28.06
C GLU G 350 26.62 -16.23 -26.81
N VAL G 351 27.30 -15.10 -26.66
CA VAL G 351 28.12 -14.87 -25.48
C VAL G 351 27.23 -14.66 -24.26
N HIS G 352 26.18 -13.85 -24.40
CA HIS G 352 25.27 -13.64 -23.28
C HIS G 352 24.49 -14.91 -22.95
N GLY G 353 24.12 -15.68 -23.98
CA GLY G 353 23.35 -16.89 -23.74
C GLY G 353 24.14 -17.96 -23.00
N LYS G 354 25.40 -18.16 -23.37
CA LYS G 354 26.21 -19.17 -22.70
C LYS G 354 26.57 -18.73 -21.29
N PHE G 355 26.93 -17.46 -21.12
CA PHE G 355 27.44 -16.98 -19.84
C PHE G 355 26.36 -16.51 -18.89
N VAL G 356 25.09 -16.64 -19.26
CA VAL G 356 24.01 -16.49 -18.28
C VAL G 356 23.55 -17.86 -17.79
N GLN G 357 23.85 -18.93 -18.53
CA GLN G 357 23.60 -20.27 -18.04
C GLN G 357 24.76 -20.77 -17.19
N LEU G 358 26.00 -20.49 -17.62
CA LEU G 358 27.16 -20.89 -16.83
C LEU G 358 27.25 -20.09 -15.54
N ILE G 359 26.86 -18.82 -15.56
CA ILE G 359 26.84 -18.05 -14.32
C ILE G 359 25.64 -18.42 -13.45
N ASN G 360 24.69 -19.17 -13.99
CA ASN G 360 23.58 -19.70 -13.22
C ASN G 360 23.76 -21.15 -12.80
N THR G 361 24.78 -21.85 -13.29
CA THR G 361 24.95 -23.23 -12.87
C THR G 361 26.24 -23.43 -12.11
N VAL G 362 27.39 -23.09 -12.69
CA VAL G 362 28.65 -23.17 -11.97
C VAL G 362 28.66 -22.15 -10.84
N LEU G 363 28.31 -20.92 -11.16
CA LEU G 363 27.96 -19.91 -10.18
C LEU G 363 26.45 -19.95 -9.99
N ASN G 364 25.88 -18.93 -9.37
CA ASN G 364 24.43 -18.85 -9.31
C ASN G 364 23.98 -17.40 -9.46
N GLY G 365 22.66 -17.24 -9.52
CA GLY G 365 22.06 -15.94 -9.68
C GLY G 365 22.48 -15.02 -8.55
N ASP G 366 23.40 -14.12 -8.88
CA ASP G 366 24.03 -13.27 -7.89
C ASP G 366 24.20 -11.90 -8.53
N GLN G 367 23.52 -10.90 -7.98
CA GLN G 367 23.54 -9.57 -8.57
C GLN G 367 24.93 -8.96 -8.59
N HIS G 368 25.82 -9.42 -7.70
CA HIS G 368 27.23 -9.06 -7.83
C HIS G 368 27.82 -9.63 -9.12
N PHE G 369 27.42 -10.86 -9.48
CA PHE G 369 27.95 -11.51 -10.66
C PHE G 369 27.13 -11.25 -11.91
N MET G 370 25.81 -11.11 -11.78
CA MET G 370 25.00 -10.76 -12.94
C MET G 370 25.36 -9.37 -13.46
N SER G 371 25.60 -8.43 -12.56
CA SER G 371 26.12 -7.13 -12.98
C SER G 371 27.56 -7.25 -13.48
N ALA G 372 28.29 -8.28 -13.04
CA ALA G 372 29.64 -8.49 -13.55
C ALA G 372 29.62 -9.02 -14.98
N LEU G 373 28.46 -9.45 -15.47
CA LEU G 373 28.30 -9.73 -16.89
C LEU G 373 27.95 -8.46 -17.66
N ASP G 374 27.00 -7.69 -17.14
CA ASP G 374 26.54 -6.49 -17.84
C ASP G 374 27.66 -5.47 -17.99
N LYS G 375 28.42 -5.23 -16.92
CA LYS G 375 29.58 -4.36 -17.03
C LYS G 375 30.63 -4.95 -17.96
N ALA G 376 30.70 -6.28 -18.06
CA ALA G 376 31.60 -6.91 -19.01
C ALA G 376 31.03 -6.95 -20.42
N LEU G 377 29.74 -6.72 -20.58
CA LEU G 377 29.13 -6.77 -21.90
C LEU G 377 28.80 -5.38 -22.44
N THR G 378 28.48 -4.42 -21.58
CA THR G 378 28.33 -3.04 -22.04
C THR G 378 29.65 -2.46 -22.54
N SER G 379 30.78 -3.06 -22.18
CA SER G 379 32.05 -2.73 -22.77
C SER G 379 32.33 -3.55 -24.03
N VAL G 380 31.33 -4.30 -24.51
CA VAL G 380 31.45 -5.08 -25.73
C VAL G 380 30.46 -4.62 -26.80
N VAL G 381 29.21 -4.34 -26.40
CA VAL G 381 28.21 -3.84 -27.35
C VAL G 381 28.34 -2.33 -27.47
N ASN G 382 29.39 -1.76 -26.88
CA ASN G 382 29.73 -0.36 -27.09
C ASN G 382 31.21 -0.21 -27.45
N TYR G 383 31.91 -1.30 -27.72
CA TYR G 383 33.34 -1.24 -27.94
C TYR G 383 33.63 -0.66 -29.32
N ARG G 384 34.18 0.55 -29.32
CA ARG G 384 34.65 1.22 -30.53
C ARG G 384 36.18 1.29 -30.50
N GLU G 385 36.79 1.17 -31.66
CA GLU G 385 38.23 1.32 -31.72
C GLU G 385 38.56 2.80 -31.53
N PRO G 386 39.75 3.13 -31.00
CA PRO G 386 40.01 4.50 -30.54
C PRO G 386 39.87 5.54 -31.64
N LYS G 387 39.26 6.67 -31.27
CA LYS G 387 38.99 7.80 -32.17
C LYS G 387 38.14 7.35 -33.37
N SER G 388 36.90 6.95 -33.07
CA SER G 388 35.97 6.52 -34.10
C SER G 388 34.54 6.68 -33.63
N VAL G 389 33.62 6.66 -34.57
CA VAL G 389 32.21 6.56 -34.26
C VAL G 389 31.91 5.14 -33.83
N CYS G 390 31.13 5.00 -32.75
CA CYS G 390 30.74 3.68 -32.29
C CYS G 390 29.87 3.00 -33.33
N LYS G 391 30.37 1.91 -33.90
CA LYS G 391 29.67 1.21 -34.96
C LYS G 391 28.47 0.43 -34.44
N ALA G 392 28.34 0.26 -33.13
CA ALA G 392 27.33 -0.62 -32.58
C ALA G 392 25.89 -0.16 -32.84
N PRO G 393 25.49 1.10 -32.59
CA PRO G 393 24.07 1.45 -32.75
C PRO G 393 23.52 1.27 -34.16
N GLU G 394 24.32 1.53 -35.20
CA GLU G 394 23.84 1.26 -36.55
C GLU G 394 23.88 -0.22 -36.88
N LEU G 395 24.79 -0.97 -36.25
CA LEU G 395 24.85 -2.40 -36.47
C LEU G 395 23.62 -3.10 -35.91
N LEU G 396 23.09 -2.60 -34.80
CA LEU G 396 21.80 -3.07 -34.31
C LEU G 396 20.65 -2.47 -35.12
N ALA G 397 20.85 -1.27 -35.67
CA ALA G 397 19.79 -0.65 -36.46
C ALA G 397 19.65 -1.31 -37.82
N LYS G 398 20.77 -1.59 -38.48
CA LYS G 398 20.71 -2.28 -39.78
C LYS G 398 20.15 -3.69 -39.61
N TYR G 399 20.53 -4.37 -38.52
CA TYR G 399 20.02 -5.71 -38.26
C TYR G 399 18.53 -5.69 -37.98
N CYS G 400 18.06 -4.67 -37.25
CA CYS G 400 16.62 -4.58 -36.97
C CYS G 400 15.82 -4.25 -38.21
N ASP G 401 16.45 -3.61 -39.19
CA ASP G 401 15.76 -3.32 -40.45
C ASP G 401 15.62 -4.57 -41.31
N ASN G 402 16.67 -5.40 -41.37
CA ASN G 402 16.67 -6.55 -42.26
C ASN G 402 15.57 -7.54 -41.90
N LEU G 403 15.33 -7.73 -40.62
CA LEU G 403 14.25 -8.63 -40.19
C LEU G 403 12.89 -8.07 -40.62
N LEU G 404 12.68 -6.78 -40.46
CA LEU G 404 11.41 -6.18 -40.83
C LEU G 404 11.28 -6.00 -42.34
N LYS G 405 12.36 -5.66 -43.02
CA LYS G 405 12.31 -5.45 -44.46
C LYS G 405 12.10 -6.78 -45.18
N LYS G 406 11.42 -6.71 -46.33
CA LYS G 406 11.11 -7.88 -47.13
C LYS G 406 12.41 -8.46 -47.69
N SER G 407 12.83 -9.59 -47.12
CA SER G 407 14.09 -10.23 -47.50
C SER G 407 13.84 -11.35 -48.50
N ALA G 408 14.90 -11.67 -49.25
CA ALA G 408 14.82 -12.76 -50.22
C ALA G 408 14.80 -14.13 -49.56
N LYS G 409 15.20 -14.22 -48.29
CA LYS G 409 15.11 -15.49 -47.58
C LYS G 409 13.66 -15.90 -47.34
N GLY G 410 12.75 -14.93 -47.25
CA GLY G 410 11.35 -15.22 -47.07
C GLY G 410 11.01 -15.86 -45.75
N MET G 411 11.70 -15.47 -44.67
CA MET G 411 11.37 -15.97 -43.34
C MET G 411 10.01 -15.44 -42.91
N THR G 412 9.23 -16.30 -42.27
CA THR G 412 7.88 -15.93 -41.88
C THR G 412 7.91 -15.05 -40.64
N GLU G 413 6.71 -14.69 -40.16
CA GLU G 413 6.61 -13.82 -38.99
C GLU G 413 7.04 -14.54 -37.72
N ASN G 414 6.95 -15.87 -37.69
CA ASN G 414 7.27 -16.61 -36.48
C ASN G 414 8.75 -16.55 -36.16
N GLU G 415 9.61 -16.62 -37.18
CA GLU G 415 11.05 -16.55 -36.97
C GLU G 415 11.55 -15.12 -36.79
N VAL G 416 10.68 -14.13 -36.93
CA VAL G 416 11.07 -12.74 -36.76
C VAL G 416 10.68 -12.20 -35.39
N GLU G 417 9.46 -12.49 -34.94
CA GLU G 417 8.98 -11.93 -33.68
C GLU G 417 9.79 -12.43 -32.49
N ASP G 418 10.11 -13.73 -32.45
CA ASP G 418 10.95 -14.23 -31.38
C ASP G 418 12.38 -13.73 -31.54
N ARG G 419 12.85 -13.58 -32.77
CA ARG G 419 14.19 -13.05 -33.01
C ARG G 419 14.27 -11.59 -32.58
N LEU G 420 13.20 -10.82 -32.81
CA LEU G 420 13.14 -9.46 -32.29
C LEU G 420 13.08 -9.45 -30.77
N THR G 421 12.41 -10.44 -30.18
CA THR G 421 12.46 -10.59 -28.72
C THR G 421 13.87 -10.92 -28.26
N SER G 422 14.62 -11.66 -29.07
CA SER G 422 16.02 -11.89 -28.79
C SER G 422 16.86 -10.65 -29.07
N PHE G 423 16.35 -9.72 -29.89
CA PHE G 423 17.06 -8.48 -30.17
C PHE G 423 16.97 -7.49 -29.02
N ILE G 424 15.93 -7.59 -28.18
CA ILE G 424 15.77 -6.68 -27.06
C ILE G 424 16.91 -6.82 -26.06
N THR G 425 17.42 -8.04 -25.89
CA THR G 425 18.50 -8.27 -24.93
C THR G 425 19.76 -7.52 -25.30
N VAL G 426 20.12 -7.51 -26.59
CA VAL G 426 21.27 -6.73 -27.03
C VAL G 426 20.94 -5.24 -26.98
N PHE G 427 19.72 -4.87 -27.34
CA PHE G 427 19.32 -3.47 -27.34
C PHE G 427 19.31 -2.89 -25.93
N LYS G 428 18.98 -3.71 -24.93
CA LYS G 428 18.97 -3.22 -23.56
C LYS G 428 20.39 -2.91 -23.05
N TYR G 429 21.39 -3.61 -23.58
CA TYR G 429 22.75 -3.47 -23.09
C TYR G 429 23.55 -2.41 -23.83
N ILE G 430 23.00 -1.83 -24.89
CA ILE G 430 23.70 -0.81 -25.68
C ILE G 430 23.28 0.57 -25.16
N ASP G 431 24.26 1.46 -25.01
CA ASP G 431 23.95 2.85 -24.73
C ASP G 431 23.83 3.59 -26.07
N ASP G 432 23.81 4.91 -26.03
CA ASP G 432 23.70 5.76 -27.22
C ASP G 432 22.46 5.40 -28.04
N LYS G 433 21.35 5.13 -27.34
CA LYS G 433 20.13 4.71 -28.02
C LYS G 433 19.54 5.81 -28.88
N ASP G 434 19.81 7.08 -28.56
CA ASP G 434 19.37 8.17 -29.43
C ASP G 434 20.10 8.12 -30.78
N VAL G 435 21.36 7.72 -30.78
CA VAL G 435 22.04 7.43 -32.05
C VAL G 435 21.33 6.29 -32.77
N PHE G 436 20.96 5.25 -32.02
CA PHE G 436 20.23 4.13 -32.61
C PHE G 436 18.86 4.57 -33.10
N GLN G 437 18.15 5.38 -32.31
CA GLN G 437 16.78 5.75 -32.66
C GLN G 437 16.74 6.54 -33.95
N LYS G 438 17.67 7.48 -34.13
CA LYS G 438 17.74 8.21 -35.40
C LYS G 438 18.13 7.28 -36.55
N PHE G 439 19.06 6.36 -36.30
CA PHE G 439 19.39 5.37 -37.33
C PHE G 439 18.22 4.42 -37.56
N TYR G 440 17.47 4.09 -36.51
CA TYR G 440 16.31 3.22 -36.71
C TYR G 440 15.20 3.95 -37.45
N ALA G 441 14.88 5.17 -37.02
CA ALA G 441 13.76 5.91 -37.61
C ALA G 441 14.03 6.26 -39.06
N ARG G 442 15.27 6.64 -39.39
CA ARG G 442 15.62 6.96 -40.76
C ARG G 442 15.46 5.74 -41.66
N MET G 443 15.90 4.57 -41.19
CA MET G 443 15.68 3.34 -41.94
C MET G 443 14.23 2.88 -41.84
N LEU G 444 13.56 3.23 -40.74
CA LEU G 444 12.12 3.01 -40.67
C LEU G 444 11.39 3.88 -41.67
N ALA G 445 11.89 5.11 -41.87
CA ALA G 445 11.29 6.01 -42.85
C ALA G 445 11.44 5.47 -44.27
N LYS G 446 12.67 5.05 -44.62
CA LYS G 446 12.90 4.50 -45.95
C LYS G 446 12.10 3.24 -46.20
N ARG G 447 11.76 2.51 -45.14
CA ARG G 447 10.99 1.28 -45.30
C ARG G 447 9.51 1.54 -45.45
N LEU G 448 8.94 2.42 -44.61
CA LEU G 448 7.51 2.66 -44.67
C LEU G 448 7.10 3.54 -45.85
N ILE G 449 7.97 4.43 -46.30
CA ILE G 449 7.63 5.32 -47.42
C ILE G 449 7.43 4.52 -48.70
N HIS G 450 8.35 3.60 -48.99
CA HIS G 450 8.26 2.77 -50.17
C HIS G 450 7.49 1.48 -49.94
N GLY G 451 6.94 1.30 -48.74
CA GLY G 451 6.21 0.08 -48.42
C GLY G 451 7.10 -1.15 -48.37
N LEU G 452 8.33 -1.00 -47.90
CA LEU G 452 9.28 -2.10 -47.87
C LEU G 452 9.06 -3.04 -46.68
N SER G 453 8.15 -2.70 -45.77
CA SER G 453 7.92 -3.53 -44.60
C SER G 453 7.31 -4.86 -45.02
N MET G 454 7.80 -5.94 -44.40
CA MET G 454 7.23 -7.26 -44.66
C MET G 454 5.80 -7.35 -44.15
N SER G 455 5.55 -6.80 -42.96
CA SER G 455 4.21 -6.79 -42.40
C SER G 455 4.02 -5.52 -41.60
N MET G 456 2.80 -4.97 -41.63
CA MET G 456 2.50 -3.79 -40.83
C MET G 456 2.52 -4.10 -39.35
N ASP G 457 2.08 -5.30 -38.97
CA ASP G 457 2.08 -5.68 -37.56
C ASP G 457 3.49 -5.83 -37.01
N SER G 458 4.46 -6.15 -37.87
CA SER G 458 5.84 -6.28 -37.41
C SER G 458 6.38 -4.95 -36.91
N GLU G 459 6.10 -3.86 -37.64
CA GLU G 459 6.55 -2.55 -37.22
C GLU G 459 5.88 -2.12 -35.92
N GLU G 460 4.59 -2.42 -35.78
CA GLU G 460 3.89 -2.13 -34.53
C GLU G 460 4.44 -2.97 -33.39
N ALA G 461 4.73 -4.24 -33.65
CA ALA G 461 5.31 -5.10 -32.62
C ALA G 461 6.72 -4.65 -32.24
N MET G 462 7.52 -4.26 -33.24
CA MET G 462 8.87 -3.79 -32.95
C MET G 462 8.84 -2.48 -32.18
N ILE G 463 7.88 -1.60 -32.51
CA ILE G 463 7.71 -0.38 -31.73
C ILE G 463 7.27 -0.69 -30.31
N ASN G 464 6.32 -1.61 -30.16
CA ASN G 464 5.83 -1.97 -28.83
C ASN G 464 6.91 -2.64 -28.00
N LYS G 465 7.73 -3.49 -28.61
CA LYS G 465 8.80 -4.15 -27.85
C LYS G 465 9.90 -3.19 -27.46
N LEU G 466 10.11 -2.13 -28.26
CA LEU G 466 11.01 -1.06 -27.84
C LEU G 466 10.42 -0.29 -26.67
N LYS G 467 9.10 -0.14 -26.64
CA LYS G 467 8.44 0.55 -25.54
C LYS G 467 8.60 -0.24 -24.23
N GLN G 468 8.55 -1.56 -24.31
CA GLN G 468 8.73 -2.39 -23.12
C GLN G 468 10.14 -2.31 -22.56
N ALA G 469 11.12 -1.91 -23.37
CA ALA G 469 12.50 -1.81 -22.92
C ALA G 469 12.89 -0.39 -22.51
N CYS G 470 12.76 0.57 -23.42
CA CYS G 470 13.13 1.95 -23.14
C CYS G 470 11.89 2.73 -22.73
N GLY G 471 12.04 4.05 -22.62
CA GLY G 471 10.97 4.88 -22.09
C GLY G 471 9.80 5.02 -23.04
N TYR G 472 8.67 5.43 -22.47
CA TYR G 472 7.46 5.65 -23.25
C TYR G 472 7.63 6.80 -24.24
N GLU G 473 8.24 7.90 -23.80
CA GLU G 473 8.49 9.02 -24.70
C GLU G 473 9.53 8.67 -25.77
N PHE G 474 10.36 7.66 -25.52
CA PHE G 474 11.31 7.19 -26.52
C PHE G 474 10.61 6.52 -27.69
N THR G 475 9.42 5.96 -27.45
CA THR G 475 8.68 5.26 -28.49
C THR G 475 7.39 5.95 -28.89
N SER G 476 6.88 6.88 -28.07
CA SER G 476 5.69 7.63 -28.46
C SER G 476 5.95 8.46 -29.71
N LYS G 477 7.17 8.96 -29.89
CA LYS G 477 7.56 9.57 -31.16
C LYS G 477 7.51 8.54 -32.29
N LEU G 478 8.01 7.33 -32.04
CA LEU G 478 7.97 6.29 -33.05
C LEU G 478 6.56 5.76 -33.26
N HIS G 479 5.77 5.67 -32.18
CA HIS G 479 4.43 5.11 -32.28
C HIS G 479 3.52 5.97 -33.14
N ARG G 480 3.61 7.30 -32.99
CA ARG G 480 2.81 8.18 -33.83
C ARG G 480 3.26 8.13 -35.29
N MET G 481 4.54 7.84 -35.52
CA MET G 481 5.07 7.75 -36.88
C MET G 481 4.38 6.62 -37.64
N TYR G 482 4.27 5.44 -37.01
CA TYR G 482 3.59 4.33 -37.65
C TYR G 482 2.08 4.56 -37.71
N THR G 483 1.53 5.19 -36.67
CA THR G 483 0.09 5.40 -36.61
C THR G 483 -0.39 6.31 -37.74
N ASP G 484 0.36 7.39 -38.02
CA ASP G 484 0.01 8.26 -39.12
C ASP G 484 0.18 7.56 -40.46
N MET G 485 1.14 6.64 -40.57
CA MET G 485 1.29 5.87 -41.79
C MET G 485 0.15 4.88 -41.98
N SER G 486 -0.37 4.32 -40.89
CA SER G 486 -1.47 3.36 -40.99
C SER G 486 -2.78 4.04 -41.36
N VAL G 487 -3.07 5.18 -40.74
CA VAL G 487 -4.34 5.88 -40.99
C VAL G 487 -4.34 6.60 -42.34
N SER G 488 -3.17 6.73 -42.98
CA SER G 488 -3.08 7.43 -44.25
C SER G 488 -3.91 6.74 -45.32
N ALA G 489 -3.95 5.41 -45.31
CA ALA G 489 -4.80 4.68 -46.25
C ALA G 489 -6.27 4.98 -46.03
N ASP G 490 -6.68 5.06 -44.76
CA ASP G 490 -8.07 5.43 -44.46
C ASP G 490 -8.34 6.89 -44.82
N LEU G 491 -7.35 7.76 -44.67
CA LEU G 491 -7.51 9.15 -45.09
C LEU G 491 -7.71 9.25 -46.59
N ASN G 492 -7.05 8.39 -47.36
CA ASN G 492 -7.28 8.33 -48.80
C ASN G 492 -8.70 7.89 -49.11
N ASN G 493 -9.23 6.95 -48.33
CA ASN G 493 -10.60 6.50 -48.53
C ASN G 493 -11.60 7.61 -48.27
N LYS G 494 -11.35 8.40 -47.21
CA LYS G 494 -12.20 9.57 -46.94
C LYS G 494 -12.09 10.60 -48.05
N PHE G 495 -10.86 10.80 -48.58
CA PHE G 495 -10.67 11.79 -49.64
C PHE G 495 -11.37 11.35 -50.93
N ASN G 496 -11.38 10.05 -51.21
CA ASN G 496 -12.11 9.55 -52.38
C ASN G 496 -13.61 9.79 -52.23
N ASN G 497 -14.15 9.59 -51.02
CA ASN G 497 -15.54 9.93 -50.76
C ASN G 497 -15.76 11.42 -50.68
N PHE G 498 -14.70 12.20 -50.41
CA PHE G 498 -14.84 13.64 -50.29
C PHE G 498 -15.09 14.29 -51.66
N ILE G 499 -14.31 13.89 -52.67
CA ILE G 499 -14.42 14.53 -53.98
C ILE G 499 -15.73 14.17 -54.65
N LYS G 500 -16.18 12.93 -54.49
CA LYS G 500 -17.44 12.51 -55.12
C LYS G 500 -18.65 13.09 -54.39
N ASN G 501 -18.49 13.51 -53.13
CA ASN G 501 -19.53 14.20 -52.39
C ASN G 501 -19.31 15.71 -52.35
N GLN G 502 -18.71 16.27 -53.40
CA GLN G 502 -18.46 17.69 -53.45
C GLN G 502 -19.73 18.46 -53.83
N ASP G 503 -19.72 19.75 -53.53
CA ASP G 503 -20.75 20.64 -54.07
C ASP G 503 -20.70 20.66 -55.59
N THR G 504 -19.49 20.75 -56.14
CA THR G 504 -19.24 20.59 -57.57
C THR G 504 -18.18 19.51 -57.72
N VAL G 505 -18.61 18.31 -58.14
CA VAL G 505 -17.69 17.18 -58.22
C VAL G 505 -16.69 17.41 -59.34
N ILE G 506 -15.42 17.10 -59.07
CA ILE G 506 -14.34 17.27 -60.04
C ILE G 506 -13.97 15.92 -60.61
N ASP G 507 -13.89 15.84 -61.93
CA ASP G 507 -13.61 14.59 -62.62
C ASP G 507 -12.10 14.41 -62.80
N LEU G 508 -11.63 13.19 -62.50
CA LEU G 508 -10.22 12.87 -62.66
C LEU G 508 -10.07 11.37 -62.81
N GLY G 509 -9.23 10.95 -63.75
CA GLY G 509 -8.89 9.55 -63.92
C GLY G 509 -7.45 9.32 -63.52
N ILE G 510 -6.94 10.22 -62.69
CA ILE G 510 -5.52 10.24 -62.33
C ILE G 510 -5.22 9.58 -60.99
N SER G 511 -6.25 9.16 -60.24
CA SER G 511 -6.11 8.23 -59.11
C SER G 511 -5.22 8.80 -58.00
N PHE G 512 -5.74 9.85 -57.36
CA PHE G 512 -5.10 10.36 -56.15
C PHE G 512 -5.11 9.33 -55.03
N GLN G 513 -4.10 9.45 -54.16
CA GLN G 513 -3.95 8.66 -52.96
C GLN G 513 -3.26 9.52 -51.91
N ILE G 514 -3.44 9.16 -50.64
CA ILE G 514 -2.99 9.97 -49.51
C ILE G 514 -2.04 9.16 -48.64
N TYR G 515 -0.75 9.52 -48.67
CA TYR G 515 0.26 9.07 -47.71
C TYR G 515 0.93 10.27 -47.02
N VAL G 516 0.13 11.19 -46.50
CA VAL G 516 0.67 12.33 -45.77
C VAL G 516 1.21 11.85 -44.43
N LEU G 517 2.35 12.40 -44.02
CA LEU G 517 3.01 12.01 -42.79
C LEU G 517 3.08 13.19 -41.82
N GLN G 518 3.57 12.92 -40.61
CA GLN G 518 3.60 13.89 -39.54
C GLN G 518 5.04 14.36 -39.31
N ALA G 519 5.30 15.63 -39.58
CA ALA G 519 6.65 16.17 -39.42
C ALA G 519 7.04 16.34 -37.96
N GLY G 520 6.09 16.31 -37.04
CA GLY G 520 6.42 16.46 -35.64
C GLY G 520 7.09 15.26 -35.02
N ALA G 521 7.12 14.12 -35.72
CA ALA G 521 7.79 12.94 -35.23
C ALA G 521 8.72 12.34 -36.28
N TRP G 522 8.37 12.50 -37.55
CA TRP G 522 9.17 11.91 -38.62
C TRP G 522 10.45 12.71 -38.83
N PRO G 523 11.60 12.05 -38.97
CA PRO G 523 12.85 12.76 -39.25
C PRO G 523 13.04 13.18 -40.70
N LEU G 524 11.99 13.15 -41.51
CA LEU G 524 12.11 13.51 -42.92
C LEU G 524 12.39 15.00 -43.07
N THR G 525 13.19 15.33 -44.08
CA THR G 525 13.51 16.72 -44.39
C THR G 525 13.92 16.81 -45.86
N GLN G 526 13.90 18.02 -46.39
CA GLN G 526 14.28 18.27 -47.78
C GLN G 526 15.32 19.39 -47.82
N ALA G 527 16.57 19.02 -47.97
CA ALA G 527 17.66 19.97 -48.15
C ALA G 527 17.62 20.67 -49.51
N PRO G 528 17.14 20.02 -50.61
CA PRO G 528 16.80 20.79 -51.82
C PRO G 528 15.90 22.00 -51.55
N SER G 529 16.42 23.19 -51.82
CA SER G 529 15.66 24.42 -51.66
C SER G 529 14.86 24.80 -52.89
N SER G 530 15.03 24.09 -54.01
CA SER G 530 14.34 24.39 -55.25
C SER G 530 13.23 23.36 -55.44
N THR G 531 12.02 23.73 -55.00
CA THR G 531 10.86 22.89 -55.23
C THR G 531 10.47 22.96 -56.71
N PHE G 532 10.22 21.79 -57.31
CA PHE G 532 9.77 21.77 -58.69
C PHE G 532 8.28 22.03 -58.82
N ALA G 533 7.58 22.21 -57.70
CA ALA G 533 6.14 22.48 -57.64
C ALA G 533 5.42 21.29 -58.29
N ILE G 534 4.39 21.53 -59.08
CA ILE G 534 3.52 20.45 -59.54
C ILE G 534 2.96 20.80 -60.92
N PRO G 535 2.85 19.83 -61.83
CA PRO G 535 2.19 20.10 -63.12
C PRO G 535 0.70 20.32 -62.95
N GLN G 536 0.11 20.91 -64.00
CA GLN G 536 -1.30 21.28 -63.95
C GLN G 536 -2.20 20.05 -63.87
N GLU G 537 -1.86 18.99 -64.60
CA GLU G 537 -2.72 17.80 -64.63
C GLU G 537 -2.74 17.05 -63.31
N LEU G 538 -1.82 17.36 -62.39
CA LEU G 538 -1.89 16.80 -61.04
C LEU G 538 -2.65 17.70 -60.08
N GLU G 539 -2.74 19.00 -60.35
CA GLU G 539 -3.39 19.95 -59.46
C GLU G 539 -4.89 20.02 -59.66
N LYS G 540 -5.50 18.93 -60.16
CA LYS G 540 -6.94 18.91 -60.35
C LYS G 540 -7.69 18.98 -59.02
N SER G 541 -7.23 18.23 -58.02
CA SER G 541 -7.88 18.25 -56.71
C SER G 541 -6.88 18.16 -55.55
N VAL G 542 -5.59 18.40 -55.78
CA VAL G 542 -4.65 18.51 -54.67
C VAL G 542 -4.98 19.71 -53.80
N GLN G 543 -5.31 20.85 -54.43
CA GLN G 543 -5.78 22.01 -53.68
C GLN G 543 -7.09 21.68 -52.96
N MET G 544 -7.99 20.95 -53.63
CA MET G 544 -9.22 20.51 -52.99
C MET G 544 -8.94 19.55 -51.85
N PHE G 545 -7.87 18.76 -51.95
CA PHE G 545 -7.43 17.94 -50.82
C PHE G 545 -6.98 18.82 -49.66
N GLU G 546 -6.30 19.92 -49.96
CA GLU G 546 -5.86 20.84 -48.91
C GLU G 546 -7.04 21.43 -48.16
N LEU G 547 -8.13 21.74 -48.87
CA LEU G 547 -9.37 22.11 -48.22
C LEU G 547 -9.96 20.93 -47.45
N PHE G 548 -9.88 19.73 -48.02
CA PHE G 548 -10.37 18.53 -47.34
C PHE G 548 -9.58 18.27 -46.05
N TYR G 549 -8.27 18.44 -46.11
CA TYR G 549 -7.45 18.27 -44.91
C TYR G 549 -7.71 19.37 -43.89
N SER G 550 -7.97 20.59 -44.37
CA SER G 550 -8.24 21.72 -43.47
C SER G 550 -9.61 21.64 -42.82
N GLN G 551 -10.45 20.68 -43.20
CA GLN G 551 -11.73 20.50 -42.51
C GLN G 551 -11.52 20.11 -41.05
N HIS G 552 -10.53 19.26 -40.78
CA HIS G 552 -10.18 18.90 -39.41
C HIS G 552 -8.86 19.49 -38.96
N PHE G 553 -8.06 20.03 -39.88
CA PHE G 553 -6.70 20.51 -39.61
C PHE G 553 -6.49 21.87 -40.26
N SER G 554 -7.41 22.80 -40.01
CA SER G 554 -7.39 24.12 -40.62
C SER G 554 -6.17 24.95 -40.25
N GLY G 555 -5.45 24.60 -39.20
CA GLY G 555 -4.28 25.34 -38.77
C GLY G 555 -2.99 24.96 -39.47
N ARG G 556 -3.06 24.16 -40.54
CA ARG G 556 -1.84 23.71 -41.19
C ARG G 556 -2.13 23.45 -42.66
N LYS G 557 -1.27 23.96 -43.54
CA LYS G 557 -1.37 23.73 -44.98
C LYS G 557 -0.38 22.66 -45.40
N LEU G 558 -0.68 22.01 -46.52
CA LEU G 558 0.04 20.81 -46.92
C LEU G 558 1.47 21.18 -47.32
N THR G 559 2.40 20.97 -46.39
CA THR G 559 3.80 21.27 -46.64
C THR G 559 4.40 20.21 -47.55
N TRP G 560 4.40 20.49 -48.85
CA TRP G 560 4.76 19.47 -49.85
C TRP G 560 6.26 19.37 -49.98
N LEU G 561 6.79 18.15 -49.76
CA LEU G 561 8.19 17.83 -50.00
C LEU G 561 8.23 16.61 -50.91
N HIS G 562 9.03 16.69 -51.97
CA HIS G 562 8.92 15.73 -53.07
C HIS G 562 10.20 14.91 -53.27
N TYR G 563 11.15 15.00 -52.35
CA TYR G 563 12.38 14.22 -52.48
C TYR G 563 12.14 12.73 -52.30
N LEU G 564 11.05 12.36 -51.62
CA LEU G 564 10.69 10.96 -51.44
C LEU G 564 9.41 10.58 -52.19
N CYS G 565 8.69 11.54 -52.75
CA CYS G 565 7.47 11.23 -53.48
C CYS G 565 7.80 10.62 -54.85
N THR G 566 6.95 9.70 -55.30
CA THR G 566 7.15 9.05 -56.58
C THR G 566 5.92 9.16 -57.46
N GLY G 567 5.90 8.44 -58.58
CA GLY G 567 4.76 8.49 -59.47
C GLY G 567 4.85 7.55 -60.65
N GLU G 568 3.75 6.87 -60.96
CA GLU G 568 3.72 5.97 -62.10
C GLU G 568 3.76 6.74 -63.41
N VAL G 569 4.59 6.29 -64.35
CA VAL G 569 4.77 6.94 -65.63
C VAL G 569 4.54 5.92 -66.74
N LYS G 570 3.77 6.32 -67.75
CA LYS G 570 3.47 5.44 -68.87
C LYS G 570 4.64 5.39 -69.84
N MET G 571 4.56 4.46 -70.79
CA MET G 571 5.53 4.30 -71.85
C MET G 571 4.83 4.14 -73.19
N ASN G 572 3.81 4.96 -73.44
CA ASN G 572 2.99 4.84 -74.65
C ASN G 572 3.72 5.26 -75.91
N TYR G 573 4.84 5.98 -75.80
CA TYR G 573 5.55 6.49 -76.96
C TYR G 573 6.35 5.43 -77.69
N LEU G 574 6.50 4.23 -77.13
CA LEU G 574 7.30 3.19 -77.76
C LEU G 574 6.67 1.80 -77.71
N GLY G 575 5.43 1.67 -77.23
CA GLY G 575 4.76 0.38 -77.14
C GLY G 575 4.68 -0.20 -75.76
N LYS G 576 5.18 0.50 -74.74
CA LYS G 576 5.17 0.11 -73.33
C LYS G 576 5.76 -1.28 -73.10
N PRO G 577 7.08 -1.44 -73.19
CA PRO G 577 7.68 -2.70 -72.73
C PRO G 577 7.70 -2.84 -71.22
N TYR G 578 7.47 -1.75 -70.49
CA TYR G 578 7.57 -1.76 -69.04
C TYR G 578 6.76 -0.60 -68.49
N VAL G 579 6.49 -0.66 -67.18
CA VAL G 579 5.84 0.42 -66.45
C VAL G 579 6.87 0.95 -65.46
N ALA G 580 7.46 2.11 -65.78
CA ALA G 580 8.56 2.66 -65.01
C ALA G 580 8.05 3.81 -64.15
N MET G 581 7.66 3.48 -62.91
CA MET G 581 7.33 4.51 -61.95
C MET G 581 8.60 5.18 -61.45
N VAL G 582 8.60 6.51 -61.42
CA VAL G 582 9.78 7.27 -61.05
C VAL G 582 9.39 8.26 -59.95
N THR G 583 10.38 8.98 -59.44
CA THR G 583 10.12 10.03 -58.47
C THR G 583 9.44 11.21 -59.16
N THR G 584 8.73 12.01 -58.36
CA THR G 584 8.05 13.19 -58.89
C THR G 584 9.06 14.20 -59.43
N TYR G 585 10.28 14.21 -58.89
CA TYR G 585 11.34 15.04 -59.47
C TYR G 585 11.70 14.56 -60.87
N GLN G 586 11.75 13.24 -61.06
CA GLN G 586 12.04 12.68 -62.38
C GLN G 586 10.80 12.59 -63.26
N MET G 587 9.60 12.60 -62.67
CA MET G 587 8.37 12.48 -63.46
C MET G 587 8.15 13.72 -64.32
N ALA G 588 8.43 14.90 -63.77
CA ALA G 588 8.25 16.14 -64.53
C ALA G 588 9.24 16.25 -65.69
N VAL G 589 10.34 15.52 -65.64
CA VAL G 589 11.30 15.54 -66.76
C VAL G 589 10.68 14.91 -68.00
N LEU G 590 9.98 13.78 -67.82
CA LEU G 590 9.32 13.13 -68.96
C LEU G 590 8.14 13.93 -69.47
N LEU G 591 7.55 14.79 -68.65
CA LEU G 591 6.43 15.60 -69.09
C LEU G 591 6.82 16.58 -70.17
N ALA G 592 8.07 17.05 -70.15
CA ALA G 592 8.58 17.89 -71.23
C ALA G 592 8.82 17.09 -72.51
N PHE G 593 8.99 15.77 -72.40
CA PHE G 593 9.20 14.94 -73.58
C PHE G 593 7.90 14.68 -74.35
N ASN G 594 6.76 14.65 -73.65
CA ASN G 594 5.50 14.28 -74.29
C ASN G 594 5.07 15.31 -75.34
N ASN G 595 5.21 16.60 -75.04
CA ASN G 595 4.79 17.64 -75.97
C ASN G 595 5.89 18.05 -76.93
N SER G 596 7.11 18.24 -76.43
CA SER G 596 8.26 18.62 -77.24
C SER G 596 9.28 17.49 -77.24
N GLU G 597 9.94 17.29 -78.38
CA GLU G 597 10.81 16.13 -78.54
C GLU G 597 12.04 16.21 -77.64
N THR G 598 12.87 17.23 -77.84
CA THR G 598 14.12 17.38 -77.11
C THR G 598 14.07 18.65 -76.27
N VAL G 599 14.47 18.53 -75.00
CA VAL G 599 14.52 19.66 -74.08
C VAL G 599 15.91 19.75 -73.49
N SER G 600 16.48 20.95 -73.48
CA SER G 600 17.83 21.17 -72.96
C SER G 600 17.80 21.29 -71.44
N TYR G 601 19.01 21.32 -70.86
CA TYR G 601 19.12 21.47 -69.41
C TYR G 601 18.60 22.83 -68.95
N LYS G 602 18.95 23.89 -69.67
CA LYS G 602 18.47 25.21 -69.31
C LYS G 602 16.96 25.35 -69.55
N GLU G 603 16.43 24.62 -70.54
CA GLU G 603 14.99 24.59 -70.72
C GLU G 603 14.30 23.97 -69.52
N LEU G 604 14.85 22.88 -68.99
CA LEU G 604 14.31 22.23 -67.81
C LEU G 604 14.68 22.94 -66.52
N GLN G 605 15.60 23.92 -66.58
CA GLN G 605 16.01 24.63 -65.37
C GLN G 605 14.86 25.48 -64.81
N ASP G 606 14.08 26.11 -65.69
CA ASP G 606 12.97 26.96 -65.28
C ASP G 606 11.60 26.38 -65.55
N SER G 607 11.43 25.65 -66.66
CA SER G 607 10.13 25.05 -66.96
C SER G 607 9.76 23.99 -65.93
N THR G 608 10.72 23.18 -65.51
CA THR G 608 10.50 22.26 -64.40
C THR G 608 10.92 22.85 -63.06
N GLN G 609 11.47 24.06 -63.06
CA GLN G 609 11.96 24.80 -61.88
C GLN G 609 12.65 23.89 -60.86
N MET G 610 13.70 23.22 -61.34
CA MET G 610 14.57 22.38 -60.53
C MET G 610 15.96 22.99 -60.53
N ASN G 611 16.67 22.88 -59.40
CA ASN G 611 18.03 23.39 -59.33
C ASN G 611 18.98 22.50 -60.13
N GLU G 612 20.16 23.05 -60.43
CA GLU G 612 21.11 22.36 -61.29
C GLU G 612 21.61 21.07 -60.66
N LYS G 613 21.92 21.09 -59.36
CA LYS G 613 22.44 19.89 -58.70
C LYS G 613 21.38 18.81 -58.56
N GLU G 614 20.13 19.21 -58.25
CA GLU G 614 19.06 18.23 -58.13
C GLU G 614 18.67 17.67 -59.49
N LEU G 615 18.60 18.52 -60.52
CA LEU G 615 18.26 18.06 -61.86
C LEU G 615 19.34 17.12 -62.41
N THR G 616 20.62 17.45 -62.17
CA THR G 616 21.70 16.61 -62.67
C THR G 616 21.65 15.21 -62.07
N LYS G 617 21.26 15.11 -60.80
CA LYS G 617 21.06 13.80 -60.19
C LYS G 617 19.97 13.02 -60.92
N THR G 618 18.90 13.70 -61.33
CA THR G 618 17.88 13.05 -62.14
C THR G 618 18.40 12.72 -63.54
N ILE G 619 19.27 13.58 -64.09
CA ILE G 619 19.87 13.29 -65.40
C ILE G 619 20.75 12.06 -65.33
N LYS G 620 21.54 11.93 -64.25
CA LYS G 620 22.33 10.71 -64.07
C LYS G 620 21.44 9.48 -63.93
N SER G 621 20.26 9.65 -63.35
CA SER G 621 19.30 8.55 -63.26
C SER G 621 18.76 8.17 -64.65
N LEU G 622 18.56 9.17 -65.51
CA LEU G 622 18.02 8.89 -66.84
C LEU G 622 19.01 8.12 -67.70
N LEU G 623 20.28 8.53 -67.68
CA LEU G 623 21.27 7.89 -68.55
C LEU G 623 21.72 6.53 -68.02
N ASP G 624 21.72 6.34 -66.69
CA ASP G 624 22.17 5.07 -66.14
C ASP G 624 21.21 3.94 -66.47
N VAL G 625 19.90 4.20 -66.41
CA VAL G 625 18.91 3.17 -66.66
C VAL G 625 18.79 2.87 -68.15
N LYS G 626 19.27 3.77 -69.01
CA LYS G 626 19.20 3.65 -70.47
C LYS G 626 17.75 3.57 -70.96
N MET G 627 16.83 4.19 -70.22
CA MET G 627 15.47 4.37 -70.73
C MET G 627 15.36 5.57 -71.66
N ILE G 628 16.36 6.44 -71.66
CA ILE G 628 16.39 7.58 -72.55
C ILE G 628 17.42 7.31 -73.65
N ASN G 629 17.39 8.15 -74.69
CA ASN G 629 18.35 8.01 -75.78
C ASN G 629 19.53 8.97 -75.65
N HIS G 630 19.42 10.00 -74.80
CA HIS G 630 20.44 11.03 -74.63
C HIS G 630 20.78 11.68 -75.97
N ASP G 631 19.79 12.35 -76.55
CA ASP G 631 19.90 12.87 -77.90
C ASP G 631 20.60 14.23 -77.98
N SER G 632 21.25 14.66 -76.90
CA SER G 632 22.15 15.80 -76.99
C SER G 632 23.38 15.42 -77.81
N GLU G 633 24.03 16.43 -78.40
CA GLU G 633 25.18 16.17 -79.25
C GLU G 633 26.38 15.65 -78.47
N LYS G 634 26.42 15.88 -77.15
CA LYS G 634 27.42 15.29 -76.28
C LYS G 634 26.73 14.40 -75.26
N GLU G 635 27.41 13.33 -74.86
CA GLU G 635 26.86 12.34 -73.96
C GLU G 635 27.09 12.68 -72.49
N ASP G 636 27.82 13.75 -72.19
CA ASP G 636 28.06 14.16 -70.81
C ASP G 636 27.00 15.17 -70.39
N ILE G 637 27.21 15.81 -69.24
CA ILE G 637 26.30 16.83 -68.74
C ILE G 637 26.74 18.19 -69.25
N ASP G 638 25.76 19.01 -69.64
CA ASP G 638 26.01 20.35 -70.17
C ASP G 638 24.75 21.18 -69.97
N ALA G 639 24.71 22.35 -70.62
CA ALA G 639 23.54 23.21 -70.59
C ALA G 639 22.57 22.90 -71.72
N GLU G 640 23.09 22.54 -72.88
CA GLU G 640 22.28 22.16 -74.04
C GLU G 640 22.04 20.65 -74.11
N SER G 641 21.68 20.08 -72.96
CA SER G 641 21.50 18.63 -72.85
C SER G 641 20.10 18.28 -73.35
N SER G 642 19.96 18.26 -74.66
CA SER G 642 18.69 17.91 -75.28
C SER G 642 18.42 16.41 -75.15
N PHE G 643 17.20 16.07 -74.75
CA PHE G 643 16.85 14.68 -74.47
C PHE G 643 15.51 14.34 -75.10
N SER G 644 15.50 13.32 -75.95
CA SER G 644 14.28 12.64 -76.36
C SER G 644 14.48 11.15 -76.05
N LEU G 645 13.51 10.57 -75.37
CA LEU G 645 13.70 9.23 -74.81
C LEU G 645 13.71 8.17 -75.91
N ASN G 646 14.47 7.11 -75.67
CA ASN G 646 14.67 6.06 -76.66
C ASN G 646 13.39 5.26 -76.88
N MET G 647 13.20 4.84 -78.12
CA MET G 647 12.06 4.02 -78.50
C MET G 647 12.42 2.56 -78.74
N ASN G 648 13.66 2.28 -79.14
CA ASN G 648 14.08 0.90 -79.41
C ASN G 648 14.40 0.12 -78.14
N PHE G 649 14.60 0.81 -77.02
CA PHE G 649 14.93 0.13 -75.77
C PHE G 649 13.72 -0.61 -75.23
N SER G 650 13.97 -1.77 -74.61
CA SER G 650 12.91 -2.57 -74.04
C SER G 650 13.45 -3.39 -72.89
N SER G 651 12.73 -3.41 -71.77
CA SER G 651 13.04 -4.28 -70.63
C SER G 651 11.87 -5.23 -70.42
N LYS G 652 12.18 -6.52 -70.25
CA LYS G 652 11.12 -7.52 -70.18
C LYS G 652 10.33 -7.44 -68.88
N ARG G 653 10.95 -6.94 -67.81
CA ARG G 653 10.23 -6.76 -66.56
C ARG G 653 9.26 -5.59 -66.68
N THR G 654 8.01 -5.82 -66.26
CA THR G 654 7.00 -4.77 -66.33
C THR G 654 7.23 -3.68 -65.30
N LYS G 655 8.04 -3.94 -64.27
CA LYS G 655 8.40 -2.96 -63.27
C LYS G 655 9.85 -2.57 -63.49
N PHE G 656 10.07 -1.35 -63.97
CA PHE G 656 11.40 -0.88 -64.37
C PHE G 656 11.68 0.50 -63.78
N LYS G 657 11.43 0.65 -62.47
CA LYS G 657 11.68 1.91 -61.80
C LYS G 657 13.17 2.25 -61.83
N ILE G 658 13.47 3.55 -61.92
CA ILE G 658 14.84 4.00 -62.09
C ILE G 658 15.47 4.43 -60.78
N THR G 659 14.70 4.47 -59.70
CA THR G 659 15.17 5.03 -58.44
C THR G 659 16.26 4.16 -57.81
N THR G 660 17.15 4.80 -57.07
CA THR G 660 18.23 4.12 -56.36
C THR G 660 18.14 4.34 -54.86
N SER G 661 16.96 4.70 -54.36
CA SER G 661 16.77 4.95 -52.93
C SER G 661 16.75 3.68 -52.10
N MET G 662 16.76 2.50 -52.74
CA MET G 662 16.78 1.26 -52.00
C MET G 662 18.07 1.11 -51.19
N GLN G 663 19.21 1.51 -51.76
CA GLN G 663 20.47 1.42 -51.05
C GLN G 663 20.66 2.63 -50.13
N LYS G 664 20.74 3.83 -50.71
CA LYS G 664 21.06 5.07 -50.03
C LYS G 664 22.33 4.89 -49.21
N ASP G 665 22.23 4.95 -47.87
CA ASP G 665 23.34 4.73 -46.95
C ASP G 665 24.54 5.63 -47.26
N THR G 666 24.29 6.84 -47.71
CA THR G 666 25.41 7.73 -47.98
C THR G 666 25.97 8.30 -46.68
N PRO G 667 27.29 8.33 -46.52
CA PRO G 667 27.88 8.84 -45.26
C PRO G 667 27.73 10.33 -45.07
N GLN G 668 27.34 11.09 -46.11
CA GLN G 668 27.25 12.53 -46.00
C GLN G 668 26.14 12.95 -45.03
N GLU G 669 24.95 12.36 -45.18
CA GLU G 669 23.88 12.66 -44.23
C GLU G 669 24.08 11.98 -42.89
N MET G 670 24.72 10.80 -42.89
CA MET G 670 24.95 10.08 -41.64
C MET G 670 25.90 10.84 -40.73
N GLU G 671 26.93 11.47 -41.30
CA GLU G 671 27.77 12.37 -40.51
C GLU G 671 26.95 13.55 -39.99
N GLN G 672 26.05 14.08 -40.82
CA GLN G 672 25.16 15.13 -40.36
C GLN G 672 24.12 14.60 -39.38
N THR G 673 23.72 13.33 -39.54
CA THR G 673 22.72 12.75 -38.64
C THR G 673 23.24 12.66 -37.22
N ARG G 674 24.45 12.10 -37.04
CA ARG G 674 25.04 12.04 -35.71
C ARG G 674 25.41 13.42 -35.20
N SER G 675 25.73 14.35 -36.11
CA SER G 675 25.92 15.74 -35.71
C SER G 675 24.61 16.33 -35.20
N ALA G 676 23.49 16.02 -35.87
CA ALA G 676 22.18 16.45 -35.39
C ALA G 676 21.78 15.72 -34.12
N VAL G 677 22.33 14.51 -33.91
CA VAL G 677 22.06 13.77 -32.68
C VAL G 677 22.59 14.54 -31.48
N ASP G 678 23.81 15.06 -31.59
CA ASP G 678 24.40 15.82 -30.48
C ASP G 678 23.58 17.06 -30.16
N GLU G 679 23.08 17.74 -31.19
CA GLU G 679 22.16 18.84 -30.95
C GLU G 679 20.86 18.35 -30.32
N ASP G 680 20.37 17.18 -30.76
CA ASP G 680 19.16 16.62 -30.16
C ASP G 680 19.38 16.23 -28.71
N ARG G 681 20.59 15.79 -28.35
CA ARG G 681 20.87 15.48 -26.96
C ARG G 681 21.02 16.74 -26.12
N LYS G 682 21.70 17.75 -26.67
CA LYS G 682 21.94 18.99 -25.93
C LYS G 682 20.63 19.72 -25.63
N MET G 683 19.70 19.73 -26.59
CA MET G 683 18.38 20.30 -26.32
C MET G 683 17.56 19.42 -25.41
N TYR G 684 17.94 18.15 -25.24
CA TYR G 684 17.29 17.25 -24.29
C TYR G 684 18.02 17.16 -22.96
N LEU G 685 19.34 17.33 -22.96
CA LEU G 685 20.10 17.31 -21.71
C LEU G 685 19.75 18.51 -20.83
N GLN G 686 19.41 19.64 -21.44
CA GLN G 686 19.02 20.80 -20.66
C GLN G 686 17.67 20.58 -19.95
N ALA G 687 16.81 19.74 -20.54
CA ALA G 687 15.55 19.42 -19.88
C ALA G 687 15.79 18.70 -18.56
N ALA G 688 16.76 17.78 -18.54
CA ALA G 688 17.19 17.19 -17.28
C ALA G 688 17.85 18.22 -16.37
N ILE G 689 18.58 19.17 -16.95
CA ILE G 689 19.21 20.23 -16.17
C ILE G 689 18.14 21.11 -15.52
N VAL G 690 17.11 21.49 -16.29
CA VAL G 690 16.02 22.29 -15.74
C VAL G 690 15.28 21.51 -14.65
N ARG G 691 15.03 20.23 -14.89
CA ARG G 691 14.37 19.40 -13.89
C ARG G 691 15.23 19.25 -12.64
N ILE G 692 16.55 19.11 -12.80
CA ILE G 692 17.42 18.96 -11.65
C ILE G 692 17.77 20.30 -11.01
N MET G 693 17.66 21.41 -11.75
CA MET G 693 17.82 22.72 -11.13
C MET G 693 16.59 23.14 -10.35
N LYS G 694 15.40 22.76 -10.83
CA LYS G 694 14.17 23.07 -10.12
C LYS G 694 13.98 22.21 -8.87
N ALA G 695 14.71 21.10 -8.76
CA ALA G 695 14.55 20.22 -7.61
C ALA G 695 15.19 20.79 -6.36
N ARG G 696 16.38 21.36 -6.48
CA ARG G 696 17.12 21.87 -5.34
C ARG G 696 17.24 23.38 -5.28
N LYS G 697 17.31 24.04 -6.45
CA LYS G 697 17.44 25.48 -6.64
C LYS G 697 18.82 26.00 -6.24
N VAL G 698 19.64 25.13 -5.63
CA VAL G 698 21.02 25.43 -5.27
C VAL G 698 21.82 24.15 -5.51
N LEU G 699 22.75 24.20 -6.45
CA LEU G 699 23.51 23.01 -6.82
C LEU G 699 24.97 23.37 -6.96
N ARG G 700 25.83 22.39 -6.70
CA ARG G 700 27.27 22.53 -6.84
C ARG G 700 27.73 21.91 -8.14
N HIS G 701 28.98 22.21 -8.51
CA HIS G 701 29.53 21.66 -9.75
C HIS G 701 29.69 20.14 -9.66
N ASN G 702 30.32 19.66 -8.60
CA ASN G 702 30.52 18.22 -8.45
C ASN G 702 29.21 17.49 -8.16
N ALA G 703 28.28 18.15 -7.46
CA ALA G 703 27.02 17.51 -7.11
C ALA G 703 26.12 17.36 -8.33
N LEU G 704 26.15 18.34 -9.25
CA LEU G 704 25.24 18.31 -10.39
C LEU G 704 25.65 17.25 -11.41
N ILE G 705 26.95 17.04 -11.59
CA ILE G 705 27.44 16.15 -12.65
C ILE G 705 26.99 14.72 -12.41
N GLN G 706 27.11 14.24 -11.17
CA GLN G 706 26.83 12.84 -10.88
C GLN G 706 25.36 12.48 -11.06
N GLU G 707 24.45 13.41 -10.80
CA GLU G 707 23.03 13.09 -10.88
C GLU G 707 22.46 13.27 -12.28
N VAL G 708 23.02 14.19 -13.08
CA VAL G 708 22.52 14.41 -14.44
C VAL G 708 22.76 13.18 -15.31
N ILE G 709 23.90 12.50 -15.10
CA ILE G 709 24.15 11.24 -15.81
C ILE G 709 23.10 10.21 -15.45
N SER G 710 22.73 10.14 -14.16
CA SER G 710 21.66 9.26 -13.72
C SER G 710 20.28 9.78 -14.06
N GLN G 711 20.15 11.07 -14.41
CA GLN G 711 18.83 11.61 -14.76
C GLN G 711 18.30 11.00 -16.04
N SER G 712 19.13 10.97 -17.09
CA SER G 712 18.73 10.49 -18.41
C SER G 712 19.70 9.43 -18.91
N ARG G 713 20.01 8.46 -18.03
CA ARG G 713 20.88 7.35 -18.43
C ARG G 713 20.19 6.44 -19.44
N ALA G 714 18.86 6.40 -19.43
CA ALA G 714 18.12 5.50 -20.31
C ALA G 714 18.32 5.86 -21.78
N ARG G 715 18.29 7.15 -22.11
CA ARG G 715 18.48 7.55 -23.50
C ARG G 715 19.90 7.32 -23.98
N PHE G 716 20.88 7.76 -23.19
CA PHE G 716 22.29 7.61 -23.50
C PHE G 716 23.08 7.91 -22.23
N ASN G 717 24.41 7.90 -22.36
CA ASN G 717 25.27 8.24 -21.24
C ASN G 717 25.75 9.69 -21.34
N PRO G 718 25.26 10.60 -20.49
CA PRO G 718 25.70 11.99 -20.57
C PRO G 718 27.14 12.15 -20.12
N SER G 719 28.02 12.55 -21.05
CA SER G 719 29.41 12.78 -20.71
C SER G 719 29.54 14.03 -19.84
N ILE G 720 30.63 14.08 -19.07
CA ILE G 720 30.89 15.20 -18.17
C ILE G 720 31.06 16.49 -18.96
N SER G 721 31.80 16.42 -20.08
CA SER G 721 31.94 17.58 -20.94
C SER G 721 30.61 17.98 -21.58
N MET G 722 29.80 16.99 -21.98
CA MET G 722 28.55 17.28 -22.68
C MET G 722 27.48 17.85 -21.75
N ILE G 723 27.60 17.66 -20.44
CA ILE G 723 26.63 18.22 -19.51
C ILE G 723 26.72 19.75 -19.51
N LYS G 724 27.95 20.29 -19.45
CA LYS G 724 28.14 21.73 -19.39
C LYS G 724 27.76 22.41 -20.69
N LYS G 725 27.74 21.67 -21.81
CA LYS G 725 27.37 22.28 -23.10
C LYS G 725 25.93 22.75 -23.10
N CYS G 726 25.01 21.96 -22.54
CA CYS G 726 23.63 22.40 -22.43
C CYS G 726 23.40 23.37 -21.28
N ILE G 727 24.33 23.41 -20.30
CA ILE G 727 24.24 24.41 -19.25
C ILE G 727 24.54 25.80 -19.81
N GLU G 728 25.54 25.90 -20.68
CA GLU G 728 25.88 27.17 -21.32
C GLU G 728 24.78 27.66 -22.25
N VAL G 729 23.90 26.76 -22.71
CA VAL G 729 22.78 27.18 -23.56
C VAL G 729 21.83 28.08 -22.78
N LEU G 730 21.48 27.69 -21.55
CA LEU G 730 20.56 28.47 -20.75
C LEU G 730 21.20 29.73 -20.19
N ILE G 731 22.52 29.75 -20.04
CA ILE G 731 23.21 30.96 -19.59
C ILE G 731 23.09 32.06 -20.65
N ASP G 732 23.29 31.71 -21.91
CA ASP G 732 23.11 32.69 -22.98
C ASP G 732 21.64 32.98 -23.25
N LYS G 733 20.76 32.03 -22.94
CA LYS G 733 19.32 32.22 -23.11
C LYS G 733 18.67 32.85 -21.88
N GLN G 734 19.46 33.21 -20.87
CA GLN G 734 19.05 33.94 -19.65
C GLN G 734 17.86 33.29 -18.93
N TYR G 735 17.58 32.01 -19.19
CA TYR G 735 16.56 31.32 -18.42
C TYR G 735 17.07 30.92 -17.04
N ILE G 736 18.36 30.61 -16.91
CA ILE G 736 18.98 30.28 -15.64
C ILE G 736 20.19 31.18 -15.44
N GLU G 737 20.58 31.34 -14.17
CA GLU G 737 21.74 32.14 -13.82
C GLU G 737 22.51 31.43 -12.72
N ARG G 738 23.76 31.09 -12.98
CA ARG G 738 24.59 30.44 -11.99
C ARG G 738 25.00 31.43 -10.90
N SER G 739 25.53 30.89 -9.80
CA SER G 739 25.98 31.73 -8.70
C SER G 739 27.20 32.54 -9.11
N GLN G 740 27.18 33.84 -8.80
CA GLN G 740 28.26 34.73 -9.18
C GLN G 740 29.44 34.67 -8.23
N ALA G 741 29.29 34.05 -7.06
CA ALA G 741 30.40 33.98 -6.11
C ALA G 741 31.50 33.05 -6.60
N SER G 742 31.12 31.90 -7.17
CA SER G 742 32.10 30.94 -7.65
C SER G 742 31.47 30.09 -8.75
N ALA G 743 32.33 29.42 -9.52
CA ALA G 743 31.88 28.55 -10.59
C ALA G 743 31.38 27.21 -10.09
N ASP G 744 31.67 26.84 -8.84
CA ASP G 744 31.23 25.56 -8.30
C ASP G 744 29.73 25.58 -8.01
N GLU G 745 29.31 26.46 -7.10
CA GLU G 745 27.90 26.54 -6.75
C GLU G 745 27.09 27.20 -7.87
N TYR G 746 25.84 26.79 -7.98
CA TYR G 746 24.90 27.31 -8.97
C TYR G 746 23.72 27.97 -8.25
N SER G 747 22.78 28.47 -9.04
CA SER G 747 21.58 29.08 -8.51
C SER G 747 20.45 28.95 -9.52
N TYR G 748 19.22 29.09 -9.03
CA TYR G 748 18.03 29.04 -9.86
C TYR G 748 17.55 30.46 -10.11
N VAL G 749 17.45 30.83 -11.39
CA VAL G 749 17.01 32.15 -11.83
C VAL G 749 17.83 33.27 -11.19
N MET H 1 -2.67 -41.68 36.19
CA MET H 1 -3.55 -40.57 35.83
C MET H 1 -4.17 -39.95 37.08
N TYR H 2 -4.26 -40.75 38.14
CA TYR H 2 -4.83 -40.29 39.40
C TYR H 2 -3.84 -40.54 40.52
N VAL H 3 -3.54 -39.50 41.28
CA VAL H 3 -2.63 -39.60 42.42
C VAL H 3 -3.38 -40.20 43.59
N LYS H 4 -2.66 -40.60 44.63
CA LYS H 4 -3.20 -41.47 45.68
C LYS H 4 -2.85 -40.93 47.06
N LEU H 5 -3.17 -39.65 47.30
CA LEU H 5 -2.89 -39.02 48.59
C LEU H 5 -3.50 -39.79 49.75
N ILE H 6 -2.70 -40.01 50.78
CA ILE H 6 -3.15 -40.71 51.98
C ILE H 6 -2.67 -39.93 53.20
N SER H 7 -3.52 -39.86 54.22
CA SER H 7 -3.20 -39.13 55.43
C SER H 7 -2.42 -40.03 56.38
N SER H 8 -2.21 -39.56 57.61
CA SER H 8 -1.50 -40.36 58.60
C SER H 8 -2.32 -41.56 59.03
N ASP H 9 -3.62 -41.39 59.22
CA ASP H 9 -4.47 -42.45 59.71
C ASP H 9 -4.82 -43.49 58.64
N GLY H 10 -4.46 -43.24 57.39
CA GLY H 10 -4.72 -44.17 56.32
C GLY H 10 -5.90 -43.82 55.43
N HIS H 11 -6.56 -42.70 55.69
CA HIS H 11 -7.68 -42.28 54.85
C HIS H 11 -7.14 -41.86 53.49
N GLU H 12 -7.37 -42.68 52.47
CA GLU H 12 -6.93 -42.32 51.14
C GLU H 12 -7.79 -41.20 50.58
N PHE H 13 -7.16 -40.35 49.76
CA PHE H 13 -7.83 -39.18 49.20
C PHE H 13 -7.50 -39.05 47.72
N ILE H 14 -7.71 -40.15 46.97
CA ILE H 14 -7.39 -40.20 45.56
C ILE H 14 -8.08 -39.08 44.80
N VAL H 15 -7.31 -38.36 43.99
CA VAL H 15 -7.81 -37.22 43.23
C VAL H 15 -7.06 -37.22 41.90
N LYS H 16 -7.51 -36.37 40.98
CA LYS H 16 -6.83 -36.22 39.69
C LYS H 16 -5.40 -35.74 39.90
N ARG H 17 -4.51 -36.18 39.00
CA ARG H 17 -3.09 -35.90 39.17
C ARG H 17 -2.79 -34.42 39.08
N GLU H 18 -3.37 -33.71 38.11
CA GLU H 18 -3.10 -32.29 38.00
C GLU H 18 -3.82 -31.51 39.10
N HIS H 19 -4.94 -32.04 39.61
CA HIS H 19 -5.65 -31.41 40.71
C HIS H 19 -4.76 -31.30 41.94
N ALA H 20 -4.04 -32.37 42.26
CA ALA H 20 -3.02 -32.29 43.31
C ALA H 20 -1.85 -31.43 42.83
N LEU H 21 -1.37 -31.68 41.62
CA LEU H 21 -0.16 -31.05 41.09
C LEU H 21 -0.25 -29.53 40.99
N THR H 22 -1.43 -28.95 41.22
CA THR H 22 -1.49 -27.51 41.42
C THR H 22 -0.60 -27.06 42.58
N SER H 23 -0.52 -27.87 43.65
CA SER H 23 0.39 -27.57 44.73
C SER H 23 1.83 -27.85 44.32
N GLY H 24 2.77 -27.44 45.16
CA GLY H 24 4.18 -27.56 44.82
C GLY H 24 4.91 -28.70 45.47
N THR H 25 4.74 -28.87 46.78
CA THR H 25 5.42 -29.97 47.46
C THR H 25 4.86 -31.31 47.04
N ILE H 26 3.59 -31.36 46.65
CA ILE H 26 3.04 -32.62 46.13
C ILE H 26 3.62 -32.90 44.75
N LYS H 27 4.09 -31.87 44.04
CA LYS H 27 4.81 -32.08 42.80
C LYS H 27 6.24 -32.57 43.06
N ALA H 28 6.88 -32.02 44.10
CA ALA H 28 8.21 -32.46 44.45
C ALA H 28 8.23 -33.89 44.95
N MET H 29 7.22 -34.27 45.74
CA MET H 29 7.16 -35.63 46.27
C MET H 29 6.94 -36.65 45.17
N LEU H 30 6.18 -36.28 44.14
CA LEU H 30 5.97 -37.19 43.02
C LEU H 30 7.25 -37.35 42.21
N SER H 31 7.93 -36.25 41.92
CA SER H 31 9.13 -36.30 41.10
C SER H 31 10.27 -36.97 41.85
N GLY H 32 11.25 -37.45 41.10
CA GLY H 32 12.39 -38.11 41.68
C GLY H 32 12.21 -39.61 41.76
N PRO H 33 13.05 -40.28 42.56
CA PRO H 33 12.98 -41.75 42.65
C PRO H 33 11.71 -42.25 43.33
N GLY H 34 10.91 -41.38 43.91
CA GLY H 34 9.65 -41.79 44.50
C GLY H 34 8.51 -41.77 43.51
N GLN H 35 8.85 -41.81 42.22
CA GLN H 35 7.84 -41.76 41.18
C GLN H 35 7.05 -43.06 41.12
N PHE H 36 7.72 -44.17 40.83
CA PHE H 36 7.11 -45.49 40.60
C PHE H 36 5.99 -45.39 39.56
N ALA H 37 6.39 -45.04 38.34
CA ALA H 37 5.44 -44.76 37.27
C ALA H 37 4.79 -46.06 36.78
N GLU H 38 3.91 -46.60 37.63
CA GLU H 38 2.99 -47.63 37.18
C GLU H 38 1.83 -47.07 36.39
N ASN H 39 1.61 -45.75 36.49
CA ASN H 39 0.55 -44.96 35.85
C ASN H 39 -0.82 -45.16 36.46
N GLU H 40 -0.92 -45.79 37.63
CA GLU H 40 -2.22 -45.72 38.31
C GLU H 40 -2.13 -45.26 39.76
N THR H 41 -1.11 -45.69 40.50
CA THR H 41 -1.07 -45.37 41.93
C THR H 41 -0.44 -44.00 42.17
N ASN H 42 0.86 -43.88 41.89
CA ASN H 42 1.65 -42.67 42.17
C ASN H 42 1.42 -42.16 43.59
N GLU H 43 1.40 -43.08 44.55
CA GLU H 43 0.94 -42.73 45.88
C GLU H 43 1.96 -41.88 46.62
N VAL H 44 1.45 -40.99 47.47
CA VAL H 44 2.27 -40.18 48.36
C VAL H 44 1.82 -40.46 49.79
N ASN H 45 2.76 -40.77 50.66
CA ASN H 45 2.44 -41.20 52.02
C ASN H 45 2.85 -40.10 52.99
N PHE H 46 1.90 -39.24 53.33
CA PHE H 46 2.15 -38.23 54.36
C PHE H 46 2.27 -38.90 55.72
N ARG H 47 2.91 -38.20 56.64
CA ARG H 47 3.09 -38.73 57.98
C ARG H 47 2.47 -37.86 59.06
N GLU H 48 2.57 -36.54 58.93
CA GLU H 48 2.12 -35.61 59.96
C GLU H 48 0.93 -34.78 59.51
N ILE H 49 -0.01 -35.39 58.79
CA ILE H 49 -1.21 -34.72 58.32
C ILE H 49 -2.42 -35.48 58.83
N PRO H 50 -3.26 -34.87 59.65
CA PRO H 50 -4.52 -35.53 60.03
C PRO H 50 -5.47 -35.62 58.84
N SER H 51 -6.43 -36.53 58.96
CA SER H 51 -7.28 -36.87 57.83
C SER H 51 -8.15 -35.70 57.39
N HIS H 52 -8.75 -34.98 58.35
CA HIS H 52 -9.63 -33.87 57.99
C HIS H 52 -8.87 -32.74 57.31
N VAL H 53 -7.63 -32.50 57.74
CA VAL H 53 -6.83 -31.42 57.17
C VAL H 53 -6.57 -31.69 55.69
N LEU H 54 -6.09 -32.89 55.36
CA LEU H 54 -5.83 -33.19 53.97
C LEU H 54 -7.12 -33.36 53.19
N SER H 55 -8.22 -33.70 53.87
CA SER H 55 -9.53 -33.69 53.21
C SER H 55 -9.85 -32.30 52.70
N LYS H 56 -9.73 -31.29 53.56
CA LYS H 56 -9.98 -29.92 53.12
C LYS H 56 -8.93 -29.47 52.12
N VAL H 57 -7.72 -30.01 52.19
CA VAL H 57 -6.70 -29.71 51.19
C VAL H 57 -7.14 -30.20 49.81
N CYS H 58 -7.67 -31.42 49.75
CA CYS H 58 -8.19 -31.94 48.49
C CYS H 58 -9.39 -31.14 48.00
N MET H 59 -10.25 -30.72 48.95
CA MET H 59 -11.33 -29.80 48.63
C MET H 59 -10.79 -28.56 47.93
N TYR H 60 -9.73 -27.97 48.48
CA TYR H 60 -9.15 -26.79 47.88
C TYR H 60 -8.50 -27.10 46.53
N PHE H 61 -7.94 -28.30 46.37
CA PHE H 61 -7.38 -28.65 45.07
C PHE H 61 -8.45 -28.60 44.00
N THR H 62 -9.59 -29.25 44.26
CA THR H 62 -10.70 -29.18 43.32
C THR H 62 -11.21 -27.76 43.15
N TYR H 63 -11.27 -27.01 44.26
CA TYR H 63 -11.84 -25.66 44.24
C TYR H 63 -10.98 -24.69 43.45
N LYS H 64 -9.66 -24.83 43.54
CA LYS H 64 -8.75 -23.99 42.78
C LYS H 64 -8.66 -24.42 41.33
N VAL H 65 -8.79 -25.71 41.03
CA VAL H 65 -8.83 -26.13 39.64
C VAL H 65 -10.08 -25.57 38.97
N ARG H 66 -11.23 -25.67 39.64
CA ARG H 66 -12.49 -25.22 39.06
C ARG H 66 -12.50 -23.73 38.76
N TYR H 67 -12.42 -22.90 39.79
CA TYR H 67 -12.49 -21.45 39.62
C TYR H 67 -11.10 -20.82 39.67
N THR H 68 -10.26 -21.21 38.70
CA THR H 68 -8.91 -20.68 38.68
C THR H 68 -8.90 -19.22 38.23
N ASN H 69 -9.69 -18.87 37.22
CA ASN H 69 -9.83 -17.47 36.82
C ASN H 69 -11.23 -17.13 36.34
N SER H 70 -12.19 -18.04 36.49
CA SER H 70 -13.53 -17.82 35.95
C SER H 70 -14.25 -16.71 36.71
N SER H 71 -14.86 -15.79 35.96
CA SER H 71 -15.59 -14.62 36.49
C SER H 71 -14.62 -13.80 37.35
N THR H 72 -15.16 -13.10 38.35
CA THR H 72 -14.33 -12.35 39.29
C THR H 72 -14.47 -12.89 40.71
N GLU H 73 -15.68 -12.98 41.25
CA GLU H 73 -15.89 -13.41 42.62
C GLU H 73 -15.99 -14.93 42.67
N ILE H 74 -15.53 -15.50 43.77
CA ILE H 74 -15.54 -16.94 43.98
C ILE H 74 -16.29 -17.21 45.28
N PRO H 75 -17.05 -18.30 45.40
CA PRO H 75 -17.63 -18.65 46.69
C PRO H 75 -16.56 -18.89 47.75
N GLU H 76 -16.86 -18.46 48.97
CA GLU H 76 -15.89 -18.55 50.05
C GLU H 76 -15.62 -19.99 50.44
N PHE H 77 -14.37 -20.28 50.78
CA PHE H 77 -14.01 -21.61 51.22
C PHE H 77 -14.56 -21.87 52.61
N PRO H 78 -15.14 -23.03 52.86
CA PRO H 78 -15.75 -23.34 54.18
C PRO H 78 -14.75 -23.94 55.15
N ILE H 79 -13.86 -23.10 55.67
CA ILE H 79 -12.87 -23.53 56.65
C ILE H 79 -13.49 -23.42 58.04
N ALA H 80 -13.58 -24.55 58.74
CA ALA H 80 -14.04 -24.53 60.11
C ALA H 80 -13.01 -23.86 61.01
N PRO H 81 -13.45 -23.15 62.05
CA PRO H 81 -12.48 -22.53 62.97
C PRO H 81 -11.60 -23.53 63.68
N GLU H 82 -12.09 -24.74 63.96
CA GLU H 82 -11.27 -25.72 64.65
C GLU H 82 -10.23 -26.36 63.72
N ILE H 83 -10.55 -26.51 62.43
CA ILE H 83 -9.61 -27.14 61.52
C ILE H 83 -8.55 -26.15 61.05
N ALA H 84 -8.77 -24.86 61.24
CA ALA H 84 -7.69 -23.90 61.04
C ALA H 84 -6.62 -24.11 62.11
N LEU H 85 -5.43 -23.54 61.85
CA LEU H 85 -4.18 -23.74 62.56
C LEU H 85 -3.60 -25.13 62.38
N GLU H 86 -4.31 -26.03 61.71
CA GLU H 86 -3.75 -27.23 61.14
C GLU H 86 -3.81 -27.23 59.63
N LEU H 87 -4.78 -26.53 59.05
CA LEU H 87 -4.81 -26.34 57.61
C LEU H 87 -3.70 -25.41 57.15
N LEU H 88 -3.36 -24.41 57.96
CA LEU H 88 -2.32 -23.47 57.58
C LEU H 88 -0.94 -24.14 57.57
N MET H 89 -0.66 -24.94 58.59
CA MET H 89 0.61 -25.66 58.62
C MET H 89 0.70 -26.66 57.47
N ALA H 90 -0.41 -27.30 57.14
CA ALA H 90 -0.42 -28.20 55.99
C ALA H 90 -0.35 -27.42 54.68
N ALA H 91 -0.72 -26.14 54.69
CA ALA H 91 -0.48 -25.32 53.52
C ALA H 91 1.01 -25.06 53.34
N ASN H 92 1.70 -24.74 54.43
CA ASN H 92 3.15 -24.55 54.35
C ASN H 92 3.85 -25.85 53.95
N PHE H 93 3.43 -26.97 54.54
CA PHE H 93 4.06 -28.26 54.23
C PHE H 93 3.85 -28.64 52.78
N LEU H 94 2.77 -28.15 52.16
CA LEU H 94 2.47 -28.43 50.76
C LEU H 94 2.84 -27.28 49.84
N ASP H 95 3.19 -26.11 50.39
CA ASP H 95 3.45 -24.89 49.61
C ASP H 95 2.33 -24.61 48.63
N CYS H 96 1.10 -24.78 49.10
CA CYS H 96 -0.07 -24.72 48.23
C CYS H 96 -0.35 -23.28 47.80
N ARG I 9 58.73 -45.12 -54.39
CA ARG I 9 58.43 -43.70 -54.47
C ARG I 9 56.96 -43.45 -54.21
N PHE I 10 56.66 -42.41 -53.42
CA PHE I 10 55.29 -42.01 -53.12
C PHE I 10 55.12 -40.53 -53.42
N GLU I 11 53.99 -40.20 -54.06
CA GLU I 11 53.61 -38.82 -54.30
C GLU I 11 52.12 -38.67 -54.04
N VAL I 12 51.72 -37.51 -53.57
CA VAL I 12 50.34 -37.26 -53.17
C VAL I 12 49.71 -36.25 -54.11
N LYS I 13 48.39 -36.28 -54.17
CA LYS I 13 47.61 -35.34 -54.97
C LYS I 13 46.23 -35.22 -54.36
N LYS I 14 45.56 -34.10 -54.69
CA LYS I 14 44.16 -33.87 -54.33
C LYS I 14 43.95 -33.97 -52.82
N TRP I 15 44.59 -33.06 -52.09
CA TRP I 15 44.44 -33.04 -50.64
C TRP I 15 43.15 -32.33 -50.28
N ASN I 16 42.11 -33.10 -50.00
CA ASN I 16 40.84 -32.54 -49.53
C ASN I 16 40.90 -32.40 -48.02
N ALA I 17 41.81 -31.53 -47.58
CA ALA I 17 41.99 -31.31 -46.15
C ALA I 17 40.80 -30.56 -45.59
N VAL I 18 40.60 -30.71 -44.28
CA VAL I 18 39.55 -30.03 -43.55
C VAL I 18 40.17 -29.35 -42.34
N ALA I 19 39.78 -28.10 -42.09
CA ALA I 19 40.29 -27.36 -40.95
C ALA I 19 39.16 -26.59 -40.29
N LEU I 20 39.32 -26.31 -39.01
CA LEU I 20 38.36 -25.55 -38.23
C LEU I 20 38.97 -24.21 -37.87
N TRP I 21 38.17 -23.14 -37.92
CA TRP I 21 38.61 -21.84 -37.47
C TRP I 21 37.86 -21.46 -36.20
N ALA I 22 38.56 -20.79 -35.29
CA ALA I 22 37.95 -20.22 -34.10
C ALA I 22 38.59 -18.87 -33.86
N TRP I 23 37.90 -18.04 -33.09
CA TRP I 23 38.43 -16.72 -32.75
C TRP I 23 39.74 -16.86 -31.99
N ASP I 24 40.71 -16.03 -32.35
CA ASP I 24 42.04 -16.14 -31.78
C ASP I 24 42.00 -15.78 -30.29
N ILE I 25 43.08 -16.16 -29.59
CA ILE I 25 43.09 -16.05 -28.12
C ILE I 25 43.08 -14.59 -27.68
N VAL I 26 43.76 -13.71 -28.41
CA VAL I 26 43.87 -12.31 -28.01
C VAL I 26 42.55 -11.57 -28.20
N VAL J 12 -1.46 11.76 -65.62
CA VAL J 12 -0.82 10.63 -64.96
C VAL J 12 -1.85 9.52 -64.76
N LYS J 13 -1.39 8.26 -64.76
CA LYS J 13 -2.32 7.17 -64.47
C LYS J 13 -2.38 6.84 -62.99
N LYS J 14 -1.23 6.80 -62.31
CA LYS J 14 -1.19 6.60 -60.88
C LYS J 14 -0.19 7.55 -60.24
N TRP J 15 -0.60 8.15 -59.13
CA TRP J 15 0.22 9.11 -58.40
C TRP J 15 0.22 8.73 -56.93
N ASN J 16 1.30 9.08 -56.24
CA ASN J 16 1.45 8.81 -54.82
C ASN J 16 2.48 9.76 -54.21
N ALA J 17 2.10 10.43 -53.12
CA ALA J 17 2.96 11.46 -52.58
C ALA J 17 2.79 11.55 -51.07
N VAL J 18 3.79 12.17 -50.42
CA VAL J 18 3.82 12.34 -48.98
C VAL J 18 3.96 13.82 -48.67
N ALA J 19 3.71 14.18 -47.41
CA ALA J 19 3.76 15.56 -46.97
C ALA J 19 4.04 15.62 -45.48
N LEU J 20 4.37 16.82 -45.02
CA LEU J 20 4.71 17.06 -43.62
C LEU J 20 3.49 17.48 -42.82
N TRP J 21 3.70 17.84 -41.55
CA TRP J 21 2.61 18.20 -40.64
C TRP J 21 3.20 18.97 -39.47
N ALA J 22 2.79 20.23 -39.31
CA ALA J 22 3.30 21.05 -38.22
C ALA J 22 2.21 22.02 -37.78
N TRP J 23 1.48 21.65 -36.72
CA TRP J 23 0.37 22.46 -36.24
C TRP J 23 0.53 22.68 -34.75
N ASP J 24 -0.10 23.75 -34.25
CA ASP J 24 -0.02 24.18 -32.86
C ASP J 24 1.42 24.37 -32.39
N UNK K 1 -4.44 15.56 1.16
CA UNK K 1 -4.76 14.60 0.10
C UNK K 1 -5.41 13.35 0.67
N UNK K 2 -5.13 13.07 1.95
CA UNK K 2 -5.69 11.89 2.59
C UNK K 2 -7.18 12.09 2.84
N UNK K 3 -7.94 10.99 2.71
CA UNK K 3 -9.37 11.04 2.98
C UNK K 3 -9.65 11.33 4.44
N UNK K 4 -8.83 10.79 5.35
CA UNK K 4 -8.99 11.09 6.76
C UNK K 4 -8.77 12.56 7.06
N UNK K 5 -7.76 13.16 6.42
CA UNK K 5 -7.55 14.59 6.57
C UNK K 5 -8.65 15.40 5.89
N UNK K 6 -9.31 14.81 4.88
CA UNK K 6 -10.41 15.50 4.21
C UNK K 6 -11.67 15.57 5.08
N UNK K 7 -11.88 14.59 5.95
CA UNK K 7 -13.06 14.58 6.81
C UNK K 7 -12.96 15.70 7.83
N UNK K 8 -14.05 16.46 7.98
CA UNK K 8 -14.08 17.59 8.91
C UNK K 8 -15.54 17.80 9.34
N UNK K 9 -15.85 17.35 10.55
CA UNK K 9 -17.19 17.50 11.11
C UNK K 9 -17.16 17.50 12.63
N UNK L 1 9.14 32.78 37.46
CA UNK L 1 9.01 31.61 36.60
C UNK L 1 10.28 31.40 35.78
N UNK L 2 11.14 32.42 35.74
CA UNK L 2 12.40 32.31 35.04
C UNK L 2 13.35 31.38 35.80
N UNK L 3 14.03 30.52 35.04
CA UNK L 3 14.98 29.59 35.66
C UNK L 3 16.15 30.32 36.31
N UNK L 4 16.68 31.36 35.65
CA UNK L 4 17.76 32.14 36.23
C UNK L 4 17.28 32.88 37.48
N UNK L 5 16.07 33.43 37.45
CA UNK L 5 15.51 34.10 38.61
C UNK L 5 15.18 33.15 39.74
N UNK L 6 14.96 31.87 39.43
CA UNK L 6 14.67 30.89 40.47
C UNK L 6 15.88 30.60 41.35
N UNK L 7 17.09 30.87 40.87
CA UNK L 7 18.29 30.62 41.64
C UNK L 7 18.43 31.63 42.78
N UNK L 8 19.36 31.35 43.68
CA UNK L 8 19.61 32.23 44.81
C UNK L 8 21.10 32.25 45.17
#